data_9OGT
#
_entry.id   9OGT
#
_cell.length_a   1.00
_cell.length_b   1.00
_cell.length_c   1.00
_cell.angle_alpha   90.00
_cell.angle_beta   90.00
_cell.angle_gamma   90.00
#
_symmetry.space_group_name_H-M   'P 1'
#
loop_
_entity.id
_entity.type
_entity.pdbx_description
1 polymer '3BNC117 Fab heavy chain'
2 polymer '3BNC117 Fab light chain'
3 polymer 'PGT122 Fab heavy chain'
4 polymer 'PGT122 Fab light chain'
5 polymer 'HIV-1 Envelope Glycoprotein BG505 SOSIP.664 gp120'
6 polymer 'Envelope glycoprotein gp160'
7 branched 2-acetamido-2-deoxy-beta-D-glucopyranose-(1-4)-2-acetamido-2-deoxy-beta-D-glucopyranose
8 branched alpha-D-mannopyranose-(1-3)-[alpha-D-mannopyranose-(1-6)]beta-D-mannopyranose-(1-4)-2-acetamido-2-deoxy-beta-D-glucopyranose-(1-4)-2-acetamido-2-deoxy-beta-D-glucopyranose
9 branched alpha-D-mannopyranose-(1-3)-beta-D-mannopyranose-(1-4)-2-acetamido-2-deoxy-beta-D-glucopyranose-(1-4)-2-acetamido-2-deoxy-beta-D-glucopyranose
10 branched alpha-D-mannopyranose-(1-2)-alpha-D-mannopyranose-(1-2)-alpha-D-mannopyranose-(1-3)-[alpha-D-mannopyranose-(1-6)]beta-D-mannopyranose-(1-4)-2-acetamido-2-deoxy-beta-D-glucopyranose-(1-4)-2-acetamido-2-deoxy-beta-D-glucopyranose
11 branched 2-acetamido-2-deoxy-beta-D-glucopyranose-(1-4)-2-acetamido-2-deoxy-beta-D-glucopyranose-(1-4)-2-acetamido-2-deoxy-beta-D-glucopyranose
12 non-polymer 2-acetamido-2-deoxy-beta-D-glucopyranose
#
loop_
_entity_poly.entity_id
_entity_poly.type
_entity_poly.pdbx_seq_one_letter_code
_entity_poly.pdbx_strand_id
1 'polypeptide(L)'
;QVQLLQSGAAVTKPGASVRVSCEASGYNIRDYFIHWWRQAPGQGLQWVGWINPKTGQPNNPRQFQGRVSLTRHASWDFDT
YSFYMDLKALRSDDTAVYFCARQRSDYWDFDVWGSGTQVTVSSASTKGPSVFPLAPSSKSTSGGTAALGCLVKDYFPEPV
TVSWNSGALTSGVHTFPAVLQSSGLYSLSSVVTVPSSSLGTQTYICNVNHKPSNTKVDKKVEPKSC
;
H,K,P
2 'polypeptide(L)'
;DIQMTQSPSSLSASVGDTVTITCQANGYLNWYQQRRGKAPKLLIYDGSKLERGVPSRFSGRRWGQEYNLTINNLQPEDIA
TYFCQVYEFVVPGTRLDLKRTVAAPSVFIFPPSDEQLKSGTASVVCLLNNFYPREAKVQWKVDNALQSGNSQESVTEQDS
KDSTYSLSSTLTLSKADYEKHKVYACEVTHQGLSSPVTKSFNRGEC
;
L,N,R
3 'polypeptide(L)'
;QVHLQESGPGLVKPSETLSLTCNVSGTLVRDNYWSWIRQPLGKQPEWIGYVHDSGDTNYNPSLKSRVHLSLDKSKNLVSL
RLTGVTAADSAIYYCATTKHGRRIYGVVAFKEWFTYFYMDVWGKGTSVTVSSASTKGPSVFPLAPSSKSTSGGTAALGCL
VKDYFPEPVTVSWNSGALTSGVHTFPAVLQSSGLYSLSSVVTVPSSSLGTQTYICNVNHKPSNTKVDKRVEPKSC
;
G,J,O
4 'polypeptide(L)'
;TFVSVAPGQTARITCGEESLGSRSVIWYQQRPGQAPSLIIYNNNDRPSGIPDRFSGSPGSTFGTTATLTITSVEAGDEAD
YYCHIWDSRRPTNWVFGEGTTLIVLSQPKAAPSVTLFPPSSEELQANKATLVCLISDFYPGAVTVAWKADSSPVKAGVET
TTPSKQSNNKYAASSYLSLTPEQWKSHKSYSCQVTHEGSTVEKTVAPTECS
;
I,M,Q
5 'polypeptide(L)'
;MDAMKRGLCCVLLLCGAVFVSPSQEIHARFRRGARAENLWVTVYYGVPVWKDAETTLFCASDAKAYETEKHNVWATHACV
PTDPNPQEIHLENVTEEFNMWKNNMVEQMHTDIISLWDQSLKPCVKLTPLCVTLQCTNVTNNITDDMRGELKNCSFNMTT
ELRDKKQKVYSLFYRLDVVQINENQGNRSNNSNKEYRLINCNTSAITQACPKVSFEPIPIHYCAPAGFAILKCKDKKFNG
TGPCPSVSTVQCTHGIKPVVSTQLLLNGSLAEEEVMIRSENITNNAKNILVQFNTPVQINCTRPNNNTRKSIRIGPGQAF
YATGDIIGDIRQAHCNVSKATWNETLGKVVKQLRKHFGNNTIIRFANSSGGDLEVTTHSFNCGGEFFYCNTSGLFNSTWI
SNTSVQGSNSTGSNDSITLPCRIKQIINMWQRIGQAMYAPPIQGVIRCVSNITGLILTRDGGSTNSTTETFRPGGGDMRD
NWRSELYKYKVVKIEPLGVAPTRCKRRVVGRRRRRR
;
A,C,E
6 'polypeptide(L)'
;AVGIGAVFLGFLGAAGSTMGAASMTLTVQARNLLSGIVQQQSNLLRAPEAQQHLLKLTVWGIKQLQARVLAVERYLRDQQ
LLGIWGCSGKLICCTNVPWNSSWSNRNLSEIWDNMTWLQWDKEISNYTQIIYGLLEESQNQQEKNEQDLLALDGSGSGGS
GHHHHHHHH
;
B,D,F
#
loop_
_chem_comp.id
_chem_comp.type
_chem_comp.name
_chem_comp.formula
BMA D-saccharide, beta linking beta-D-mannopyranose 'C6 H12 O6'
MAN D-saccharide, alpha linking alpha-D-mannopyranose 'C6 H12 O6'
NAG D-saccharide, beta linking 2-acetamido-2-deoxy-beta-D-glucopyranose 'C8 H15 N O6'
#
# COMPACT_ATOMS: atom_id res chain seq x y z
N GLN A 1 10.67 -21.70 24.94
CA GLN A 1 9.53 -21.98 25.87
C GLN A 1 9.43 -20.87 26.91
N VAL A 2 8.35 -20.90 27.70
CA VAL A 2 8.10 -19.86 28.68
C VAL A 2 9.23 -19.88 29.71
N GLN A 3 9.86 -18.72 29.91
CA GLN A 3 11.06 -18.63 30.75
C GLN A 3 11.09 -17.25 31.40
N LEU A 4 11.34 -17.23 32.70
CA LEU A 4 11.52 -16.01 33.48
C LEU A 4 12.91 -16.07 34.11
N LEU A 5 13.92 -15.62 33.37
CA LEU A 5 15.30 -15.66 33.83
C LEU A 5 15.55 -14.49 34.77
N GLN A 6 15.88 -14.79 36.02
CA GLN A 6 16.13 -13.77 37.02
C GLN A 6 17.62 -13.43 37.06
N SER A 7 17.95 -12.40 37.83
CA SER A 7 19.33 -11.93 37.98
C SER A 7 20.00 -12.62 39.16
N GLY A 8 21.31 -12.40 39.28
CA GLY A 8 22.06 -13.01 40.35
C GLY A 8 21.78 -12.38 41.70
N ALA A 9 22.15 -13.11 42.74
CA ALA A 9 21.96 -12.61 44.10
C ALA A 9 22.79 -11.36 44.34
N ALA A 10 22.17 -10.36 44.96
CA ALA A 10 22.79 -9.06 45.21
C ALA A 10 22.85 -8.81 46.72
N VAL A 11 23.87 -8.07 47.12
CA VAL A 11 24.08 -7.68 48.52
C VAL A 11 24.09 -6.16 48.60
N THR A 12 23.37 -5.62 49.58
CA THR A 12 23.27 -4.19 49.84
C THR A 12 23.34 -3.98 51.35
N LYS A 13 23.17 -2.74 51.77
CA LYS A 13 23.21 -2.34 53.17
C LYS A 13 21.93 -1.59 53.50
N PRO A 14 21.60 -1.45 54.79
CA PRO A 14 20.38 -0.70 55.14
C PRO A 14 20.45 0.74 54.68
N GLY A 15 19.49 1.13 53.83
CA GLY A 15 19.40 2.46 53.26
C GLY A 15 19.65 2.47 51.76
N ALA A 16 20.53 1.60 51.27
CA ALA A 16 20.82 1.51 49.85
C ALA A 16 19.61 0.92 49.12
N SER A 17 19.74 0.82 47.79
CA SER A 17 18.69 0.32 46.92
C SER A 17 19.14 -0.94 46.20
N VAL A 18 18.18 -1.81 45.90
CA VAL A 18 18.43 -3.05 45.19
C VAL A 18 17.46 -3.17 44.03
N ARG A 19 17.96 -3.72 42.92
CA ARG A 19 17.21 -3.96 41.70
C ARG A 19 17.23 -5.45 41.38
N VAL A 20 16.06 -6.00 41.06
CA VAL A 20 15.91 -7.41 40.71
C VAL A 20 15.29 -7.48 39.32
N SER A 21 15.99 -8.12 38.39
CA SER A 21 15.54 -8.24 37.00
C SER A 21 14.94 -9.62 36.75
N CYS A 22 13.95 -9.65 35.85
CA CYS A 22 13.16 -10.86 35.56
C CYS A 22 12.93 -11.00 34.06
N GLU A 23 14.02 -11.03 33.29
CA GLU A 23 13.94 -11.10 31.83
C GLU A 23 13.06 -12.26 31.39
N ALA A 24 11.93 -11.93 30.75
CA ALA A 24 10.91 -12.90 30.37
C ALA A 24 10.96 -13.14 28.87
N SER A 25 10.70 -14.39 28.47
CA SER A 25 10.75 -14.75 27.06
C SER A 25 9.96 -16.01 26.82
N GLY A 26 9.57 -16.21 25.57
CA GLY A 26 8.96 -17.46 25.12
C GLY A 26 7.45 -17.44 24.96
N TYR A 27 6.81 -16.29 25.05
CA TYR A 27 5.35 -16.22 24.93
C TYR A 27 4.92 -14.77 24.74
N ASN A 28 3.62 -14.58 24.54
CA ASN A 28 3.04 -13.25 24.47
C ASN A 28 3.04 -12.68 25.88
N ILE A 29 3.97 -11.78 26.16
CA ILE A 29 4.12 -11.25 27.52
C ILE A 29 2.98 -10.29 27.85
N ARG A 30 2.20 -9.86 26.86
CA ARG A 30 1.29 -8.74 27.06
C ARG A 30 0.05 -9.15 27.84
N ASP A 31 -0.43 -10.36 27.64
CA ASP A 31 -1.75 -10.74 28.14
C ASP A 31 -1.72 -11.27 29.56
N TYR A 32 -0.58 -11.24 30.23
CA TYR A 32 -0.40 -11.95 31.49
C TYR A 32 0.37 -11.05 32.46
N PHE A 33 -0.26 -10.69 33.57
CA PHE A 33 0.38 -9.85 34.57
C PHE A 33 1.58 -10.58 35.16
N ILE A 34 2.56 -9.80 35.65
CA ILE A 34 3.76 -10.36 36.27
C ILE A 34 3.73 -9.96 37.74
N HIS A 35 3.68 -10.96 38.61
CA HIS A 35 3.58 -10.75 40.05
C HIS A 35 4.92 -11.00 40.71
N TRP A 36 5.23 -10.21 41.72
CA TRP A 36 6.45 -10.32 42.49
C TRP A 36 6.08 -10.77 43.89
N TRP A 37 6.78 -11.80 44.38
CA TRP A 37 6.62 -12.38 45.70
C TRP A 37 7.96 -12.40 46.41
N ARG A 38 7.92 -12.63 47.72
CA ARG A 38 9.09 -12.51 48.59
C ARG A 38 9.04 -13.62 49.63
N GLN A 39 9.99 -14.54 49.57
CA GLN A 39 10.13 -15.65 50.52
C GLN A 39 11.19 -15.26 51.53
N ALA A 40 10.75 -14.99 52.77
CA ALA A 40 11.72 -14.74 53.83
C ALA A 40 12.38 -16.05 54.25
N PRO A 41 13.54 -15.99 54.91
CA PRO A 41 14.18 -17.24 55.37
C PRO A 41 13.30 -17.98 56.37
N GLY A 42 12.92 -19.19 56.02
CA GLY A 42 12.11 -20.02 56.90
C GLY A 42 10.74 -19.45 57.21
N GLN A 43 10.05 -18.93 56.20
CA GLN A 43 8.72 -18.35 56.36
C GLN A 43 7.90 -18.67 55.12
N GLY A 44 6.69 -18.12 55.05
CA GLY A 44 5.85 -18.26 53.90
C GLY A 44 6.14 -17.20 52.85
N LEU A 45 5.32 -17.20 51.80
CA LEU A 45 5.45 -16.24 50.72
C LEU A 45 4.69 -14.97 51.07
N GLN A 46 5.20 -13.84 50.58
CA GLN A 46 4.61 -12.53 50.81
C GLN A 46 4.42 -11.82 49.47
N TRP A 47 3.27 -11.16 49.32
CA TRP A 47 2.92 -10.57 48.04
C TRP A 47 3.50 -9.16 47.92
N VAL A 48 4.53 -9.01 47.09
CA VAL A 48 5.11 -7.71 46.80
C VAL A 48 4.24 -6.90 45.85
N GLY A 49 3.79 -7.48 44.75
CA GLY A 49 2.83 -6.79 43.90
C GLY A 49 2.95 -7.16 42.44
N TRP A 50 1.89 -6.86 41.68
CA TRP A 50 1.85 -7.16 40.25
C TRP A 50 2.12 -5.91 39.41
N ILE A 51 2.68 -6.14 38.23
CA ILE A 51 2.86 -5.14 37.20
C ILE A 51 2.12 -5.61 35.96
N ASN A 52 1.36 -4.69 35.37
CA ASN A 52 0.75 -4.90 34.07
C ASN A 52 1.82 -4.79 32.99
N PRO A 53 2.00 -5.79 32.13
CA PRO A 53 3.01 -5.64 31.07
C PRO A 53 2.59 -4.70 29.94
N LYS A 54 1.29 -4.47 29.76
CA LYS A 54 0.82 -3.63 28.67
C LYS A 54 0.96 -2.15 28.99
N THR A 55 0.36 -1.71 30.10
CA THR A 55 0.38 -0.32 30.50
C THR A 55 1.53 0.02 31.44
N GLY A 56 2.07 -0.96 32.16
CA GLY A 56 3.08 -0.70 33.15
C GLY A 56 2.55 -0.28 34.51
N GLN A 57 1.24 -0.37 34.72
CA GLN A 57 0.63 0.08 35.97
C GLN A 57 1.03 -0.88 37.10
N PRO A 58 1.71 -0.44 38.15
CA PRO A 58 2.04 -1.35 39.25
C PRO A 58 0.92 -1.39 40.30
N ASN A 59 1.05 -2.35 41.21
CA ASN A 59 0.04 -2.54 42.25
C ASN A 59 0.71 -3.30 43.39
N ASN A 60 0.93 -2.61 44.51
CA ASN A 60 1.60 -3.16 45.67
C ASN A 60 0.74 -2.93 46.92
N PRO A 61 0.92 -3.75 47.98
CA PRO A 61 0.10 -3.56 49.18
C PRO A 61 0.55 -2.34 49.97
N ARG A 62 -0.13 -2.07 51.10
CA ARG A 62 0.16 -0.89 51.89
C ARG A 62 1.57 -0.91 52.46
N GLN A 63 2.14 -2.10 52.65
CA GLN A 63 3.48 -2.18 53.24
C GLN A 63 4.53 -1.56 52.34
N PHE A 64 4.40 -1.77 51.02
CA PHE A 64 5.41 -1.38 50.06
C PHE A 64 5.04 -0.11 49.29
N GLN A 65 4.19 0.74 49.87
CA GLN A 65 3.79 1.98 49.22
C GLN A 65 4.84 3.06 49.45
N GLY A 66 5.30 3.67 48.37
CA GLY A 66 6.42 4.59 48.43
C GLY A 66 7.77 3.92 48.61
N ARG A 67 7.81 2.58 48.66
CA ARG A 67 9.01 1.82 48.93
C ARG A 67 9.44 0.97 47.74
N VAL A 68 8.57 0.10 47.25
CA VAL A 68 8.87 -0.74 46.10
C VAL A 68 8.46 0.01 44.83
N SER A 69 9.14 -0.32 43.73
CA SER A 69 8.84 0.28 42.43
C SER A 69 8.97 -0.82 41.39
N LEU A 70 7.84 -1.22 40.81
CA LEU A 70 7.81 -2.21 39.74
C LEU A 70 7.84 -1.47 38.41
N THR A 71 8.79 -1.81 37.55
CA THR A 71 8.95 -1.21 36.24
C THR A 71 9.14 -2.32 35.22
N ARG A 72 9.06 -1.95 33.94
CA ARG A 72 9.27 -2.90 32.86
C ARG A 72 10.04 -2.21 31.75
N HIS A 73 10.49 -3.01 30.78
CA HIS A 73 11.14 -2.47 29.59
C HIS A 73 11.02 -3.52 28.49
N ALA A 74 10.34 -3.16 27.41
CA ALA A 74 10.21 -4.03 26.26
C ALA A 74 11.20 -3.64 25.18
N SER A 75 11.86 -4.64 24.61
CA SER A 75 12.72 -4.40 23.46
C SER A 75 11.87 -4.23 22.20
N TRP A 76 12.52 -4.21 21.05
CA TRP A 76 11.82 -4.00 19.78
C TRP A 76 10.84 -5.14 19.54
N ASP A 77 9.61 -4.79 19.15
CA ASP A 77 8.53 -5.71 18.81
C ASP A 77 8.05 -6.51 20.02
N PHE A 78 8.37 -6.08 21.24
CA PHE A 78 7.94 -6.64 22.52
C PHE A 78 8.43 -8.07 22.74
N ASP A 79 9.37 -8.55 21.93
CA ASP A 79 9.74 -9.97 22.02
C ASP A 79 10.36 -10.31 23.38
N THR A 80 11.18 -9.42 23.92
CA THR A 80 11.78 -9.57 25.24
C THR A 80 11.19 -8.52 26.17
N TYR A 81 11.14 -8.82 27.46
CA TYR A 81 10.40 -8.01 28.43
C TYR A 81 11.11 -8.11 29.78
N SER A 82 11.98 -7.14 30.05
CA SER A 82 12.70 -7.12 31.33
C SER A 82 11.86 -6.42 32.38
N PHE A 83 11.49 -7.15 33.43
CA PHE A 83 10.71 -6.62 34.55
C PHE A 83 11.63 -6.37 35.73
N TYR A 84 11.64 -5.13 36.22
CA TYR A 84 12.52 -4.72 37.31
C TYR A 84 11.71 -4.45 38.57
N MET A 85 12.28 -4.85 39.70
CA MET A 85 11.75 -4.58 41.02
C MET A 85 12.80 -3.81 41.80
N ASP A 86 12.47 -2.58 42.20
CA ASP A 86 13.38 -1.69 42.90
C ASP A 86 12.90 -1.52 44.34
N LEU A 87 13.85 -1.49 45.28
CA LEU A 87 13.57 -1.14 46.67
C LEU A 87 14.44 0.03 47.08
N LYS A 88 13.91 0.91 47.94
CA LYS A 88 14.56 2.17 48.30
C LYS A 88 14.97 2.22 49.76
N ALA A 89 14.02 2.11 50.69
CA ALA A 89 14.32 2.18 52.13
C ALA A 89 14.55 0.78 52.68
N LEU A 90 15.66 0.18 52.23
CA LEU A 90 15.91 -1.22 52.50
C LEU A 90 16.36 -1.42 53.95
N ARG A 91 15.91 -2.53 54.55
CA ARG A 91 16.21 -2.85 55.94
C ARG A 91 16.70 -4.30 56.04
N SER A 92 17.12 -4.68 57.24
CA SER A 92 17.48 -6.07 57.50
C SER A 92 16.26 -6.99 57.47
N ASP A 93 15.06 -6.44 57.70
CA ASP A 93 13.84 -7.24 57.61
C ASP A 93 13.67 -7.78 56.20
N ASP A 94 14.08 -7.01 55.19
CA ASP A 94 13.81 -7.32 53.79
C ASP A 94 14.86 -8.20 53.16
N THR A 95 15.58 -9.00 53.95
CA THR A 95 16.45 -10.05 53.43
C THR A 95 15.57 -11.24 53.08
N ALA A 96 15.48 -11.56 51.78
CA ALA A 96 14.56 -12.58 51.32
C ALA A 96 14.90 -12.94 49.87
N VAL A 97 14.17 -13.92 49.33
CA VAL A 97 14.30 -14.34 47.94
C VAL A 97 13.10 -13.80 47.18
N TYR A 98 13.37 -13.02 46.13
CA TYR A 98 12.35 -12.33 45.36
C TYR A 98 12.06 -13.12 44.08
N PHE A 99 10.87 -13.72 44.02
CA PHE A 99 10.42 -14.47 42.86
C PHE A 99 9.51 -13.61 41.99
N CYS A 100 9.56 -13.84 40.69
CA CYS A 100 8.66 -13.24 39.73
C CYS A 100 7.91 -14.35 39.01
N ALA A 101 6.59 -14.25 38.98
CA ALA A 101 5.71 -15.28 38.47
C ALA A 101 4.73 -14.68 37.47
N ARG A 102 4.11 -15.56 36.67
CA ARG A 102 3.18 -15.16 35.62
C ARG A 102 1.79 -15.62 36.00
N GLN A 103 0.96 -14.69 36.45
CA GLN A 103 -0.48 -14.93 36.54
C GLN A 103 -1.00 -15.26 35.15
N ARG A 104 -1.66 -16.42 35.00
CA ARG A 104 -2.08 -16.89 33.69
C ARG A 104 -3.59 -17.03 33.51
N SER A 105 -4.39 -16.65 34.50
CA SER A 105 -5.84 -16.54 34.32
C SER A 105 -6.42 -15.77 35.51
N ASP A 106 -7.75 -15.68 35.55
CA ASP A 106 -8.43 -15.02 36.66
C ASP A 106 -8.28 -15.75 37.98
N TYR A 107 -7.87 -17.01 37.96
CA TYR A 107 -7.73 -17.81 39.17
C TYR A 107 -6.43 -17.51 39.92
N TRP A 108 -5.56 -16.66 39.36
CA TRP A 108 -4.22 -16.41 39.89
C TRP A 108 -3.42 -17.71 39.97
N ASP A 109 -3.32 -18.40 38.83
CA ASP A 109 -2.47 -19.58 38.69
C ASP A 109 -1.10 -19.13 38.21
N PHE A 110 -0.10 -19.35 39.06
CA PHE A 110 1.29 -19.00 38.74
C PHE A 110 2.00 -20.25 38.28
N ASP A 111 1.70 -20.65 37.04
CA ASP A 111 2.25 -21.91 36.52
C ASP A 111 3.76 -21.83 36.31
N VAL A 112 4.31 -20.62 36.19
CA VAL A 112 5.75 -20.42 36.01
C VAL A 112 6.22 -19.37 37.00
N TRP A 113 7.37 -19.61 37.61
CA TRP A 113 8.05 -18.69 38.52
C TRP A 113 9.47 -18.47 38.03
N GLY A 114 10.19 -17.57 38.70
CA GLY A 114 11.57 -17.31 38.40
C GLY A 114 12.49 -18.20 39.22
N SER A 115 13.77 -18.16 38.86
CA SER A 115 14.76 -18.95 39.59
C SER A 115 14.88 -18.48 41.03
N GLY A 116 14.84 -17.17 41.25
CA GLY A 116 14.99 -16.55 42.54
C GLY A 116 16.21 -15.66 42.61
N THR A 117 16.16 -14.66 43.49
CA THR A 117 17.25 -13.70 43.67
C THR A 117 17.38 -13.41 45.15
N GLN A 118 18.47 -13.86 45.76
CA GLN A 118 18.68 -13.70 47.19
C GLN A 118 19.23 -12.32 47.47
N VAL A 119 18.38 -11.43 47.96
CA VAL A 119 18.78 -10.10 48.43
C VAL A 119 19.14 -10.25 49.90
N THR A 120 20.40 -9.96 50.24
CA THR A 120 20.89 -9.98 51.61
C THR A 120 21.37 -8.58 51.98
N VAL A 121 20.90 -8.08 53.11
CA VAL A 121 21.15 -6.70 53.50
C VAL A 121 22.24 -6.70 54.57
N ILE B 2 -10.85 -11.84 52.26
CA ILE B 2 -10.63 -13.27 52.10
C ILE B 2 -9.80 -13.82 53.26
N GLN B 3 -10.27 -14.90 53.84
CA GLN B 3 -9.66 -15.54 55.00
C GLN B 3 -9.29 -16.98 54.66
N MET B 4 -8.13 -17.43 55.16
CA MET B 4 -7.62 -18.76 54.89
C MET B 4 -7.09 -19.39 56.16
N THR B 5 -7.04 -20.72 56.14
CA THR B 5 -6.41 -21.50 57.19
C THR B 5 -5.96 -22.83 56.60
N GLN B 6 -4.80 -23.31 57.04
CA GLN B 6 -4.25 -24.57 56.57
C GLN B 6 -3.65 -25.32 57.75
N SER B 7 -4.15 -26.52 58.01
CA SER B 7 -3.65 -27.39 59.06
C SER B 7 -3.43 -28.79 58.51
N PRO B 8 -2.45 -29.56 59.02
CA PRO B 8 -1.47 -29.23 60.08
C PRO B 8 -0.25 -28.50 59.51
N SER B 9 0.73 -28.19 60.36
CA SER B 9 1.96 -27.52 59.93
C SER B 9 3.09 -28.49 59.65
N SER B 10 3.12 -29.63 60.34
CA SER B 10 4.09 -30.69 60.09
C SER B 10 3.33 -32.00 59.96
N LEU B 11 3.75 -32.83 59.00
CA LEU B 11 3.00 -34.05 58.68
C LEU B 11 3.96 -35.04 58.05
N SER B 12 4.21 -36.14 58.75
CA SER B 12 5.10 -37.20 58.31
C SER B 12 4.28 -38.41 57.87
N ALA B 13 4.62 -38.96 56.70
CA ALA B 13 3.92 -40.11 56.15
C ALA B 13 4.93 -41.04 55.50
N SER B 14 4.46 -42.24 55.16
CA SER B 14 5.27 -43.30 54.56
C SER B 14 4.96 -43.43 53.07
N VAL B 15 5.71 -44.30 52.41
CA VAL B 15 5.53 -44.52 50.98
C VAL B 15 4.23 -45.29 50.75
N GLY B 16 3.64 -45.10 49.57
CA GLY B 16 2.41 -45.79 49.21
C GLY B 16 1.25 -45.48 50.13
N ASP B 17 1.05 -44.20 50.45
CA ASP B 17 0.03 -43.77 51.40
C ASP B 17 -0.82 -42.67 50.80
N THR B 18 -2.07 -42.59 51.29
CA THR B 18 -3.00 -41.53 50.91
C THR B 18 -2.97 -40.49 52.02
N VAL B 19 -2.56 -39.28 51.67
CA VAL B 19 -2.31 -38.21 52.64
C VAL B 19 -3.05 -36.95 52.15
N THR B 20 -3.80 -36.33 53.05
CA THR B 20 -4.62 -35.17 52.73
C THR B 20 -4.23 -33.97 53.59
N ILE B 21 -4.10 -32.82 52.95
CA ILE B 21 -3.75 -31.56 53.59
C ILE B 21 -4.99 -30.68 53.55
N THR B 22 -5.68 -30.55 54.69
CA THR B 22 -6.87 -29.72 54.76
C THR B 22 -6.51 -28.24 54.64
N CYS B 23 -7.34 -27.49 53.91
CA CYS B 23 -7.08 -26.08 53.68
C CYS B 23 -8.38 -25.40 53.32
N GLN B 24 -8.94 -24.60 54.23
CA GLN B 24 -10.24 -23.96 54.05
C GLN B 24 -10.04 -22.54 53.53
N ALA B 25 -10.82 -22.17 52.52
CA ALA B 25 -10.77 -20.84 51.92
C ALA B 25 -12.11 -20.52 51.28
N ASN B 26 -12.30 -19.25 50.95
CA ASN B 26 -13.49 -18.76 50.25
C ASN B 26 -13.10 -17.92 49.05
N GLY B 27 -12.12 -18.40 48.29
CA GLY B 27 -11.71 -17.78 47.04
C GLY B 27 -11.17 -18.86 46.12
N TYR B 28 -10.79 -18.45 44.91
CA TYR B 28 -10.26 -19.41 43.96
C TYR B 28 -8.89 -19.87 44.45
N LEU B 29 -8.81 -21.14 44.84
CA LEU B 29 -7.65 -21.66 45.55
C LEU B 29 -6.70 -22.36 44.58
N ASN B 30 -5.41 -22.27 44.90
CA ASN B 30 -4.35 -22.94 44.16
C ASN B 30 -3.43 -23.63 45.17
N TRP B 31 -2.79 -24.70 44.71
CA TRP B 31 -1.88 -25.51 45.51
C TRP B 31 -0.50 -25.46 44.87
N TYR B 32 0.54 -25.38 45.71
CA TYR B 32 1.90 -25.27 45.21
C TYR B 32 2.81 -26.27 45.90
N GLN B 33 4.03 -26.40 45.36
CA GLN B 33 5.06 -27.32 45.83
C GLN B 33 6.41 -26.60 45.79
N GLN B 34 6.85 -26.11 46.94
CA GLN B 34 8.14 -25.43 47.07
C GLN B 34 9.13 -26.43 47.63
N ARG B 35 10.25 -26.62 46.92
CA ARG B 35 11.26 -27.61 47.27
C ARG B 35 12.47 -26.99 47.98
N ARG B 36 12.26 -25.95 48.79
CA ARG B 36 13.30 -25.34 49.62
C ARG B 36 14.48 -24.85 48.77
N GLY B 37 14.24 -23.83 47.95
CA GLY B 37 15.28 -23.18 47.17
C GLY B 37 15.20 -23.40 45.68
N LYS B 38 14.02 -23.70 45.15
CA LYS B 38 13.82 -23.90 43.72
C LYS B 38 12.57 -23.22 43.18
N ALA B 39 11.87 -22.41 43.99
CA ALA B 39 10.67 -21.66 43.63
C ALA B 39 9.47 -22.61 43.57
N PRO B 40 8.26 -22.17 43.89
CA PRO B 40 7.12 -23.09 43.88
C PRO B 40 6.79 -23.60 42.47
N LYS B 41 6.04 -24.69 42.44
CA LYS B 41 5.52 -25.28 41.22
C LYS B 41 4.02 -25.48 41.37
N LEU B 42 3.27 -25.10 40.33
CA LEU B 42 1.82 -25.22 40.37
C LEU B 42 1.40 -26.65 40.10
N LEU B 43 0.64 -27.24 41.02
CA LEU B 43 0.10 -28.59 40.85
C LEU B 43 -1.39 -28.58 40.50
N ILE B 44 -2.22 -28.02 41.37
CA ILE B 44 -3.67 -27.99 41.21
C ILE B 44 -4.11 -26.54 41.14
N TYR B 45 -4.65 -26.14 39.99
CA TYR B 45 -5.19 -24.80 39.82
C TYR B 45 -6.70 -24.84 39.97
N ASP B 46 -7.24 -23.83 40.64
CA ASP B 46 -8.63 -23.79 41.07
C ASP B 46 -8.74 -24.93 42.08
N GLY B 47 -9.94 -25.44 42.37
CA GLY B 47 -10.08 -26.40 43.44
C GLY B 47 -9.59 -27.78 43.05
N SER B 48 -9.93 -28.23 41.84
CA SER B 48 -9.76 -29.62 41.43
C SER B 48 -8.95 -29.80 40.14
N LYS B 49 -8.81 -28.77 39.32
CA LYS B 49 -8.15 -28.94 38.04
C LYS B 49 -6.65 -29.12 38.24
N LEU B 50 -6.03 -29.87 37.32
CA LEU B 50 -4.62 -30.25 37.40
C LEU B 50 -3.82 -29.57 36.30
N GLU B 51 -2.50 -29.58 36.48
CA GLU B 51 -1.57 -28.92 35.57
C GLU B 51 -0.81 -29.96 34.74
N ARG B 52 -0.38 -29.52 33.56
CA ARG B 52 0.44 -30.36 32.70
C ARG B 52 1.78 -30.65 33.35
N GLY B 53 2.31 -31.84 33.10
CA GLY B 53 3.54 -32.27 33.72
C GLY B 53 3.41 -32.77 35.14
N VAL B 54 2.21 -32.80 35.68
CA VAL B 54 1.92 -33.25 37.04
C VAL B 54 1.21 -34.59 36.92
N PRO B 55 1.76 -35.70 37.42
CA PRO B 55 1.05 -36.98 37.33
C PRO B 55 -0.26 -36.96 38.11
N SER B 56 -1.05 -38.02 37.92
CA SER B 56 -2.32 -38.16 38.61
C SER B 56 -2.17 -38.51 40.08
N ARG B 57 -0.94 -38.63 40.59
CA ARG B 57 -0.72 -38.83 42.02
C ARG B 57 -1.35 -37.70 42.83
N PHE B 58 -1.36 -36.49 42.29
CA PHE B 58 -2.00 -35.35 42.92
C PHE B 58 -3.42 -35.17 42.40
N SER B 59 -4.32 -34.78 43.30
CA SER B 59 -5.71 -34.52 42.95
C SER B 59 -6.34 -33.66 44.03
N GLY B 60 -7.40 -32.94 43.64
CA GLY B 60 -8.06 -32.01 44.54
C GLY B 60 -9.55 -32.23 44.58
N ARG B 61 -10.18 -31.74 45.64
CA ARG B 61 -11.60 -31.90 45.86
C ARG B 61 -12.13 -30.73 46.68
N ARG B 62 -13.23 -30.15 46.23
CA ARG B 62 -13.90 -29.06 46.91
C ARG B 62 -15.11 -29.59 47.66
N TRP B 63 -15.32 -29.10 48.88
CA TRP B 63 -16.50 -29.48 49.67
C TRP B 63 -16.91 -28.27 50.51
N GLY B 64 -17.79 -27.45 49.95
CA GLY B 64 -18.31 -26.28 50.65
C GLY B 64 -17.31 -25.13 50.65
N GLN B 65 -16.29 -25.26 51.51
CA GLN B 65 -15.17 -24.33 51.52
C GLN B 65 -13.82 -25.03 51.63
N GLU B 66 -13.79 -26.33 51.90
CA GLU B 66 -12.56 -27.04 52.28
C GLU B 66 -11.95 -27.70 51.04
N TYR B 67 -10.62 -27.73 51.01
CA TYR B 67 -9.85 -28.33 49.92
C TYR B 67 -8.88 -29.33 50.51
N ASN B 68 -8.65 -30.43 49.78
CA ASN B 68 -7.94 -31.59 50.29
C ASN B 68 -6.52 -31.74 49.77
N LEU B 69 -6.32 -31.71 48.45
CA LEU B 69 -5.06 -32.14 47.83
C LEU B 69 -4.74 -33.57 48.25
N THR B 70 -5.61 -34.48 47.82
CA THR B 70 -5.41 -35.91 48.09
C THR B 70 -4.24 -36.41 47.27
N ILE B 71 -3.09 -36.59 47.92
CA ILE B 71 -1.89 -37.16 47.30
C ILE B 71 -1.92 -38.66 47.63
N ASN B 72 -2.56 -39.44 46.77
CA ASN B 72 -2.46 -40.88 46.87
C ASN B 72 -1.08 -41.33 46.40
N ASN B 73 -0.79 -42.62 46.62
CA ASN B 73 0.48 -43.31 46.28
C ASN B 73 1.70 -42.39 46.44
N LEU B 74 1.86 -41.89 47.66
CA LEU B 74 2.92 -40.95 48.01
C LEU B 74 4.30 -41.53 47.69
N GLN B 75 5.02 -40.87 46.79
CA GLN B 75 6.32 -41.31 46.33
C GLN B 75 7.43 -40.56 47.06
N PRO B 76 8.68 -41.03 46.96
CA PRO B 76 9.79 -40.28 47.59
C PRO B 76 9.99 -38.89 47.03
N GLU B 77 9.54 -38.62 45.81
CA GLU B 77 9.73 -37.31 45.17
C GLU B 77 8.70 -36.27 45.61
N ASP B 78 7.93 -36.54 46.66
CA ASP B 78 6.97 -35.59 47.20
C ASP B 78 7.45 -34.93 48.49
N ILE B 79 8.74 -35.02 48.80
CA ILE B 79 9.29 -34.38 49.99
C ILE B 79 9.48 -32.90 49.67
N ALA B 80 8.44 -32.11 49.93
CA ALA B 80 8.44 -30.69 49.62
C ALA B 80 7.56 -29.97 50.64
N THR B 81 7.27 -28.70 50.39
CA THR B 81 6.36 -27.91 51.21
C THR B 81 5.16 -27.51 50.36
N TYR B 82 3.97 -27.69 50.91
CA TYR B 82 2.71 -27.59 50.17
C TYR B 82 1.88 -26.48 50.79
N PHE B 83 1.59 -25.43 50.01
CA PHE B 83 0.83 -24.29 50.51
C PHE B 83 -0.27 -23.90 49.55
N CYS B 84 -1.29 -23.25 50.12
CA CYS B 84 -2.46 -22.76 49.41
C CYS B 84 -2.21 -21.35 48.89
N GLN B 85 -3.14 -20.87 48.07
CA GLN B 85 -3.09 -19.48 47.60
C GLN B 85 -4.46 -19.10 47.08
N VAL B 86 -5.05 -18.05 47.64
CA VAL B 86 -6.25 -17.41 47.09
C VAL B 86 -5.87 -15.97 46.78
N TYR B 87 -5.72 -15.68 45.49
CA TYR B 87 -5.22 -14.37 45.05
C TYR B 87 -3.87 -14.07 45.71
N GLU B 88 -3.80 -13.05 46.57
CA GLU B 88 -2.54 -12.55 47.07
C GLU B 88 -2.15 -13.14 48.42
N PHE B 89 -2.99 -13.96 49.02
CA PHE B 89 -2.79 -14.50 50.36
C PHE B 89 -2.25 -15.91 50.24
N VAL B 90 -1.04 -16.13 50.78
CA VAL B 90 -0.39 -17.42 50.80
C VAL B 90 -0.07 -17.75 52.25
N VAL B 91 -0.42 -18.96 52.68
CA VAL B 91 -0.18 -19.41 54.04
C VAL B 91 1.10 -20.22 54.06
N PRO B 92 1.80 -20.35 55.20
CA PRO B 92 2.96 -21.24 55.24
C PRO B 92 2.56 -22.68 54.93
N GLY B 93 3.39 -23.35 54.15
CA GLY B 93 3.08 -24.71 53.73
C GLY B 93 3.49 -25.74 54.76
N THR B 94 2.79 -26.87 54.73
CA THR B 94 3.12 -28.00 55.58
C THR B 94 4.32 -28.72 54.98
N ARG B 95 5.26 -29.10 55.85
CA ARG B 95 6.52 -29.69 55.41
C ARG B 95 6.37 -31.22 55.44
N LEU B 96 6.13 -31.80 54.27
CA LEU B 96 5.98 -33.25 54.17
C LEU B 96 7.31 -33.92 54.46
N ASP B 97 7.32 -34.80 55.45
CA ASP B 97 8.51 -35.53 55.87
C ASP B 97 8.34 -37.00 55.50
N LEU B 98 9.35 -37.57 54.85
CA LEU B 98 9.27 -38.95 54.39
C LEU B 98 10.67 -39.48 54.13
N GLN C 1 4.50 63.32 52.23
CA GLN C 1 5.68 63.94 51.54
C GLN C 1 6.97 63.24 51.94
N VAL C 2 7.53 62.49 51.00
CA VAL C 2 8.78 61.77 51.20
C VAL C 2 9.88 62.54 50.48
N HIS C 3 10.91 62.91 51.23
CA HIS C 3 12.05 63.67 50.71
C HIS C 3 13.28 62.77 50.70
N LEU C 4 13.97 62.75 49.56
CA LEU C 4 15.18 61.97 49.36
C LEU C 4 16.31 62.92 48.99
N GLN C 5 17.46 62.78 49.64
CA GLN C 5 18.64 63.61 49.36
C GLN C 5 19.84 62.66 49.30
N GLU C 6 20.37 62.45 48.11
CA GLU C 6 21.51 61.57 47.93
C GLU C 6 22.81 62.36 48.04
N SER C 7 23.76 61.81 48.78
CA SER C 7 25.05 62.44 49.02
C SER C 7 26.16 61.52 48.53
N GLY C 8 27.12 62.09 47.82
CA GLY C 8 28.26 61.37 47.33
C GLY C 8 29.49 62.26 47.23
N PRO C 9 30.67 61.67 47.03
CA PRO C 9 31.88 62.49 46.95
C PRO C 9 31.92 63.42 45.76
N GLY C 10 31.25 63.07 44.66
CA GLY C 10 31.28 63.85 43.43
C GLY C 10 32.39 63.43 42.48
N LEU C 11 33.49 62.90 43.00
CA LEU C 11 34.57 62.38 42.18
C LEU C 11 35.26 61.26 42.93
N VAL C 12 35.63 60.20 42.21
CA VAL C 12 36.24 59.01 42.80
C VAL C 12 37.39 58.55 41.92
N LYS C 13 38.45 58.06 42.56
CA LYS C 13 39.57 57.53 41.82
C LYS C 13 39.15 56.26 41.08
N PRO C 14 39.64 56.04 39.85
CA PRO C 14 39.38 54.75 39.19
C PRO C 14 40.00 53.59 39.99
N SER C 15 39.34 52.44 39.89
CA SER C 15 39.74 51.23 40.62
C SER C 15 39.61 51.37 42.13
N GLU C 16 38.78 52.33 42.59
CA GLU C 16 38.54 52.56 44.00
C GLU C 16 37.03 52.50 44.25
N THR C 17 36.66 52.07 45.45
CA THR C 17 35.26 51.82 45.78
C THR C 17 34.51 53.14 45.90
N LEU C 18 33.67 53.42 44.91
CA LEU C 18 32.74 54.54 45.00
C LEU C 18 31.68 54.21 46.05
N SER C 19 31.25 55.22 46.80
CA SER C 19 30.22 55.06 47.82
C SER C 19 29.23 56.20 47.72
N LEU C 20 27.96 55.90 47.99
CA LEU C 20 26.87 56.86 47.97
C LEU C 20 26.00 56.61 49.20
N THR C 21 25.19 57.61 49.55
CA THR C 21 24.18 57.45 50.59
C THR C 21 22.92 58.19 50.16
N CYS C 22 21.79 57.79 50.74
CA CYS C 22 20.47 58.36 50.42
C CYS C 22 19.76 58.71 51.72
N ASN C 23 19.91 59.95 52.16
CA ASN C 23 19.16 60.43 53.32
C ASN C 23 17.67 60.44 53.00
N VAL C 24 16.89 59.85 53.90
CA VAL C 24 15.44 59.67 53.73
C VAL C 24 14.74 60.48 54.80
N SER C 25 13.63 61.14 54.41
CA SER C 25 12.77 61.83 55.35
C SER C 25 11.32 61.61 54.92
N GLY C 26 10.42 61.57 55.91
CA GLY C 26 9.02 61.32 55.65
C GLY C 26 8.64 59.86 55.59
N THR C 27 9.61 58.96 55.50
CA THR C 27 9.34 57.52 55.52
C THR C 27 10.54 56.82 56.15
N LEU C 28 10.30 55.59 56.60
CA LEU C 28 11.32 54.78 57.24
C LEU C 28 11.92 53.82 56.22
N VAL C 29 13.22 53.57 56.35
CA VAL C 29 13.92 52.70 55.40
C VAL C 29 13.37 51.28 55.47
N ARG C 30 12.89 50.87 56.65
CA ARG C 30 12.46 49.48 56.82
C ARG C 30 11.14 49.22 56.11
N ASP C 31 10.36 50.27 55.82
CA ASP C 31 8.99 50.08 55.34
C ASP C 31 8.97 49.53 53.92
N ASN C 32 9.52 50.27 52.97
CA ASN C 32 9.33 50.03 51.54
C ASN C 32 10.65 49.65 50.88
N TYR C 33 10.56 49.24 49.62
CA TYR C 33 11.74 48.90 48.83
C TYR C 33 12.55 50.16 48.53
N TRP C 34 13.81 49.97 48.18
CA TRP C 34 14.69 51.09 47.82
C TRP C 34 15.57 50.69 46.66
N SER C 35 15.50 51.43 45.56
CA SER C 35 16.32 51.18 44.38
C SER C 35 17.24 52.35 44.11
N TRP C 36 18.35 52.04 43.43
CA TRP C 36 19.26 53.05 42.90
C TRP C 36 19.23 53.00 41.39
N ILE C 37 19.41 54.16 40.76
CA ILE C 37 19.30 54.31 39.32
C ILE C 37 20.48 55.14 38.82
N ARG C 38 21.30 54.54 37.96
CA ARG C 38 22.49 55.17 37.40
C ARG C 38 22.19 55.59 35.96
N GLN C 39 22.15 56.89 35.71
CA GLN C 39 21.93 57.44 34.37
C GLN C 39 23.24 57.98 33.82
N PRO C 40 23.89 57.32 32.86
CA PRO C 40 25.01 57.97 32.18
C PRO C 40 24.53 59.17 31.38
N LEU C 41 25.42 60.16 31.24
CA LEU C 41 25.06 61.39 30.55
C LEU C 41 24.79 61.10 29.07
N GLY C 42 23.66 61.59 28.57
CA GLY C 42 23.29 61.39 27.19
C GLY C 42 22.77 60.01 26.85
N LYS C 43 22.55 59.15 27.85
CA LYS C 43 22.08 57.79 27.66
C LYS C 43 20.87 57.55 28.55
N GLN C 44 20.18 56.45 28.29
CA GLN C 44 18.98 56.14 29.04
C GLN C 44 19.34 55.79 30.50
N PRO C 45 18.40 55.96 31.44
CA PRO C 45 18.68 55.50 32.81
C PRO C 45 18.86 54.00 32.85
N GLU C 46 19.57 53.54 33.88
CA GLU C 46 19.83 52.13 34.09
C GLU C 46 19.43 51.79 35.52
N TRP C 47 18.76 50.64 35.68
CA TRP C 47 18.31 50.17 36.98
C TRP C 47 19.43 49.32 37.58
N ILE C 48 20.17 49.88 38.54
CA ILE C 48 21.37 49.21 39.02
C ILE C 48 21.04 48.22 40.15
N GLY C 49 19.92 48.39 40.83
CA GLY C 49 19.49 47.38 41.78
C GLY C 49 18.49 47.92 42.77
N TYR C 50 17.90 46.98 43.51
CA TYR C 50 16.98 47.31 44.59
C TYR C 50 17.21 46.39 45.78
N VAL C 51 16.86 46.92 46.95
CA VAL C 51 17.16 46.34 48.25
C VAL C 51 15.93 46.49 49.13
N HIS C 52 15.69 45.47 49.96
CA HIS C 52 14.65 45.45 50.97
C HIS C 52 15.19 44.75 52.21
N ASP C 53 14.46 44.87 53.33
CA ASP C 53 14.88 44.28 54.59
C ASP C 53 14.40 42.84 54.77
N SER C 54 13.27 42.48 54.17
CA SER C 54 12.76 41.11 54.30
C SER C 54 13.65 40.08 53.63
N GLY C 55 14.56 40.49 52.75
CA GLY C 55 15.42 39.59 52.01
C GLY C 55 15.40 39.80 50.51
N ASP C 56 14.48 40.60 49.98
CA ASP C 56 14.40 40.88 48.54
C ASP C 56 15.54 41.83 48.19
N THR C 57 16.60 41.28 47.60
CA THR C 57 17.73 42.07 47.11
C THR C 57 18.08 41.54 45.72
N ASN C 58 18.11 42.43 44.74
CA ASN C 58 18.50 42.02 43.39
C ASN C 58 19.15 43.19 42.66
N TYR C 59 20.29 42.90 42.06
CA TYR C 59 21.10 43.88 41.34
C TYR C 59 21.19 43.49 39.87
N ASN C 60 21.50 44.47 39.03
CA ASN C 60 21.68 44.30 37.60
C ASN C 60 22.74 43.21 37.38
N PRO C 61 22.50 42.21 36.52
CA PRO C 61 23.54 41.18 36.33
C PRO C 61 24.85 41.71 35.80
N SER C 62 24.84 42.76 34.98
CA SER C 62 26.10 43.33 34.49
C SER C 62 26.88 43.99 35.63
N LEU C 63 26.19 44.74 36.50
CA LEU C 63 26.82 45.37 37.65
C LEU C 63 27.01 44.40 38.81
N LYS C 64 26.53 43.16 38.70
CA LYS C 64 26.69 42.18 39.76
C LYS C 64 28.17 41.84 39.92
N SER C 65 28.51 41.32 41.11
CA SER C 65 29.87 40.98 41.50
C SER C 65 30.74 42.22 41.76
N ARG C 66 30.15 43.42 41.67
CA ARG C 66 30.84 44.66 41.99
C ARG C 66 29.98 45.66 42.74
N VAL C 67 28.75 45.30 43.11
CA VAL C 67 27.80 46.22 43.74
C VAL C 67 27.24 45.57 44.99
N HIS C 68 26.83 46.43 45.94
CA HIS C 68 26.26 45.98 47.19
C HIS C 68 25.41 47.10 47.76
N LEU C 69 24.17 46.77 48.13
CA LEU C 69 23.22 47.73 48.66
C LEU C 69 22.90 47.36 50.10
N SER C 70 22.89 48.38 50.98
CA SER C 70 22.61 48.18 52.39
C SER C 70 21.59 49.21 52.86
N LEU C 71 20.78 48.79 53.84
CA LEU C 71 19.69 49.59 54.41
C LEU C 71 20.02 49.84 55.87
N ASP C 72 20.30 51.10 56.22
CA ASP C 72 20.65 51.49 57.58
C ASP C 72 19.47 52.25 58.19
N LYS C 73 18.82 51.63 59.19
CA LYS C 73 17.68 52.26 59.85
C LYS C 73 18.12 53.36 60.80
N SER C 74 19.28 53.22 61.44
CA SER C 74 19.68 54.09 62.53
C SER C 74 19.78 55.55 62.07
N LYS C 75 20.25 55.76 60.84
CA LYS C 75 20.33 57.09 60.24
C LYS C 75 19.42 57.25 59.03
N ASN C 76 18.60 56.23 58.70
CA ASN C 76 17.70 56.27 57.55
C ASN C 76 18.48 56.54 56.26
N LEU C 77 19.33 55.57 55.93
CA LEU C 77 20.25 55.68 54.79
C LEU C 77 20.16 54.43 53.93
N VAL C 78 20.43 54.61 52.64
CA VAL C 78 20.61 53.52 51.69
C VAL C 78 22.00 53.68 51.08
N SER C 79 22.87 52.73 51.36
CA SER C 79 24.27 52.81 50.96
C SER C 79 24.52 51.92 49.74
N LEU C 80 25.10 52.51 48.70
CA LEU C 80 25.47 51.84 47.46
C LEU C 80 26.97 51.98 47.29
N ARG C 81 27.69 50.85 47.37
CA ARG C 81 29.15 50.82 47.35
C ARG C 81 29.61 50.00 46.14
N LEU C 82 29.79 50.70 45.02
CA LEU C 82 30.12 50.08 43.74
C LEU C 82 31.64 49.96 43.60
N THR C 83 32.18 48.81 43.98
CA THR C 83 33.61 48.54 43.83
C THR C 83 33.95 48.46 42.35
N GLY C 84 35.25 48.37 42.05
CA GLY C 84 35.72 48.17 40.69
C GLY C 84 35.30 49.26 39.74
N VAL C 85 35.37 50.52 40.19
CA VAL C 85 34.93 51.64 39.38
C VAL C 85 35.77 51.72 38.10
N THR C 86 35.13 52.08 37.00
CA THR C 86 35.79 52.18 35.71
C THR C 86 35.30 53.47 35.04
N ALA C 87 35.76 53.70 33.80
CA ALA C 87 35.43 54.94 33.11
C ALA C 87 33.93 55.06 32.88
N ALA C 88 33.27 53.96 32.52
CA ALA C 88 31.86 54.02 32.15
C ALA C 88 30.94 54.33 33.32
N ASP C 89 31.42 54.22 34.56
CA ASP C 89 30.56 54.46 35.72
C ASP C 89 30.29 55.93 35.97
N SER C 90 30.92 56.85 35.23
CA SER C 90 30.59 58.26 35.34
C SER C 90 29.14 58.47 34.96
N ALA C 91 28.34 59.02 35.87
CA ALA C 91 26.89 59.06 35.68
C ALA C 91 26.25 59.83 36.83
N ILE C 92 24.95 60.10 36.67
CA ILE C 92 24.12 60.70 37.72
C ILE C 92 23.39 59.58 38.43
N TYR C 93 23.55 59.51 39.75
CA TYR C 93 22.99 58.44 40.57
C TYR C 93 21.79 59.00 41.34
N TYR C 94 20.64 58.33 41.20
CA TYR C 94 19.40 58.67 41.88
C TYR C 94 19.00 57.54 42.83
N CYS C 95 18.17 57.90 43.81
CA CYS C 95 17.65 56.98 44.81
C CYS C 95 16.13 57.07 44.76
N ALA C 96 15.44 55.93 44.84
CA ALA C 96 14.02 55.88 44.57
C ALA C 96 13.32 54.88 45.48
N THR C 97 12.06 55.19 45.79
CA THR C 97 11.18 54.33 46.59
C THR C 97 10.45 53.39 45.64
N THR C 98 11.02 52.21 45.40
CA THR C 98 10.40 51.24 44.51
C THR C 98 9.09 50.74 45.11
N LYS C 99 8.09 50.56 44.25
CA LYS C 99 6.82 49.95 44.63
C LYS C 99 6.54 48.82 43.66
N HIS C 100 6.10 47.68 44.18
CA HIS C 100 5.94 46.48 43.37
C HIS C 100 4.47 46.24 43.05
N GLY C 101 4.23 45.49 41.98
CA GLY C 101 2.89 45.07 41.64
C GLY C 101 2.93 43.75 40.90
N ARG C 102 1.87 42.95 41.00
CA ARG C 102 1.82 41.64 40.37
C ARG C 102 0.98 41.71 39.09
N ARG C 103 1.61 41.42 37.96
CA ARG C 103 0.91 41.25 36.68
C ARG C 103 0.61 39.76 36.56
N ILE C 104 -0.68 39.44 36.53
CA ILE C 104 -1.16 38.07 36.46
C ILE C 104 -1.80 37.86 35.09
N TYR C 105 -1.30 36.88 34.34
CA TYR C 105 -1.80 36.57 33.00
C TYR C 105 -2.31 35.13 32.88
N GLY C 106 -2.32 34.37 33.95
CA GLY C 106 -2.78 32.99 33.91
C GLY C 106 -3.15 32.50 35.28
N VAL C 107 -2.94 31.21 35.50
CA VAL C 107 -3.29 30.59 36.78
C VAL C 107 -2.19 30.90 37.79
N VAL C 108 -2.57 31.51 38.92
CA VAL C 108 -1.61 31.87 39.94
C VAL C 108 -1.01 30.63 40.58
N ALA C 109 -1.77 29.53 40.63
CA ALA C 109 -1.23 28.28 41.16
C ALA C 109 -0.06 27.78 40.32
N PHE C 110 -0.07 28.05 39.01
CA PHE C 110 1.00 27.63 38.12
C PHE C 110 2.13 28.65 38.01
N LYS C 111 2.16 29.66 38.89
CA LYS C 111 3.14 30.75 38.83
C LYS C 111 3.13 31.43 37.46
N GLU C 112 1.92 31.71 36.95
CA GLU C 112 1.77 32.47 35.71
C GLU C 112 1.48 33.93 36.05
N TRP C 113 2.51 34.57 36.60
CA TRP C 113 2.48 35.98 36.95
C TRP C 113 3.92 36.45 37.10
N PHE C 114 4.08 37.76 37.27
CA PHE C 114 5.41 38.29 37.59
C PHE C 114 5.26 39.61 38.33
N THR C 115 6.30 39.95 39.08
CA THR C 115 6.34 41.19 39.86
C THR C 115 7.06 42.26 39.06
N TYR C 116 6.34 43.32 38.72
CA TYR C 116 6.91 44.49 38.06
C TYR C 116 7.16 45.57 39.11
N PHE C 117 8.35 46.16 39.05
CA PHE C 117 8.81 47.16 40.00
C PHE C 117 8.76 48.52 39.31
N TYR C 118 7.91 49.43 39.81
CA TYR C 118 7.83 50.78 39.31
C TYR C 118 8.32 51.74 40.39
N MET C 119 9.15 52.69 39.99
CA MET C 119 9.81 53.57 40.94
C MET C 119 8.94 54.79 41.19
N ASP C 120 8.52 54.94 42.45
CA ASP C 120 7.78 56.12 42.91
C ASP C 120 8.79 57.25 43.13
N VAL C 121 8.39 58.32 43.81
CA VAL C 121 9.12 59.58 43.93
C VAL C 121 10.62 59.39 44.13
N TRP C 122 11.41 60.05 43.29
CA TRP C 122 12.86 59.88 43.24
C TRP C 122 13.51 60.91 44.16
N GLY C 123 14.83 61.02 44.09
CA GLY C 123 15.58 62.09 44.74
C GLY C 123 15.90 63.20 43.76
N LYS C 124 17.13 63.70 43.85
CA LYS C 124 17.62 64.78 42.99
C LYS C 124 18.71 64.31 42.04
N GLY C 125 19.80 63.76 42.56
CA GLY C 125 20.82 63.10 41.77
C GLY C 125 22.20 63.62 42.11
N THR C 126 23.18 62.71 42.17
CA THR C 126 24.58 63.06 42.37
C THR C 126 25.36 62.66 41.12
N SER C 127 26.06 63.64 40.52
CA SER C 127 26.77 63.42 39.26
C SER C 127 28.20 63.03 39.57
N VAL C 128 28.41 61.73 39.77
CA VAL C 128 29.74 61.23 40.08
C VAL C 128 30.52 61.02 38.78
N THR C 129 31.77 61.48 38.77
CA THR C 129 32.64 61.40 37.62
C THR C 129 33.95 60.73 38.03
N VAL C 130 34.64 60.16 37.05
CA VAL C 130 35.86 59.39 37.27
C VAL C 130 36.96 59.96 36.39
N SER C 131 38.07 60.36 37.02
CA SER C 131 39.19 60.94 36.29
C SER C 131 40.44 60.88 37.17
N SER C 132 41.58 61.00 36.52
CA SER C 132 42.86 60.98 37.23
C SER C 132 43.18 62.36 37.80
N THR D 1 14.97 59.72 18.16
CA THR D 1 13.56 60.10 17.91
C THR D 1 13.26 61.43 18.61
N PHE D 2 12.72 62.38 17.83
CA PHE D 2 12.48 63.75 18.29
C PHE D 2 11.08 64.20 17.86
N VAL D 3 10.07 63.39 18.19
CA VAL D 3 8.69 63.66 17.80
C VAL D 3 8.26 65.02 18.34
N SER D 4 7.96 65.96 17.44
CA SER D 4 7.57 67.32 17.80
C SER D 4 6.09 67.52 17.48
N VAL D 5 5.35 68.04 18.45
CA VAL D 5 3.91 68.26 18.33
C VAL D 5 3.61 69.66 18.88
N ALA D 6 2.82 70.43 18.14
CA ALA D 6 2.42 71.74 18.60
C ALA D 6 1.47 71.61 19.80
N PRO D 7 1.41 72.62 20.66
CA PRO D 7 0.49 72.51 21.82
C PRO D 7 -0.96 72.46 21.37
N GLY D 8 -1.76 71.74 22.16
CA GLY D 8 -3.15 71.51 21.84
C GLY D 8 -3.43 70.31 20.96
N GLN D 9 -2.38 69.67 20.42
CA GLN D 9 -2.53 68.49 19.59
C GLN D 9 -2.32 67.25 20.48
N THR D 10 -2.37 66.06 19.87
CA THR D 10 -2.12 64.80 20.55
C THR D 10 -0.78 64.25 20.09
N ALA D 11 0.09 63.93 21.04
CA ALA D 11 1.41 63.37 20.76
C ALA D 11 1.43 61.87 21.06
N ARG D 12 2.17 61.13 20.23
CA ARG D 12 2.30 59.68 20.32
C ARG D 12 3.78 59.36 20.45
N ILE D 13 4.18 58.82 21.59
CA ILE D 13 5.57 58.47 21.88
C ILE D 13 5.65 56.96 22.05
N THR D 14 6.27 56.29 21.08
CA THR D 14 6.47 54.85 21.12
C THR D 14 7.85 54.54 21.70
N CYS D 15 7.97 53.36 22.30
CA CYS D 15 9.21 52.96 22.93
C CYS D 15 9.31 51.45 22.97
N GLY D 16 10.54 50.95 22.91
CA GLY D 16 10.81 49.55 23.11
C GLY D 16 10.63 48.71 21.86
N GLU D 17 10.55 47.40 22.10
CA GLU D 17 10.52 46.40 21.05
C GLU D 17 9.10 45.84 20.90
N GLU D 18 8.94 44.91 19.96
CA GLU D 18 7.64 44.33 19.68
C GLU D 18 7.24 43.40 20.82
N SER D 19 5.98 43.49 21.25
CA SER D 19 5.52 42.71 22.38
C SER D 19 5.51 41.22 22.07
N LEU D 20 5.89 40.41 23.06
CA LEU D 20 5.91 38.95 22.96
C LEU D 20 4.80 38.32 23.79
N GLY D 21 4.70 38.70 25.06
CA GLY D 21 3.71 38.15 25.98
C GLY D 21 3.00 39.23 26.77
N SER D 22 2.43 38.87 27.91
CA SER D 22 1.73 39.84 28.73
C SER D 22 2.73 40.78 29.38
N ARG D 23 2.54 42.08 29.15
CA ARG D 23 3.55 43.09 29.42
C ARG D 23 2.97 44.15 30.35
N SER D 24 3.83 44.70 31.20
CA SER D 24 3.48 45.79 32.11
C SER D 24 4.55 46.87 31.95
N VAL D 25 4.37 47.73 30.96
CA VAL D 25 5.33 48.79 30.67
C VAL D 25 5.08 49.97 31.59
N ILE D 26 6.15 50.55 32.12
CA ILE D 26 6.09 51.67 33.06
C ILE D 26 6.73 52.87 32.38
N TRP D 27 5.99 53.97 32.32
CA TRP D 27 6.43 55.16 31.59
C TRP D 27 7.02 56.17 32.56
N TYR D 28 8.10 56.83 32.13
CA TYR D 28 8.78 57.85 32.92
C TYR D 28 9.00 59.10 32.07
N GLN D 29 8.88 60.25 32.73
CA GLN D 29 9.13 61.55 32.12
C GLN D 29 10.32 62.19 32.82
N GLN D 30 11.30 62.63 32.03
CA GLN D 30 12.47 63.35 32.52
C GLN D 30 12.48 64.73 31.88
N ARG D 31 12.06 65.74 32.63
CA ARG D 31 12.21 67.11 32.17
C ARG D 31 13.69 67.44 32.13
N PRO D 32 14.17 68.24 31.17
CA PRO D 32 15.61 68.56 31.14
C PRO D 32 16.04 69.32 32.40
N GLY D 33 17.01 68.76 33.10
CA GLY D 33 17.58 69.40 34.28
C GLY D 33 17.05 68.92 35.61
N GLN D 34 16.31 67.82 35.66
CA GLN D 34 15.83 67.25 36.91
C GLN D 34 15.85 65.74 36.83
N ALA D 35 15.40 65.09 37.90
CA ALA D 35 15.36 63.65 37.95
C ALA D 35 14.12 63.13 37.20
N PRO D 36 14.10 61.84 36.84
CA PRO D 36 12.89 61.29 36.24
C PRO D 36 11.73 61.28 37.22
N SER D 37 10.55 60.99 36.69
CA SER D 37 9.31 60.89 37.46
C SER D 37 8.41 59.85 36.82
N LEU D 38 7.44 59.35 37.59
CA LEU D 38 6.55 58.31 37.11
C LEU D 38 5.28 58.90 36.52
N ILE D 39 4.78 58.24 35.47
CA ILE D 39 3.52 58.64 34.81
C ILE D 39 2.51 57.49 34.84
N ILE D 40 2.88 56.32 34.30
CA ILE D 40 1.98 55.20 34.13
C ILE D 40 2.71 53.94 34.59
N TYR D 41 1.99 53.08 35.31
CA TYR D 41 2.42 51.74 35.64
C TYR D 41 1.28 50.78 35.32
N ASN D 42 1.64 49.56 34.94
CA ASN D 42 0.65 48.57 34.51
C ASN D 42 -0.11 49.03 33.27
N ASN D 43 0.58 49.78 32.40
CA ASN D 43 0.13 50.19 31.07
C ASN D 43 -0.94 51.27 31.02
N ASN D 44 -1.66 51.53 32.12
CA ASN D 44 -2.63 52.63 32.09
C ASN D 44 -2.91 53.30 33.42
N ASP D 45 -2.28 52.89 34.52
CA ASP D 45 -2.68 53.33 35.85
C ASP D 45 -1.76 54.44 36.34
N ARG D 46 -2.30 55.65 36.46
CA ARG D 46 -1.50 56.81 36.83
C ARG D 46 -1.59 57.04 38.34
N PRO D 47 -0.51 57.47 39.01
CA PRO D 47 -0.64 57.85 40.42
C PRO D 47 -1.34 59.21 40.54
N SER D 48 -1.65 59.57 41.79
CA SER D 48 -2.30 60.83 42.06
C SER D 48 -1.40 62.00 41.66
N GLY D 49 -1.99 63.00 41.01
CA GLY D 49 -1.28 64.17 40.54
C GLY D 49 -1.00 64.16 39.06
N ILE D 50 -0.94 62.99 38.44
CA ILE D 50 -0.71 62.90 37.00
C ILE D 50 -2.03 63.15 36.28
N PRO D 51 -2.08 64.03 35.26
CA PRO D 51 -3.35 64.28 34.60
C PRO D 51 -3.83 63.08 33.80
N ASP D 52 -5.11 63.12 33.43
CA ASP D 52 -5.73 62.03 32.68
C ASP D 52 -5.37 62.05 31.20
N ARG D 53 -4.67 63.08 30.73
CA ARG D 53 -4.27 63.13 29.33
C ARG D 53 -3.29 62.02 28.96
N PHE D 54 -2.46 61.58 29.90
CA PHE D 54 -1.50 60.50 29.67
C PHE D 54 -2.27 59.19 29.63
N SER D 55 -2.14 58.45 28.52
CA SER D 55 -2.71 57.11 28.41
C SER D 55 -1.71 56.19 27.72
N GLY D 56 -1.73 54.92 28.11
CA GLY D 56 -0.80 53.94 27.57
C GLY D 56 -1.48 52.82 26.81
N SER D 57 -0.76 52.22 25.87
CA SER D 57 -1.32 51.12 25.10
C SER D 57 -1.46 49.89 26.01
N PRO D 58 -2.52 49.09 25.86
CA PRO D 58 -2.67 47.92 26.72
C PRO D 58 -1.56 46.91 26.51
N GLY D 59 -1.10 46.31 27.61
CA GLY D 59 -0.16 45.22 27.57
C GLY D 59 -0.77 43.87 27.26
N SER D 60 -2.09 43.80 27.10
CA SER D 60 -2.78 42.58 26.76
C SER D 60 -2.69 42.23 25.28
N THR D 61 -2.15 43.11 24.46
CA THR D 61 -1.98 42.89 23.02
C THR D 61 -0.56 42.45 22.74
N PHE D 62 -0.43 41.41 21.91
CA PHE D 62 0.85 40.84 21.54
C PHE D 62 1.15 41.19 20.08
N GLY D 63 2.36 41.67 19.83
CA GLY D 63 2.72 42.18 18.53
C GLY D 63 2.48 43.66 18.34
N THR D 64 2.45 44.44 19.42
CA THR D 64 2.30 45.89 19.36
C THR D 64 3.32 46.52 20.30
N THR D 65 4.00 47.56 19.80
CA THR D 65 4.97 48.27 20.62
C THR D 65 4.26 49.13 21.66
N ALA D 66 4.94 49.39 22.76
CA ALA D 66 4.39 50.25 23.80
C ALA D 66 4.34 51.69 23.31
N THR D 67 3.19 52.33 23.50
CA THR D 67 2.96 53.71 23.08
C THR D 67 2.34 54.49 24.22
N LEU D 68 2.68 55.79 24.28
CA LEU D 68 2.13 56.72 25.25
C LEU D 68 1.49 57.85 24.45
N THR D 69 0.17 58.01 24.61
CA THR D 69 -0.56 59.11 23.99
C THR D 69 -0.80 60.21 25.01
N ILE D 70 -0.50 61.44 24.59
CA ILE D 70 -0.58 62.63 25.43
C ILE D 70 -1.51 63.58 24.69
N THR D 71 -2.73 63.74 25.18
CA THR D 71 -3.67 64.69 24.60
C THR D 71 -3.41 66.08 25.16
N SER D 72 -3.63 67.09 24.32
CA SER D 72 -3.46 68.50 24.68
C SER D 72 -2.08 68.75 25.28
N VAL D 73 -1.06 68.56 24.43
CA VAL D 73 0.32 68.69 24.88
C VAL D 73 0.57 70.12 25.34
N GLU D 74 1.33 70.25 26.43
CA GLU D 74 1.67 71.53 27.04
C GLU D 74 3.17 71.61 27.23
N ALA D 75 3.64 72.80 27.58
CA ALA D 75 5.07 73.00 27.84
C ALA D 75 5.53 72.18 29.05
N GLY D 76 4.61 71.83 29.95
CA GLY D 76 4.96 70.90 31.01
C GLY D 76 5.30 69.53 30.48
N ASP D 77 4.57 69.07 29.46
CA ASP D 77 4.82 67.78 28.84
C ASP D 77 6.10 67.75 28.02
N GLU D 78 6.73 68.90 27.77
CA GLU D 78 8.04 68.95 27.14
C GLU D 78 9.06 68.23 27.99
N ALA D 79 9.48 67.03 27.58
CA ALA D 79 10.40 66.22 28.37
C ALA D 79 10.78 64.96 27.59
N ASP D 80 11.84 64.31 28.05
CA ASP D 80 12.18 62.98 27.54
C ASP D 80 11.23 61.94 28.13
N TYR D 81 11.01 60.86 27.38
CA TYR D 81 10.02 59.85 27.75
C TYR D 81 10.66 58.47 27.61
N TYR D 82 10.87 57.81 28.75
CA TYR D 82 11.43 56.47 28.81
C TYR D 82 10.35 55.44 29.15
N CYS D 83 10.63 54.18 28.79
CA CYS D 83 9.74 53.06 29.03
C CYS D 83 10.50 51.90 29.65
N HIS D 84 9.92 51.32 30.69
CA HIS D 84 10.48 50.18 31.43
C HIS D 84 9.55 49.01 31.17
N ILE D 85 9.90 48.19 30.19
CA ILE D 85 9.03 47.10 29.75
C ILE D 85 9.28 45.89 30.64
N TRP D 86 8.20 45.28 31.11
CA TRP D 86 8.23 44.06 31.92
C TRP D 86 7.45 42.98 31.17
N ASP D 87 8.13 42.29 30.27
CA ASP D 87 7.51 41.26 29.44
C ASP D 87 7.58 39.91 30.15
N SER D 88 6.50 39.13 30.01
CA SER D 88 6.46 37.82 30.65
C SER D 88 7.41 36.83 29.97
N ARG D 89 7.63 36.99 28.67
CA ARG D 89 8.43 36.06 27.88
C ARG D 89 9.84 36.56 27.61
N ARG D 90 10.30 37.57 28.37
CA ARG D 90 11.66 38.06 28.29
C ARG D 90 12.22 38.20 29.70
N PRO D 91 13.54 38.12 29.88
CA PRO D 91 14.10 38.37 31.21
C PRO D 91 13.89 39.81 31.62
N THR D 92 14.14 40.09 32.89
CA THR D 92 13.96 41.43 33.43
C THR D 92 14.87 42.40 32.69
N ASN D 93 14.29 43.49 32.20
CA ASN D 93 15.05 44.54 31.53
C ASN D 93 15.62 45.48 32.58
N TRP D 94 16.95 45.49 32.70
CA TRP D 94 17.63 46.29 33.69
C TRP D 94 18.15 47.61 33.13
N VAL D 95 17.69 48.00 31.94
CA VAL D 95 17.98 49.31 31.37
C VAL D 95 16.71 49.82 30.71
N PHE D 96 16.40 51.09 30.93
CA PHE D 96 15.21 51.69 30.34
C PHE D 96 15.35 51.75 28.82
N GLY D 97 14.28 52.14 28.15
CA GLY D 97 14.28 52.19 26.71
C GLY D 97 14.88 53.48 26.20
N GLU D 98 15.16 53.51 24.90
CA GLU D 98 15.70 54.70 24.28
C GLU D 98 14.67 55.82 24.31
N GLY D 99 14.99 56.89 25.03
CA GLY D 99 14.02 57.94 25.24
C GLY D 99 13.71 58.71 23.97
N THR D 100 12.51 59.29 23.95
CA THR D 100 12.03 60.13 22.86
C THR D 100 11.80 61.52 23.42
N THR D 101 12.50 62.51 22.87
CA THR D 101 12.41 63.88 23.35
C THR D 101 11.22 64.57 22.69
N LEU D 102 10.13 64.72 23.42
CA LEU D 102 8.95 65.41 22.91
C LEU D 102 9.23 66.91 22.91
N ILE D 103 9.07 67.55 21.76
CA ILE D 103 9.38 68.97 21.56
C ILE D 103 8.06 69.67 21.29
N VAL D 104 7.73 70.66 22.13
CA VAL D 104 6.50 71.43 22.01
C VAL D 104 6.81 72.71 21.25
N LEU D 105 6.06 72.94 20.17
CA LEU D 105 6.27 74.14 19.34
C LEU D 105 5.48 75.31 19.92
N SER D 106 6.04 75.87 20.97
CA SER D 106 5.44 77.02 21.67
C SER D 106 6.48 78.13 21.85
N TRP E 40 -48.93 -35.51 15.09
CA TRP E 40 -49.10 -34.76 16.33
C TRP E 40 -48.06 -33.65 16.47
N VAL E 41 -46.94 -33.77 15.73
CA VAL E 41 -45.97 -32.68 15.71
C VAL E 41 -46.51 -31.55 14.86
N THR E 42 -46.26 -30.31 15.29
CA THR E 42 -46.70 -29.11 14.60
C THR E 42 -45.56 -28.11 14.56
N VAL E 43 -45.28 -27.61 13.36
CA VAL E 43 -44.16 -26.70 13.10
C VAL E 43 -44.70 -25.28 13.09
N TYR E 44 -43.99 -24.39 13.79
CA TYR E 44 -44.32 -22.98 13.88
C TYR E 44 -43.13 -22.16 13.42
N TYR E 45 -43.39 -21.21 12.52
CA TYR E 45 -42.39 -20.28 12.00
C TYR E 45 -42.76 -18.87 12.44
N GLY E 46 -41.80 -18.19 13.06
CA GLY E 46 -42.05 -16.91 13.70
C GLY E 46 -42.15 -16.96 15.21
N VAL E 47 -41.74 -18.07 15.82
CA VAL E 47 -41.85 -18.24 17.27
C VAL E 47 -40.94 -17.24 17.97
N PRO E 48 -41.33 -16.65 19.12
CA PRO E 48 -40.36 -15.87 19.90
C PRO E 48 -39.41 -16.73 20.72
N VAL E 49 -38.33 -17.19 20.08
CA VAL E 49 -37.27 -17.92 20.75
C VAL E 49 -35.96 -17.33 20.26
N TRP E 50 -34.97 -17.26 21.16
CA TRP E 50 -33.65 -16.78 20.81
C TRP E 50 -32.59 -17.57 21.57
N LYS E 51 -31.38 -17.57 21.01
CA LYS E 51 -30.23 -18.24 21.59
C LYS E 51 -29.06 -17.27 21.60
N ASP E 52 -28.20 -17.39 22.61
CA ASP E 52 -27.03 -16.52 22.70
C ASP E 52 -26.11 -16.78 21.52
N ALA E 53 -25.69 -15.71 20.85
CA ALA E 53 -24.89 -15.83 19.65
C ALA E 53 -24.05 -14.59 19.44
N GLU E 54 -23.17 -14.65 18.45
CA GLU E 54 -22.28 -13.56 18.08
C GLU E 54 -22.32 -13.38 16.58
N THR E 55 -22.45 -12.13 16.13
CA THR E 55 -22.59 -11.79 14.72
C THR E 55 -21.80 -10.52 14.45
N THR E 56 -21.74 -10.13 13.18
CA THR E 56 -21.11 -8.88 12.76
C THR E 56 -22.14 -7.76 12.85
N LEU E 57 -22.11 -7.00 13.94
CA LEU E 57 -22.94 -5.80 14.04
C LEU E 57 -22.37 -4.72 13.13
N PHE E 58 -23.26 -4.04 12.40
CA PHE E 58 -22.86 -2.90 11.59
C PHE E 58 -23.25 -1.61 12.31
N CYS E 59 -22.94 -0.47 11.71
CA CYS E 59 -23.13 0.83 12.32
C CYS E 59 -24.28 1.58 11.67
N ALA E 60 -24.82 2.52 12.43
CA ALA E 60 -25.86 3.44 11.96
C ALA E 60 -25.65 4.77 12.68
N SER E 61 -25.86 5.86 11.95
CA SER E 61 -25.57 7.19 12.47
C SER E 61 -26.52 8.20 11.83
N ASP E 62 -26.68 9.34 12.50
CA ASP E 62 -27.59 10.38 12.04
C ASP E 62 -26.90 11.25 11.00
N HIS E 71 -15.60 14.03 6.96
CA HIS E 71 -14.24 14.17 7.48
C HIS E 71 -14.20 13.82 8.96
N ASN E 72 -14.19 12.52 9.25
CA ASN E 72 -14.15 12.01 10.61
C ASN E 72 -13.31 10.74 10.62
N VAL E 73 -12.67 10.49 11.77
CA VAL E 73 -11.79 9.33 11.87
C VAL E 73 -12.57 8.03 11.77
N TRP E 74 -13.77 8.00 12.35
CA TRP E 74 -14.54 6.76 12.46
C TRP E 74 -15.53 6.57 11.33
N ALA E 75 -15.27 7.22 10.19
CA ALA E 75 -15.96 6.96 8.92
C ALA E 75 -17.48 6.97 9.06
N THR E 76 -18.01 7.90 9.83
CA THR E 76 -19.44 7.94 10.10
C THR E 76 -20.27 8.26 8.88
N HIS E 77 -19.68 8.86 7.84
CA HIS E 77 -20.40 9.08 6.59
C HIS E 77 -20.80 7.75 5.94
N ALA E 78 -19.97 6.73 6.07
CA ALA E 78 -20.25 5.42 5.48
C ALA E 78 -21.35 4.65 6.21
N CYS E 79 -21.80 5.13 7.37
CA CYS E 79 -22.78 4.39 8.15
C CYS E 79 -24.16 4.48 7.52
N VAL E 80 -24.98 3.47 7.80
CA VAL E 80 -26.38 3.46 7.32
C VAL E 80 -27.14 4.58 8.03
N PRO E 81 -28.06 5.28 7.37
CA PRO E 81 -28.88 6.26 8.11
C PRO E 81 -29.71 5.59 9.19
N THR E 82 -29.51 6.01 10.43
CA THR E 82 -30.22 5.44 11.55
C THR E 82 -31.69 5.86 11.53
N ASP E 83 -32.51 5.09 12.23
CA ASP E 83 -33.93 5.40 12.33
C ASP E 83 -34.10 6.73 13.08
N PRO E 84 -34.86 7.70 12.54
CA PRO E 84 -35.06 8.95 13.32
C PRO E 84 -35.73 8.70 14.66
N ASN E 85 -36.65 7.74 14.73
CA ASN E 85 -37.32 7.35 15.97
C ASN E 85 -37.06 5.86 16.19
N PRO E 86 -36.06 5.47 16.99
CA PRO E 86 -35.83 4.04 17.20
C PRO E 86 -37.03 3.36 17.83
N GLN E 87 -37.30 2.13 17.37
CA GLN E 87 -38.43 1.34 17.84
C GLN E 87 -37.94 0.41 18.93
N GLU E 88 -38.39 0.65 20.16
CA GLU E 88 -38.04 -0.15 21.33
C GLU E 88 -39.29 -0.87 21.82
N ILE E 89 -39.22 -2.20 21.87
CA ILE E 89 -40.35 -3.05 22.21
C ILE E 89 -40.09 -3.63 23.60
N HIS E 90 -40.80 -3.12 24.61
CA HIS E 90 -40.65 -3.64 25.96
C HIS E 90 -41.17 -5.06 26.02
N LEU E 91 -40.28 -6.01 26.24
CA LEU E 91 -40.67 -7.41 26.41
C LEU E 91 -41.13 -7.63 27.85
N GLU E 92 -42.32 -8.21 28.00
CA GLU E 92 -42.92 -8.43 29.31
C GLU E 92 -42.65 -9.86 29.79
N ASN E 93 -42.54 -10.00 31.11
CA ASN E 93 -42.45 -11.28 31.83
C ASN E 93 -41.12 -11.99 31.62
N VAL E 94 -40.22 -11.46 30.80
CA VAL E 94 -39.03 -12.19 30.34
C VAL E 94 -37.83 -11.76 31.17
N THR E 95 -37.06 -12.75 31.62
CA THR E 95 -35.82 -12.54 32.36
C THR E 95 -34.68 -13.15 31.56
N GLU E 96 -33.60 -12.38 31.40
CA GLU E 96 -32.44 -12.78 30.60
C GLU E 96 -31.17 -12.60 31.42
N GLU E 97 -30.22 -13.52 31.24
CA GLU E 97 -28.96 -13.53 31.98
C GLU E 97 -27.90 -12.83 31.15
N PHE E 98 -27.45 -11.66 31.61
CA PHE E 98 -26.45 -10.85 30.94
C PHE E 98 -25.08 -11.09 31.56
N ASN E 99 -24.05 -10.67 30.82
CA ASN E 99 -22.68 -10.68 31.35
C ASN E 99 -21.89 -9.63 30.57
N MET E 100 -21.67 -8.47 31.19
CA MET E 100 -20.97 -7.38 30.51
C MET E 100 -19.49 -7.66 30.31
N TRP E 101 -18.91 -8.56 31.09
CA TRP E 101 -17.47 -8.83 31.03
C TRP E 101 -17.09 -9.90 30.02
N LYS E 102 -18.07 -10.66 29.52
CA LYS E 102 -17.87 -11.58 28.39
C LYS E 102 -18.63 -11.13 27.15
N ASN E 103 -19.00 -9.84 27.09
CA ASN E 103 -19.74 -9.34 25.95
C ASN E 103 -18.85 -9.33 24.71
N ASN E 104 -19.33 -9.95 23.63
CA ASN E 104 -18.61 -9.91 22.36
C ASN E 104 -18.71 -8.56 21.68
N MET E 105 -19.77 -7.80 21.97
CA MET E 105 -19.92 -6.46 21.39
C MET E 105 -18.74 -5.58 21.76
N VAL E 106 -18.20 -5.74 22.97
CA VAL E 106 -17.08 -4.91 23.41
C VAL E 106 -15.83 -5.21 22.61
N GLU E 107 -15.52 -6.50 22.43
CA GLU E 107 -14.33 -6.87 21.66
C GLU E 107 -14.48 -6.45 20.21
N GLN E 108 -15.69 -6.62 19.66
CA GLN E 108 -15.94 -6.21 18.29
C GLN E 108 -15.80 -4.71 18.12
N MET E 109 -16.29 -3.93 19.09
CA MET E 109 -16.13 -2.48 19.02
C MET E 109 -14.67 -2.09 19.12
N HIS E 110 -13.90 -2.78 19.98
CA HIS E 110 -12.47 -2.50 20.06
C HIS E 110 -11.80 -2.71 18.72
N THR E 111 -12.12 -3.84 18.07
CA THR E 111 -11.56 -4.12 16.75
C THR E 111 -11.99 -3.06 15.74
N ASP E 112 -13.26 -2.65 15.78
CA ASP E 112 -13.75 -1.65 14.83
C ASP E 112 -13.04 -0.32 15.01
N ILE E 113 -12.89 0.12 16.26
CA ILE E 113 -12.24 1.39 16.53
C ILE E 113 -10.79 1.35 16.06
N ILE E 114 -10.08 0.25 16.35
CA ILE E 114 -8.70 0.15 15.90
C ILE E 114 -8.63 0.15 14.37
N SER E 115 -9.53 -0.56 13.71
CA SER E 115 -9.51 -0.62 12.25
C SER E 115 -9.81 0.74 11.64
N LEU E 116 -10.75 1.49 12.21
CA LEU E 116 -11.06 2.81 11.70
C LEU E 116 -9.89 3.76 11.90
N TRP E 117 -9.22 3.67 13.05
CA TRP E 117 -8.03 4.47 13.28
C TRP E 117 -6.95 4.16 12.26
N ASP E 118 -6.77 2.87 11.94
CA ASP E 118 -5.79 2.48 10.94
C ASP E 118 -6.15 3.01 9.56
N GLN E 119 -7.41 2.87 9.17
CA GLN E 119 -7.79 3.29 7.81
C GLN E 119 -7.77 4.80 7.65
N SER E 120 -8.06 5.56 8.72
CA SER E 120 -7.96 7.00 8.62
C SER E 120 -6.51 7.46 8.47
N LEU E 121 -5.57 6.71 9.02
CA LEU E 121 -4.15 7.03 8.91
C LEU E 121 -3.51 6.50 7.63
N LYS E 122 -4.21 5.66 6.87
CA LYS E 122 -3.60 5.05 5.69
C LYS E 122 -3.18 6.05 4.62
N PRO E 123 -4.01 7.00 4.19
CA PRO E 123 -3.61 7.88 3.08
C PRO E 123 -2.81 9.11 3.47
N CYS E 124 -2.46 9.28 4.74
CA CYS E 124 -1.86 10.52 5.21
C CYS E 124 -0.33 10.49 5.08
N VAL E 125 0.29 11.63 5.39
CA VAL E 125 1.72 11.79 5.16
C VAL E 125 2.51 10.90 6.11
N LYS E 126 3.63 10.38 5.61
CA LYS E 126 4.58 9.61 6.42
C LYS E 126 5.76 10.52 6.77
N LEU E 127 5.94 10.77 8.07
CA LEU E 127 7.02 11.64 8.54
C LEU E 127 8.29 10.84 8.85
N THR E 128 8.70 10.01 7.91
CA THR E 128 9.96 9.29 8.00
C THR E 128 11.14 10.26 7.95
N PRO E 129 11.14 11.26 7.06
CA PRO E 129 12.22 12.26 7.10
C PRO E 129 12.36 12.98 8.43
N LEU E 130 11.28 13.17 9.18
CA LEU E 130 11.34 14.00 10.38
C LEU E 130 12.21 13.39 11.49
N CYS E 131 12.61 12.13 11.36
CA CYS E 131 13.50 11.49 12.33
C CYS E 131 14.94 11.84 11.99
N VAL E 132 15.44 12.91 12.59
CA VAL E 132 16.82 13.35 12.43
C VAL E 132 17.26 14.06 13.69
N THR E 133 18.57 14.34 13.77
CA THR E 133 19.11 15.13 14.86
C THR E 133 18.57 16.55 14.80
N LEU E 134 18.10 17.06 15.93
CA LEU E 134 17.46 18.36 16.03
C LEU E 134 18.27 19.23 16.98
N GLN E 135 18.67 20.42 16.51
CA GLN E 135 19.34 21.39 17.39
C GLN E 135 18.25 22.16 18.11
N CYS E 136 18.04 21.85 19.38
CA CYS E 136 16.95 22.40 20.17
C CYS E 136 17.47 23.36 21.23
N THR E 137 16.93 24.58 21.22
CA THR E 137 17.08 25.54 22.29
C THR E 137 15.74 25.64 23.03
N ASN E 138 15.72 26.40 24.11
CA ASN E 138 14.47 26.70 24.79
C ASN E 138 13.71 27.74 24.00
N VAL E 139 12.37 27.63 24.04
CA VAL E 139 11.54 28.67 23.47
C VAL E 139 11.79 29.96 24.25
N THR E 140 11.64 31.10 23.56
CA THR E 140 11.89 32.39 24.19
C THR E 140 10.94 32.60 25.35
N ASN E 141 11.48 32.51 26.57
CA ASN E 141 10.69 32.61 27.79
C ASN E 141 11.63 33.03 28.92
N ASN E 142 11.04 33.65 29.94
CA ASN E 142 11.83 34.06 31.09
C ASN E 142 12.04 32.90 32.05
N ILE E 143 10.94 32.39 32.61
CA ILE E 143 10.87 31.40 33.70
C ILE E 143 12.17 31.10 34.45
N MET E 147 9.97 25.13 36.18
CA MET E 147 10.68 24.36 35.16
C MET E 147 10.42 24.96 33.78
N ARG E 148 9.31 24.58 33.15
CA ARG E 148 8.92 25.07 31.83
C ARG E 148 10.04 24.92 30.81
N GLY E 149 10.50 23.69 30.64
CA GLY E 149 11.19 23.28 29.44
C GLY E 149 10.21 22.55 28.53
N GLU E 150 8.91 22.85 28.71
CA GLU E 150 7.87 22.03 28.11
C GLU E 150 7.79 22.22 26.60
N LEU E 151 8.39 23.27 26.07
CA LEU E 151 8.48 23.51 24.64
C LEU E 151 9.92 23.76 24.26
N LYS E 152 10.36 23.15 23.16
CA LYS E 152 11.72 23.24 22.67
C LYS E 152 11.69 23.73 21.23
N ASN E 153 12.43 24.80 20.96
CA ASN E 153 12.57 25.35 19.62
C ASN E 153 13.68 24.58 18.90
N CYS E 154 13.28 23.69 17.99
CA CYS E 154 14.18 22.70 17.40
C CYS E 154 14.34 22.99 15.92
N SER E 155 15.59 23.10 15.47
CA SER E 155 15.93 23.35 14.08
C SER E 155 16.55 22.10 13.46
N PHE E 156 16.22 21.85 12.19
CA PHE E 156 16.69 20.66 11.50
C PHE E 156 16.79 20.93 9.99
N ASN E 157 17.55 20.07 9.31
CA ASN E 157 17.71 20.09 7.86
C ASN E 157 16.68 19.14 7.27
N MET E 158 15.60 19.69 6.72
CA MET E 158 14.56 18.88 6.12
C MET E 158 14.77 18.75 4.62
N THR E 159 14.32 17.64 4.07
CA THR E 159 14.30 17.44 2.63
C THR E 159 13.28 18.37 1.99
N THR E 160 13.63 18.89 0.82
CA THR E 160 12.79 19.82 0.06
C THR E 160 12.05 19.03 -1.03
N GLU E 161 11.37 19.76 -1.91
CA GLU E 161 10.68 19.10 -3.03
C GLU E 161 11.71 18.43 -3.94
N LEU E 162 12.89 19.02 -4.07
CA LEU E 162 13.98 18.46 -4.87
C LEU E 162 14.82 17.55 -3.99
N ARG E 163 15.10 16.34 -4.47
CA ARG E 163 15.86 15.37 -3.70
C ARG E 163 17.31 15.78 -3.46
N ASP E 164 17.85 16.70 -4.26
CA ASP E 164 19.25 17.09 -4.15
C ASP E 164 19.44 18.39 -3.36
N LYS E 165 18.41 18.87 -2.67
CA LYS E 165 18.45 20.11 -1.90
C LYS E 165 17.93 19.85 -0.49
N LYS E 166 18.31 20.73 0.43
CA LYS E 166 17.87 20.66 1.82
C LYS E 166 17.58 22.06 2.33
N GLN E 167 16.69 22.14 3.31
CA GLN E 167 16.22 23.41 3.87
C GLN E 167 16.39 23.40 5.38
N LYS E 168 16.89 24.51 5.91
CA LYS E 168 17.03 24.68 7.35
C LYS E 168 15.71 25.24 7.87
N VAL E 169 14.95 24.41 8.59
CA VAL E 169 13.65 24.77 9.12
C VAL E 169 13.66 24.57 10.62
N TYR E 170 12.60 25.04 11.28
CA TYR E 170 12.48 24.90 12.72
C TYR E 170 11.03 24.62 13.09
N SER E 171 10.84 24.22 14.34
CA SER E 171 9.54 23.79 14.84
C SER E 171 9.60 23.75 16.36
N LEU E 172 8.47 24.07 17.00
CA LEU E 172 8.34 23.94 18.44
C LEU E 172 7.81 22.54 18.76
N PHE E 173 8.60 21.77 19.49
CA PHE E 173 8.26 20.40 19.88
C PHE E 173 8.12 20.33 21.38
N TYR E 174 7.09 19.64 21.86
CA TYR E 174 6.95 19.45 23.29
C TYR E 174 8.10 18.58 23.80
N ARG E 175 8.45 18.76 25.07
CA ARG E 175 9.56 18.01 25.65
C ARG E 175 9.26 16.52 25.72
N LEU E 176 7.99 16.14 25.88
CA LEU E 176 7.63 14.73 25.88
C LEU E 176 7.82 14.07 24.52
N ASP E 177 7.88 14.86 23.44
CA ASP E 177 8.04 14.35 22.09
C ASP E 177 9.48 14.30 21.62
N VAL E 178 10.44 14.74 22.42
CA VAL E 178 11.86 14.74 22.04
C VAL E 178 12.68 14.18 23.19
N VAL E 179 13.60 13.28 22.87
CA VAL E 179 14.58 12.76 23.81
C VAL E 179 15.96 13.28 23.39
N GLN E 180 16.84 13.43 24.38
CA GLN E 180 18.17 13.97 24.15
C GLN E 180 19.12 12.85 23.78
N ILE E 181 19.90 13.05 22.72
CA ILE E 181 20.95 12.13 22.29
C ILE E 181 22.29 12.75 22.60
N ASN E 182 23.23 11.92 23.08
CA ASN E 182 24.55 12.37 23.51
C ASN E 182 24.42 13.39 24.63
N SER E 192 26.76 19.24 21.72
CA SER E 192 26.12 17.93 21.65
C SER E 192 25.00 17.80 22.67
N ASN E 193 25.07 18.58 23.75
CA ASN E 193 23.98 18.60 24.73
C ASN E 193 22.70 19.21 24.17
N LYS E 194 22.77 19.92 23.05
CA LYS E 194 21.60 20.50 22.40
C LYS E 194 20.99 19.57 21.36
N GLU E 195 21.60 18.41 21.09
CA GLU E 195 21.10 17.51 20.05
C GLU E 195 20.01 16.61 20.62
N TYR E 196 18.92 16.48 19.88
CA TYR E 196 17.72 15.76 20.27
C TYR E 196 17.26 14.86 19.12
N ARG E 197 16.20 14.10 19.38
CA ARG E 197 15.52 13.35 18.34
C ARG E 197 14.09 13.08 18.81
N LEU E 198 13.21 12.81 17.86
CA LEU E 198 11.83 12.49 18.22
C LEU E 198 11.81 11.18 19.03
N ILE E 199 10.84 11.09 19.93
CA ILE E 199 10.78 9.98 20.88
C ILE E 199 10.63 8.64 20.19
N ASN E 200 10.02 8.62 19.01
CA ASN E 200 9.63 7.39 18.35
C ASN E 200 10.64 6.88 17.33
N CYS E 201 11.77 7.56 17.15
CA CYS E 201 12.67 7.17 16.07
C CYS E 201 13.29 5.81 16.28
N ASN E 202 13.56 5.43 17.52
CA ASN E 202 14.23 4.18 17.82
C ASN E 202 13.28 3.03 18.14
N THR E 203 11.97 3.24 17.95
CA THR E 203 10.98 2.18 18.20
C THR E 203 9.88 2.07 17.15
N SER E 204 9.66 3.05 16.29
CA SER E 204 8.47 3.07 15.45
C SER E 204 8.63 4.04 14.30
N ALA E 205 7.72 3.90 13.33
CA ALA E 205 7.59 4.83 12.21
C ALA E 205 6.34 5.68 12.42
N ILE E 206 6.46 6.98 12.17
CA ILE E 206 5.47 7.97 12.55
C ILE E 206 4.74 8.45 11.30
N THR E 207 3.42 8.56 11.40
CA THR E 207 2.55 8.94 10.30
C THR E 207 1.68 10.11 10.73
N GLN E 208 1.87 11.26 10.09
CA GLN E 208 1.12 12.47 10.42
C GLN E 208 -0.36 12.22 10.18
N ALA E 209 -1.18 12.49 11.20
CA ALA E 209 -2.62 12.47 11.03
C ALA E 209 -3.02 13.57 10.05
N CYS E 210 -3.98 13.26 9.19
CA CYS E 210 -4.41 14.23 8.19
C CYS E 210 -5.04 15.43 8.91
N PRO E 211 -4.71 16.67 8.51
CA PRO E 211 -5.22 17.82 9.27
C PRO E 211 -6.74 18.00 9.17
N LYS E 212 -7.38 17.40 8.17
CA LYS E 212 -8.80 17.64 7.91
C LYS E 212 -9.72 16.62 8.55
N VAL E 213 -9.23 15.42 8.85
CA VAL E 213 -10.04 14.43 9.56
C VAL E 213 -10.08 14.79 11.04
N SER E 214 -11.28 14.79 11.61
CA SER E 214 -11.50 15.20 12.99
C SER E 214 -11.46 13.99 13.91
N PHE E 215 -10.98 14.21 15.13
CA PHE E 215 -10.97 13.20 16.19
C PHE E 215 -12.22 13.27 17.07
N GLU E 216 -13.18 14.12 16.74
CA GLU E 216 -14.35 14.31 17.60
C GLU E 216 -15.16 13.02 17.65
N PRO E 217 -15.52 12.51 18.84
CA PRO E 217 -16.35 11.31 18.89
C PRO E 217 -17.78 11.60 18.44
N ILE E 218 -18.17 11.03 17.32
CA ILE E 218 -19.53 11.09 16.80
C ILE E 218 -20.25 9.84 17.28
N PRO E 219 -21.48 9.94 17.82
CA PRO E 219 -22.15 8.73 18.31
C PRO E 219 -22.37 7.70 17.21
N ILE E 220 -22.22 6.43 17.59
CA ILE E 220 -22.33 5.30 16.68
C ILE E 220 -23.34 4.32 17.27
N HIS E 221 -24.32 3.93 16.47
CA HIS E 221 -25.37 2.99 16.90
C HIS E 221 -25.06 1.63 16.29
N TYR E 222 -24.84 0.63 17.14
CA TYR E 222 -24.45 -0.71 16.69
C TYR E 222 -25.72 -1.53 16.47
N CYS E 223 -26.06 -1.76 15.21
CA CYS E 223 -27.25 -2.50 14.82
C CYS E 223 -26.86 -3.92 14.40
N ALA E 224 -27.64 -4.90 14.86
CA ALA E 224 -27.41 -6.28 14.45
C ALA E 224 -28.12 -6.57 13.13
N PRO E 225 -27.66 -7.56 12.36
CA PRO E 225 -28.33 -7.89 11.11
C PRO E 225 -29.74 -8.42 11.35
N ALA E 226 -30.49 -8.55 10.26
CA ALA E 226 -31.80 -9.17 10.31
C ALA E 226 -31.65 -10.63 10.68
N GLY E 227 -32.62 -11.14 11.45
CA GLY E 227 -32.52 -12.46 12.04
C GLY E 227 -31.79 -12.49 13.37
N PHE E 228 -31.23 -11.37 13.81
CA PHE E 228 -30.65 -11.21 15.13
C PHE E 228 -31.35 -10.06 15.83
N ALA E 229 -31.07 -9.91 17.12
CA ALA E 229 -31.64 -8.83 17.90
C ALA E 229 -30.68 -8.45 19.02
N ILE E 230 -30.92 -7.27 19.60
CA ILE E 230 -30.16 -6.77 20.74
C ILE E 230 -31.12 -6.59 21.90
N LEU E 231 -30.71 -7.06 23.08
CA LEU E 231 -31.54 -7.04 24.28
C LEU E 231 -30.97 -6.02 25.24
N LYS E 232 -31.68 -4.90 25.39
CA LYS E 232 -31.30 -3.85 26.34
C LYS E 232 -31.93 -4.18 27.69
N CYS E 233 -31.11 -4.23 28.74
CA CYS E 233 -31.62 -4.41 30.09
C CYS E 233 -31.94 -3.05 30.70
N LYS E 234 -33.22 -2.80 30.96
CA LYS E 234 -33.68 -1.51 31.44
C LYS E 234 -33.62 -1.38 32.97
N ASP E 235 -33.18 -2.42 33.67
CA ASP E 235 -33.13 -2.37 35.13
C ASP E 235 -32.11 -1.33 35.57
N LYS E 236 -32.58 -0.34 36.34
CA LYS E 236 -31.72 0.76 36.76
C LYS E 236 -30.57 0.26 37.62
N LYS E 237 -30.88 -0.49 38.69
CA LYS E 237 -29.85 -1.12 39.50
C LYS E 237 -29.41 -2.37 38.76
N PHE E 238 -28.41 -2.22 37.89
CA PHE E 238 -27.78 -3.33 37.20
C PHE E 238 -26.37 -3.51 37.74
N ASN E 239 -26.14 -4.60 38.47
CA ASN E 239 -24.79 -4.93 38.91
C ASN E 239 -23.86 -5.27 37.75
N GLY E 240 -24.40 -5.54 36.56
CA GLY E 240 -23.61 -5.75 35.36
C GLY E 240 -23.77 -7.13 34.76
N THR E 241 -23.89 -8.14 35.61
CA THR E 241 -24.05 -9.52 35.18
C THR E 241 -25.27 -10.14 35.85
N GLY E 242 -25.55 -11.40 35.51
CA GLY E 242 -26.62 -12.13 36.14
C GLY E 242 -27.97 -11.86 35.49
N PRO E 243 -29.05 -12.33 36.11
CA PRO E 243 -30.38 -12.10 35.53
C PRO E 243 -30.83 -10.67 35.71
N CYS E 244 -31.40 -10.12 34.65
CA CYS E 244 -31.97 -8.77 34.67
C CYS E 244 -33.43 -8.82 34.25
N PRO E 245 -34.41 -8.63 35.16
CA PRO E 245 -35.80 -8.50 34.69
C PRO E 245 -36.02 -7.23 33.89
N SER E 246 -37.23 -7.05 33.35
CA SER E 246 -37.59 -5.89 32.53
C SER E 246 -36.62 -5.71 31.36
N VAL E 247 -36.51 -6.77 30.55
CA VAL E 247 -35.69 -6.70 29.33
C VAL E 247 -36.50 -6.02 28.23
N SER E 248 -35.78 -5.51 27.22
CA SER E 248 -36.39 -4.90 26.05
C SER E 248 -35.58 -5.29 24.83
N THR E 249 -36.22 -5.25 23.66
CA THR E 249 -35.58 -5.49 22.38
C THR E 249 -35.36 -4.14 21.71
N VAL E 250 -34.16 -3.96 21.14
CA VAL E 250 -33.83 -2.77 20.36
C VAL E 250 -33.22 -3.23 19.04
N GLN E 251 -33.35 -2.38 18.02
CA GLN E 251 -32.75 -2.67 16.73
C GLN E 251 -31.31 -2.15 16.64
N CYS E 252 -31.01 -1.08 17.37
CA CYS E 252 -29.66 -0.54 17.46
C CYS E 252 -29.42 -0.06 18.87
N THR E 253 -28.15 -0.07 19.28
CA THR E 253 -27.80 0.50 20.58
C THR E 253 -27.89 2.03 20.51
N HIS E 254 -27.86 2.65 21.69
CA HIS E 254 -27.90 4.10 21.74
C HIS E 254 -26.60 4.66 21.16
N GLY E 255 -26.60 5.97 20.95
CA GLY E 255 -25.41 6.62 20.43
C GLY E 255 -24.26 6.53 21.41
N ILE E 256 -23.29 5.66 21.10
CA ILE E 256 -22.13 5.44 21.96
C ILE E 256 -20.99 6.23 21.37
N LYS E 257 -20.62 7.33 22.00
CA LYS E 257 -19.52 8.15 21.52
C LYS E 257 -18.21 7.39 21.73
N PRO E 258 -17.36 7.20 20.68
CA PRO E 258 -16.06 6.56 20.95
C PRO E 258 -15.06 7.52 21.58
N VAL E 259 -15.15 7.65 22.90
CA VAL E 259 -14.31 8.55 23.67
C VAL E 259 -13.18 7.73 24.30
N VAL E 260 -11.96 7.94 23.82
CA VAL E 260 -10.79 7.27 24.38
C VAL E 260 -10.25 8.12 25.53
N SER E 261 -10.02 7.47 26.67
CA SER E 261 -9.50 8.17 27.83
C SER E 261 -9.12 7.15 28.90
N THR E 262 -8.40 7.62 29.91
CA THR E 262 -7.97 6.81 31.04
C THR E 262 -8.27 7.55 32.33
N GLN E 263 -8.60 6.78 33.38
CA GLN E 263 -8.86 7.27 34.73
C GLN E 263 -10.18 8.01 34.88
N LEU E 264 -10.88 8.29 33.77
CA LEU E 264 -12.14 9.02 33.81
C LEU E 264 -12.85 8.76 32.50
N LEU E 265 -14.13 8.36 32.58
CA LEU E 265 -14.98 8.20 31.42
C LEU E 265 -15.63 9.54 31.14
N LEU E 266 -15.44 10.06 29.93
CA LEU E 266 -15.93 11.38 29.54
C LEU E 266 -17.01 11.24 28.47
N ASN E 267 -17.99 12.14 28.54
CA ASN E 267 -19.10 12.19 27.59
C ASN E 267 -19.82 10.84 27.50
N GLY E 268 -20.02 10.23 28.67
CA GLY E 268 -20.64 8.92 28.77
C GLY E 268 -22.10 8.99 29.19
N SER E 269 -22.72 7.82 29.18
CA SER E 269 -24.09 7.68 29.65
C SER E 269 -24.09 7.48 31.17
N LEU E 270 -25.02 8.14 31.84
CA LEU E 270 -25.10 8.17 33.30
C LEU E 270 -26.12 7.17 33.81
N ALA E 271 -25.87 6.68 35.02
CA ALA E 271 -26.86 5.88 35.72
C ALA E 271 -28.07 6.75 36.07
N GLU E 272 -29.22 6.09 36.21
CA GLU E 272 -30.47 6.79 36.47
C GLU E 272 -30.83 6.85 37.95
N GLU E 273 -30.55 5.80 38.71
CA GLU E 273 -30.97 5.70 40.10
C GLU E 273 -29.86 6.06 41.08
N GLU E 274 -28.73 5.35 41.02
CA GLU E 274 -27.64 5.51 41.97
C GLU E 274 -26.32 5.48 41.22
N VAL E 275 -25.25 5.89 41.90
CA VAL E 275 -23.92 5.56 41.44
C VAL E 275 -23.81 4.04 41.38
N MET E 276 -23.10 3.53 40.37
CA MET E 276 -23.04 2.10 40.12
C MET E 276 -21.60 1.64 40.08
N ILE E 277 -21.28 0.61 40.85
CA ILE E 277 -19.96 0.00 40.92
C ILE E 277 -20.04 -1.33 40.18
N ARG E 278 -19.17 -1.53 39.19
CA ARG E 278 -19.21 -2.74 38.35
C ARG E 278 -17.78 -3.24 38.21
N SER E 279 -17.51 -4.42 38.76
CA SER E 279 -16.25 -5.11 38.58
C SER E 279 -16.51 -6.58 38.31
N GLU E 280 -15.65 -7.17 37.48
CA GLU E 280 -15.80 -8.58 37.14
C GLU E 280 -15.69 -9.43 38.39
N ASN E 281 -14.69 -9.16 39.21
CA ASN E 281 -14.58 -9.68 40.56
C ASN E 281 -14.11 -8.54 41.47
N ILE E 282 -14.86 -8.27 42.54
CA ILE E 282 -14.49 -7.22 43.48
C ILE E 282 -13.43 -7.72 44.46
N THR E 283 -13.03 -8.99 44.35
CA THR E 283 -11.93 -9.55 45.11
C THR E 283 -10.62 -9.59 44.35
N ASN E 284 -10.67 -9.51 43.02
CA ASN E 284 -9.47 -9.55 42.19
C ASN E 284 -8.97 -8.13 41.95
N ASN E 285 -7.73 -7.83 42.35
CA ASN E 285 -7.21 -6.49 42.14
C ASN E 285 -6.97 -6.21 40.66
N ALA E 286 -6.54 -7.23 39.91
CA ALA E 286 -6.23 -7.07 38.50
C ALA E 286 -7.43 -6.60 37.69
N LYS E 287 -8.64 -6.81 38.21
CA LYS E 287 -9.87 -6.35 37.58
C LYS E 287 -10.13 -4.91 37.98
N ASN E 288 -10.29 -4.04 36.99
CA ASN E 288 -10.60 -2.64 37.26
C ASN E 288 -12.04 -2.51 37.73
N ILE E 289 -12.30 -1.46 38.50
CA ILE E 289 -13.62 -1.17 39.05
C ILE E 289 -14.20 -0.01 38.24
N LEU E 290 -15.20 -0.29 37.41
CA LEU E 290 -15.86 0.73 36.61
C LEU E 290 -16.93 1.39 37.48
N VAL E 291 -16.75 2.69 37.73
CA VAL E 291 -17.70 3.48 38.50
C VAL E 291 -18.49 4.35 37.53
N GLN E 292 -19.81 4.37 37.70
CA GLN E 292 -20.71 5.15 36.87
C GLN E 292 -21.46 6.14 37.76
N PHE E 293 -21.48 7.40 37.33
CA PHE E 293 -22.06 8.50 38.10
C PHE E 293 -23.50 8.74 37.68
N ASN E 294 -24.37 8.93 38.66
CA ASN E 294 -25.76 9.29 38.37
C ASN E 294 -25.89 10.74 37.94
N THR E 295 -24.94 11.61 38.32
CA THR E 295 -24.88 13.00 37.90
C THR E 295 -23.47 13.30 37.38
N PRO E 296 -23.33 14.05 36.29
CA PRO E 296 -21.98 14.28 35.76
C PRO E 296 -21.23 15.33 36.55
N VAL E 297 -19.90 15.25 36.50
CA VAL E 297 -19.03 16.29 37.03
C VAL E 297 -18.39 17.00 35.83
N GLN E 298 -18.75 18.26 35.62
CA GLN E 298 -18.25 18.97 34.45
C GLN E 298 -16.76 19.26 34.61
N ILE E 299 -16.01 19.06 33.53
CA ILE E 299 -14.57 19.32 33.49
C ILE E 299 -14.29 20.25 32.31
N ASN E 300 -13.63 21.38 32.59
CA ASN E 300 -13.35 22.41 31.60
C ASN E 300 -11.86 22.48 31.32
N CYS E 301 -11.45 22.26 30.08
CA CYS E 301 -10.04 22.41 29.73
C CYS E 301 -9.80 23.71 29.01
N THR E 302 -8.55 24.15 29.09
CA THR E 302 -8.01 25.13 28.17
C THR E 302 -6.55 24.81 27.88
N ARG E 303 -6.19 24.90 26.60
CA ARG E 303 -4.81 25.00 26.14
C ARG E 303 -4.57 26.46 25.83
N PRO E 304 -4.12 27.28 26.77
CA PRO E 304 -4.10 28.74 26.55
C PRO E 304 -3.11 29.21 25.51
N ASN E 305 -2.24 28.35 24.98
CA ASN E 305 -1.26 28.76 23.98
C ASN E 305 -1.95 28.94 22.64
N ASN E 306 -1.54 29.98 21.90
CA ASN E 306 -2.13 30.25 20.61
C ASN E 306 -1.65 29.26 19.55
N ASN E 307 -0.36 28.95 19.51
CA ASN E 307 0.19 27.85 18.72
C ASN E 307 -0.20 27.90 17.25
N THR E 308 0.29 28.89 16.51
CA THR E 308 0.08 28.90 15.06
C THR E 308 0.77 27.69 14.45
N ARG E 309 0.27 27.26 13.29
CA ARG E 309 0.90 26.19 12.52
C ARG E 309 1.63 26.77 11.31
N LYS E 310 2.42 25.91 10.68
CA LYS E 310 3.26 26.32 9.56
C LYS E 310 3.57 25.08 8.73
N SER E 311 3.30 25.14 7.43
CA SER E 311 3.53 24.01 6.55
C SER E 311 4.95 24.02 6.02
N ILE E 312 5.65 22.91 6.22
CA ILE E 312 6.98 22.68 5.67
C ILE E 312 6.84 21.57 4.64
N ARG E 313 7.16 21.85 3.38
CA ARG E 313 7.05 20.85 2.33
C ARG E 313 8.24 19.91 2.46
N ILE E 314 7.97 18.68 2.91
CA ILE E 314 9.03 17.70 3.15
C ILE E 314 9.34 16.87 1.90
N GLY E 315 8.48 16.90 0.89
CA GLY E 315 8.71 16.19 -0.33
C GLY E 315 7.76 16.63 -1.42
N PRO E 316 7.77 15.97 -2.57
CA PRO E 316 6.82 16.33 -3.63
C PRO E 316 5.39 16.01 -3.21
N GLY E 317 4.61 17.05 -3.00
CA GLY E 317 3.23 16.88 -2.61
C GLY E 317 3.02 16.34 -1.22
N GLN E 318 3.98 16.59 -0.30
CA GLN E 318 3.90 16.12 1.07
C GLN E 318 4.27 17.26 2.00
N ALA E 319 3.35 17.61 2.89
CA ALA E 319 3.51 18.72 3.83
C ALA E 319 3.60 18.19 5.25
N PHE E 320 4.27 18.95 6.11
CA PHE E 320 4.44 18.66 7.52
C PHE E 320 4.06 19.91 8.29
N TYR E 321 2.99 19.82 9.07
CA TYR E 321 2.47 20.98 9.78
C TYR E 321 3.14 21.05 11.15
N ALA E 322 3.94 22.09 11.35
CA ALA E 322 4.78 22.26 12.53
C ALA E 322 4.37 23.53 13.26
N THR E 323 4.49 23.50 14.59
CA THR E 323 4.22 24.70 15.36
C THR E 323 5.27 25.75 15.08
N GLY E 324 4.83 26.98 14.92
CA GLY E 324 5.68 28.15 14.79
C GLY E 324 5.70 28.98 16.06
N ASP E 325 5.79 30.28 15.89
CA ASP E 325 5.80 31.19 17.04
C ASP E 325 4.47 31.12 17.78
N ILE E 326 4.55 31.26 19.10
CA ILE E 326 3.37 31.34 19.95
C ILE E 326 2.96 32.80 20.07
N ILE E 327 1.68 33.08 19.79
CA ILE E 327 1.15 34.44 19.86
C ILE E 327 0.53 34.60 21.24
N GLY E 328 1.35 35.06 22.20
CA GLY E 328 0.90 35.35 23.54
C GLY E 328 1.87 34.86 24.56
N ASP E 329 1.34 34.47 25.71
CA ASP E 329 2.15 34.01 26.82
C ASP E 329 2.21 32.48 26.79
N ILE E 330 3.36 31.95 27.19
CA ILE E 330 3.54 30.50 27.31
C ILE E 330 2.98 30.08 28.65
N ARG E 331 1.82 29.44 28.61
CA ARG E 331 1.04 29.09 29.79
C ARG E 331 0.80 27.58 29.79
N GLN E 332 0.83 27.00 30.98
CA GLN E 332 0.55 25.58 31.12
C GLN E 332 -0.91 25.30 30.84
N ALA E 333 -1.17 24.23 30.09
CA ALA E 333 -2.54 23.80 29.84
C ALA E 333 -3.11 23.13 31.07
N HIS E 334 -4.44 23.11 31.15
CA HIS E 334 -5.05 22.51 32.33
C HIS E 334 -6.49 22.14 32.05
N CYS E 335 -7.08 21.36 32.96
CA CYS E 335 -8.53 21.23 33.02
C CYS E 335 -8.98 21.36 34.48
N ASN E 336 -10.10 22.06 34.67
CA ASN E 336 -10.68 22.37 35.97
C ASN E 336 -11.86 21.45 36.24
N VAL E 337 -12.02 21.06 37.50
CA VAL E 337 -13.17 20.29 37.98
C VAL E 337 -13.68 20.98 39.24
N SER E 338 -14.99 21.22 39.30
CA SER E 338 -15.56 21.88 40.47
C SER E 338 -15.27 21.07 41.73
N LYS E 339 -14.84 21.76 42.79
CA LYS E 339 -14.46 21.07 44.01
C LYS E 339 -15.70 20.59 44.77
N ALA E 340 -16.73 21.43 44.86
CA ALA E 340 -17.91 21.09 45.64
C ALA E 340 -18.75 19.99 44.99
N THR E 341 -18.59 19.76 43.69
CA THR E 341 -19.27 18.68 43.00
C THR E 341 -18.48 17.38 43.05
N TRP E 342 -17.17 17.46 42.73
CA TRP E 342 -16.33 16.28 42.77
C TRP E 342 -16.27 15.70 44.17
N ASN E 343 -16.17 16.56 45.17
CA ASN E 343 -16.56 16.14 46.51
C ASN E 343 -18.08 16.04 46.55
N GLU E 344 -18.55 15.01 47.24
CA GLU E 344 -19.92 14.48 47.23
C GLU E 344 -20.22 13.63 46.00
N THR E 345 -19.46 13.79 44.91
CA THR E 345 -19.45 12.73 43.91
C THR E 345 -18.62 11.57 44.42
N LEU E 346 -17.42 11.88 44.93
CA LEU E 346 -16.66 10.88 45.66
C LEU E 346 -17.39 10.43 46.91
N GLY E 347 -18.27 11.27 47.46
CA GLY E 347 -19.11 10.84 48.58
C GLY E 347 -20.04 9.71 48.19
N LYS E 348 -20.76 9.89 47.07
CA LYS E 348 -21.62 8.81 46.58
C LYS E 348 -20.80 7.57 46.24
N VAL E 349 -19.63 7.78 45.64
CA VAL E 349 -18.78 6.64 45.28
C VAL E 349 -18.33 5.88 46.52
N VAL E 350 -17.96 6.58 47.60
CA VAL E 350 -17.50 5.88 48.79
C VAL E 350 -18.65 5.18 49.47
N LYS E 351 -19.86 5.76 49.45
CA LYS E 351 -21.02 5.03 49.97
C LYS E 351 -21.20 3.71 49.22
N GLN E 352 -21.19 3.77 47.89
CA GLN E 352 -21.43 2.57 47.11
C GLN E 352 -20.28 1.58 47.21
N LEU E 353 -19.07 2.06 47.50
CA LEU E 353 -17.93 1.14 47.70
C LEU E 353 -17.98 0.51 49.09
N ARG E 354 -18.42 1.27 50.09
CA ARG E 354 -18.59 0.71 51.43
C ARG E 354 -19.69 -0.33 51.45
N LYS E 355 -20.65 -0.24 50.50
CA LYS E 355 -21.62 -1.32 50.37
C LYS E 355 -20.94 -2.66 50.12
N HIS E 356 -19.96 -2.70 49.21
CA HIS E 356 -19.22 -3.92 48.94
C HIS E 356 -18.19 -4.26 50.00
N PHE E 357 -17.55 -3.25 50.60
CA PHE E 357 -16.39 -3.46 51.46
C PHE E 357 -16.73 -3.33 52.95
N GLY E 358 -18.00 -3.34 53.31
CA GLY E 358 -18.41 -3.17 54.68
C GLY E 358 -18.40 -1.70 55.10
N ASN E 359 -19.12 -1.43 56.19
CA ASN E 359 -19.31 -0.06 56.66
C ASN E 359 -18.14 0.48 57.48
N ASN E 360 -17.30 -0.38 58.03
CA ASN E 360 -16.22 0.04 58.92
C ASN E 360 -14.90 0.29 58.20
N THR E 361 -14.81 0.04 56.89
CA THR E 361 -13.57 0.27 56.17
C THR E 361 -13.34 1.76 55.97
N ILE E 362 -12.08 2.11 55.73
CA ILE E 362 -11.65 3.46 55.43
C ILE E 362 -11.28 3.48 53.95
N ILE E 363 -12.11 4.13 53.14
CA ILE E 363 -11.98 4.09 51.70
C ILE E 363 -11.11 5.26 51.26
N ARG E 364 -9.80 5.04 51.18
CA ARG E 364 -8.85 6.04 50.75
C ARG E 364 -8.81 6.11 49.23
N PHE E 365 -8.52 7.29 48.70
CA PHE E 365 -8.30 7.52 47.28
C PHE E 365 -6.92 8.12 47.10
N ALA E 366 -6.00 7.34 46.54
CA ALA E 366 -4.66 7.80 46.21
C ALA E 366 -4.57 8.02 44.71
N ASN E 367 -3.48 8.66 44.28
CA ASN E 367 -3.22 8.92 42.88
C ASN E 367 -2.49 7.74 42.25
N SER E 368 -2.24 7.85 40.95
CA SER E 368 -1.75 6.70 40.17
C SER E 368 -0.39 6.23 40.69
N SER E 369 -0.27 4.91 40.82
CA SER E 369 0.96 4.34 41.37
C SER E 369 2.14 4.49 40.40
N GLY E 370 1.91 4.31 39.11
CA GLY E 370 2.97 4.46 38.14
C GLY E 370 2.57 3.86 36.80
N GLY E 371 3.59 3.73 35.95
CA GLY E 371 3.42 3.15 34.62
C GLY E 371 3.73 4.12 33.50
N ASP E 372 3.08 3.94 32.36
CA ASP E 372 3.24 4.83 31.24
C ASP E 372 2.53 6.15 31.50
N LEU E 373 2.80 7.14 30.64
CA LEU E 373 2.09 8.41 30.75
C LEU E 373 0.61 8.24 30.46
N GLU E 374 0.25 7.28 29.61
CA GLU E 374 -1.14 7.11 29.22
C GLU E 374 -2.03 6.66 30.38
N VAL E 375 -1.46 6.11 31.45
CA VAL E 375 -2.22 5.56 32.56
C VAL E 375 -1.86 6.17 33.90
N THR E 376 -0.77 6.94 33.99
CA THR E 376 -0.52 7.72 35.20
C THR E 376 -1.30 9.02 35.21
N THR E 377 -1.88 9.40 34.08
CA THR E 377 -2.57 10.67 33.91
C THR E 377 -3.88 10.43 33.18
N HIS E 378 -4.84 11.32 33.41
CA HIS E 378 -6.07 11.33 32.66
C HIS E 378 -5.76 11.75 31.24
N SER E 379 -5.57 10.77 30.36
CA SER E 379 -5.26 11.03 28.97
C SER E 379 -6.56 11.18 28.19
N PHE E 380 -6.54 12.02 27.16
CA PHE E 380 -7.72 12.21 26.32
C PHE E 380 -7.36 13.10 25.13
N ASN E 381 -8.32 13.25 24.23
CA ASN E 381 -8.21 14.11 23.05
C ASN E 381 -9.24 15.22 23.18
N CYS E 382 -8.77 16.46 23.24
CA CYS E 382 -9.61 17.64 23.42
C CYS E 382 -9.25 18.64 22.33
N GLY E 383 -10.24 19.01 21.53
CA GLY E 383 -10.05 19.95 20.45
C GLY E 383 -9.05 19.51 19.41
N GLY E 384 -8.76 18.21 19.34
CA GLY E 384 -7.78 17.66 18.43
C GLY E 384 -6.38 17.53 19.00
N GLU E 385 -6.12 18.06 20.20
CA GLU E 385 -4.82 17.93 20.87
C GLU E 385 -4.91 16.89 21.97
N PHE E 386 -3.83 16.16 22.18
CA PHE E 386 -3.82 15.02 23.09
C PHE E 386 -3.27 15.46 24.45
N PHE E 387 -4.17 15.58 25.41
CA PHE E 387 -3.91 16.04 26.78
C PHE E 387 -3.62 14.87 27.69
N TYR E 388 -2.81 15.13 28.71
CA TYR E 388 -2.48 14.19 29.79
C TYR E 388 -2.53 14.98 31.09
N CYS E 389 -3.65 14.91 31.80
CA CYS E 389 -3.88 15.70 33.01
C CYS E 389 -3.46 14.94 34.26
N ASN E 390 -2.87 15.65 35.21
CA ASN E 390 -2.22 14.99 36.35
C ASN E 390 -3.24 14.25 37.21
N THR E 391 -4.33 14.92 37.60
CA THR E 391 -5.39 14.35 38.44
C THR E 391 -4.86 13.79 39.75
N SER E 392 -3.81 14.42 40.28
CA SER E 392 -3.34 14.09 41.62
C SER E 392 -4.18 14.76 42.70
N GLY E 393 -4.80 15.88 42.40
CA GLY E 393 -5.66 16.57 43.34
C GLY E 393 -7.06 15.98 43.40
N LEU E 394 -7.51 15.39 42.30
CA LEU E 394 -8.82 14.74 42.29
C LEU E 394 -8.83 13.57 43.26
N PHE E 395 -7.86 12.66 43.12
CA PHE E 395 -7.84 11.42 43.89
C PHE E 395 -7.03 11.62 45.17
N ASN E 396 -7.58 12.46 46.03
CA ASN E 396 -6.97 12.89 47.28
C ASN E 396 -8.02 13.05 48.39
N SER E 397 -8.12 12.01 49.22
CA SER E 397 -8.96 12.04 50.42
C SER E 397 -8.84 10.74 51.21
N THR E 398 -9.21 10.77 52.49
CA THR E 398 -9.26 9.55 53.29
C THR E 398 -10.67 8.95 53.28
N TRP E 399 -11.70 9.80 53.44
CA TRP E 399 -13.09 9.36 53.44
C TRP E 399 -13.34 8.31 54.51
N ILE E 400 -13.19 8.71 55.77
CA ILE E 400 -13.48 7.81 56.88
C ILE E 400 -14.98 7.51 56.89
N ASP E 415 -14.84 25.84 44.05
CA ASP E 415 -13.59 26.60 44.00
C ASP E 415 -12.59 26.06 42.98
N SER E 416 -13.01 25.07 42.18
CA SER E 416 -12.21 24.50 41.09
C SER E 416 -10.99 23.74 41.62
N ILE E 417 -10.57 22.74 40.86
CA ILE E 417 -9.37 21.97 41.13
C ILE E 417 -8.58 21.97 39.82
N THR E 418 -7.69 22.94 39.67
CA THR E 418 -6.92 23.06 38.43
C THR E 418 -5.96 21.88 38.31
N LEU E 419 -6.20 21.01 37.34
CA LEU E 419 -5.33 19.89 37.08
C LEU E 419 -4.39 20.27 35.94
N PRO E 420 -3.07 20.38 36.17
CA PRO E 420 -2.17 20.74 35.08
C PRO E 420 -2.00 19.58 34.11
N CYS E 421 -2.11 19.86 32.83
CA CYS E 421 -2.04 18.85 31.79
C CYS E 421 -0.90 19.16 30.83
N ARG E 422 -0.32 18.10 30.29
CA ARG E 422 0.76 18.18 29.32
C ARG E 422 0.28 17.59 28.00
N ILE E 423 0.59 18.29 26.91
CA ILE E 423 0.16 17.89 25.58
C ILE E 423 1.26 17.08 24.93
N LYS E 424 0.87 16.07 24.14
CA LYS E 424 1.81 15.35 23.30
C LYS E 424 1.31 15.37 21.87
N GLN E 425 2.26 15.26 20.93
CA GLN E 425 1.97 15.15 19.51
C GLN E 425 2.32 13.80 18.93
N ILE E 426 3.28 13.08 19.50
CA ILE E 426 3.60 11.72 19.08
C ILE E 426 2.79 10.79 19.98
N ILE E 427 1.76 10.16 19.41
CA ILE E 427 0.79 9.36 20.14
C ILE E 427 0.85 7.94 19.60
N ASN E 428 1.01 6.98 20.52
CA ASN E 428 0.97 5.55 20.20
C ASN E 428 -0.29 4.99 20.84
N MET E 429 -1.39 5.04 20.09
CA MET E 429 -2.67 4.57 20.59
C MET E 429 -2.71 3.04 20.58
N TRP E 430 -3.67 2.50 21.34
CA TRP E 430 -3.95 1.07 21.40
C TRP E 430 -2.74 0.25 21.85
N GLN E 431 -1.82 0.87 22.60
CA GLN E 431 -0.71 0.17 23.24
C GLN E 431 0.21 -0.51 22.23
N ARG E 432 0.25 0.00 21.00
CA ARG E 432 0.99 -0.63 19.91
C ARG E 432 2.38 -0.01 19.79
N ILE E 433 3.22 -0.64 18.97
CA ILE E 433 4.46 -0.04 18.48
C ILE E 433 4.52 -0.28 16.98
N GLY E 434 5.14 0.67 16.28
CA GLY E 434 5.21 0.66 14.83
C GLY E 434 4.15 1.45 14.13
N GLN E 435 3.17 1.99 14.87
CA GLN E 435 2.06 2.76 14.33
C GLN E 435 1.85 4.04 15.11
N ALA E 436 2.95 4.71 15.46
CA ALA E 436 2.85 6.04 16.05
C ALA E 436 2.34 7.02 15.02
N MET E 437 1.79 8.15 15.51
CA MET E 437 1.23 9.18 14.65
C MET E 437 1.58 10.55 15.18
N TYR E 438 1.64 11.54 14.28
CA TYR E 438 1.92 12.91 14.64
C TYR E 438 0.64 13.74 14.46
N ALA E 439 -0.03 14.00 15.57
CA ALA E 439 -1.17 14.91 15.55
C ALA E 439 -0.68 16.30 15.16
N PRO E 440 -1.17 16.91 14.08
CA PRO E 440 -0.69 18.23 13.73
C PRO E 440 -1.07 19.25 14.77
N PRO E 441 -0.32 20.34 14.91
CA PRO E 441 -0.69 21.35 15.90
C PRO E 441 -1.97 22.06 15.49
N ILE E 442 -2.83 22.30 16.47
CA ILE E 442 -4.10 22.98 16.27
C ILE E 442 -3.86 24.47 16.49
N GLN E 443 -4.39 25.30 15.58
CA GLN E 443 -4.29 26.74 15.74
C GLN E 443 -5.37 27.25 16.70
N GLY E 444 -5.07 28.38 17.33
CA GLY E 444 -6.04 29.02 18.21
C GLY E 444 -5.87 28.63 19.66
N VAL E 445 -6.99 28.57 20.39
CA VAL E 445 -7.01 28.19 21.80
C VAL E 445 -8.07 27.10 21.96
N ILE E 446 -7.63 25.92 22.43
CA ILE E 446 -8.52 24.78 22.60
C ILE E 446 -9.19 24.88 23.96
N ARG E 447 -10.46 24.45 24.04
CA ARG E 447 -11.17 24.31 25.29
C ARG E 447 -11.98 23.03 25.32
N CYS E 448 -11.98 22.34 26.47
CA CYS E 448 -12.90 21.24 26.72
C CYS E 448 -14.06 21.78 27.53
N VAL E 449 -15.26 21.29 27.23
CA VAL E 449 -16.32 21.20 28.24
C VAL E 449 -16.88 19.79 28.19
N SER E 450 -16.29 18.89 28.98
CA SER E 450 -16.72 17.51 29.02
C SER E 450 -17.43 17.23 30.34
N ASN E 451 -18.03 16.05 30.43
CA ASN E 451 -18.79 15.63 31.60
C ASN E 451 -18.26 14.28 32.06
N ILE E 452 -17.57 14.27 33.20
CA ILE E 452 -17.10 13.05 33.84
C ILE E 452 -18.34 12.29 34.30
N THR E 453 -18.61 11.15 33.65
CA THR E 453 -19.69 10.25 34.01
C THR E 453 -19.19 8.93 34.57
N GLY E 454 -17.94 8.85 35.01
CA GLY E 454 -17.46 7.62 35.59
C GLY E 454 -15.97 7.63 35.82
N LEU E 455 -15.50 6.53 36.41
CA LEU E 455 -14.09 6.31 36.72
C LEU E 455 -13.73 4.87 36.41
N ILE E 456 -12.42 4.62 36.31
CA ILE E 456 -11.87 3.26 36.18
C ILE E 456 -10.86 3.13 37.31
N LEU E 457 -11.29 2.63 38.45
CA LEU E 457 -10.45 2.54 39.64
C LEU E 457 -9.73 1.20 39.71
N THR E 458 -8.82 1.09 40.66
CA THR E 458 -8.04 -0.13 40.89
C THR E 458 -7.73 -0.19 42.38
N ARG E 459 -8.12 -1.28 43.01
CA ARG E 459 -7.94 -1.44 44.44
C ARG E 459 -6.53 -1.94 44.76
N ASP E 460 -6.04 -1.60 45.94
CA ASP E 460 -4.71 -2.01 46.37
C ASP E 460 -4.81 -3.32 47.15
N GLY E 461 -4.01 -4.29 46.75
CA GLY E 461 -4.02 -5.59 47.41
C GLY E 461 -3.16 -5.62 48.66
N THR E 467 -8.58 -2.86 57.45
CA THR E 467 -9.11 -1.65 58.06
C THR E 467 -9.30 -0.53 57.04
N THR E 468 -8.49 -0.55 55.97
CA THR E 468 -8.52 0.47 54.94
C THR E 468 -8.40 -0.17 53.56
N GLU E 469 -8.92 0.54 52.56
CA GLU E 469 -8.85 0.13 51.17
C GLU E 469 -8.55 1.35 50.31
N THR E 470 -7.46 1.27 49.54
CA THR E 470 -7.00 2.37 48.71
C THR E 470 -7.41 2.11 47.26
N PHE E 471 -7.92 3.15 46.60
CA PHE E 471 -8.48 3.05 45.25
C PHE E 471 -7.74 4.03 44.36
N ARG E 472 -6.71 3.56 43.68
CA ARG E 472 -5.97 4.40 42.77
C ARG E 472 -6.66 4.41 41.41
N PRO E 473 -6.34 5.36 40.53
CA PRO E 473 -6.91 5.31 39.18
C PRO E 473 -6.28 4.20 38.34
N GLY E 474 -6.88 3.99 37.17
CA GLY E 474 -6.40 3.00 36.24
C GLY E 474 -6.81 3.32 34.82
N GLY E 475 -6.82 2.31 33.95
CA GLY E 475 -7.22 2.45 32.57
C GLY E 475 -6.16 1.92 31.64
N GLY E 476 -6.06 2.53 30.47
CA GLY E 476 -5.13 2.09 29.45
C GLY E 476 -5.75 1.11 28.48
N ASP E 477 -6.51 0.15 29.02
CA ASP E 477 -7.27 -0.78 28.20
C ASP E 477 -8.61 -0.13 27.87
N MET E 478 -8.80 0.19 26.59
CA MET E 478 -10.00 0.90 26.18
C MET E 478 -11.23 0.01 26.11
N ARG E 479 -11.08 -1.31 26.23
CA ARG E 479 -12.25 -2.17 26.31
C ARG E 479 -13.04 -1.92 27.59
N ASP E 480 -12.36 -1.51 28.66
CA ASP E 480 -13.08 -1.09 29.86
C ASP E 480 -13.80 0.24 29.66
N ASN E 481 -13.34 1.06 28.72
CA ASN E 481 -14.02 2.32 28.44
C ASN E 481 -15.33 2.11 27.69
N TRP E 482 -15.44 1.01 26.95
CA TRP E 482 -16.64 0.67 26.21
C TRP E 482 -17.42 -0.49 26.82
N ARG E 483 -16.94 -1.07 27.93
CA ARG E 483 -17.80 -1.91 28.75
C ARG E 483 -18.80 -1.08 29.53
N SER E 484 -18.43 0.15 29.90
CA SER E 484 -19.34 1.03 30.60
C SER E 484 -20.50 1.51 29.73
N GLU E 485 -20.42 1.33 28.42
CA GLU E 485 -21.49 1.68 27.49
C GLU E 485 -22.27 0.47 27.02
N LEU E 486 -21.59 -0.58 26.58
CA LEU E 486 -22.23 -1.81 26.11
C LEU E 486 -22.36 -2.84 27.23
N TYR E 487 -22.94 -2.43 28.35
CA TYR E 487 -23.26 -3.35 29.45
C TYR E 487 -24.72 -3.75 29.46
N LYS E 488 -25.61 -2.85 29.05
CA LYS E 488 -27.03 -3.18 28.94
C LYS E 488 -27.28 -4.20 27.83
N TYR E 489 -26.55 -4.08 26.73
CA TYR E 489 -26.91 -4.75 25.49
C TYR E 489 -26.35 -6.16 25.44
N LYS E 490 -27.00 -7.00 24.62
CA LYS E 490 -26.69 -8.42 24.54
C LYS E 490 -27.25 -8.98 23.25
N VAL E 491 -26.38 -9.31 22.31
CA VAL E 491 -26.78 -9.82 21.01
C VAL E 491 -27.36 -11.22 21.19
N VAL E 492 -28.48 -11.49 20.51
CA VAL E 492 -29.09 -12.81 20.49
C VAL E 492 -29.50 -13.13 19.05
N LYS E 493 -29.61 -14.42 18.77
CA LYS E 493 -29.97 -14.94 17.47
C LYS E 493 -31.40 -15.48 17.55
N ILE E 494 -32.29 -14.95 16.72
CA ILE E 494 -33.68 -15.37 16.73
C ILE E 494 -33.82 -16.69 16.00
N GLU E 495 -34.22 -17.73 16.72
CA GLU E 495 -34.50 -19.05 16.15
C GLU E 495 -35.99 -19.18 15.90
N PRO E 496 -36.50 -18.94 14.68
CA PRO E 496 -37.95 -18.88 14.50
C PRO E 496 -38.66 -20.23 14.46
N LEU E 497 -37.95 -21.32 14.20
CA LEU E 497 -38.59 -22.62 14.09
C LEU E 497 -38.92 -23.17 15.47
N GLY E 498 -40.09 -23.80 15.58
CA GLY E 498 -40.47 -24.51 16.78
C GLY E 498 -41.33 -25.72 16.47
N VAL E 499 -41.24 -26.78 17.27
CA VAL E 499 -42.00 -28.01 17.05
C VAL E 499 -42.73 -28.34 18.36
N ALA E 500 -44.06 -28.30 18.32
CA ALA E 500 -44.89 -28.45 19.51
C ALA E 500 -45.90 -29.57 19.30
N PRO E 501 -46.40 -30.20 20.38
CA PRO E 501 -47.48 -31.19 20.21
C PRO E 501 -48.84 -30.51 20.23
N THR E 502 -49.64 -30.78 19.20
CA THR E 502 -51.05 -30.39 19.20
C THR E 502 -51.87 -31.55 18.65
N ARG E 503 -53.17 -31.51 18.92
CA ARG E 503 -54.08 -32.57 18.47
C ARG E 503 -54.60 -32.25 17.06
N CYS E 504 -53.67 -32.26 16.11
CA CYS E 504 -53.99 -32.07 14.70
C CYS E 504 -53.10 -32.99 13.87
N LYS E 505 -53.60 -33.36 12.69
CA LYS E 505 -52.89 -34.23 11.77
C LYS E 505 -53.02 -33.67 10.36
N ARG E 506 -52.09 -34.07 9.50
CA ARG E 506 -52.09 -33.61 8.11
C ARG E 506 -53.35 -34.08 7.40
N LEU F 9 -48.23 -5.41 19.87
CA LEU F 9 -46.94 -5.95 20.28
C LEU F 9 -46.05 -6.15 19.05
N GLY F 10 -44.90 -5.49 19.04
CA GLY F 10 -43.99 -5.52 17.91
C GLY F 10 -43.16 -6.77 17.84
N PHE F 11 -41.92 -6.60 17.40
CA PHE F 11 -41.02 -7.74 17.21
C PHE F 11 -40.70 -8.39 18.56
N LEU F 12 -40.92 -9.70 18.64
CA LEU F 12 -40.66 -10.50 19.84
C LEU F 12 -41.48 -10.04 21.04
N GLY F 13 -42.58 -9.32 20.80
CA GLY F 13 -43.34 -8.75 21.91
C GLY F 13 -43.98 -9.81 22.79
N ALA F 14 -44.35 -10.96 22.19
CA ALA F 14 -44.98 -12.06 22.91
C ALA F 14 -43.97 -13.06 23.43
N ALA F 15 -42.75 -12.62 23.73
CA ALA F 15 -41.73 -13.55 24.20
C ALA F 15 -42.10 -14.15 25.54
N GLY F 16 -42.62 -13.33 26.45
CA GLY F 16 -43.09 -13.80 27.74
C GLY F 16 -44.54 -14.22 27.79
N SER F 17 -45.30 -13.93 26.73
CA SER F 17 -46.68 -14.39 26.67
C SER F 17 -46.70 -15.91 26.55
N THR F 18 -47.87 -16.48 26.80
CA THR F 18 -48.00 -17.93 26.76
C THR F 18 -47.81 -18.44 25.32
N MET F 19 -47.61 -19.75 25.21
CA MET F 19 -47.30 -20.34 23.91
C MET F 19 -48.45 -20.17 22.94
N GLY F 20 -49.69 -20.30 23.42
CA GLY F 20 -50.83 -20.15 22.54
C GLY F 20 -51.00 -18.73 22.03
N ALA F 21 -50.79 -17.74 22.91
CA ALA F 21 -51.01 -16.36 22.52
C ALA F 21 -49.95 -15.87 21.53
N ALA F 22 -48.72 -16.38 21.63
CA ALA F 22 -47.68 -16.00 20.69
C ALA F 22 -47.92 -16.58 19.30
N SER F 23 -48.80 -17.57 19.17
CA SER F 23 -49.09 -18.13 17.85
C SER F 23 -49.94 -17.20 16.99
N MET F 24 -50.62 -16.23 17.59
CA MET F 24 -51.32 -15.20 16.84
C MET F 24 -50.40 -14.06 16.38
N THR F 25 -49.14 -14.05 16.83
CA THR F 25 -48.17 -13.02 16.44
C THR F 25 -46.95 -13.63 15.75
N LEU F 26 -47.13 -14.68 14.96
CA LEU F 26 -46.02 -15.24 14.22
C LEU F 26 -45.61 -14.34 13.05
N THR F 27 -46.56 -13.61 12.48
CA THR F 27 -46.27 -12.78 11.32
C THR F 27 -45.33 -11.63 11.67
N VAL F 28 -45.54 -11.00 12.82
CA VAL F 28 -44.70 -9.85 13.20
C VAL F 28 -43.29 -10.28 13.56
N GLN F 29 -43.03 -11.58 13.69
CA GLN F 29 -41.69 -12.11 13.87
C GLN F 29 -41.08 -12.60 12.56
N ALA F 30 -41.88 -13.31 11.74
CA ALA F 30 -41.37 -13.80 10.46
C ALA F 30 -41.03 -12.66 9.50
N ARG F 31 -41.55 -11.45 9.74
CA ARG F 31 -41.34 -10.34 8.82
C ARG F 31 -39.92 -9.78 8.92
N ASN F 32 -39.37 -9.68 10.13
CA ASN F 32 -38.09 -9.03 10.36
C ASN F 32 -36.90 -9.97 10.22
N LEU F 33 -37.10 -11.18 9.71
CA LEU F 33 -35.99 -12.12 9.57
C LEU F 33 -35.08 -11.75 8.39
N LEU F 34 -35.57 -10.91 7.49
CA LEU F 34 -34.80 -10.44 6.34
C LEU F 34 -34.73 -8.92 6.32
N GLN F 51 -22.82 6.57 -2.25
CA GLN F 51 -24.14 6.43 -1.63
C GLN F 51 -24.36 5.00 -1.15
N GLN F 52 -25.56 4.72 -0.64
CA GLN F 52 -25.82 3.46 0.05
C GLN F 52 -25.74 2.23 -0.88
N HIS F 53 -25.96 2.41 -2.18
CA HIS F 53 -26.00 1.26 -3.08
C HIS F 53 -24.62 0.73 -3.44
N LEU F 54 -23.54 1.39 -3.03
CA LEU F 54 -22.17 0.97 -3.33
C LEU F 54 -21.55 0.34 -2.09
N LEU F 55 -20.60 -0.57 -2.31
CA LEU F 55 -20.12 -1.42 -1.22
C LEU F 55 -19.01 -0.73 -0.42
N LYS F 56 -18.11 -0.04 -1.10
CA LYS F 56 -17.07 0.85 -0.55
C LYS F 56 -15.88 0.14 0.09
N LEU F 57 -15.98 -1.17 0.34
CA LEU F 57 -14.85 -1.98 0.81
C LEU F 57 -14.12 -1.36 2.01
N THR F 58 -14.86 -0.68 2.89
CA THR F 58 -14.31 -0.02 4.06
C THR F 58 -14.59 -0.87 5.29
N VAL F 59 -14.24 -0.34 6.47
CA VAL F 59 -14.48 -1.04 7.73
C VAL F 59 -15.97 -1.30 7.91
N TRP F 60 -16.79 -0.32 7.55
CA TRP F 60 -18.24 -0.44 7.72
C TRP F 60 -18.94 -1.09 6.52
N GLY F 61 -18.42 -0.89 5.31
CA GLY F 61 -19.03 -1.55 4.16
C GLY F 61 -18.90 -3.06 4.23
N ILE F 62 -17.74 -3.54 4.69
CA ILE F 62 -17.54 -4.97 4.88
C ILE F 62 -18.54 -5.52 5.89
N LYS F 63 -18.73 -4.79 6.99
CA LYS F 63 -19.66 -5.24 8.03
C LYS F 63 -21.09 -5.27 7.51
N GLN F 64 -21.48 -4.25 6.73
CA GLN F 64 -22.82 -4.22 6.16
C GLN F 64 -23.04 -5.39 5.21
N LEU F 65 -22.04 -5.67 4.35
CA LEU F 65 -22.19 -6.79 3.42
C LEU F 65 -22.28 -8.12 4.16
N GLN F 66 -21.45 -8.29 5.19
CA GLN F 66 -21.53 -9.51 6.00
C GLN F 66 -22.89 -9.64 6.64
N ALA F 67 -23.43 -8.53 7.16
CA ALA F 67 -24.77 -8.55 7.74
C ALA F 67 -25.82 -8.99 6.74
N ARG F 68 -25.78 -8.42 5.53
CA ARG F 68 -26.78 -8.75 4.52
C ARG F 68 -26.72 -10.22 4.14
N VAL F 69 -25.51 -10.73 3.90
CA VAL F 69 -25.38 -12.13 3.48
C VAL F 69 -25.78 -13.06 4.60
N LEU F 70 -25.44 -12.73 5.85
CA LEU F 70 -25.83 -13.58 6.97
C LEU F 70 -27.34 -13.64 7.12
N ALA F 71 -28.01 -12.49 6.97
CA ALA F 71 -29.47 -12.47 7.06
C ALA F 71 -30.08 -13.35 5.97
N VAL F 72 -29.58 -13.22 4.74
CA VAL F 72 -30.10 -14.01 3.64
C VAL F 72 -29.90 -15.50 3.92
N GLU F 73 -28.71 -15.89 4.36
CA GLU F 73 -28.43 -17.31 4.59
C GLU F 73 -29.31 -17.89 5.69
N ARG F 74 -29.50 -17.15 6.79
CA ARG F 74 -30.33 -17.66 7.87
C ARG F 74 -31.77 -17.83 7.43
N TYR F 75 -32.31 -16.82 6.72
CA TYR F 75 -33.68 -16.92 6.23
C TYR F 75 -33.84 -18.11 5.29
N LEU F 76 -32.88 -18.32 4.40
CA LEU F 76 -32.98 -19.41 3.45
C LEU F 76 -32.85 -20.76 4.13
N ARG F 77 -32.03 -20.86 5.19
CA ARG F 77 -31.93 -22.12 5.92
C ARG F 77 -33.27 -22.49 6.55
N ASP F 78 -33.90 -21.51 7.23
CA ASP F 78 -35.19 -21.80 7.85
C ASP F 78 -36.24 -22.16 6.79
N GLN F 79 -36.29 -21.42 5.70
CA GLN F 79 -37.30 -21.69 4.67
C GLN F 79 -37.02 -23.01 3.98
N GLN F 80 -35.75 -23.40 3.86
CA GLN F 80 -35.40 -24.69 3.27
C GLN F 80 -35.91 -25.84 4.14
N LEU F 81 -35.72 -25.73 5.45
CA LEU F 81 -36.23 -26.77 6.35
C LEU F 81 -37.75 -26.86 6.24
N LEU F 82 -38.42 -25.71 6.22
CA LEU F 82 -39.87 -25.72 6.08
C LEU F 82 -40.30 -26.32 4.75
N GLY F 83 -39.54 -26.04 3.69
CA GLY F 83 -39.89 -26.57 2.38
C GLY F 83 -39.76 -28.07 2.30
N ILE F 84 -38.67 -28.62 2.85
CA ILE F 84 -38.48 -30.06 2.81
C ILE F 84 -39.38 -30.80 3.79
N TRP F 85 -39.92 -30.13 4.80
CA TRP F 85 -40.93 -30.75 5.65
C TRP F 85 -42.34 -30.69 5.07
N GLY F 86 -42.53 -30.02 3.93
CA GLY F 86 -43.85 -29.80 3.40
C GLY F 86 -44.61 -28.66 4.02
N CYS F 87 -44.02 -27.96 5.00
CA CYS F 87 -44.63 -26.81 5.63
C CYS F 87 -44.26 -25.50 4.95
N SER F 88 -43.95 -25.54 3.66
CA SER F 88 -43.53 -24.35 2.94
C SER F 88 -44.68 -23.33 2.91
N GLY F 89 -44.35 -22.08 3.18
CA GLY F 89 -45.34 -21.02 3.16
C GLY F 89 -46.44 -21.19 4.20
N LYS F 90 -46.17 -21.93 5.28
CA LYS F 90 -47.14 -22.19 6.33
C LYS F 90 -46.54 -21.74 7.66
N LEU F 91 -47.21 -20.78 8.31
CA LEU F 91 -46.77 -20.36 9.63
C LEU F 91 -47.12 -21.38 10.70
N ILE F 92 -48.17 -22.16 10.49
CA ILE F 92 -48.52 -23.29 11.34
C ILE F 92 -48.85 -24.45 10.41
N CYS F 93 -48.23 -25.60 10.65
CA CYS F 93 -48.29 -26.72 9.71
C CYS F 93 -48.30 -28.03 10.50
N CYS F 94 -49.44 -28.72 10.51
CA CYS F 94 -49.49 -30.05 11.08
C CYS F 94 -48.73 -31.03 10.21
N THR F 95 -48.30 -32.13 10.82
CA THR F 95 -47.51 -33.15 10.13
C THR F 95 -47.94 -34.54 10.59
N ASN F 96 -47.63 -35.52 9.75
CA ASN F 96 -48.03 -36.91 10.01
C ASN F 96 -47.14 -37.59 11.03
N VAL F 97 -46.04 -36.98 11.47
CA VAL F 97 -45.15 -37.60 12.43
C VAL F 97 -45.89 -37.72 13.76
N PRO F 98 -46.00 -38.90 14.38
CA PRO F 98 -46.55 -38.96 15.73
C PRO F 98 -45.56 -38.44 16.76
N TRP F 99 -46.10 -37.96 17.87
CA TRP F 99 -45.26 -37.47 18.97
C TRP F 99 -44.77 -38.66 19.78
N ASN F 100 -43.52 -39.04 19.56
CA ASN F 100 -42.92 -40.07 20.41
C ASN F 100 -42.84 -39.55 21.83
N SER F 101 -43.35 -40.35 22.78
CA SER F 101 -43.51 -39.85 24.14
C SER F 101 -42.19 -39.57 24.84
N SER F 102 -41.11 -40.27 24.46
CA SER F 102 -39.83 -40.10 25.14
C SER F 102 -39.26 -38.69 25.00
N TRP F 103 -39.70 -37.91 24.00
CA TRP F 103 -39.23 -36.54 23.86
C TRP F 103 -39.63 -35.70 25.06
N SER F 104 -40.92 -35.76 25.44
CA SER F 104 -41.41 -35.00 26.58
C SER F 104 -42.80 -35.50 26.92
N ASN F 105 -43.05 -35.76 28.21
CA ASN F 105 -44.33 -36.30 28.69
C ASN F 105 -45.02 -35.20 29.50
N ARG F 106 -45.74 -34.33 28.80
CA ARG F 106 -46.46 -33.22 29.42
C ARG F 106 -47.73 -32.98 28.62
N ASN F 107 -48.85 -32.82 29.33
CA ASN F 107 -50.13 -32.63 28.66
C ASN F 107 -50.23 -31.20 28.11
N LEU F 108 -51.07 -31.05 27.08
CA LEU F 108 -51.09 -29.82 26.29
C LEU F 108 -51.55 -28.60 27.07
N SER F 109 -52.29 -28.79 28.18
CA SER F 109 -52.91 -27.65 28.84
C SER F 109 -51.88 -26.67 29.39
N GLU F 110 -50.90 -27.17 30.15
CA GLU F 110 -49.87 -26.29 30.68
C GLU F 110 -48.91 -25.84 29.60
N ILE F 111 -48.74 -26.64 28.55
CA ILE F 111 -47.86 -26.23 27.44
C ILE F 111 -48.43 -24.99 26.76
N TRP F 112 -49.73 -24.96 26.50
CA TRP F 112 -50.36 -23.93 25.69
C TRP F 112 -51.08 -22.85 26.49
N ASP F 113 -51.10 -22.95 27.83
CA ASP F 113 -51.79 -21.97 28.66
C ASP F 113 -50.92 -21.34 29.74
N ASN F 114 -49.80 -21.96 30.11
CA ASN F 114 -48.93 -21.48 31.18
C ASN F 114 -47.55 -21.08 30.68
N MET F 115 -46.89 -21.96 29.93
CA MET F 115 -45.49 -21.78 29.57
C MET F 115 -45.34 -20.81 28.40
N THR F 116 -44.12 -20.34 28.21
CA THR F 116 -43.72 -19.51 27.08
C THR F 116 -42.87 -20.34 26.13
N TRP F 117 -42.68 -19.83 24.92
CA TRP F 117 -41.97 -20.58 23.89
C TRP F 117 -40.50 -20.81 24.26
N LEU F 118 -39.89 -19.85 24.95
CA LEU F 118 -38.48 -19.99 25.32
C LEU F 118 -38.26 -21.18 26.26
N GLN F 119 -39.15 -21.35 27.25
CA GLN F 119 -39.04 -22.49 28.14
C GLN F 119 -39.20 -23.80 27.38
N TRP F 120 -40.15 -23.83 26.44
CA TRP F 120 -40.35 -25.04 25.65
C TRP F 120 -39.11 -25.36 24.81
N ASP F 121 -38.50 -24.35 24.21
CA ASP F 121 -37.26 -24.60 23.47
C ASP F 121 -36.17 -25.09 24.40
N LYS F 122 -36.16 -24.62 25.65
CA LYS F 122 -35.23 -25.18 26.63
C LYS F 122 -35.45 -26.67 26.81
N GLU F 123 -36.70 -27.11 26.96
CA GLU F 123 -36.91 -28.54 27.23
C GLU F 123 -36.65 -29.41 25.99
N ILE F 124 -37.12 -28.98 24.82
CA ILE F 124 -37.02 -29.85 23.64
C ILE F 124 -35.66 -29.75 22.94
N SER F 125 -34.67 -29.11 23.57
CA SER F 125 -33.38 -28.82 22.96
C SER F 125 -32.69 -30.02 22.31
N ASN F 126 -32.44 -31.08 23.09
CA ASN F 126 -31.63 -32.19 22.62
C ASN F 126 -32.31 -32.98 21.52
N TYR F 127 -33.62 -33.17 21.63
CA TYR F 127 -34.33 -34.10 20.75
C TYR F 127 -34.56 -33.51 19.37
N THR F 128 -34.66 -32.18 19.29
CA THR F 128 -35.06 -31.43 18.09
C THR F 128 -34.50 -32.00 16.80
N GLN F 129 -33.20 -32.30 16.77
CA GLN F 129 -32.55 -32.73 15.53
C GLN F 129 -33.21 -33.97 14.97
N ILE F 130 -33.36 -35.02 15.79
CA ILE F 130 -33.93 -36.24 15.21
C ILE F 130 -35.38 -36.00 14.82
N ILE F 131 -36.08 -35.09 15.52
CA ILE F 131 -37.45 -34.77 15.14
C ILE F 131 -37.47 -34.28 13.71
N TYR F 132 -36.53 -33.38 13.37
CA TYR F 132 -36.45 -32.84 12.02
C TYR F 132 -36.32 -33.96 11.01
N GLY F 133 -35.46 -34.94 11.31
CA GLY F 133 -35.27 -36.04 10.38
C GLY F 133 -36.57 -36.75 10.10
N LEU F 134 -37.31 -37.08 11.17
CA LEU F 134 -38.58 -37.78 11.02
C LEU F 134 -39.48 -37.00 10.10
N LEU F 135 -39.60 -35.69 10.33
CA LEU F 135 -40.53 -34.87 9.58
C LEU F 135 -40.24 -34.95 8.09
N GLU F 136 -38.97 -34.75 7.71
CA GLU F 136 -38.70 -34.66 6.29
C GLU F 136 -38.90 -36.00 5.62
N GLU F 137 -38.55 -37.09 6.33
CA GLU F 137 -38.71 -38.39 5.72
C GLU F 137 -40.19 -38.65 5.45
N SER F 138 -41.04 -38.25 6.40
CA SER F 138 -42.47 -38.45 6.24
C SER F 138 -42.96 -37.69 5.03
N GLN F 139 -42.45 -36.46 4.82
CA GLN F 139 -42.89 -35.67 3.70
C GLN F 139 -42.60 -36.40 2.41
N ASN F 140 -41.39 -36.98 2.30
CA ASN F 140 -41.03 -37.68 1.09
C ASN F 140 -41.98 -38.85 0.84
N GLN F 141 -42.31 -39.58 1.91
CA GLN F 141 -43.26 -40.69 1.78
C GLN F 141 -44.54 -40.21 1.14
N GLN F 142 -45.12 -39.14 1.69
CA GLN F 142 -46.42 -38.70 1.23
C GLN F 142 -46.33 -38.24 -0.22
N GLU F 143 -45.18 -37.67 -0.60
CA GLU F 143 -45.01 -37.20 -1.97
C GLU F 143 -45.15 -38.37 -2.93
N LYS F 144 -44.44 -39.47 -2.64
CA LYS F 144 -44.52 -40.63 -3.51
C LYS F 144 -45.95 -41.13 -3.57
N ASN F 145 -46.64 -41.11 -2.43
CA ASN F 145 -48.00 -41.63 -2.38
C ASN F 145 -48.90 -40.83 -3.30
N GLU F 146 -48.71 -39.51 -3.36
CA GLU F 146 -49.56 -38.69 -4.21
C GLU F 146 -49.27 -39.00 -5.67
N GLN F 147 -48.00 -39.25 -5.99
CA GLN F 147 -47.65 -39.60 -7.36
C GLN F 147 -48.18 -40.98 -7.71
N ASP F 148 -48.49 -41.80 -6.69
CA ASP F 148 -49.11 -43.09 -6.93
C ASP F 148 -50.62 -42.97 -7.00
N LEU F 149 -51.17 -41.87 -6.46
CA LEU F 149 -52.62 -41.69 -6.47
C LEU F 149 -53.08 -41.03 -7.77
N LEU F 150 -52.18 -40.34 -8.47
CA LEU F 150 -52.49 -39.67 -9.72
C LEU F 150 -52.04 -40.50 -10.91
N GLN G 1 -15.15 30.09 8.47
CA GLN G 1 -16.43 30.22 7.73
C GLN G 1 -16.18 30.77 6.33
N VAL G 2 -17.22 30.78 5.51
CA VAL G 2 -17.08 31.21 4.11
C VAL G 2 -16.67 32.68 4.11
N GLN G 3 -15.58 32.98 3.41
CA GLN G 3 -14.99 34.32 3.44
C GLN G 3 -14.33 34.59 2.10
N LEU G 4 -14.61 35.77 1.54
CA LEU G 4 -13.99 36.26 0.31
C LEU G 4 -13.29 37.58 0.65
N LEU G 5 -12.05 37.49 1.10
CA LEU G 5 -11.27 38.66 1.51
C LEU G 5 -10.69 39.32 0.27
N GLN G 6 -11.10 40.56 0.01
CA GLN G 6 -10.64 41.31 -1.14
C GLN G 6 -9.41 42.13 -0.78
N SER G 7 -8.79 42.73 -1.80
CA SER G 7 -7.60 43.56 -1.63
C SER G 7 -8.00 45.02 -1.41
N GLY G 8 -6.99 45.83 -1.06
CA GLY G 8 -7.24 47.23 -0.81
C GLY G 8 -7.51 48.01 -2.08
N ALA G 9 -8.09 49.20 -1.89
CA ALA G 9 -8.38 50.07 -3.03
C ALA G 9 -7.10 50.50 -3.72
N ALA G 10 -7.12 50.44 -5.06
CA ALA G 10 -5.96 50.75 -5.89
C ALA G 10 -6.29 51.93 -6.80
N VAL G 11 -5.26 52.70 -7.13
CA VAL G 11 -5.37 53.85 -8.02
C VAL G 11 -4.43 53.62 -9.20
N THR G 12 -4.93 53.88 -10.41
CA THR G 12 -4.19 53.75 -11.65
C THR G 12 -4.54 54.95 -12.53
N LYS G 13 -4.02 54.95 -13.75
CA LYS G 13 -4.24 56.00 -14.73
C LYS G 13 -4.77 55.38 -16.02
N PRO G 14 -5.36 56.17 -16.90
CA PRO G 14 -5.86 55.61 -18.18
C PRO G 14 -4.73 55.01 -19.00
N GLY G 15 -4.85 53.71 -19.27
CA GLY G 15 -3.87 52.94 -20.02
C GLY G 15 -3.16 51.90 -19.18
N ALA G 16 -2.93 52.19 -17.90
CA ALA G 16 -2.29 51.25 -17.00
C ALA G 16 -3.23 50.08 -16.71
N SER G 17 -2.74 49.13 -15.92
CA SER G 17 -3.47 47.92 -15.57
C SER G 17 -3.70 47.86 -14.07
N VAL G 18 -4.81 47.24 -13.67
CA VAL G 18 -5.17 47.05 -12.28
C VAL G 18 -5.50 45.58 -12.03
N ARG G 19 -5.11 45.11 -10.85
CA ARG G 19 -5.34 43.75 -10.39
C ARG G 19 -6.17 43.80 -9.11
N VAL G 20 -7.21 42.97 -9.02
CA VAL G 20 -8.07 42.88 -7.86
C VAL G 20 -8.06 41.43 -7.39
N SER G 21 -7.65 41.21 -6.13
CA SER G 21 -7.55 39.89 -5.55
C SER G 21 -8.74 39.60 -4.65
N CYS G 22 -9.13 38.32 -4.59
CA CYS G 22 -10.33 37.86 -3.89
C CYS G 22 -10.05 36.57 -3.14
N GLU G 23 -9.04 36.59 -2.26
CA GLU G 23 -8.62 35.41 -1.51
C GLU G 23 -9.81 34.77 -0.79
N ALA G 24 -10.16 33.56 -1.21
CA ALA G 24 -11.34 32.84 -0.73
C ALA G 24 -10.93 31.73 0.21
N SER G 25 -11.76 31.51 1.24
CA SER G 25 -11.45 30.48 2.23
C SER G 25 -12.71 30.07 2.96
N GLY G 26 -12.66 28.89 3.57
CA GLY G 26 -13.71 28.43 4.46
C GLY G 26 -14.69 27.43 3.88
N TYR G 27 -14.43 26.90 2.69
CA TYR G 27 -15.35 25.95 2.07
C TYR G 27 -14.66 25.26 0.90
N ASN G 28 -15.37 24.32 0.29
CA ASN G 28 -14.91 23.67 -0.94
C ASN G 28 -15.06 24.68 -2.07
N ILE G 29 -13.94 25.27 -2.48
CA ILE G 29 -13.98 26.33 -3.48
C ILE G 29 -14.28 25.74 -4.87
N ARG G 30 -14.20 24.43 -5.03
CA ARG G 30 -14.19 23.85 -6.38
C ARG G 30 -15.58 23.82 -6.99
N ASP G 31 -16.61 23.61 -6.19
CA ASP G 31 -17.93 23.31 -6.72
C ASP G 31 -18.75 24.56 -7.02
N TYR G 32 -18.18 25.75 -6.87
CA TYR G 32 -18.94 26.99 -6.90
C TYR G 32 -18.19 28.03 -7.72
N PHE G 33 -18.79 28.47 -8.82
CA PHE G 33 -18.17 29.47 -9.68
C PHE G 33 -18.00 30.77 -8.90
N ILE G 34 -17.01 31.57 -9.31
CA ILE G 34 -16.76 32.87 -8.69
C ILE G 34 -17.05 33.95 -9.72
N HIS G 35 -18.02 34.80 -9.44
CA HIS G 35 -18.46 35.84 -10.34
C HIS G 35 -17.93 37.19 -9.90
N TRP G 36 -17.58 38.02 -10.88
CA TRP G 36 -17.08 39.36 -10.65
C TRP G 36 -18.11 40.34 -11.17
N TRP G 37 -18.45 41.32 -10.34
CA TRP G 37 -19.39 42.39 -10.63
C TRP G 37 -18.73 43.73 -10.38
N ARG G 38 -19.37 44.80 -10.88
CA ARG G 38 -18.79 46.14 -10.90
C ARG G 38 -19.89 47.14 -10.60
N GLN G 39 -19.80 47.82 -9.47
CA GLN G 39 -20.73 48.86 -9.07
C GLN G 39 -20.12 50.21 -9.41
N ALA G 40 -20.68 50.88 -10.40
CA ALA G 40 -20.24 52.23 -10.71
C ALA G 40 -20.75 53.20 -9.64
N PRO G 41 -20.15 54.38 -9.51
CA PRO G 41 -20.65 55.36 -8.54
C PRO G 41 -22.08 55.78 -8.86
N GLY G 42 -22.99 55.51 -7.93
CA GLY G 42 -24.38 55.90 -8.10
C GLY G 42 -25.07 55.24 -9.27
N GLN G 43 -24.86 53.94 -9.46
CA GLN G 43 -25.48 53.20 -10.55
C GLN G 43 -25.80 51.79 -10.05
N GLY G 44 -26.27 50.93 -10.95
CA GLY G 44 -26.53 49.56 -10.63
C GLY G 44 -25.29 48.69 -10.77
N LEU G 45 -25.49 47.39 -10.61
CA LEU G 45 -24.41 46.42 -10.74
C LEU G 45 -24.25 46.01 -12.20
N GLN G 46 -23.01 45.70 -12.58
CA GLN G 46 -22.67 45.29 -13.94
C GLN G 46 -21.89 43.99 -13.88
N TRP G 47 -22.21 43.07 -14.78
CA TRP G 47 -21.63 41.75 -14.75
C TRP G 47 -20.30 41.72 -15.50
N VAL G 48 -19.20 41.63 -14.75
CA VAL G 48 -17.88 41.49 -15.34
C VAL G 48 -17.63 40.08 -15.85
N GLY G 49 -17.91 39.05 -15.05
CA GLY G 49 -17.84 37.70 -15.56
C GLY G 49 -17.48 36.68 -14.50
N TRP G 50 -17.75 35.39 -14.82
CA TRP G 50 -17.46 34.31 -13.90
C TRP G 50 -16.20 33.56 -14.30
N ILE G 51 -15.54 33.00 -13.29
CA ILE G 51 -14.41 32.09 -13.46
C ILE G 51 -14.77 30.76 -12.81
N ASN G 52 -14.52 29.68 -13.52
CA ASN G 52 -14.62 28.35 -12.99
C ASN G 52 -13.43 28.09 -12.07
N PRO G 53 -13.62 27.70 -10.81
CA PRO G 53 -12.46 27.42 -9.95
C PRO G 53 -11.76 26.11 -10.28
N LYS G 54 -12.45 25.16 -10.93
CA LYS G 54 -11.85 23.86 -11.22
C LYS G 54 -10.93 23.92 -12.43
N THR G 55 -11.47 24.36 -13.57
CA THR G 55 -10.71 24.42 -14.81
C THR G 55 -10.04 25.77 -15.04
N GLY G 56 -10.53 26.83 -14.42
CA GLY G 56 -10.02 28.16 -14.68
C GLY G 56 -10.61 28.85 -15.90
N GLN G 57 -11.64 28.27 -16.50
CA GLN G 57 -12.22 28.82 -17.72
C GLN G 57 -12.95 30.12 -17.40
N PRO G 58 -12.57 31.27 -17.95
CA PRO G 58 -13.31 32.50 -17.68
C PRO G 58 -14.48 32.69 -18.66
N ASN G 59 -15.32 33.67 -18.33
CA ASN G 59 -16.50 33.95 -19.14
C ASN G 59 -16.92 35.39 -18.85
N ASN G 60 -16.73 36.27 -19.84
CA ASN G 60 -17.02 37.68 -19.72
C ASN G 60 -17.92 38.13 -20.88
N PRO G 61 -18.69 39.23 -20.71
CA PRO G 61 -19.55 39.67 -21.81
C PRO G 61 -18.76 40.32 -22.93
N ARG G 62 -19.45 40.76 -23.98
CA ARG G 62 -18.78 41.33 -25.14
C ARG G 62 -18.03 42.61 -24.80
N GLN G 63 -18.45 43.32 -23.76
CA GLN G 63 -17.79 44.58 -23.40
C GLN G 63 -16.35 44.35 -22.98
N PHE G 64 -16.11 43.28 -22.22
CA PHE G 64 -14.82 43.02 -21.59
C PHE G 64 -14.01 41.96 -22.33
N GLN G 65 -14.26 41.76 -23.62
CA GLN G 65 -13.52 40.78 -24.39
C GLN G 65 -12.20 41.37 -24.87
N GLY G 66 -11.11 40.65 -24.60
CA GLY G 66 -9.78 41.18 -24.83
C GLY G 66 -9.34 42.24 -23.83
N ARG G 67 -10.17 42.55 -22.84
CA ARG G 67 -9.91 43.61 -21.87
C ARG G 67 -9.74 43.09 -20.46
N VAL G 68 -10.72 42.35 -19.94
CA VAL G 68 -10.62 41.77 -18.61
C VAL G 68 -9.99 40.40 -18.71
N SER G 69 -9.34 39.98 -17.63
CA SER G 69 -8.71 38.66 -17.56
C SER G 69 -8.95 38.13 -16.15
N LEU G 70 -9.77 37.09 -16.05
CA LEU G 70 -10.04 36.41 -14.79
C LEU G 70 -9.09 35.23 -14.67
N THR G 71 -8.34 35.18 -13.56
CA THR G 71 -7.39 34.11 -13.30
C THR G 71 -7.60 33.63 -11.87
N ARG G 72 -6.97 32.50 -11.54
CA ARG G 72 -7.04 31.94 -10.20
C ARG G 72 -5.68 31.38 -9.84
N HIS G 73 -5.54 31.03 -8.56
CA HIS G 73 -4.32 30.36 -8.09
C HIS G 73 -4.68 29.62 -6.80
N ALA G 74 -4.54 28.31 -6.83
CA ALA G 74 -4.78 27.49 -5.66
C ALA G 74 -3.46 27.13 -4.98
N SER G 75 -3.43 27.24 -3.66
CA SER G 75 -2.28 26.79 -2.90
C SER G 75 -2.32 25.27 -2.77
N TRP G 76 -1.45 24.73 -1.92
CA TRP G 76 -1.36 23.29 -1.75
C TRP G 76 -2.67 22.74 -1.20
N ASP G 77 -3.15 21.66 -1.80
CA ASP G 77 -4.36 20.93 -1.40
C ASP G 77 -5.63 21.76 -1.62
N PHE G 78 -5.56 22.84 -2.40
CA PHE G 78 -6.66 23.70 -2.81
C PHE G 78 -7.31 24.44 -1.64
N ASP G 79 -6.68 24.44 -0.46
CA ASP G 79 -7.35 25.00 0.72
C ASP G 79 -7.61 26.50 0.57
N THR G 80 -6.68 27.23 -0.02
CA THR G 80 -6.83 28.65 -0.31
C THR G 80 -6.89 28.83 -1.81
N TYR G 81 -7.58 29.89 -2.25
CA TYR G 81 -7.92 30.07 -3.67
C TYR G 81 -7.97 31.57 -3.96
N SER G 82 -6.86 32.11 -4.46
CA SER G 82 -6.79 33.53 -4.79
C SER G 82 -7.31 33.75 -6.21
N PHE G 83 -8.40 34.51 -6.34
CA PHE G 83 -8.99 34.83 -7.63
C PHE G 83 -8.61 36.25 -8.01
N TYR G 84 -8.00 36.41 -9.17
CA TYR G 84 -7.52 37.70 -9.65
C TYR G 84 -8.35 38.17 -10.83
N MET G 85 -8.61 39.47 -10.85
CA MET G 85 -9.27 40.17 -11.94
C MET G 85 -8.34 41.25 -12.46
N ASP G 86 -7.93 41.13 -13.72
CA ASP G 86 -6.99 42.05 -14.35
C ASP G 86 -7.72 42.87 -15.39
N LEU G 87 -7.38 44.17 -15.48
CA LEU G 87 -7.84 45.03 -16.56
C LEU G 87 -6.64 45.64 -17.26
N LYS G 88 -6.76 45.85 -18.58
CA LYS G 88 -5.64 46.27 -19.42
C LYS G 88 -5.84 47.65 -20.02
N ALA G 89 -6.90 47.86 -20.80
CA ALA G 89 -7.16 49.15 -21.45
C ALA G 89 -8.08 50.00 -20.57
N LEU G 90 -7.53 50.40 -19.42
CA LEU G 90 -8.34 51.03 -18.38
C LEU G 90 -8.66 52.47 -18.77
N ARG G 91 -9.88 52.90 -18.43
CA ARG G 91 -10.37 54.24 -18.75
C ARG G 91 -10.98 54.87 -17.50
N SER G 92 -11.36 56.14 -17.63
CA SER G 92 -12.09 56.82 -16.56
C SER G 92 -13.49 56.27 -16.39
N ASP G 93 -14.05 55.65 -17.43
CA ASP G 93 -15.37 55.02 -17.31
C ASP G 93 -15.33 53.90 -16.27
N ASP G 94 -14.20 53.19 -16.17
CA ASP G 94 -14.09 51.99 -15.36
C ASP G 94 -13.70 52.27 -13.91
N THR G 95 -13.99 53.47 -13.42
CA THR G 95 -13.87 53.76 -11.99
C THR G 95 -15.10 53.20 -11.30
N ALA G 96 -14.90 52.19 -10.45
CA ALA G 96 -16.02 51.48 -9.84
C ALA G 96 -15.50 50.60 -8.71
N VAL G 97 -16.43 49.94 -8.02
CA VAL G 97 -16.12 48.99 -6.95
C VAL G 97 -16.33 47.59 -7.50
N TYR G 98 -15.28 46.76 -7.44
CA TYR G 98 -15.28 45.43 -8.03
C TYR G 98 -15.53 44.40 -6.92
N PHE G 99 -16.71 43.78 -6.96
CA PHE G 99 -17.08 42.74 -6.01
C PHE G 99 -16.87 41.37 -6.61
N CYS G 100 -16.51 40.40 -5.75
CA CYS G 100 -16.42 39.01 -6.12
C CYS G 100 -17.38 38.22 -5.25
N ALA G 101 -18.22 37.40 -5.89
CA ALA G 101 -19.30 36.69 -5.23
C ALA G 101 -19.24 35.22 -5.61
N ARG G 102 -19.94 34.39 -4.82
CA ARG G 102 -19.96 32.94 -4.99
C ARG G 102 -21.35 32.53 -5.44
N GLN G 103 -21.49 32.23 -6.73
CA GLN G 103 -22.67 31.51 -7.21
C GLN G 103 -22.74 30.16 -6.49
N ARG G 104 -23.88 29.89 -5.84
CA ARG G 104 -24.01 28.70 -5.01
C ARG G 104 -25.07 27.71 -5.47
N SER G 105 -25.73 27.95 -6.59
CA SER G 105 -26.60 26.94 -7.21
C SER G 105 -26.94 27.41 -8.63
N ASP G 106 -27.81 26.65 -9.30
CA ASP G 106 -28.26 27.00 -10.64
C ASP G 106 -29.08 28.27 -10.68
N TYR G 107 -29.58 28.75 -9.55
CA TYR G 107 -30.41 29.93 -9.49
C TYR G 107 -29.60 31.22 -9.54
N TRP G 108 -28.26 31.12 -9.52
CA TRP G 108 -27.37 32.27 -9.38
C TRP G 108 -27.67 33.05 -8.10
N ASP G 109 -27.62 32.33 -6.98
CA ASP G 109 -27.74 32.94 -5.66
C ASP G 109 -26.34 33.27 -5.16
N PHE G 110 -26.09 34.57 -4.98
CA PHE G 110 -24.79 35.05 -4.49
C PHE G 110 -24.93 35.34 -3.00
N ASP G 111 -24.95 34.26 -2.21
CA ASP G 111 -25.18 34.41 -0.78
C ASP G 111 -24.02 35.10 -0.08
N VAL G 112 -22.83 35.10 -0.69
CA VAL G 112 -21.64 35.75 -0.13
C VAL G 112 -21.01 36.61 -1.22
N TRP G 113 -20.59 37.81 -0.83
CA TRP G 113 -19.85 38.74 -1.69
C TRP G 113 -18.56 39.12 -0.99
N GLY G 114 -17.73 39.90 -1.70
CA GLY G 114 -16.51 40.43 -1.15
C GLY G 114 -16.73 41.78 -0.49
N SER G 115 -15.69 42.24 0.23
CA SER G 115 -15.76 43.54 0.87
C SER G 115 -15.89 44.65 -0.15
N GLY G 116 -15.17 44.55 -1.26
CA GLY G 116 -15.14 45.54 -2.31
C GLY G 116 -13.75 46.14 -2.47
N THR G 117 -13.47 46.61 -3.68
CA THR G 117 -12.17 47.20 -4.03
C THR G 117 -12.43 48.40 -4.94
N GLN G 118 -12.16 49.59 -4.42
CA GLN G 118 -12.43 50.82 -5.17
C GLN G 118 -11.27 51.09 -6.10
N VAL G 119 -11.47 50.82 -7.39
CA VAL G 119 -10.52 51.17 -8.44
C VAL G 119 -10.88 52.57 -8.92
N THR G 120 -9.95 53.51 -8.76
CA THR G 120 -10.11 54.89 -9.22
C THR G 120 -9.03 55.19 -10.24
N VAL G 121 -9.44 55.71 -11.39
CA VAL G 121 -8.53 55.91 -12.51
C VAL G 121 -8.16 57.38 -12.57
N ILE H 2 -33.43 37.34 -21.85
CA ILE H 2 -34.13 37.62 -20.60
C ILE H 2 -34.30 39.12 -20.41
N GLN H 3 -35.52 39.51 -20.08
CA GLN H 3 -35.91 40.91 -19.92
C GLN H 3 -36.44 41.13 -18.52
N MET H 4 -36.10 42.27 -17.93
CA MET H 4 -36.49 42.61 -16.57
C MET H 4 -36.98 44.06 -16.50
N THR H 5 -37.78 44.33 -15.47
CA THR H 5 -38.21 45.68 -15.14
C THR H 5 -38.52 45.71 -13.65
N GLN H 6 -38.18 46.83 -13.00
CA GLN H 6 -38.43 47.02 -11.58
C GLN H 6 -38.91 48.44 -11.36
N SER H 7 -40.10 48.59 -10.79
CA SER H 7 -40.68 49.88 -10.45
C SER H 7 -41.21 49.84 -9.03
N PRO H 8 -41.20 50.96 -8.29
CA PRO H 8 -40.70 52.30 -8.63
C PRO H 8 -39.20 52.43 -8.37
N SER H 9 -38.62 53.60 -8.60
CA SER H 9 -37.19 53.86 -8.36
C SER H 9 -36.92 54.47 -7.00
N SER H 10 -37.87 55.25 -6.48
CA SER H 10 -37.79 55.82 -5.13
C SER H 10 -39.09 55.52 -4.42
N LEU H 11 -38.99 55.16 -3.13
CA LEU H 11 -40.15 54.71 -2.39
C LEU H 11 -39.90 54.96 -0.90
N SER H 12 -40.67 55.88 -0.32
CA SER H 12 -40.56 56.24 1.08
C SER H 12 -41.74 55.66 1.85
N ALA H 13 -41.44 55.03 2.99
CA ALA H 13 -42.45 54.40 3.83
C ALA H 13 -42.12 54.65 5.29
N SER H 14 -43.07 54.34 6.16
CA SER H 14 -42.98 54.54 7.60
C SER H 14 -42.75 53.21 8.31
N VAL H 15 -42.54 53.29 9.62
CA VAL H 15 -42.31 52.09 10.42
C VAL H 15 -43.61 51.30 10.55
N GLY H 16 -43.47 49.99 10.75
CA GLY H 16 -44.63 49.12 10.91
C GLY H 16 -45.57 49.12 9.72
N ASP H 17 -45.01 49.01 8.50
CA ASP H 17 -45.77 49.09 7.27
C ASP H 17 -45.45 47.91 6.37
N THR H 18 -46.43 47.55 5.54
CA THR H 18 -46.28 46.51 4.52
C THR H 18 -45.99 47.21 3.19
N VAL H 19 -44.82 46.94 2.64
CA VAL H 19 -44.31 47.64 1.45
C VAL H 19 -43.86 46.60 0.45
N THR H 20 -44.30 46.74 -0.80
CA THR H 20 -44.03 45.79 -1.87
C THR H 20 -43.30 46.48 -3.02
N ILE H 21 -42.26 45.82 -3.51
CA ILE H 21 -41.45 46.29 -4.63
C ILE H 21 -41.74 45.37 -5.81
N THR H 22 -42.53 45.85 -6.77
CA THR H 22 -42.85 45.05 -7.94
C THR H 22 -41.62 44.88 -8.83
N CYS H 23 -41.47 43.68 -9.40
CA CYS H 23 -40.32 43.38 -10.24
C CYS H 23 -40.65 42.19 -11.13
N GLN H 24 -40.86 42.45 -12.42
CA GLN H 24 -41.29 41.43 -13.37
C GLN H 24 -40.07 40.87 -14.10
N ALA H 25 -40.02 39.54 -14.21
CA ALA H 25 -38.94 38.84 -14.89
C ALA H 25 -39.44 37.50 -15.38
N ASN H 26 -38.64 36.88 -16.25
CA ASN H 26 -38.91 35.55 -16.78
C ASN H 26 -37.68 34.64 -16.65
N GLY H 27 -37.04 34.72 -15.49
CA GLY H 27 -35.93 33.84 -15.15
C GLY H 27 -35.91 33.63 -13.65
N TYR H 28 -34.96 32.81 -13.20
CA TYR H 28 -34.86 32.55 -11.76
C TYR H 28 -34.39 33.83 -11.07
N LEU H 29 -35.27 34.43 -10.28
CA LEU H 29 -35.05 35.76 -9.74
C LEU H 29 -34.49 35.68 -8.32
N ASN H 30 -33.65 36.66 -7.99
CA ASN H 30 -33.08 36.82 -6.66
C ASN H 30 -33.25 38.29 -6.25
N TRP H 31 -33.31 38.50 -4.94
CA TRP H 31 -33.49 39.82 -4.34
C TRP H 31 -32.28 40.11 -3.47
N TYR H 32 -31.80 41.35 -3.49
CA TYR H 32 -30.62 41.73 -2.74
C TYR H 32 -30.86 43.00 -1.93
N GLN H 33 -29.91 43.30 -1.04
CA GLN H 33 -29.95 44.45 -0.14
C GLN H 33 -28.54 45.05 -0.08
N GLN H 34 -28.34 46.13 -0.83
CA GLN H 34 -27.06 46.85 -0.85
C GLN H 34 -27.21 48.06 0.06
N ARG H 35 -26.30 48.19 1.02
CA ARG H 35 -26.35 49.24 2.04
C ARG H 35 -25.38 50.39 1.74
N ARG H 36 -25.15 50.70 0.46
CA ARG H 36 -24.35 51.85 0.04
C ARG H 36 -22.92 51.77 0.60
N GLY H 37 -22.16 50.78 0.14
CA GLY H 37 -20.76 50.65 0.50
C GLY H 37 -20.42 49.46 1.37
N LYS H 38 -21.24 48.41 1.35
CA LYS H 38 -21.00 47.20 2.12
C LYS H 38 -21.24 45.92 1.35
N ALA H 39 -21.49 46.00 0.03
CA ALA H 39 -21.72 44.88 -0.87
C ALA H 39 -23.13 44.32 -0.65
N PRO H 40 -23.80 43.77 -1.66
CA PRO H 40 -25.16 43.29 -1.45
C PRO H 40 -25.22 42.08 -0.53
N LYS H 41 -26.41 41.84 0.00
CA LYS H 41 -26.71 40.67 0.82
C LYS H 41 -27.92 39.96 0.25
N LEU H 42 -27.84 38.64 0.16
CA LEU H 42 -28.93 37.84 -0.39
C LEU H 42 -30.03 37.66 0.64
N LEU H 43 -31.25 38.07 0.29
CA LEU H 43 -32.41 37.87 1.15
C LEU H 43 -33.31 36.72 0.68
N ILE H 44 -33.84 36.83 -0.54
CA ILE H 44 -34.77 35.85 -1.10
C ILE H 44 -34.13 35.27 -2.35
N TYR H 45 -33.84 33.97 -2.31
CA TYR H 45 -33.30 33.26 -3.46
C TYR H 45 -34.43 32.51 -4.16
N ASP H 46 -34.39 32.53 -5.49
CA ASP H 46 -35.48 32.06 -6.34
C ASP H 46 -36.64 33.02 -6.03
N GLY H 47 -37.89 32.64 -6.31
CA GLY H 47 -38.98 33.60 -6.18
C GLY H 47 -39.37 33.84 -4.73
N SER H 48 -39.46 32.76 -3.94
CA SER H 48 -40.07 32.81 -2.62
C SER H 48 -39.18 32.29 -1.50
N LYS H 49 -38.14 31.53 -1.80
CA LYS H 49 -37.33 30.92 -0.74
C LYS H 49 -36.49 31.99 -0.06
N LEU H 50 -36.20 31.77 1.23
CA LEU H 50 -35.50 32.72 2.08
C LEU H 50 -34.13 32.18 2.47
N GLU H 51 -33.29 33.09 2.96
CA GLU H 51 -31.91 32.79 3.32
C GLU H 51 -31.74 32.76 4.84
N ARG H 52 -30.75 32.00 5.28
CA ARG H 52 -30.42 31.95 6.70
C ARG H 52 -29.91 33.30 7.16
N GLY H 53 -30.21 33.65 8.42
CA GLY H 53 -29.84 34.93 8.97
C GLY H 53 -30.75 36.07 8.58
N VAL H 54 -31.79 35.81 7.80
CA VAL H 54 -32.75 36.80 7.35
C VAL H 54 -34.05 36.56 8.10
N PRO H 55 -34.54 37.48 8.93
CA PRO H 55 -35.81 37.24 9.62
C PRO H 55 -36.97 37.09 8.65
N SER H 56 -38.12 36.69 9.21
CA SER H 56 -39.33 36.52 8.42
C SER H 56 -39.97 37.85 8.01
N ARG H 57 -39.37 38.98 8.37
CA ARG H 57 -39.86 40.28 7.91
C ARG H 57 -39.87 40.35 6.38
N PHE H 58 -38.92 39.67 5.74
CA PHE H 58 -38.86 39.58 4.29
C PHE H 58 -39.54 38.32 3.80
N SER H 59 -40.24 38.43 2.68
CA SER H 59 -40.91 37.29 2.06
C SER H 59 -41.18 37.62 0.60
N GLY H 60 -41.32 36.56 -0.21
CA GLY H 60 -41.51 36.71 -1.64
C GLY H 60 -42.69 35.92 -2.14
N ARG H 61 -43.19 36.31 -3.30
CA ARG H 61 -44.36 35.68 -3.90
C ARG H 61 -44.27 35.80 -5.42
N ARG H 62 -44.50 34.69 -6.12
CA ARG H 62 -44.52 34.64 -7.57
C ARG H 62 -45.95 34.63 -8.05
N TRP H 63 -46.21 35.36 -9.14
CA TRP H 63 -47.55 35.39 -9.75
C TRP H 63 -47.37 35.59 -11.25
N GLY H 64 -47.26 34.48 -11.98
CA GLY H 64 -47.12 34.50 -13.42
C GLY H 64 -45.71 34.87 -13.86
N GLN H 65 -45.38 36.15 -13.74
CA GLN H 65 -44.03 36.64 -13.96
C GLN H 65 -43.58 37.65 -12.92
N GLU H 66 -44.48 38.13 -12.06
CA GLU H 66 -44.21 39.27 -11.19
C GLU H 66 -43.77 38.77 -9.81
N TYR H 67 -42.86 39.53 -9.19
CA TYR H 67 -42.33 39.23 -7.87
C TYR H 67 -42.50 40.45 -6.99
N ASN H 68 -42.76 40.21 -5.70
CA ASN H 68 -43.19 41.25 -4.77
C ASN H 68 -42.12 41.69 -3.78
N LEU H 69 -41.50 40.76 -3.08
CA LEU H 69 -40.68 41.08 -1.90
C LEU H 69 -41.51 41.87 -0.88
N THR H 70 -42.54 41.21 -0.36
CA THR H 70 -43.39 41.80 0.66
C THR H 70 -42.62 41.94 1.96
N ILE H 71 -42.17 43.15 2.27
CA ILE H 71 -41.48 43.45 3.52
C ILE H 71 -42.55 43.99 4.47
N ASN H 72 -43.18 43.08 5.21
CA ASN H 72 -44.07 43.51 6.29
C ASN H 72 -43.23 44.02 7.45
N ASN H 73 -43.93 44.62 8.43
CA ASN H 73 -43.36 45.21 9.67
C ASN H 73 -41.99 45.87 9.43
N LEU H 74 -42.01 46.84 8.51
CA LEU H 74 -40.80 47.54 8.09
C LEU H 74 -40.10 48.21 9.28
N GLN H 75 -38.87 47.78 9.55
CA GLN H 75 -38.08 48.25 10.66
C GLN H 75 -37.10 49.34 10.22
N PRO H 76 -36.50 50.07 11.16
CA PRO H 76 -35.49 51.08 10.76
C PRO H 76 -34.27 50.48 10.08
N GLU H 77 -33.98 49.19 10.29
CA GLU H 77 -32.80 48.55 9.72
C GLU H 77 -33.01 48.10 8.26
N ASP H 78 -34.08 48.54 7.61
CA ASP H 78 -34.34 48.22 6.21
C ASP H 78 -34.04 49.40 5.29
N ILE H 79 -33.31 50.41 5.75
CA ILE H 79 -32.96 51.55 4.92
C ILE H 79 -31.78 51.13 4.04
N ALA H 80 -32.09 50.57 2.87
CA ALA H 80 -31.08 50.05 1.97
C ALA H 80 -31.59 50.21 0.54
N THR H 81 -30.90 49.60 -0.42
CA THR H 81 -31.32 49.57 -1.81
C THR H 81 -31.59 48.12 -2.20
N TYR H 82 -32.73 47.90 -2.87
CA TYR H 82 -33.27 46.58 -3.12
C TYR H 82 -33.36 46.37 -4.62
N PHE H 83 -32.63 45.38 -5.14
CA PHE H 83 -32.60 45.12 -6.58
C PHE H 83 -32.78 43.64 -6.87
N CYS H 84 -33.27 43.38 -8.08
CA CYS H 84 -33.52 42.04 -8.60
C CYS H 84 -32.28 41.51 -9.31
N GLN H 85 -32.32 40.22 -9.64
CA GLN H 85 -31.25 39.62 -10.43
C GLN H 85 -31.76 38.33 -11.06
N VAL H 86 -31.72 38.24 -12.38
CA VAL H 86 -31.94 36.99 -13.10
C VAL H 86 -30.67 36.69 -13.86
N TYR H 87 -29.92 35.69 -13.38
CA TYR H 87 -28.60 35.38 -13.92
C TYR H 87 -27.70 36.62 -13.90
N GLU H 88 -27.32 37.15 -15.06
CA GLU H 88 -26.30 38.19 -15.14
C GLU H 88 -26.88 39.60 -15.20
N PHE H 89 -28.20 39.73 -15.24
CA PHE H 89 -28.87 41.02 -15.43
C PHE H 89 -29.34 41.52 -14.07
N VAL H 90 -28.84 42.68 -13.66
CA VAL H 90 -29.22 43.32 -12.41
C VAL H 90 -29.72 44.72 -12.76
N VAL H 91 -30.87 45.08 -12.21
CA VAL H 91 -31.48 46.39 -12.45
C VAL H 91 -31.10 47.31 -11.29
N PRO H 92 -31.11 48.63 -11.46
CA PRO H 92 -30.88 49.51 -10.30
C PRO H 92 -31.96 49.31 -9.25
N GLY H 93 -31.53 49.30 -7.99
CA GLY H 93 -32.45 49.05 -6.91
C GLY H 93 -33.18 50.30 -6.45
N THR H 94 -34.37 50.08 -5.90
CA THR H 94 -35.16 51.16 -5.33
C THR H 94 -34.57 51.53 -3.97
N ARG H 95 -34.47 52.83 -3.71
CA ARG H 95 -33.82 53.33 -2.51
C ARG H 95 -34.90 53.56 -1.44
N LEU H 96 -35.02 52.61 -0.53
CA LEU H 96 -36.00 52.71 0.55
C LEU H 96 -35.61 53.84 1.48
N ASP H 97 -36.51 54.81 1.65
CA ASP H 97 -36.30 55.98 2.52
C ASP H 97 -37.21 55.86 3.73
N LEU H 98 -36.64 56.04 4.91
CA LEU H 98 -37.41 55.89 6.14
C LEU H 98 -36.69 56.61 7.28
N GLN I 1 24.63 31.83 -71.68
CA GLN I 1 26.08 31.84 -71.31
C GLN I 1 26.40 33.04 -70.41
N VAL I 2 26.63 32.76 -69.14
CA VAL I 2 26.97 33.78 -68.14
C VAL I 2 28.47 33.71 -67.90
N HIS I 3 29.16 34.83 -68.11
CA HIS I 3 30.60 34.93 -67.93
C HIS I 3 30.90 35.80 -66.71
N LEU I 4 31.76 35.30 -65.83
CA LEU I 4 32.17 36.01 -64.62
C LEU I 4 33.68 36.17 -64.66
N GLN I 5 34.15 37.40 -64.39
CA GLN I 5 35.59 37.70 -64.36
C GLN I 5 35.84 38.53 -63.10
N GLU I 6 36.50 37.92 -62.12
CA GLU I 6 36.79 38.62 -60.88
C GLU I 6 38.15 39.30 -60.96
N SER I 7 38.20 40.55 -60.52
CA SER I 7 39.40 41.37 -60.55
C SER I 7 39.76 41.80 -59.13
N GLY I 8 41.03 41.68 -58.79
CA GLY I 8 41.54 42.10 -57.50
C GLY I 8 42.98 42.56 -57.61
N PRO I 9 43.49 43.21 -56.55
CA PRO I 9 44.88 43.69 -56.59
C PRO I 9 45.91 42.59 -56.68
N GLY I 10 45.62 41.39 -56.16
CA GLY I 10 46.56 40.30 -56.12
C GLY I 10 47.40 40.27 -54.86
N LEU I 11 47.64 41.42 -54.23
CA LEU I 11 48.36 41.49 -52.97
C LEU I 11 47.85 42.71 -52.21
N VAL I 12 47.69 42.55 -50.89
CA VAL I 12 47.15 43.60 -50.03
C VAL I 12 47.97 43.66 -48.75
N LYS I 13 48.16 44.87 -48.24
CA LYS I 13 48.87 45.04 -46.99
C LYS I 13 48.04 44.45 -45.84
N PRO I 14 48.67 43.81 -44.85
CA PRO I 14 47.90 43.39 -43.67
C PRO I 14 47.33 44.58 -42.94
N SER I 15 46.17 44.36 -42.30
CA SER I 15 45.43 45.39 -41.58
C SER I 15 44.90 46.48 -42.51
N GLU I 16 44.77 46.18 -43.80
CA GLU I 16 44.25 47.12 -44.79
C GLU I 16 43.08 46.46 -45.52
N THR I 17 42.13 47.28 -45.95
CA THR I 17 40.89 46.77 -46.53
C THR I 17 41.16 46.17 -47.91
N LEU I 18 41.11 44.84 -48.00
CA LEU I 18 41.14 44.17 -49.28
C LEU I 18 39.83 44.44 -50.01
N SER I 19 39.90 44.61 -51.33
CA SER I 19 38.74 44.84 -52.17
C SER I 19 38.80 43.97 -53.41
N LEU I 20 37.64 43.50 -53.85
CA LEU I 20 37.50 42.67 -55.04
C LEU I 20 36.31 43.18 -55.84
N THR I 21 36.26 42.80 -57.11
CA THR I 21 35.09 43.06 -57.95
C THR I 21 34.84 41.85 -58.84
N CYS I 22 33.61 41.73 -59.32
CA CYS I 22 33.16 40.60 -60.15
C CYS I 22 32.44 41.15 -61.37
N ASN I 23 33.17 41.36 -62.46
CA ASN I 23 32.54 41.75 -63.72
C ASN I 23 31.64 40.62 -64.22
N VAL I 24 30.41 40.99 -64.56
CA VAL I 24 29.36 40.05 -64.96
C VAL I 24 29.00 40.34 -66.41
N SER I 25 28.79 39.26 -67.19
CA SER I 25 28.30 39.37 -68.55
C SER I 25 27.31 38.24 -68.79
N GLY I 26 26.32 38.50 -69.64
CA GLY I 26 25.29 37.53 -69.93
C GLY I 26 24.12 37.54 -68.97
N THR I 27 24.25 38.21 -67.82
CA THR I 27 23.15 38.34 -66.86
C THR I 27 23.31 39.68 -66.14
N LEU I 28 22.21 40.12 -65.55
CA LEU I 28 22.18 41.38 -64.81
C LEU I 28 22.35 41.10 -63.33
N VAL I 29 23.04 42.01 -62.64
CA VAL I 29 23.31 41.83 -61.22
C VAL I 29 22.01 41.84 -60.42
N ARG I 30 21.01 42.57 -60.91
CA ARG I 30 19.77 42.72 -60.14
C ARG I 30 18.94 41.44 -60.16
N ASP I 31 19.17 40.56 -61.14
CA ASP I 31 18.28 39.43 -61.34
C ASP I 31 18.42 38.39 -60.23
N ASN I 32 19.60 37.81 -60.08
CA ASN I 32 19.82 36.62 -59.27
C ASN I 32 20.72 36.95 -58.08
N TYR I 33 20.85 35.97 -57.18
CA TYR I 33 21.73 36.09 -56.03
C TYR I 33 23.19 36.08 -56.48
N TRP I 34 24.06 36.57 -55.61
CA TRP I 34 25.50 36.58 -55.89
C TRP I 34 26.27 36.25 -54.63
N SER I 35 27.08 35.20 -54.67
CA SER I 35 27.90 34.79 -53.54
C SER I 35 29.38 34.88 -53.88
N TRP I 36 30.18 35.05 -52.83
CA TRP I 36 31.63 34.98 -52.94
C TRP I 36 32.12 33.75 -52.16
N ILE I 37 33.19 33.15 -52.64
CA ILE I 37 33.72 31.91 -52.08
C ILE I 37 35.24 32.04 -51.94
N ARG I 38 35.72 31.96 -50.71
CA ARG I 38 37.14 32.08 -50.40
C ARG I 38 37.71 30.69 -50.11
N GLN I 39 38.59 30.22 -50.98
CA GLN I 39 39.26 28.92 -50.82
C GLN I 39 40.70 29.15 -50.39
N PRO I 40 41.07 28.89 -49.14
CA PRO I 40 42.50 28.87 -48.80
C PRO I 40 43.21 27.74 -49.52
N LEU I 41 44.49 27.95 -49.80
CA LEU I 41 45.27 26.96 -50.54
C LEU I 41 45.43 25.69 -49.69
N GLY I 42 45.13 24.55 -50.31
CA GLY I 42 45.23 23.27 -49.62
C GLY I 42 44.12 22.97 -48.64
N LYS I 43 43.08 23.79 -48.60
CA LYS I 43 41.96 23.64 -47.67
C LYS I 43 40.66 23.68 -48.46
N GLN I 44 39.58 23.29 -47.81
CA GLN I 44 38.29 23.24 -48.47
C GLN I 44 37.80 24.67 -48.77
N PRO I 45 36.93 24.84 -49.78
CA PRO I 45 36.35 26.16 -50.00
C PRO I 45 35.50 26.60 -48.81
N GLU I 46 35.35 27.91 -48.67
CA GLU I 46 34.56 28.51 -47.60
C GLU I 46 33.56 29.47 -48.23
N TRP I 47 32.32 29.42 -47.75
CA TRP I 47 31.25 30.29 -48.23
C TRP I 47 31.28 31.57 -47.40
N ILE I 48 31.80 32.65 -47.99
CA ILE I 48 32.03 33.86 -47.21
C ILE I 48 30.79 34.74 -47.17
N GLY I 49 29.88 34.61 -48.11
CA GLY I 49 28.61 35.31 -48.01
C GLY I 49 27.91 35.40 -49.34
N TYR I 50 26.65 35.83 -49.27
CA TYR I 50 25.84 36.08 -50.45
C TYR I 50 24.99 37.33 -50.25
N VAL I 51 24.68 37.96 -51.39
CA VAL I 51 24.06 39.27 -51.46
C VAL I 51 22.99 39.23 -52.55
N HIS I 52 21.89 39.94 -52.30
CA HIS I 52 20.80 40.14 -53.24
C HIS I 52 20.29 41.57 -53.11
N ASP I 53 19.48 42.00 -54.07
CA ASP I 53 18.94 43.36 -54.08
C ASP I 53 17.64 43.49 -53.29
N SER I 54 16.84 42.44 -53.19
CA SER I 54 15.59 42.50 -52.46
C SER I 54 15.78 42.69 -50.96
N GLY I 55 16.99 42.44 -50.44
CA GLY I 55 17.27 42.53 -49.02
C GLY I 55 17.91 41.28 -48.45
N ASP I 56 17.98 40.17 -49.19
CA ASP I 56 18.61 38.95 -48.71
C ASP I 56 20.12 39.14 -48.75
N THR I 57 20.71 39.40 -47.59
CA THR I 57 22.16 39.52 -47.45
C THR I 57 22.56 38.72 -46.21
N ASN I 58 23.49 37.79 -46.38
CA ASN I 58 23.97 37.03 -45.23
C ASN I 58 25.41 36.61 -45.46
N TYR I 59 26.24 36.85 -44.44
CA TYR I 59 27.67 36.56 -44.48
C TYR I 59 28.00 35.52 -43.41
N ASN I 60 29.13 34.86 -43.60
CA ASN I 60 29.65 33.85 -42.67
C ASN I 60 29.78 34.50 -41.29
N PRO I 61 29.28 33.88 -40.21
CA PRO I 61 29.41 34.53 -38.89
C PRO I 61 30.85 34.77 -38.45
N SER I 62 31.79 33.91 -38.84
CA SER I 62 33.18 34.15 -38.49
C SER I 62 33.74 35.37 -39.21
N LEU I 63 33.43 35.51 -40.51
CA LEU I 63 33.85 36.67 -41.28
C LEU I 63 32.97 37.89 -41.04
N LYS I 64 31.90 37.75 -40.27
CA LYS I 64 31.01 38.88 -39.99
C LYS I 64 31.76 39.92 -39.17
N SER I 65 31.25 41.17 -39.24
CA SER I 65 31.84 42.33 -38.58
C SER I 65 33.13 42.80 -39.27
N ARG I 66 33.51 42.16 -40.38
CA ARG I 66 34.65 42.57 -41.17
C ARG I 66 34.43 42.47 -42.68
N VAL I 67 33.22 42.13 -43.12
CA VAL I 67 32.92 41.89 -44.53
C VAL I 67 31.68 42.69 -44.91
N HIS I 68 31.61 43.04 -46.20
CA HIS I 68 30.48 43.78 -46.74
C HIS I 68 30.40 43.53 -48.23
N LEU I 69 29.21 43.16 -48.70
CA LEU I 69 28.97 42.84 -50.10
C LEU I 69 28.01 43.87 -50.69
N SER I 70 28.34 44.36 -51.88
CA SER I 70 27.52 45.36 -52.56
C SER I 70 27.29 44.94 -54.01
N LEU I 71 26.13 45.32 -54.53
CA LEU I 71 25.68 44.99 -55.88
C LEU I 71 25.55 46.30 -56.67
N ASP I 72 26.41 46.49 -57.67
CA ASP I 72 26.42 47.70 -58.49
C ASP I 72 25.87 47.35 -59.87
N LYS I 73 24.68 47.88 -60.18
CA LYS I 73 24.06 47.61 -61.48
C LYS I 73 24.72 48.41 -62.60
N SER I 74 25.21 49.62 -62.29
CA SER I 74 25.65 50.54 -63.33
C SER I 74 26.80 49.96 -64.14
N LYS I 75 27.70 49.22 -63.49
CA LYS I 75 28.79 48.54 -64.16
C LYS I 75 28.70 47.02 -64.07
N ASN I 76 27.61 46.48 -63.50
CA ASN I 76 27.41 45.05 -63.34
C ASN I 76 28.58 44.42 -62.56
N LEU I 77 28.68 44.83 -61.30
CA LEU I 77 29.78 44.45 -60.42
C LEU I 77 29.23 43.96 -59.08
N VAL I 78 29.98 43.05 -58.46
CA VAL I 78 29.76 42.62 -57.09
C VAL I 78 31.03 42.91 -56.31
N SER I 79 30.94 43.82 -55.35
CA SER I 79 32.10 44.30 -54.61
C SER I 79 32.13 43.66 -53.23
N LEU I 80 33.28 43.06 -52.90
CA LEU I 80 33.54 42.41 -51.61
C LEU I 80 34.73 43.13 -50.99
N ARG I 81 34.49 43.81 -49.87
CA ARG I 81 35.48 44.66 -49.21
C ARG I 81 35.71 44.12 -47.80
N LEU I 82 36.67 43.20 -47.69
CA LEU I 82 36.96 42.50 -46.43
C LEU I 82 37.98 43.30 -45.61
N THR I 83 37.50 44.14 -44.71
CA THR I 83 38.36 44.90 -43.81
C THR I 83 39.08 43.94 -42.86
N GLY I 84 40.02 44.47 -42.09
CA GLY I 84 40.70 43.70 -41.05
C GLY I 84 41.43 42.50 -41.58
N VAL I 85 42.12 42.65 -42.71
CA VAL I 85 42.81 41.54 -43.35
C VAL I 85 43.89 41.01 -42.41
N THR I 86 44.06 39.70 -42.41
CA THR I 86 45.03 39.03 -41.55
C THR I 86 45.74 37.97 -42.39
N ALA I 87 46.64 37.22 -41.76
CA ALA I 87 47.45 36.24 -42.49
C ALA I 87 46.57 35.16 -43.12
N ALA I 88 45.55 34.70 -42.39
CA ALA I 88 44.74 33.57 -42.86
C ALA I 88 43.90 33.91 -44.08
N ASP I 89 43.71 35.20 -44.40
CA ASP I 89 42.86 35.57 -45.52
C ASP I 89 43.52 35.32 -46.88
N SER I 90 44.79 34.93 -46.92
CA SER I 90 45.42 34.56 -48.18
C SER I 90 44.69 33.37 -48.78
N ALA I 91 44.16 33.53 -50.00
CA ALA I 91 43.25 32.53 -50.55
C ALA I 91 42.88 32.93 -51.99
N ILE I 92 42.21 31.99 -52.67
CA ILE I 92 41.65 32.22 -54.00
C ILE I 92 40.18 32.58 -53.83
N TYR I 93 39.78 33.72 -54.36
CA TYR I 93 38.43 34.25 -54.21
C TYR I 93 37.68 34.07 -55.53
N TYR I 94 36.52 33.42 -55.46
CA TYR I 94 35.64 33.17 -56.59
C TYR I 94 34.31 33.90 -56.39
N CYS I 95 33.62 34.12 -57.49
CA CYS I 95 32.33 34.79 -57.54
C CYS I 95 31.36 33.86 -58.24
N ALA I 96 30.13 33.74 -57.72
CA ALA I 96 29.21 32.70 -58.16
C ALA I 96 27.78 33.21 -58.16
N THR I 97 26.99 32.67 -59.09
CA THR I 97 25.56 32.95 -59.22
C THR I 97 24.80 31.96 -58.36
N THR I 98 24.53 32.32 -57.11
CA THR I 98 23.81 31.44 -56.20
C THR I 98 22.38 31.25 -56.70
N LYS I 99 21.88 30.03 -56.57
CA LYS I 99 20.48 29.72 -56.85
C LYS I 99 19.92 28.99 -55.62
N HIS I 100 18.71 29.37 -55.22
CA HIS I 100 18.13 28.88 -53.99
C HIS I 100 17.07 27.81 -54.29
N GLY I 101 16.81 26.97 -53.30
CA GLY I 101 15.74 26.01 -53.38
C GLY I 101 15.19 25.69 -52.01
N ARG I 102 13.93 25.30 -51.91
CA ARG I 102 13.29 25.02 -50.63
C ARG I 102 13.20 23.52 -50.42
N ARG I 103 13.86 23.04 -49.36
CA ARG I 103 13.72 21.66 -48.90
C ARG I 103 12.61 21.67 -47.86
N ILE I 104 11.52 20.96 -48.15
CA ILE I 104 10.35 20.89 -47.29
C ILE I 104 10.27 19.47 -46.74
N TYR I 105 10.26 19.36 -45.40
CA TYR I 105 10.18 18.08 -44.71
C TYR I 105 8.97 17.95 -43.80
N GLY I 106 8.11 18.94 -43.76
CA GLY I 106 6.93 18.89 -42.91
C GLY I 106 5.88 19.87 -43.37
N VAL I 107 5.13 20.42 -42.43
CA VAL I 107 4.05 21.35 -42.75
C VAL I 107 4.64 22.72 -43.00
N VAL I 108 4.37 23.27 -44.20
CA VAL I 108 4.91 24.57 -44.57
C VAL I 108 4.31 25.67 -43.69
N ALA I 109 3.07 25.47 -43.22
CA ALA I 109 2.47 26.43 -42.31
C ALA I 109 3.25 26.55 -41.00
N PHE I 110 3.88 25.47 -40.57
CA PHE I 110 4.67 25.45 -39.34
C PHE I 110 6.13 25.84 -39.57
N LYS I 111 6.48 26.36 -40.75
CA LYS I 111 7.87 26.66 -41.11
C LYS I 111 8.77 25.44 -40.95
N GLU I 112 8.29 24.28 -41.43
CA GLU I 112 9.11 23.06 -41.45
C GLU I 112 9.71 22.89 -42.84
N TRP I 113 10.63 23.80 -43.14
CA TRP I 113 11.38 23.79 -44.39
C TRP I 113 12.62 24.65 -44.20
N PHE I 114 13.49 24.64 -45.20
CA PHE I 114 14.63 25.55 -45.18
C PHE I 114 15.10 25.80 -46.60
N THR I 115 15.77 26.94 -46.79
CA THR I 115 16.30 27.34 -48.09
C THR I 115 17.76 26.91 -48.18
N TYR I 116 18.05 26.02 -49.13
CA TYR I 116 19.41 25.62 -49.44
C TYR I 116 19.89 26.38 -50.66
N PHE I 117 21.11 26.91 -50.55
CA PHE I 117 21.73 27.73 -51.59
C PHE I 117 22.79 26.90 -52.28
N TYR I 118 22.60 26.62 -53.57
CA TYR I 118 23.59 25.92 -54.38
C TYR I 118 24.14 26.88 -55.43
N MET I 119 25.46 26.87 -55.59
CA MET I 119 26.14 27.83 -56.44
C MET I 119 26.21 27.30 -57.86
N ASP I 120 25.57 28.01 -58.78
CA ASP I 120 25.65 27.71 -60.21
C ASP I 120 26.98 28.26 -60.72
N VAL I 121 27.14 28.37 -62.06
CA VAL I 121 28.40 28.64 -62.74
C VAL I 121 29.24 29.71 -62.04
N TRP I 122 30.50 29.38 -61.79
CA TRP I 122 31.41 30.20 -61.01
C TRP I 122 32.18 31.12 -61.96
N GLY I 123 33.19 31.81 -61.44
CA GLY I 123 34.15 32.55 -62.23
C GLY I 123 35.42 31.75 -62.44
N LYS I 124 36.56 32.44 -62.34
CA LYS I 124 37.88 31.83 -62.51
C LYS I 124 38.67 31.81 -61.21
N GLY I 125 38.89 32.95 -60.59
CA GLY I 125 39.46 33.05 -59.25
C GLY I 125 40.62 34.02 -59.21
N THR I 126 40.70 34.82 -58.14
CA THR I 126 41.82 35.71 -57.89
C THR I 126 42.55 35.25 -56.64
N SER I 127 43.85 34.99 -56.77
CA SER I 127 44.65 34.45 -55.68
C SER I 127 45.28 35.61 -54.91
N VAL I 128 44.53 36.14 -53.94
CA VAL I 128 45.03 37.25 -53.15
C VAL I 128 45.89 36.72 -52.01
N THR I 129 47.05 37.34 -51.81
CA THR I 129 48.02 36.95 -50.79
C THR I 129 48.35 38.16 -49.94
N VAL I 130 48.81 37.90 -48.72
CA VAL I 130 49.09 38.92 -47.73
C VAL I 130 50.52 38.76 -47.24
N SER I 131 51.31 39.82 -47.37
CA SER I 131 52.71 39.79 -46.95
C SER I 131 53.22 41.22 -46.81
N SER I 132 54.32 41.35 -46.09
CA SER I 132 54.94 42.66 -45.88
C SER I 132 55.84 43.02 -47.05
N THR J 1 41.62 11.62 -47.46
CA THR J 1 40.98 10.52 -48.24
C THR J 1 41.36 10.65 -49.72
N PHE J 2 41.86 9.55 -50.28
CA PHE J 2 42.40 9.50 -51.63
C PHE J 2 41.88 8.26 -52.36
N VAL J 3 40.55 8.09 -52.36
CA VAL J 3 39.91 6.92 -52.96
C VAL J 3 40.28 6.85 -54.44
N SER J 4 40.97 5.79 -54.82
CA SER J 4 41.44 5.58 -56.19
C SER J 4 40.66 4.43 -56.82
N VAL J 5 40.13 4.67 -58.02
CA VAL J 5 39.33 3.70 -58.75
C VAL J 5 39.80 3.69 -60.20
N ALA J 6 40.01 2.49 -60.75
CA ALA J 6 40.39 2.38 -62.14
C ALA J 6 39.23 2.79 -63.04
N PRO J 7 39.52 3.26 -64.26
CA PRO J 7 38.42 3.65 -65.16
C PRO J 7 37.53 2.48 -65.51
N GLY J 8 36.25 2.77 -65.71
CA GLY J 8 35.26 1.76 -65.99
C GLY J 8 34.61 1.13 -64.77
N GLN J 9 35.13 1.43 -63.58
CA GLN J 9 34.57 0.92 -62.33
C GLN J 9 33.62 1.97 -61.75
N THR J 10 33.05 1.69 -60.57
CA THR J 10 32.19 2.62 -59.86
C THR J 10 32.93 3.14 -58.62
N ALA J 11 32.99 4.46 -58.49
CA ALA J 11 33.65 5.11 -57.37
C ALA J 11 32.61 5.64 -56.38
N ARG J 12 32.95 5.55 -55.09
CA ARG J 12 32.09 5.98 -53.99
C ARG J 12 32.87 7.01 -53.17
N ILE J 13 32.39 8.25 -53.16
CA ILE J 13 33.03 9.35 -52.45
C ILE J 13 32.08 9.81 -51.35
N THR J 14 32.42 9.54 -50.11
CA THR J 14 31.63 9.97 -48.96
C THR J 14 32.19 11.27 -48.41
N CYS J 15 31.31 12.05 -47.77
CA CYS J 15 31.70 13.35 -47.25
C CYS J 15 30.80 13.73 -46.10
N GLY J 16 31.35 14.49 -45.15
CA GLY J 16 30.58 15.07 -44.09
C GLY J 16 30.37 14.14 -42.91
N GLU J 17 29.40 14.53 -42.08
CA GLU J 17 29.12 13.87 -40.82
C GLU J 17 27.84 13.04 -40.94
N GLU J 18 27.48 12.39 -39.84
CA GLU J 18 26.31 11.52 -39.84
C GLU J 18 25.04 12.36 -39.86
N SER J 19 24.09 11.95 -40.69
CA SER J 19 22.86 12.74 -40.87
C SER J 19 22.03 12.76 -39.59
N LEU J 20 21.44 13.92 -39.31
CA LEU J 20 20.56 14.14 -38.17
C LEU J 20 19.10 14.27 -38.59
N GLY J 21 18.82 15.15 -39.55
CA GLY J 21 17.47 15.40 -40.03
C GLY J 21 17.38 15.41 -41.53
N SER J 22 16.36 16.05 -42.08
CA SER J 22 16.20 16.10 -43.53
C SER J 22 17.26 17.02 -44.11
N ARG J 23 18.02 16.48 -45.05
CA ARG J 23 19.26 17.09 -45.52
C ARG J 23 19.20 17.28 -47.02
N SER J 24 19.85 18.35 -47.49
CA SER J 24 19.97 18.65 -48.92
C SER J 24 21.45 18.95 -49.18
N VAL J 25 22.21 17.90 -49.41
CA VAL J 25 23.65 18.02 -49.65
C VAL J 25 23.89 18.37 -51.11
N ILE J 26 24.82 19.31 -51.35
CA ILE J 26 25.15 19.80 -52.68
C ILE J 26 26.58 19.40 -52.98
N TRP J 27 26.79 18.71 -54.08
CA TRP J 27 28.10 18.17 -54.43
C TRP J 27 28.80 19.08 -55.42
N TYR J 28 30.12 19.24 -55.24
CA TYR J 28 30.95 20.07 -56.09
C TYR J 28 32.19 19.29 -56.51
N GLN J 29 32.61 19.50 -57.76
CA GLN J 29 33.82 18.93 -58.32
C GLN J 29 34.80 20.05 -58.63
N GLN J 30 36.03 19.91 -58.15
CA GLN J 30 37.11 20.84 -58.44
C GLN J 30 38.23 20.07 -59.15
N ARG J 31 38.30 20.23 -60.46
CA ARG J 31 39.43 19.68 -61.20
C ARG J 31 40.68 20.45 -60.79
N PRO J 32 41.85 19.82 -60.70
CA PRO J 32 43.06 20.57 -60.30
C PRO J 32 43.39 21.66 -61.31
N GLY J 33 43.46 22.90 -60.83
CA GLY J 33 43.84 24.04 -61.64
C GLY J 33 42.71 24.87 -62.18
N GLN J 34 41.48 24.69 -61.69
CA GLN J 34 40.35 25.51 -62.11
C GLN J 34 39.44 25.74 -60.91
N ALA J 35 38.34 26.46 -61.16
CA ALA J 35 37.38 26.75 -60.12
C ALA J 35 36.46 25.55 -59.89
N PRO J 36 35.77 25.48 -58.76
CA PRO J 36 34.79 24.42 -58.56
C PRO J 36 33.64 24.52 -59.54
N SER J 37 32.82 23.47 -59.56
CA SER J 37 31.64 23.39 -60.41
C SER J 37 30.58 22.56 -59.70
N LEU J 38 29.33 22.70 -60.12
CA LEU J 38 28.23 22.00 -59.49
C LEU J 38 27.94 20.68 -60.18
N ILE J 39 27.54 19.68 -59.39
CA ILE J 39 27.16 18.35 -59.90
C ILE J 39 25.72 18.01 -59.49
N ILE J 40 25.43 18.03 -58.19
CA ILE J 40 24.16 17.59 -57.64
C ILE J 40 23.70 18.62 -56.61
N TYR J 41 22.42 18.92 -56.64
CA TYR J 41 21.75 19.70 -55.60
C TYR J 41 20.47 18.98 -55.21
N ASN J 42 20.08 19.11 -53.95
CA ASN J 42 18.92 18.39 -53.42
C ASN J 42 19.12 16.87 -53.48
N ASN J 43 20.38 16.44 -53.32
CA ASN J 43 20.80 15.05 -53.15
C ASN J 43 20.76 14.18 -54.40
N ASN J 44 20.04 14.58 -55.46
CA ASN J 44 20.08 13.79 -56.68
C ASN J 44 19.84 14.55 -57.97
N ASP J 45 19.63 15.86 -57.95
CA ASP J 45 19.15 16.60 -59.11
C ASP J 45 20.32 17.31 -59.78
N ARG J 46 20.67 16.86 -60.98
CA ARG J 46 21.82 17.39 -61.70
C ARG J 46 21.37 18.49 -62.67
N PRO J 47 22.15 19.56 -62.86
CA PRO J 47 21.81 20.53 -63.91
C PRO J 47 22.13 19.97 -65.29
N SER J 48 21.70 20.71 -66.31
CA SER J 48 21.96 20.30 -67.68
C SER J 48 23.45 20.29 -67.96
N GLY J 49 23.91 19.23 -68.66
CA GLY J 49 25.31 19.05 -68.99
C GLY J 49 26.02 18.04 -68.12
N ILE J 50 25.54 17.81 -66.91
CA ILE J 50 26.15 16.82 -66.01
C ILE J 50 25.66 15.43 -66.42
N PRO J 51 26.53 14.44 -66.60
CA PRO J 51 26.05 13.12 -67.01
C PRO J 51 25.24 12.45 -65.92
N ASP J 52 24.51 11.40 -66.32
CA ASP J 52 23.66 10.66 -65.38
C ASP J 52 24.45 9.69 -64.51
N ARG J 53 25.75 9.53 -64.74
CA ARG J 53 26.54 8.64 -63.90
C ARG J 53 26.65 9.12 -62.47
N PHE J 54 26.62 10.44 -62.25
CA PHE J 54 26.68 11.02 -60.91
C PHE J 54 25.34 10.79 -60.23
N SER J 55 25.35 10.13 -59.06
CA SER J 55 24.15 9.97 -58.25
C SER J 55 24.50 10.17 -56.79
N GLY J 56 23.55 10.72 -56.03
CA GLY J 56 23.76 11.03 -54.62
C GLY J 56 22.85 10.25 -53.70
N SER J 57 23.30 10.03 -52.47
CA SER J 57 22.49 9.31 -51.50
C SER J 57 21.30 10.18 -51.09
N PRO J 58 20.12 9.60 -50.87
CA PRO J 58 18.97 10.42 -50.49
C PRO J 58 19.17 11.08 -49.13
N GLY J 59 18.73 12.33 -49.05
CA GLY J 59 18.71 13.06 -47.80
C GLY J 59 17.53 12.73 -46.90
N SER J 60 16.64 11.84 -47.34
CA SER J 60 15.51 11.41 -46.53
C SER J 60 15.87 10.36 -45.50
N THR J 61 17.10 9.85 -45.52
CA THR J 61 17.58 8.85 -44.57
C THR J 61 18.38 9.54 -43.47
N PHE J 62 18.11 9.15 -42.23
CA PHE J 62 18.76 9.71 -41.06
C PHE J 62 19.70 8.67 -40.47
N GLY J 63 20.93 9.08 -40.18
CA GLY J 63 21.97 8.17 -39.76
C GLY J 63 22.80 7.59 -40.88
N THR J 64 22.88 8.27 -42.02
CA THR J 64 23.72 7.87 -43.14
C THR J 64 24.49 9.08 -43.64
N THR J 65 25.79 8.88 -43.88
CA THR J 65 26.62 9.95 -44.41
C THR J 65 26.31 10.20 -45.88
N ALA J 66 26.56 11.42 -46.34
CA ALA J 66 26.35 11.76 -47.73
C ALA J 66 27.39 11.07 -48.59
N THR J 67 26.94 10.42 -49.66
CA THR J 67 27.80 9.69 -50.59
C THR J 67 27.47 10.09 -52.02
N LEU J 68 28.49 10.09 -52.87
CA LEU J 68 28.36 10.35 -54.30
C LEU J 68 28.92 9.14 -55.03
N THR J 69 28.05 8.46 -55.80
CA THR J 69 28.46 7.34 -56.62
C THR J 69 28.64 7.79 -58.06
N ILE J 70 29.76 7.40 -58.64
CA ILE J 70 30.16 7.79 -59.99
C ILE J 70 30.38 6.48 -60.74
N THR J 71 29.46 6.14 -61.64
CA THR J 71 29.62 4.95 -62.46
C THR J 71 30.48 5.28 -63.67
N SER J 72 31.26 4.28 -64.11
CA SER J 72 32.15 4.40 -65.28
C SER J 72 33.04 5.63 -65.16
N VAL J 73 33.92 5.58 -64.16
CA VAL J 73 34.79 6.72 -63.88
C VAL J 73 35.71 6.95 -65.08
N GLU J 74 35.94 8.23 -65.39
CA GLU J 74 36.76 8.66 -66.52
C GLU J 74 37.79 9.67 -66.02
N ALA J 75 38.74 9.99 -66.89
CA ALA J 75 39.76 10.99 -66.54
C ALA J 75 39.13 12.37 -66.34
N GLY J 76 37.95 12.62 -66.91
CA GLY J 76 37.23 13.83 -66.60
C GLY J 76 36.79 13.88 -65.15
N ASP J 77 36.36 12.73 -64.62
CA ASP J 77 35.93 12.65 -63.23
C ASP J 77 37.09 12.74 -62.24
N GLU J 78 38.33 12.68 -62.72
CA GLU J 78 39.49 12.93 -61.87
C GLU J 78 39.44 14.35 -61.31
N ALA J 79 39.12 14.49 -60.03
CA ALA J 79 38.97 15.80 -59.42
C ALA J 79 38.71 15.64 -57.92
N ASP J 80 38.86 16.75 -57.19
CA ASP J 80 38.44 16.80 -55.79
C ASP J 80 36.92 16.92 -55.72
N TYR J 81 36.36 16.39 -54.63
CA TYR J 81 34.90 16.31 -54.48
C TYR J 81 34.52 16.84 -53.10
N TYR J 82 33.84 17.99 -53.08
CA TYR J 82 33.37 18.62 -51.85
C TYR J 82 31.85 18.45 -51.71
N CYS J 83 31.38 18.58 -50.47
CA CYS J 83 29.97 18.46 -50.15
C CYS J 83 29.54 19.61 -49.24
N HIS J 84 28.40 20.22 -49.57
CA HIS J 84 27.82 21.34 -48.85
C HIS J 84 26.53 20.82 -48.25
N ILE J 85 26.59 20.41 -46.99
CA ILE J 85 25.46 19.77 -46.33
C ILE J 85 24.56 20.85 -45.76
N TRP J 86 23.26 20.70 -45.99
CA TRP J 86 22.23 21.59 -45.47
C TRP J 86 21.27 20.76 -44.62
N ASP J 87 21.62 20.57 -43.35
CA ASP J 87 20.83 19.76 -42.44
C ASP J 87 19.78 20.62 -41.75
N SER J 88 18.59 20.04 -41.56
CA SER J 88 17.51 20.77 -40.91
C SER J 88 17.78 20.96 -39.42
N ARG J 89 18.50 20.03 -38.79
CA ARG J 89 18.73 20.05 -37.35
C ARG J 89 20.12 20.56 -36.99
N ARG J 90 20.81 21.23 -37.93
CA ARG J 90 22.08 21.87 -37.67
C ARG J 90 22.05 23.29 -38.23
N PRO J 91 22.86 24.20 -37.69
CA PRO J 91 22.93 25.53 -38.30
C PRO J 91 23.56 25.46 -39.68
N THR J 92 23.45 26.56 -40.42
CA THR J 92 23.99 26.62 -41.77
C THR J 92 25.49 26.38 -41.74
N ASN J 93 25.95 25.45 -42.57
CA ASN J 93 27.37 25.15 -42.69
C ASN J 93 27.99 26.13 -43.67
N TRP J 94 28.87 27.00 -43.16
CA TRP J 94 29.49 28.03 -43.97
C TRP J 94 30.88 27.63 -44.46
N VAL J 95 31.24 26.35 -44.36
CA VAL J 95 32.47 25.81 -44.93
C VAL J 95 32.14 24.45 -45.53
N PHE J 96 32.65 24.21 -46.74
CA PHE J 96 32.42 22.93 -47.39
C PHE J 96 33.09 21.80 -46.62
N GLY J 97 32.83 20.58 -47.05
CA GLY J 97 33.37 19.42 -46.37
C GLY J 97 34.78 19.13 -46.82
N GLU J 98 35.45 18.25 -46.08
CA GLU J 98 36.80 17.85 -46.43
C GLU J 98 36.77 17.06 -47.72
N GLY J 99 37.43 17.61 -48.75
CA GLY J 99 37.34 17.01 -50.07
C GLY J 99 38.06 15.68 -50.15
N THR J 100 37.61 14.85 -51.08
CA THR J 100 38.20 13.55 -51.38
C THR J 100 38.72 13.59 -52.81
N THR J 101 40.02 13.37 -52.98
CA THR J 101 40.65 13.44 -54.29
C THR J 101 40.50 12.09 -54.98
N LEU J 102 39.58 12.02 -55.94
CA LEU J 102 39.38 10.80 -56.71
C LEU J 102 40.52 10.68 -57.72
N ILE J 103 41.22 9.54 -57.68
CA ILE J 103 42.40 9.30 -58.52
C ILE J 103 42.03 8.18 -59.49
N VAL J 104 42.13 8.47 -60.79
CA VAL J 104 41.81 7.51 -61.84
C VAL J 104 43.10 6.84 -62.30
N LEU J 105 43.11 5.51 -62.26
CA LEU J 105 44.30 4.74 -62.64
C LEU J 105 44.29 4.51 -64.15
N SER J 106 44.66 5.56 -64.87
CA SER J 106 44.73 5.56 -66.33
C SER J 106 46.08 6.09 -66.81
N TRP K 40 -61.53 -9.65 -1.98
CA TRP K 40 -61.61 -8.92 -3.24
C TRP K 40 -60.24 -8.41 -3.68
N VAL K 41 -59.28 -8.32 -2.76
CA VAL K 41 -57.92 -7.97 -3.13
C VAL K 41 -57.28 -9.18 -3.80
N THR K 42 -56.48 -8.92 -4.84
CA THR K 42 -55.78 -9.97 -5.58
C THR K 42 -54.34 -9.53 -5.83
N VAL K 43 -53.41 -10.42 -5.48
CA VAL K 43 -51.97 -10.14 -5.54
C VAL K 43 -51.44 -10.73 -6.84
N TYR K 44 -50.64 -9.93 -7.55
CA TYR K 44 -50.01 -10.33 -8.81
C TYR K 44 -48.51 -10.16 -8.67
N TYR K 45 -47.77 -11.20 -9.06
CA TYR K 45 -46.30 -11.22 -9.06
C TYR K 45 -45.83 -11.35 -10.49
N GLY K 46 -44.96 -10.44 -10.91
CA GLY K 46 -44.54 -10.32 -12.29
C GLY K 46 -45.18 -9.17 -13.04
N VAL K 47 -45.81 -8.24 -12.35
CA VAL K 47 -46.51 -7.12 -12.99
C VAL K 47 -45.49 -6.23 -13.69
N PRO K 48 -45.80 -5.66 -14.88
CA PRO K 48 -44.91 -4.63 -15.44
C PRO K 48 -45.09 -3.27 -14.79
N VAL K 49 -44.41 -3.06 -13.66
CA VAL K 49 -44.37 -1.77 -12.98
C VAL K 49 -42.92 -1.51 -12.62
N TRP K 50 -42.51 -0.24 -12.70
CA TRP K 50 -41.18 0.16 -12.31
C TRP K 50 -41.21 1.53 -11.63
N LYS K 51 -40.18 1.78 -10.83
CA LYS K 51 -40.01 3.04 -10.12
C LYS K 51 -38.60 3.55 -10.36
N ASP K 52 -38.44 4.87 -10.39
CA ASP K 52 -37.11 5.44 -10.58
C ASP K 52 -36.22 5.10 -9.40
N ALA K 53 -35.02 4.61 -9.70
CA ALA K 53 -34.12 4.13 -8.65
C ALA K 53 -32.68 4.23 -9.12
N GLU K 54 -31.77 3.96 -8.20
CA GLU K 54 -30.33 3.98 -8.45
C GLU K 54 -29.71 2.73 -7.86
N THR K 55 -28.86 2.07 -8.63
CA THR K 55 -28.24 0.81 -8.24
C THR K 55 -26.79 0.80 -8.72
N THR K 56 -26.06 -0.25 -8.36
CA THR K 56 -24.69 -0.44 -8.81
C THR K 56 -24.72 -1.19 -10.13
N LEU K 57 -24.61 -0.46 -11.24
CA LEU K 57 -24.46 -1.08 -12.54
C LEU K 57 -23.06 -1.68 -12.67
N PHE K 58 -22.99 -2.90 -13.20
CA PHE K 58 -21.71 -3.54 -13.47
C PHE K 58 -21.42 -3.44 -14.97
N CYS K 59 -20.27 -3.96 -15.39
CA CYS K 59 -19.79 -3.83 -16.76
C CYS K 59 -19.89 -5.15 -17.50
N ALA K 60 -19.93 -5.05 -18.82
CA ALA K 60 -19.90 -6.20 -19.72
C ALA K 60 -19.17 -5.76 -20.99
N SER K 61 -18.37 -6.67 -21.53
CA SER K 61 -17.52 -6.35 -22.68
C SER K 61 -17.31 -7.60 -23.53
N ASP K 62 -16.94 -7.37 -24.78
CA ASP K 62 -16.74 -8.46 -25.73
C ASP K 62 -15.35 -9.07 -25.56
N HIS K 71 -4.37 -6.24 -20.75
CA HIS K 71 -3.53 -5.06 -20.54
C HIS K 71 -4.24 -3.80 -20.99
N ASN K 72 -5.16 -3.32 -20.15
CA ASN K 72 -5.93 -2.11 -20.43
C ASN K 72 -6.16 -1.37 -19.12
N VAL K 73 -6.28 -0.05 -19.22
CA VAL K 73 -6.44 0.77 -18.02
C VAL K 73 -7.77 0.48 -17.34
N TRP K 74 -8.82 0.24 -18.12
CA TRP K 74 -10.17 0.13 -17.57
C TRP K 74 -10.57 -1.31 -17.31
N ALA K 75 -9.59 -2.18 -17.10
CA ALA K 75 -9.78 -3.54 -16.58
C ALA K 75 -10.87 -4.30 -17.30
N THR K 76 -10.92 -4.18 -18.62
CA THR K 76 -11.98 -4.80 -19.40
C THR K 76 -11.91 -6.33 -19.39
N HIS K 77 -10.76 -6.91 -19.06
CA HIS K 77 -10.68 -8.36 -18.91
C HIS K 77 -11.57 -8.85 -17.78
N ALA K 78 -11.69 -8.07 -16.71
CA ALA K 78 -12.49 -8.46 -15.56
C ALA K 78 -13.99 -8.36 -15.82
N CYS K 79 -14.41 -7.79 -16.95
CA CYS K 79 -15.83 -7.62 -17.20
C CYS K 79 -16.51 -8.94 -17.55
N VAL K 80 -17.81 -8.99 -17.29
CA VAL K 80 -18.61 -10.17 -17.64
C VAL K 80 -18.68 -10.27 -19.17
N PRO K 81 -18.65 -11.46 -19.77
CA PRO K 81 -18.85 -11.54 -21.23
C PRO K 81 -20.23 -11.04 -21.62
N THR K 82 -20.26 -10.03 -22.46
CA THR K 82 -21.51 -9.44 -22.91
C THR K 82 -22.25 -10.39 -23.84
N ASP K 83 -23.55 -10.16 -23.97
CA ASP K 83 -24.36 -10.97 -24.87
C ASP K 83 -23.91 -10.73 -26.31
N PRO K 84 -23.64 -11.77 -27.10
CA PRO K 84 -23.26 -11.51 -28.51
C PRO K 84 -24.35 -10.80 -29.29
N ASN K 85 -25.61 -11.10 -29.00
CA ASN K 85 -26.77 -10.42 -29.60
C ASN K 85 -27.60 -9.82 -28.48
N PRO K 86 -27.44 -8.53 -28.16
CA PRO K 86 -28.26 -7.95 -27.09
C PRO K 86 -29.74 -8.02 -27.42
N GLN K 87 -30.54 -8.31 -26.38
CA GLN K 87 -31.99 -8.43 -26.50
C GLN K 87 -32.62 -7.11 -26.14
N GLU K 88 -33.21 -6.45 -27.13
CA GLU K 88 -33.88 -5.17 -26.96
C GLU K 88 -35.38 -5.37 -27.20
N ILE K 89 -36.19 -5.02 -26.20
CA ILE K 89 -37.63 -5.24 -26.21
C ILE K 89 -38.30 -3.89 -26.36
N HIS K 90 -38.82 -3.61 -27.55
CA HIS K 90 -39.53 -2.34 -27.78
C HIS K 90 -40.81 -2.33 -26.96
N LEU K 91 -40.87 -1.45 -25.96
CA LEU K 91 -42.08 -1.28 -25.18
C LEU K 91 -43.05 -0.37 -25.92
N GLU K 92 -44.29 -0.82 -26.08
CA GLU K 92 -45.31 -0.09 -26.82
C GLU K 92 -46.19 0.72 -25.87
N ASN K 93 -46.67 1.86 -26.38
CA ASN K 93 -47.67 2.71 -25.74
C ASN K 93 -47.13 3.47 -24.52
N VAL K 94 -45.88 3.23 -24.12
CA VAL K 94 -45.36 3.70 -22.83
C VAL K 94 -44.55 4.97 -23.05
N THR K 95 -44.80 5.96 -22.20
CA THR K 95 -44.08 7.22 -22.19
C THR K 95 -43.39 7.38 -20.84
N GLU K 96 -42.11 7.72 -20.87
CA GLU K 96 -41.28 7.85 -19.68
C GLU K 96 -40.57 9.20 -19.67
N GLU K 97 -40.44 9.78 -18.48
CA GLU K 97 -39.84 11.10 -18.30
C GLU K 97 -38.36 10.92 -17.95
N PHE K 98 -37.48 11.32 -18.87
CA PHE K 98 -36.04 11.22 -18.70
C PHE K 98 -35.46 12.55 -18.24
N ASN K 99 -34.23 12.48 -17.75
CA ASN K 99 -33.47 13.70 -17.40
C ASN K 99 -31.99 13.34 -17.46
N MET K 100 -31.32 13.73 -18.54
CA MET K 100 -29.92 13.39 -18.73
C MET K 100 -29.00 14.15 -17.78
N TRP K 101 -29.44 15.28 -17.24
CA TRP K 101 -28.60 16.11 -16.40
C TRP K 101 -28.66 15.74 -14.92
N LYS K 102 -29.63 14.92 -14.51
CA LYS K 102 -29.67 14.32 -13.18
C LYS K 102 -29.48 12.81 -13.24
N ASN K 103 -28.90 12.30 -14.33
CA ASN K 103 -28.68 10.86 -14.45
C ASN K 103 -27.63 10.40 -13.45
N ASN K 104 -27.97 9.40 -12.65
CA ASN K 104 -27.00 8.80 -11.75
C ASN K 104 -25.98 7.93 -12.46
N MET K 105 -26.33 7.41 -13.64
CA MET K 105 -25.39 6.61 -14.41
C MET K 105 -24.15 7.42 -14.76
N VAL K 106 -24.31 8.72 -15.01
CA VAL K 106 -23.16 9.55 -15.37
C VAL K 106 -22.21 9.71 -14.19
N GLU K 107 -22.74 9.99 -13.00
CA GLU K 107 -21.88 10.14 -11.83
C GLU K 107 -21.21 8.82 -11.49
N GLN K 108 -21.96 7.73 -11.61
CA GLN K 108 -21.39 6.41 -11.33
C GLN K 108 -20.28 6.08 -12.32
N MET K 109 -20.47 6.41 -13.60
CA MET K 109 -19.42 6.17 -14.58
C MET K 109 -18.20 7.03 -14.30
N HIS K 110 -18.41 8.28 -13.88
CA HIS K 110 -17.28 9.13 -13.52
C HIS K 110 -16.47 8.49 -12.39
N THR K 111 -17.17 8.01 -11.36
CA THR K 111 -16.50 7.34 -10.25
C THR K 111 -15.76 6.08 -10.73
N ASP K 112 -16.40 5.30 -11.60
CA ASP K 112 -15.78 4.08 -12.09
C ASP K 112 -14.50 4.37 -12.89
N ILE K 113 -14.57 5.36 -13.77
CA ILE K 113 -13.41 5.72 -14.58
C ILE K 113 -12.26 6.19 -13.68
N ILE K 114 -12.57 7.04 -12.70
CA ILE K 114 -11.52 7.50 -11.79
C ILE K 114 -10.93 6.33 -11.01
N SER K 115 -11.78 5.43 -10.52
CA SER K 115 -11.29 4.30 -9.75
C SER K 115 -10.42 3.38 -10.59
N LEU K 116 -10.80 3.14 -11.85
CA LEU K 116 -9.99 2.31 -12.73
C LEU K 116 -8.66 2.96 -13.03
N TRP K 117 -8.66 4.28 -13.25
CA TRP K 117 -7.41 5.00 -13.46
C TRP K 117 -6.50 4.88 -12.24
N ASP K 118 -7.08 4.97 -11.05
CA ASP K 118 -6.30 4.83 -9.82
C ASP K 118 -5.72 3.42 -9.68
N GLN K 119 -6.54 2.40 -9.94
CA GLN K 119 -6.06 1.03 -9.74
C GLN K 119 -5.04 0.62 -10.78
N SER K 120 -5.13 1.15 -12.00
CA SER K 120 -4.12 0.86 -13.01
C SER K 120 -2.78 1.50 -12.65
N LEU K 121 -2.80 2.63 -11.94
CA LEU K 121 -1.57 3.30 -11.52
C LEU K 121 -1.02 2.76 -10.20
N LYS K 122 -1.76 1.91 -9.50
CA LYS K 122 -1.31 1.45 -8.19
C LYS K 122 -0.01 0.66 -8.23
N PRO K 123 0.17 -0.35 -9.09
CA PRO K 123 1.39 -1.17 -9.02
C PRO K 123 2.58 -0.63 -9.79
N CYS K 124 2.49 0.54 -10.40
CA CYS K 124 3.52 1.03 -11.31
C CYS K 124 4.60 1.82 -10.55
N VAL K 125 5.63 2.21 -11.30
CA VAL K 125 6.81 2.82 -10.69
C VAL K 125 6.46 4.20 -10.16
N LYS K 126 7.08 4.56 -9.04
CA LYS K 126 6.97 5.89 -8.45
C LYS K 126 8.22 6.69 -8.80
N LEU K 127 8.05 7.77 -9.55
CA LEU K 127 9.18 8.60 -9.98
C LEU K 127 9.44 9.74 -8.98
N THR K 128 9.53 9.39 -7.71
CA THR K 128 9.91 10.33 -6.67
C THR K 128 11.36 10.79 -6.86
N PRO K 129 12.31 9.90 -7.17
CA PRO K 129 13.67 10.37 -7.47
C PRO K 129 13.75 11.36 -8.62
N LEU K 130 12.86 11.29 -9.60
CA LEU K 130 13.00 12.12 -10.79
C LEU K 130 12.83 13.61 -10.52
N CYS K 131 12.35 13.99 -9.34
CA CYS K 131 12.22 15.39 -8.95
C CYS K 131 13.55 15.89 -8.42
N VAL K 132 14.36 16.45 -9.30
CA VAL K 132 15.65 17.03 -8.95
C VAL K 132 15.96 18.16 -9.94
N THR K 133 17.01 18.93 -9.62
CA THR K 133 17.49 19.95 -10.53
C THR K 133 18.04 19.32 -11.79
N LEU K 134 17.64 19.85 -12.95
CA LEU K 134 17.98 19.30 -14.25
C LEU K 134 18.76 20.35 -15.03
N GLN K 135 19.95 20.00 -15.50
CA GLN K 135 20.71 20.88 -16.39
C GLN K 135 20.20 20.67 -17.81
N CYS K 136 19.40 21.62 -18.29
CA CYS K 136 18.72 21.50 -19.57
C CYS K 136 19.31 22.46 -20.60
N THR K 137 19.71 21.91 -21.73
CA THR K 137 20.04 22.65 -22.93
C THR K 137 18.92 22.45 -23.94
N ASN K 138 19.01 23.15 -25.07
CA ASN K 138 18.09 22.90 -26.17
C ASN K 138 18.50 21.64 -26.90
N VAL K 139 17.50 20.91 -27.40
CA VAL K 139 17.77 19.78 -28.26
C VAL K 139 18.49 20.29 -29.51
N THR K 140 19.34 19.44 -30.08
CA THR K 140 20.11 19.84 -31.27
C THR K 140 19.17 20.17 -32.41
N ASN K 141 19.07 21.46 -32.72
CA ASN K 141 18.15 21.95 -33.75
C ASN K 141 18.66 23.31 -34.21
N ASN K 142 18.29 23.66 -35.45
CA ASN K 142 18.69 24.95 -35.99
C ASN K 142 17.76 26.05 -35.50
N ILE K 143 16.48 25.95 -35.87
CA ILE K 143 15.42 26.96 -35.71
C ILE K 143 15.87 28.37 -35.29
N MET K 147 9.97 29.60 -32.62
CA MET K 147 10.33 29.36 -31.23
C MET K 147 11.02 28.00 -31.11
N ARG K 148 10.24 26.93 -30.98
CA ARG K 148 10.74 25.57 -30.86
C ARG K 148 11.78 25.43 -29.76
N GLY K 149 11.38 25.81 -28.55
CA GLY K 149 12.02 25.34 -27.34
C GLY K 149 11.20 24.19 -26.78
N GLU K 150 10.44 23.52 -27.64
CA GLU K 150 9.41 22.59 -27.18
C GLU K 150 10.00 21.33 -26.59
N LEU K 151 11.28 21.05 -26.86
CA LEU K 151 11.99 19.92 -26.30
C LEU K 151 13.28 20.41 -25.66
N LYS K 152 13.58 19.91 -24.46
CA LYS K 152 14.76 20.28 -23.71
C LYS K 152 15.56 19.03 -23.37
N ASN K 153 16.84 19.05 -23.72
CA ASN K 153 17.75 17.97 -23.40
C ASN K 153 18.29 18.19 -21.98
N CYS K 154 17.77 17.41 -21.04
CA CYS K 154 17.97 17.66 -19.61
C CYS K 154 18.79 16.52 -19.02
N SER K 155 19.88 16.87 -18.33
CA SER K 155 20.76 15.91 -17.68
C SER K 155 20.62 16.02 -16.17
N PHE K 156 20.69 14.88 -15.49
CA PHE K 156 20.50 14.82 -14.05
C PHE K 156 21.27 13.64 -13.46
N ASN K 157 21.50 13.71 -12.15
CA ASN K 157 22.14 12.64 -11.37
C ASN K 157 21.03 11.77 -10.81
N MET K 158 20.83 10.60 -11.41
CA MET K 158 19.81 9.67 -10.95
C MET K 158 20.41 8.63 -10.02
N THR K 159 19.58 8.15 -9.10
CA THR K 159 19.96 7.04 -8.25
C THR K 159 20.07 5.76 -9.06
N THR K 160 21.05 4.93 -8.72
CA THR K 160 21.32 3.68 -9.39
C THR K 160 20.69 2.53 -8.58
N GLU K 161 21.00 1.30 -8.98
CA GLU K 161 20.50 0.15 -8.22
C GLU K 161 21.11 0.14 -6.82
N LEU K 162 22.35 0.61 -6.69
CA LEU K 162 23.02 0.72 -5.41
C LEU K 162 22.72 2.08 -4.80
N ARG K 163 22.32 2.09 -3.52
CA ARG K 163 21.96 3.33 -2.85
C ARG K 163 23.13 4.27 -2.66
N ASP K 164 24.37 3.79 -2.71
CA ASP K 164 25.55 4.61 -2.46
C ASP K 164 26.22 5.10 -3.73
N LYS K 165 25.57 4.95 -4.89
CA LYS K 165 26.10 5.35 -6.19
C LYS K 165 25.09 6.21 -6.92
N LYS K 166 25.57 6.99 -7.89
CA LYS K 166 24.73 7.85 -8.71
C LYS K 166 25.24 7.81 -10.14
N GLN K 167 24.33 8.06 -11.08
CA GLN K 167 24.61 7.99 -12.51
C GLN K 167 24.19 9.28 -13.18
N LYS K 168 25.04 9.79 -14.07
CA LYS K 168 24.74 10.98 -14.86
C LYS K 168 24.00 10.51 -16.10
N VAL K 169 22.69 10.81 -16.17
CA VAL K 169 21.85 10.38 -17.26
C VAL K 169 21.19 11.62 -17.86
N TYR K 170 20.52 11.44 -19.00
CA TYR K 170 19.84 12.54 -19.66
C TYR K 170 18.54 12.05 -20.27
N SER K 171 17.70 13.00 -20.66
CA SER K 171 16.37 12.73 -21.16
C SER K 171 15.84 13.97 -21.86
N LEU K 172 15.04 13.76 -22.91
CA LEU K 172 14.36 14.85 -23.57
C LEU K 172 13.00 15.06 -22.92
N PHE K 173 12.80 16.25 -22.36
CA PHE K 173 11.56 16.62 -21.67
C PHE K 173 10.89 17.74 -22.44
N TYR K 174 9.58 17.65 -22.60
CA TYR K 174 8.85 18.74 -23.22
C TYR K 174 8.91 19.98 -22.32
N ARG K 175 8.82 21.15 -22.95
CA ARG K 175 8.91 22.39 -22.19
C ARG K 175 7.74 22.57 -21.25
N LEU K 176 6.56 22.03 -21.58
CA LEU K 176 5.42 22.09 -20.68
C LEU K 176 5.62 21.25 -19.43
N ASP K 177 6.54 20.28 -19.45
CA ASP K 177 6.81 19.39 -18.32
C ASP K 177 7.94 19.87 -17.43
N VAL K 178 8.60 20.98 -17.75
CA VAL K 178 9.71 21.50 -16.94
C VAL K 178 9.51 23.00 -16.74
N VAL K 179 9.69 23.45 -15.51
CA VAL K 179 9.71 24.86 -15.16
C VAL K 179 11.14 25.23 -14.76
N GLN K 180 11.49 26.49 -14.98
CA GLN K 180 12.83 26.98 -14.70
C GLN K 180 12.91 27.46 -13.25
N ILE K 181 13.95 27.03 -12.55
CA ILE K 181 14.24 27.48 -11.18
C ILE K 181 15.46 28.38 -11.21
N ASN K 182 15.41 29.46 -10.44
CA ASN K 182 16.45 30.48 -10.42
C ASN K 182 16.61 31.10 -11.80
N SER K 192 22.94 29.04 -13.72
CA SER K 192 21.70 28.87 -12.98
C SER K 192 20.48 29.05 -13.88
N ASN K 193 20.65 29.79 -14.98
CA ASN K 193 19.57 29.92 -15.95
C ASN K 193 19.26 28.63 -16.68
N LYS K 194 20.16 27.64 -16.64
CA LYS K 194 19.94 26.34 -17.24
C LYS K 194 19.30 25.34 -16.28
N GLU K 195 19.08 25.70 -15.02
CA GLU K 195 18.54 24.76 -14.04
C GLU K 195 17.02 24.76 -14.11
N TYR K 196 16.44 23.54 -14.12
CA TYR K 196 15.02 23.31 -14.30
C TYR K 196 14.54 22.30 -13.25
N ARG K 197 13.24 22.04 -13.27
CA ARG K 197 12.66 20.96 -12.47
C ARG K 197 11.34 20.55 -13.12
N LEU K 198 10.90 19.34 -12.82
CA LEU K 198 9.61 18.91 -13.35
C LEU K 198 8.49 19.77 -12.79
N ILE K 199 7.44 19.95 -13.60
CA ILE K 199 6.37 20.87 -13.25
C ILE K 199 5.66 20.50 -11.96
N ASN K 200 5.65 19.21 -11.63
CA ASN K 200 4.83 18.69 -10.54
C ASN K 200 5.57 18.57 -9.22
N CYS K 201 6.84 18.96 -9.15
CA CYS K 201 7.60 18.69 -7.93
C CYS K 201 7.09 19.48 -6.74
N ASN K 202 6.60 20.71 -6.96
CA ASN K 202 6.17 21.57 -5.87
C ASN K 202 4.67 21.48 -5.59
N THR K 203 3.96 20.54 -6.22
CA THR K 203 2.53 20.36 -5.97
C THR K 203 2.07 18.91 -5.83
N SER K 204 2.84 17.91 -6.25
CA SER K 204 2.32 16.56 -6.35
C SER K 204 3.45 15.55 -6.43
N ALA K 205 3.09 14.28 -6.25
CA ALA K 205 3.97 13.14 -6.45
C ALA K 205 3.57 12.43 -7.73
N ILE K 206 4.57 12.05 -8.52
CA ILE K 206 4.38 11.58 -9.89
C ILE K 206 4.62 10.07 -9.94
N THR K 207 3.73 9.37 -10.64
CA THR K 207 3.77 7.92 -10.75
C THR K 207 3.76 7.53 -12.22
N GLN K 208 4.83 6.92 -12.68
CA GLN K 208 4.96 6.51 -14.08
C GLN K 208 3.87 5.51 -14.42
N ALA K 209 3.11 5.79 -15.48
CA ALA K 209 2.17 4.82 -16.01
C ALA K 209 2.93 3.61 -16.51
N CYS K 210 2.38 2.42 -16.26
CA CYS K 210 3.05 1.21 -16.69
C CYS K 210 3.12 1.17 -18.21
N PRO K 211 4.27 0.82 -18.80
CA PRO K 211 4.37 0.89 -20.27
C PRO K 211 3.47 -0.10 -21.00
N LYS K 212 3.01 -1.15 -20.34
CA LYS K 212 2.28 -2.23 -21.00
C LYS K 212 0.76 -2.06 -20.95
N VAL K 213 0.23 -1.30 -19.99
CA VAL K 213 -1.20 -1.03 -19.96
C VAL K 213 -1.52 0.05 -20.97
N SER K 214 -2.55 -0.20 -21.78
CA SER K 214 -2.93 0.69 -22.86
C SER K 214 -3.99 1.68 -22.40
N PHE K 215 -3.96 2.89 -22.97
CA PHE K 215 -4.96 3.91 -22.74
C PHE K 215 -6.08 3.88 -23.76
N GLU K 216 -6.10 2.89 -24.65
CA GLU K 216 -7.08 2.86 -25.72
C GLU K 216 -8.48 2.68 -25.14
N PRO K 217 -9.47 3.51 -25.50
CA PRO K 217 -10.82 3.29 -24.98
C PRO K 217 -11.46 2.05 -25.59
N ILE K 218 -11.70 1.05 -24.77
CA ILE K 218 -12.41 -0.16 -25.15
C ILE K 218 -13.88 0.04 -24.76
N PRO K 219 -14.84 -0.27 -25.64
CA PRO K 219 -16.25 -0.03 -25.27
C PRO K 219 -16.66 -0.83 -24.04
N ILE K 220 -17.49 -0.21 -23.20
CA ILE K 220 -17.96 -0.78 -21.94
C ILE K 220 -19.48 -0.70 -21.94
N HIS K 221 -20.13 -1.83 -21.68
CA HIS K 221 -21.59 -1.92 -21.63
C HIS K 221 -22.02 -1.96 -20.17
N TYR K 222 -22.80 -0.97 -19.75
CA TYR K 222 -23.22 -0.85 -18.35
C TYR K 222 -24.54 -1.60 -18.18
N CYS K 223 -24.47 -2.75 -17.52
CA CYS K 223 -25.63 -3.61 -17.28
C CYS K 223 -26.11 -3.44 -15.85
N ALA K 224 -27.42 -3.34 -15.67
CA ALA K 224 -28.00 -3.26 -14.33
C ALA K 224 -28.20 -4.67 -13.76
N PRO K 225 -28.24 -4.81 -12.43
CA PRO K 225 -28.47 -6.14 -11.85
C PRO K 225 -29.86 -6.67 -12.18
N ALA K 226 -30.06 -7.94 -11.87
CA ALA K 226 -31.38 -8.54 -11.98
C ALA K 226 -32.34 -7.87 -11.01
N GLY K 227 -33.60 -7.73 -11.42
CA GLY K 227 -34.57 -6.95 -10.69
C GLY K 227 -34.56 -5.47 -11.02
N PHE K 228 -33.62 -5.01 -11.84
CA PHE K 228 -33.58 -3.66 -12.36
C PHE K 228 -33.58 -3.74 -13.89
N ALA K 229 -33.75 -2.57 -14.52
CA ALA K 229 -33.74 -2.49 -15.97
C ALA K 229 -33.23 -1.13 -16.39
N ILE K 230 -32.86 -1.03 -17.67
CA ILE K 230 -32.42 0.21 -18.28
C ILE K 230 -33.38 0.54 -19.42
N LEU K 231 -33.81 1.80 -19.47
CA LEU K 231 -34.80 2.26 -20.45
C LEU K 231 -34.09 3.16 -21.45
N LYS K 232 -33.93 2.66 -22.67
CA LYS K 232 -33.34 3.42 -23.77
C LYS K 232 -34.47 4.20 -24.46
N CYS K 233 -34.30 5.50 -24.60
CA CYS K 233 -35.24 6.31 -25.35
C CYS K 233 -34.82 6.35 -26.82
N LYS K 234 -35.64 5.76 -27.68
CA LYS K 234 -35.31 5.63 -29.10
C LYS K 234 -35.73 6.85 -29.92
N ASP K 235 -36.33 7.86 -29.31
CA ASP K 235 -36.77 9.03 -30.05
C ASP K 235 -35.57 9.77 -30.61
N LYS K 236 -35.55 9.93 -31.95
CA LYS K 236 -34.41 10.55 -32.60
C LYS K 236 -34.23 11.99 -32.16
N LYS K 237 -35.29 12.79 -32.27
CA LYS K 237 -35.26 14.15 -31.76
C LYS K 237 -35.49 14.06 -30.26
N PHE K 238 -34.40 13.93 -29.50
CA PHE K 238 -34.43 13.96 -28.05
C PHE K 238 -33.75 15.24 -27.58
N ASN K 239 -34.55 16.16 -27.02
CA ASN K 239 -33.97 17.35 -26.40
C ASN K 239 -33.13 17.04 -25.18
N GLY K 240 -33.26 15.84 -24.61
CA GLY K 240 -32.41 15.39 -23.51
C GLY K 240 -33.19 15.08 -22.25
N THR K 241 -34.21 15.89 -21.97
CA THR K 241 -35.04 15.72 -20.78
C THR K 241 -36.51 15.65 -21.17
N GLY K 242 -37.38 15.47 -20.18
CA GLY K 242 -38.81 15.48 -20.42
C GLY K 242 -39.33 14.14 -20.87
N PRO K 243 -40.59 14.09 -21.29
CA PRO K 243 -41.17 12.82 -21.74
C PRO K 243 -40.64 12.41 -23.11
N CYS K 244 -40.30 11.13 -23.24
CA CYS K 244 -39.85 10.56 -24.52
C CYS K 244 -40.75 9.39 -24.90
N PRO K 245 -41.62 9.51 -25.92
CA PRO K 245 -42.33 8.31 -26.38
C PRO K 245 -41.41 7.31 -27.04
N SER K 246 -41.94 6.15 -27.42
CA SER K 246 -41.17 5.06 -28.03
C SER K 246 -39.97 4.66 -27.17
N VAL K 247 -40.27 4.29 -25.92
CA VAL K 247 -39.24 3.79 -25.01
C VAL K 247 -38.97 2.31 -25.32
N SER K 248 -37.80 1.84 -24.89
CA SER K 248 -37.42 0.44 -25.04
C SER K 248 -36.67 0.01 -23.78
N THR K 249 -36.68 -1.29 -23.51
CA THR K 249 -35.93 -1.89 -22.41
C THR K 249 -34.69 -2.54 -22.99
N VAL K 250 -33.55 -2.33 -22.33
CA VAL K 250 -32.30 -2.99 -22.68
C VAL K 250 -31.70 -3.58 -21.43
N GLN K 251 -30.89 -4.63 -21.61
CA GLN K 251 -30.20 -5.26 -20.49
C GLN K 251 -28.86 -4.58 -20.22
N CYS K 252 -28.23 -4.04 -21.25
CA CYS K 252 -26.98 -3.29 -21.11
C CYS K 252 -27.02 -2.12 -22.08
N THR K 253 -26.29 -1.06 -21.73
CA THR K 253 -26.14 0.05 -22.65
C THR K 253 -25.22 -0.34 -23.80
N HIS K 254 -25.22 0.48 -24.84
CA HIS K 254 -24.35 0.24 -25.98
C HIS K 254 -22.90 0.41 -25.55
N GLY K 255 -21.99 -0.01 -26.42
CA GLY K 255 -20.58 0.16 -26.14
C GLY K 255 -20.19 1.61 -26.06
N ILE K 256 -19.96 2.10 -24.85
CA ILE K 256 -19.60 3.50 -24.61
C ILE K 256 -18.10 3.54 -24.39
N LYS K 257 -17.39 4.04 -25.39
CA LYS K 257 -15.94 4.15 -25.29
C LYS K 257 -15.58 5.22 -24.26
N PRO K 258 -14.74 4.91 -23.22
CA PRO K 258 -14.34 6.00 -22.31
C PRO K 258 -13.28 6.90 -22.92
N VAL K 259 -13.72 7.87 -23.71
CA VAL K 259 -12.85 8.80 -24.41
C VAL K 259 -12.80 10.10 -23.61
N VAL K 260 -11.66 10.39 -23.01
CA VAL K 260 -11.47 11.64 -22.28
C VAL K 260 -10.97 12.70 -23.26
N SER K 261 -11.62 13.86 -23.24
CA SER K 261 -11.24 14.96 -24.12
C SER K 261 -11.99 16.21 -23.72
N THR K 262 -11.55 17.34 -24.28
CA THR K 262 -12.17 18.64 -24.04
C THR K 262 -12.37 19.35 -25.37
N GLN K 263 -13.45 20.13 -25.46
CA GLN K 263 -13.80 20.96 -26.61
C GLN K 263 -14.29 20.16 -27.82
N LEU K 264 -14.21 18.83 -27.78
CA LEU K 264 -14.63 17.99 -28.88
C LEU K 264 -14.82 16.58 -28.34
N LEU K 265 -15.98 15.99 -28.63
CA LEU K 265 -16.27 14.61 -28.30
C LEU K 265 -15.77 13.75 -29.45
N LEU K 266 -14.88 12.80 -29.16
CA LEU K 266 -14.25 11.95 -30.16
C LEU K 266 -14.71 10.50 -29.99
N ASN K 267 -14.84 9.82 -31.13
CA ASN K 267 -15.23 8.41 -31.18
C ASN K 267 -16.55 8.19 -30.43
N GLY K 268 -17.49 9.11 -30.62
CA GLY K 268 -18.78 9.08 -29.97
C GLY K 268 -19.89 8.55 -30.87
N SER K 269 -21.05 8.41 -30.24
CA SER K 269 -22.26 8.02 -30.96
C SER K 269 -22.92 9.26 -31.57
N LEU K 270 -23.38 9.11 -32.81
CA LEU K 270 -23.93 10.22 -33.58
C LEU K 270 -25.45 10.23 -33.53
N ALA K 271 -26.01 11.43 -33.65
CA ALA K 271 -27.45 11.56 -33.83
C ALA K 271 -27.86 10.96 -35.18
N GLU K 272 -29.12 10.53 -35.26
CA GLU K 272 -29.63 9.88 -36.45
C GLU K 272 -30.36 10.83 -37.39
N GLU K 273 -31.10 11.81 -36.86
CA GLU K 273 -31.95 12.68 -37.66
C GLU K 273 -31.30 14.02 -37.95
N GLU K 274 -30.95 14.78 -36.89
CA GLU K 274 -30.43 16.12 -37.02
C GLU K 274 -29.27 16.30 -36.04
N VAL K 275 -28.52 17.39 -36.24
CA VAL K 275 -27.64 17.86 -35.17
C VAL K 275 -28.50 18.15 -33.96
N MET K 276 -27.98 17.86 -32.77
CA MET K 276 -28.75 17.98 -31.54
C MET K 276 -28.03 18.88 -30.55
N ILE K 277 -28.74 19.87 -30.02
CA ILE K 277 -28.23 20.80 -29.03
C ILE K 277 -28.87 20.43 -27.70
N ARG K 278 -28.05 20.19 -26.68
CA ARG K 278 -28.54 19.74 -25.37
C ARG K 278 -27.82 20.55 -24.30
N SER K 279 -28.58 21.37 -23.57
CA SER K 279 -28.07 22.09 -22.42
C SER K 279 -29.09 22.00 -21.29
N GLU K 280 -28.58 21.97 -20.06
CA GLU K 280 -29.45 21.87 -18.89
C GLU K 280 -30.35 23.09 -18.84
N ASN K 281 -29.77 24.27 -19.02
CA ASN K 281 -30.51 25.50 -19.26
C ASN K 281 -29.79 26.27 -20.36
N ILE K 282 -30.51 26.63 -21.42
CA ILE K 282 -29.92 27.38 -22.51
C ILE K 282 -29.85 28.88 -22.17
N THR K 283 -30.34 29.26 -20.99
CA THR K 283 -30.21 30.61 -20.47
C THR K 283 -29.05 30.77 -19.49
N ASN K 284 -28.57 29.67 -18.92
CA ASN K 284 -27.47 29.73 -17.95
C ASN K 284 -26.14 29.55 -18.69
N ASN K 285 -25.25 30.54 -18.58
CA ASN K 285 -23.96 30.41 -19.25
C ASN K 285 -23.09 29.33 -18.63
N ALA K 286 -23.17 29.18 -17.30
CA ALA K 286 -22.36 28.21 -16.58
C ALA K 286 -22.61 26.78 -17.05
N LYS K 287 -23.77 26.54 -17.67
CA LYS K 287 -24.10 25.23 -18.23
C LYS K 287 -23.51 25.12 -19.63
N ASN K 288 -22.73 24.08 -19.86
CA ASN K 288 -22.15 23.85 -21.17
C ASN K 288 -23.23 23.36 -22.13
N ILE K 289 -23.01 23.61 -23.42
CA ILE K 289 -23.93 23.22 -24.48
C ILE K 289 -23.32 22.02 -25.20
N LEU K 290 -23.89 20.84 -25.00
CA LEU K 290 -23.42 19.63 -25.66
C LEU K 290 -24.04 19.57 -27.05
N VAL K 291 -23.19 19.62 -28.07
CA VAL K 291 -23.62 19.53 -29.46
C VAL K 291 -23.27 18.14 -29.97
N GLN K 292 -24.23 17.51 -30.65
CA GLN K 292 -24.07 16.18 -31.21
C GLN K 292 -24.28 16.25 -32.71
N PHE K 293 -23.34 15.66 -33.45
CA PHE K 293 -23.32 15.72 -34.91
C PHE K 293 -24.02 14.51 -35.50
N ASN K 294 -24.84 14.75 -36.52
CA ASN K 294 -25.47 13.64 -37.25
C ASN K 294 -24.49 12.94 -38.17
N THR K 295 -23.42 13.63 -38.60
CA THR K 295 -22.36 13.07 -39.41
C THR K 295 -21.02 13.42 -38.77
N PRO K 296 -20.06 12.50 -38.73
CA PRO K 296 -18.79 12.81 -38.06
C PRO K 296 -17.89 13.67 -38.92
N VAL K 297 -17.00 14.41 -38.26
CA VAL K 297 -15.93 15.14 -38.93
C VAL K 297 -14.63 14.43 -38.58
N GLN K 298 -14.00 13.81 -39.58
CA GLN K 298 -12.79 13.04 -39.32
C GLN K 298 -11.64 13.97 -38.98
N ILE K 299 -10.86 13.60 -37.96
CA ILE K 299 -9.69 14.35 -37.52
C ILE K 299 -8.49 13.40 -37.50
N ASN K 300 -7.43 13.79 -38.21
CA ASN K 300 -6.23 12.97 -38.37
C ASN K 300 -5.06 13.60 -37.64
N CYS K 301 -4.48 12.89 -36.67
CA CYS K 301 -3.28 13.42 -36.00
C CYS K 301 -2.04 12.73 -36.52
N THR K 302 -0.93 13.43 -36.34
CA THR K 302 0.39 12.83 -36.40
C THR K 302 1.29 13.52 -35.38
N ARG K 303 2.05 12.69 -34.65
CA ARG K 303 3.23 13.11 -33.90
C ARG K 303 4.43 12.71 -34.74
N PRO K 304 4.92 13.57 -35.63
CA PRO K 304 5.93 13.13 -36.61
C PRO K 304 7.29 12.79 -36.01
N ASN K 305 7.53 13.05 -34.73
CA ASN K 305 8.81 12.73 -34.11
C ASN K 305 8.93 11.23 -33.88
N ASN K 306 10.13 10.70 -34.11
CA ASN K 306 10.35 9.28 -33.93
C ASN K 306 10.43 8.90 -32.45
N ASN K 307 11.13 9.69 -31.64
CA ASN K 307 11.10 9.60 -30.18
C ASN K 307 11.38 8.19 -29.64
N THR K 308 12.61 7.70 -29.82
CA THR K 308 12.98 6.43 -29.19
C THR K 308 12.92 6.56 -27.68
N ARG K 309 12.70 5.45 -26.99
CA ARG K 309 12.74 5.42 -25.53
C ARG K 309 14.03 4.78 -25.05
N LYS K 310 14.26 4.89 -23.75
CA LYS K 310 15.49 4.42 -23.14
C LYS K 310 15.21 4.18 -21.66
N SER K 311 15.52 2.98 -21.17
CA SER K 311 15.28 2.63 -19.79
C SER K 311 16.45 3.04 -18.91
N ILE K 312 16.17 3.81 -17.87
CA ILE K 312 17.14 4.19 -16.85
C ILE K 312 16.70 3.51 -15.56
N ARG K 313 17.55 2.65 -15.01
CA ARG K 313 17.22 1.94 -13.78
C ARG K 313 17.39 2.91 -12.63
N ILE K 314 16.27 3.36 -12.04
CA ILE K 314 16.31 4.34 -10.97
C ILE K 314 16.43 3.69 -9.59
N GLY K 315 16.21 2.39 -9.48
CA GLY K 315 16.35 1.69 -8.23
C GLY K 315 16.36 0.19 -8.44
N PRO K 316 16.35 -0.58 -7.36
CA PRO K 316 16.29 -2.04 -7.51
C PRO K 316 14.96 -2.48 -8.09
N GLY K 317 15.01 -2.97 -9.33
CA GLY K 317 13.80 -3.43 -9.99
C GLY K 317 12.83 -2.33 -10.37
N GLN K 318 13.33 -1.12 -10.60
CA GLN K 318 12.49 0.02 -10.96
C GLN K 318 13.14 0.75 -12.13
N ALA K 319 12.41 0.86 -13.23
CA ALA K 319 12.89 1.48 -14.45
C ALA K 319 12.11 2.76 -14.73
N PHE K 320 12.76 3.68 -15.44
CA PHE K 320 12.19 4.95 -15.85
C PHE K 320 12.45 5.10 -17.34
N TYR K 321 11.38 5.11 -18.13
CA TYR K 321 11.49 5.16 -19.58
C TYR K 321 11.52 6.61 -20.03
N ALA K 322 12.66 7.03 -20.56
CA ALA K 322 12.93 8.42 -20.91
C ALA K 322 13.19 8.52 -22.40
N THR K 323 12.79 9.64 -22.99
CA THR K 323 13.08 9.87 -24.39
C THR K 323 14.57 10.06 -24.59
N GLY K 324 15.10 9.44 -25.64
CA GLY K 324 16.47 9.60 -26.07
C GLY K 324 16.56 10.46 -27.31
N ASP K 325 17.51 10.13 -28.18
CA ASP K 325 17.68 10.87 -29.42
C ASP K 325 16.45 10.71 -30.31
N ILE K 326 16.13 11.77 -31.05
CA ILE K 326 15.06 11.75 -32.05
C ILE K 326 15.66 11.32 -33.37
N ILE K 327 15.05 10.31 -34.00
CA ILE K 327 15.53 9.78 -35.29
C ILE K 327 14.71 10.49 -36.36
N GLY K 328 15.22 11.63 -36.82
CA GLY K 328 14.63 12.38 -37.92
C GLY K 328 14.62 13.85 -37.63
N ASP K 329 13.60 14.52 -38.15
CA ASP K 329 13.48 15.96 -38.00
C ASP K 329 12.57 16.27 -36.81
N ILE K 330 12.88 17.35 -36.12
CA ILE K 330 12.06 17.82 -35.01
C ILE K 330 10.93 18.64 -35.60
N ARG K 331 9.74 18.07 -35.61
CA ARG K 331 8.56 18.60 -36.26
C ARG K 331 7.45 18.75 -35.24
N GLN K 332 6.68 19.83 -35.37
CA GLN K 332 5.54 20.05 -34.51
C GLN K 332 4.45 19.04 -34.79
N ALA K 333 3.86 18.50 -33.72
CA ALA K 333 2.73 17.58 -33.86
C ALA K 333 1.48 18.35 -34.22
N HIS K 334 0.52 17.65 -34.83
CA HIS K 334 -0.70 18.34 -35.22
C HIS K 334 -1.82 17.35 -35.43
N CYS K 335 -3.05 17.88 -35.54
CA CYS K 335 -4.15 17.12 -36.11
C CYS K 335 -4.90 17.98 -37.12
N ASN K 336 -5.29 17.35 -38.23
CA ASN K 336 -5.96 17.99 -39.36
C ASN K 336 -7.45 17.69 -39.31
N VAL K 337 -8.25 18.67 -39.72
CA VAL K 337 -9.70 18.53 -39.88
C VAL K 337 -10.06 19.10 -41.24
N SER K 338 -10.83 18.35 -42.02
CA SER K 338 -11.23 18.81 -43.35
C SER K 338 -11.98 20.13 -43.25
N LYS K 339 -11.62 21.08 -44.10
CA LYS K 339 -12.23 22.41 -44.03
C LYS K 339 -13.65 22.38 -44.57
N ALA K 340 -13.87 21.70 -45.70
CA ALA K 340 -15.18 21.69 -46.35
C ALA K 340 -16.21 20.90 -45.56
N THR K 341 -15.79 20.01 -44.67
CA THR K 341 -16.70 19.27 -43.81
C THR K 341 -16.99 20.02 -42.52
N TRP K 342 -15.92 20.50 -41.85
CA TRP K 342 -16.10 21.25 -40.61
C TRP K 342 -16.92 22.51 -40.85
N ASN K 343 -16.67 23.20 -41.96
CA ASN K 343 -17.67 24.11 -42.48
C ASN K 343 -18.80 23.28 -43.07
N GLU K 344 -20.03 23.76 -42.85
CA GLU K 344 -21.30 23.05 -43.04
C GLU K 344 -21.60 22.07 -41.91
N THR K 345 -20.59 21.60 -41.17
CA THR K 345 -20.90 21.02 -39.87
C THR K 345 -21.24 22.14 -38.89
N LEU K 346 -20.40 23.17 -38.85
CA LEU K 346 -20.76 24.38 -38.14
C LEU K 346 -21.99 25.04 -38.74
N GLY K 347 -22.26 24.81 -40.03
CA GLY K 347 -23.50 25.28 -40.62
C GLY K 347 -24.73 24.65 -39.99
N LYS K 348 -24.72 23.32 -39.88
CA LYS K 348 -25.81 22.63 -39.20
C LYS K 348 -25.91 23.07 -37.74
N VAL K 349 -24.76 23.24 -37.08
CA VAL K 349 -24.76 23.67 -35.69
C VAL K 349 -25.38 25.06 -35.54
N VAL K 350 -25.06 25.99 -36.45
CA VAL K 350 -25.60 27.34 -36.30
C VAL K 350 -27.09 27.35 -36.62
N LYS K 351 -27.54 26.51 -37.56
CA LYS K 351 -28.99 26.39 -37.78
C LYS K 351 -29.68 25.95 -36.49
N GLN K 352 -29.16 24.88 -35.88
CA GLN K 352 -29.82 24.36 -34.68
C GLN K 352 -29.67 25.30 -33.49
N LEU K 353 -28.64 26.14 -33.47
CA LEU K 353 -28.51 27.13 -32.40
C LEU K 353 -29.43 28.31 -32.63
N ARG K 354 -29.61 28.72 -33.89
CA ARG K 354 -30.55 29.78 -34.21
C ARG K 354 -31.97 29.36 -33.91
N LYS K 355 -32.25 28.04 -33.93
CA LYS K 355 -33.55 27.57 -33.47
C LYS K 355 -33.84 28.02 -32.04
N HIS K 356 -32.86 27.88 -31.13
CA HIS K 356 -33.04 28.33 -29.75
C HIS K 356 -32.91 29.84 -29.59
N PHE K 357 -32.04 30.49 -30.37
CA PHE K 357 -31.68 31.89 -30.15
C PHE K 357 -32.35 32.83 -31.14
N GLY K 358 -33.37 32.38 -31.85
CA GLY K 358 -34.02 33.20 -32.84
C GLY K 358 -33.24 33.26 -34.15
N ASN K 359 -33.95 33.66 -35.21
CA ASN K 359 -33.38 33.64 -36.55
C ASN K 359 -32.52 34.86 -36.86
N ASN K 360 -32.69 35.97 -36.12
CA ASN K 360 -31.99 37.22 -36.42
C ASN K 360 -30.67 37.36 -35.67
N THR K 361 -30.30 36.43 -34.80
CA THR K 361 -29.05 36.54 -34.08
C THR K 361 -27.87 36.22 -35.00
N ILE K 362 -26.70 36.70 -34.59
CA ILE K 362 -25.44 36.45 -35.29
C ILE K 362 -24.65 35.49 -34.39
N ILE K 363 -24.53 34.24 -34.84
CA ILE K 363 -23.95 33.18 -34.03
C ILE K 363 -22.46 33.12 -34.31
N ARG K 364 -21.67 33.86 -33.54
CA ARG K 364 -20.23 33.87 -33.67
C ARG K 364 -19.62 32.68 -32.94
N PHE K 365 -18.48 32.20 -33.45
CA PHE K 365 -17.68 31.16 -32.82
C PHE K 365 -16.29 31.71 -32.58
N ALA K 366 -15.95 31.95 -31.32
CA ALA K 366 -14.62 32.38 -30.92
C ALA K 366 -13.88 31.20 -30.30
N ASN K 367 -12.58 31.37 -30.10
CA ASN K 367 -11.74 30.35 -29.47
C ASN K 367 -11.75 30.51 -27.96
N SER K 368 -11.06 29.61 -27.28
CA SER K 368 -11.16 29.49 -25.83
C SER K 368 -10.70 30.78 -25.14
N SER K 369 -11.51 31.21 -24.16
CA SER K 369 -11.22 32.47 -23.47
C SER K 369 -9.97 32.36 -22.59
N GLY K 370 -9.78 31.24 -21.93
CA GLY K 370 -8.61 31.06 -21.09
C GLY K 370 -8.79 29.88 -20.15
N GLY K 371 -7.86 29.82 -19.18
CA GLY K 371 -7.88 28.79 -18.16
C GLY K 371 -6.66 27.90 -18.20
N ASP K 372 -6.83 26.65 -17.77
CA ASP K 372 -5.75 25.68 -17.81
C ASP K 372 -5.50 25.21 -19.24
N LEU K 373 -4.38 24.52 -19.44
CA LEU K 373 -4.12 23.94 -20.76
C LEU K 373 -5.13 22.88 -21.11
N GLU K 374 -5.69 22.19 -20.12
CA GLU K 374 -6.62 21.11 -20.41
C GLU K 374 -7.92 21.59 -21.03
N VAL K 375 -8.26 22.87 -20.91
CA VAL K 375 -9.53 23.41 -21.37
C VAL K 375 -9.37 24.57 -22.35
N THR K 376 -8.17 25.13 -22.50
CA THR K 376 -7.92 26.08 -23.58
C THR K 376 -7.64 25.39 -24.90
N THR K 377 -7.40 24.07 -24.87
CA THR K 377 -7.02 23.31 -26.05
C THR K 377 -7.82 22.01 -26.06
N HIS K 378 -8.00 21.47 -27.26
CA HIS K 378 -8.58 20.15 -27.43
C HIS K 378 -7.59 19.13 -26.89
N SER K 379 -7.77 18.74 -25.64
CA SER K 379 -6.90 17.76 -25.01
C SER K 379 -7.43 16.36 -25.28
N PHE K 380 -6.52 15.41 -25.39
CA PHE K 380 -6.91 14.01 -25.62
C PHE K 380 -5.69 13.12 -25.56
N ASN K 381 -5.94 11.81 -25.64
CA ASN K 381 -4.91 10.78 -25.65
C ASN K 381 -4.96 10.07 -26.99
N CYS K 382 -3.87 10.15 -27.74
CA CYS K 382 -3.77 9.58 -29.08
C CYS K 382 -2.51 8.74 -29.13
N GLY K 383 -2.67 7.45 -29.44
CA GLY K 383 -1.57 6.53 -29.53
C GLY K 383 -0.79 6.37 -28.24
N GLY K 384 -1.39 6.74 -27.12
CA GLY K 384 -0.74 6.69 -25.82
C GLY K 384 -0.05 7.98 -25.41
N GLU K 385 0.04 8.98 -26.29
CA GLU K 385 0.62 10.27 -25.96
C GLU K 385 -0.49 11.30 -25.78
N PHE K 386 -0.28 12.23 -24.86
CA PHE K 386 -1.31 13.18 -24.46
C PHE K 386 -1.13 14.49 -25.21
N PHE K 387 -2.02 14.71 -26.18
CA PHE K 387 -2.03 15.85 -27.09
C PHE K 387 -2.90 16.97 -26.55
N TYR K 388 -2.53 18.20 -26.90
CA TYR K 388 -3.28 19.42 -26.58
C TYR K 388 -3.26 20.26 -27.86
N CYS K 389 -4.34 20.20 -28.64
CA CYS K 389 -4.42 20.87 -29.93
C CYS K 389 -5.06 22.25 -29.80
N ASN K 390 -4.54 23.21 -30.56
CA ASN K 390 -4.91 24.60 -30.35
C ASN K 390 -6.39 24.85 -30.67
N THR K 391 -6.85 24.39 -31.84
CA THR K 391 -8.24 24.54 -32.28
C THR K 391 -8.69 26.00 -32.28
N SER K 392 -7.76 26.91 -32.56
CA SER K 392 -8.11 28.30 -32.78
C SER K 392 -8.65 28.55 -34.18
N GLY K 393 -8.26 27.73 -35.15
CA GLY K 393 -8.76 27.85 -36.51
C GLY K 393 -10.11 27.19 -36.70
N LEU K 394 -10.41 26.18 -35.90
CA LEU K 394 -11.72 25.54 -35.98
C LEU K 394 -12.81 26.51 -35.58
N PHE K 395 -12.67 27.14 -34.42
CA PHE K 395 -13.71 28.00 -33.86
C PHE K 395 -13.48 29.45 -34.29
N ASN K 396 -13.62 29.64 -35.60
CA ASN K 396 -13.38 30.91 -36.28
C ASN K 396 -14.39 31.15 -37.40
N SER K 397 -15.41 31.94 -37.08
CA SER K 397 -16.39 32.41 -38.07
C SER K 397 -17.41 33.35 -37.43
N THR K 398 -18.10 34.14 -38.26
CA THR K 398 -19.19 34.97 -37.75
C THR K 398 -20.54 34.27 -37.92
N TRP K 399 -20.77 33.63 -39.07
CA TRP K 399 -22.01 32.91 -39.34
C TRP K 399 -23.23 33.82 -39.19
N ILE K 400 -23.32 34.82 -40.06
CA ILE K 400 -24.47 35.71 -40.05
C ILE K 400 -25.70 34.90 -40.48
N ASP K 415 -9.49 21.30 -47.79
CA ASP K 415 -8.13 21.84 -47.81
C ASP K 415 -7.42 21.73 -46.45
N SER K 416 -8.05 21.03 -45.50
CA SER K 416 -7.48 20.74 -44.17
C SER K 416 -7.30 22.01 -43.34
N ILE K 417 -7.37 21.85 -42.03
CA ILE K 417 -7.13 22.91 -41.07
C ILE K 417 -6.12 22.33 -40.07
N THR K 418 -4.84 22.54 -40.34
CA THR K 418 -3.80 21.98 -39.48
C THR K 418 -3.84 22.68 -38.12
N LEU K 419 -4.21 21.93 -37.09
CA LEU K 419 -4.23 22.44 -35.73
C LEU K 419 -2.93 22.01 -35.05
N PRO K 420 -2.03 22.94 -34.68
CA PRO K 420 -0.79 22.53 -34.01
C PRO K 420 -1.07 22.09 -32.59
N CYS K 421 -0.51 20.95 -32.21
CA CYS K 421 -0.73 20.36 -30.90
C CYS K 421 0.59 20.21 -30.16
N ARG K 422 0.50 20.31 -28.84
CA ARG K 422 1.64 20.17 -27.95
C ARG K 422 1.41 18.95 -27.07
N ILE K 423 2.44 18.14 -26.91
CA ILE K 423 2.37 16.91 -26.13
C ILE K 423 2.84 17.20 -24.72
N LYS K 424 2.22 16.54 -23.75
CA LYS K 424 2.71 16.55 -22.37
C LYS K 424 2.88 15.12 -21.88
N GLN K 425 3.80 14.96 -20.92
CA GLN K 425 4.03 13.68 -20.27
C GLN K 425 3.62 13.69 -18.81
N ILE K 426 3.63 14.84 -18.14
CA ILE K 426 3.14 14.95 -16.76
C ILE K 426 1.68 15.37 -16.86
N ILE K 427 0.78 14.43 -16.55
CA ILE K 427 -0.66 14.60 -16.74
C ILE K 427 -1.33 14.50 -15.38
N ASN K 428 -2.14 15.49 -15.05
CA ASN K 428 -2.96 15.49 -13.83
C ASN K 428 -4.41 15.37 -14.28
N MET K 429 -4.87 14.12 -14.41
CA MET K 429 -6.23 13.87 -14.85
C MET K 429 -7.22 14.13 -13.72
N TRP K 430 -8.49 14.28 -14.11
CA TRP K 430 -9.61 14.44 -13.19
C TRP K 430 -9.45 15.66 -12.27
N GLN K 431 -8.69 16.66 -12.71
CA GLN K 431 -8.60 17.96 -12.03
C GLN K 431 -8.03 17.82 -10.61
N ARG K 432 -7.25 16.77 -10.36
CA ARG K 432 -6.75 16.45 -9.04
C ARG K 432 -5.36 17.05 -8.84
N ILE K 433 -4.88 17.01 -7.59
CA ILE K 433 -3.48 17.22 -7.27
C ILE K 433 -3.06 16.12 -6.30
N GLY K 434 -1.78 15.74 -6.40
CA GLY K 434 -1.23 14.64 -5.64
C GLY K 434 -1.21 13.31 -6.35
N GLN K 435 -1.81 13.24 -7.55
CA GLN K 435 -1.90 12.01 -8.33
C GLN K 435 -1.51 12.26 -9.78
N ALA K 436 -0.45 13.05 -9.98
CA ALA K 436 0.11 13.20 -11.31
C ALA K 436 0.74 11.89 -11.76
N MET K 437 0.90 11.76 -13.08
CA MET K 437 1.47 10.55 -13.67
C MET K 437 2.39 10.91 -14.82
N TYR K 438 3.37 10.04 -15.08
CA TYR K 438 4.31 10.22 -16.17
C TYR K 438 4.01 9.19 -17.26
N ALA K 439 3.32 9.62 -18.30
CA ALA K 439 3.12 8.77 -19.46
C ALA K 439 4.46 8.48 -20.10
N PRO K 440 4.89 7.23 -20.23
CA PRO K 440 6.19 6.97 -20.84
C PRO K 440 6.20 7.38 -22.30
N PRO K 441 7.36 7.72 -22.85
CA PRO K 441 7.40 8.08 -24.27
C PRO K 441 7.10 6.89 -25.16
N ILE K 442 6.31 7.12 -26.19
CA ILE K 442 5.93 6.09 -27.16
C ILE K 442 6.96 6.12 -28.28
N GLN K 443 7.43 4.95 -28.68
CA GLN K 443 8.36 4.85 -29.80
C GLN K 443 7.60 4.88 -31.12
N GLY K 444 8.30 5.33 -32.17
CA GLY K 444 7.72 5.35 -33.50
C GLY K 444 7.08 6.67 -33.87
N VAL K 445 6.01 6.60 -34.65
CA VAL K 445 5.26 7.79 -35.08
C VAL K 445 3.78 7.51 -34.79
N ILE K 446 3.18 8.35 -33.96
CA ILE K 446 1.78 8.20 -33.57
C ILE K 446 0.90 8.86 -34.61
N ARG K 447 -0.27 8.26 -34.88
CA ARG K 447 -1.29 8.87 -35.71
C ARG K 447 -2.67 8.67 -35.10
N CYS K 448 -3.51 9.72 -35.17
CA CYS K 448 -4.93 9.59 -34.86
C CYS K 448 -5.69 9.46 -36.17
N VAL K 449 -6.72 8.62 -36.17
CA VAL K 449 -7.85 8.82 -37.07
C VAL K 449 -9.11 8.72 -36.22
N SER K 450 -9.56 9.86 -35.68
CA SER K 450 -10.74 9.91 -34.84
C SER K 450 -11.87 10.59 -35.61
N ASN K 451 -13.07 10.55 -35.02
CA ASN K 451 -14.27 11.11 -35.62
C ASN K 451 -14.92 12.04 -34.61
N ILE K 452 -14.85 13.35 -34.87
CA ILE K 452 -15.52 14.36 -34.07
C ILE K 452 -17.02 14.16 -34.27
N THR K 453 -17.70 13.70 -33.20
CA THR K 453 -19.14 13.53 -33.17
C THR K 453 -19.83 14.51 -32.24
N GLY K 454 -19.17 15.60 -31.85
CA GLY K 454 -19.82 16.58 -31.02
C GLY K 454 -18.86 17.62 -30.50
N LEU K 455 -19.44 18.58 -29.76
CA LEU K 455 -18.72 19.68 -29.15
C LEU K 455 -19.27 19.92 -27.75
N ILE K 456 -18.49 20.65 -26.95
CA ILE K 456 -18.92 21.11 -25.63
C ILE K 456 -18.69 22.62 -25.64
N LEU K 457 -19.72 23.38 -26.02
CA LEU K 457 -19.62 24.82 -26.20
C LEU K 457 -19.99 25.55 -24.91
N THR K 458 -19.76 26.86 -24.91
CA THR K 458 -20.07 27.72 -23.77
C THR K 458 -20.43 29.09 -24.33
N ARG K 459 -21.61 29.58 -24.00
CA ARG K 459 -22.09 30.85 -24.51
C ARG K 459 -21.55 32.01 -23.68
N ASP K 460 -21.41 33.16 -24.32
CA ASP K 460 -20.90 34.35 -23.65
C ASP K 460 -22.07 35.16 -23.10
N GLY K 461 -22.00 35.50 -21.82
CA GLY K 461 -23.06 36.26 -21.18
C GLY K 461 -22.92 37.75 -21.41
N THR K 467 -28.03 41.05 -30.20
CA THR K 467 -27.84 40.98 -31.65
C THR K 467 -26.90 39.85 -32.06
N THR K 468 -25.98 39.49 -31.17
CA THR K 468 -24.99 38.45 -31.43
C THR K 468 -24.83 37.55 -30.22
N GLU K 469 -24.39 36.32 -30.47
CA GLU K 469 -24.10 35.34 -29.44
C GLU K 469 -22.83 34.61 -29.79
N THR K 470 -21.85 34.64 -28.89
CA THR K 470 -20.54 34.03 -29.10
C THR K 470 -20.48 32.70 -28.36
N PHE K 471 -19.94 31.69 -29.02
CA PHE K 471 -19.92 30.31 -28.53
C PHE K 471 -18.47 29.84 -28.50
N ARG K 472 -17.81 30.00 -27.35
CA ARG K 472 -16.45 29.54 -27.21
C ARG K 472 -16.44 28.06 -26.85
N PRO K 473 -15.31 27.37 -26.97
CA PRO K 473 -15.26 25.99 -26.52
C PRO K 473 -15.23 25.90 -24.99
N GLY K 474 -15.36 24.66 -24.50
CA GLY K 474 -15.33 24.40 -23.09
C GLY K 474 -14.90 22.97 -22.80
N GLY K 475 -15.24 22.47 -21.62
CA GLY K 475 -14.94 21.11 -21.19
C GLY K 475 -14.22 21.11 -19.87
N GLY K 476 -13.35 20.12 -19.71
CA GLY K 476 -12.62 19.93 -18.47
C GLY K 476 -13.33 18.99 -17.53
N ASP K 477 -14.64 19.16 -17.40
CA ASP K 477 -15.48 18.25 -16.62
C ASP K 477 -15.86 17.09 -17.52
N MET K 478 -15.35 15.91 -17.21
CA MET K 478 -15.58 14.74 -18.06
C MET K 478 -16.97 14.14 -17.88
N ARG K 479 -17.74 14.58 -16.88
CA ARG K 479 -19.12 14.13 -16.78
C ARG K 479 -19.96 14.64 -17.95
N ASP K 480 -19.61 15.80 -18.50
CA ASP K 480 -20.26 16.25 -19.72
C ASP K 480 -19.86 15.42 -20.93
N ASN K 481 -18.68 14.78 -20.88
CA ASN K 481 -18.27 13.93 -21.99
C ASN K 481 -19.03 12.62 -22.02
N TRP K 482 -19.54 12.18 -20.87
CA TRP K 482 -20.33 10.96 -20.76
C TRP K 482 -21.82 11.22 -20.53
N ARG K 483 -22.24 12.48 -20.45
CA ARG K 483 -23.65 12.79 -20.59
C ARG K 483 -24.10 12.67 -22.04
N SER K 484 -23.20 12.95 -22.98
CA SER K 484 -23.51 12.80 -24.40
C SER K 484 -23.71 11.35 -24.82
N GLU K 485 -23.30 10.39 -23.99
CA GLU K 485 -23.49 8.97 -24.25
C GLU K 485 -24.63 8.38 -23.46
N LEU K 486 -24.66 8.62 -22.14
CA LEU K 486 -25.71 8.11 -21.27
C LEU K 486 -26.85 9.12 -21.11
N TYR K 487 -27.39 9.60 -22.23
CA TYR K 487 -28.57 10.45 -22.22
C TYR K 487 -29.84 9.69 -22.56
N LYS K 488 -29.74 8.67 -23.41
CA LYS K 488 -30.89 7.83 -23.72
C LYS K 488 -31.31 7.00 -22.51
N TYR K 489 -30.35 6.53 -21.73
CA TYR K 489 -30.58 5.47 -20.77
C TYR K 489 -31.07 6.02 -19.43
N LYS K 490 -31.76 5.16 -18.69
CA LYS K 490 -32.41 5.55 -17.45
C LYS K 490 -32.69 4.30 -16.63
N VAL K 491 -31.97 4.13 -15.52
CA VAL K 491 -32.11 2.96 -14.67
C VAL K 491 -33.46 3.05 -13.96
N VAL K 492 -34.16 1.91 -13.89
CA VAL K 492 -35.41 1.79 -13.17
C VAL K 492 -35.39 0.48 -12.39
N LYS K 493 -36.18 0.44 -11.32
CA LYS K 493 -36.30 -0.71 -10.43
C LYS K 493 -37.65 -1.36 -10.69
N ILE K 494 -37.64 -2.64 -11.05
CA ILE K 494 -38.87 -3.36 -11.35
C ILE K 494 -39.53 -3.77 -10.04
N GLU K 495 -40.72 -3.23 -9.80
CA GLU K 495 -41.55 -3.59 -8.64
C GLU K 495 -42.58 -4.63 -9.07
N PRO K 496 -42.34 -5.93 -8.85
CA PRO K 496 -43.24 -6.93 -9.44
C PRO K 496 -44.57 -7.10 -8.71
N LEU K 497 -44.67 -6.70 -7.45
CA LEU K 497 -45.90 -6.91 -6.71
C LEU K 497 -46.97 -5.89 -7.12
N GLY K 498 -48.20 -6.37 -7.20
CA GLY K 498 -49.34 -5.50 -7.44
C GLY K 498 -50.58 -6.03 -6.74
N VAL K 499 -51.48 -5.13 -6.31
CA VAL K 499 -52.71 -5.50 -5.60
C VAL K 499 -53.87 -4.84 -6.31
N ALA K 500 -54.76 -5.64 -6.91
CA ALA K 500 -55.84 -5.15 -7.74
C ALA K 500 -57.18 -5.70 -7.24
N PRO K 501 -58.29 -5.01 -7.52
CA PRO K 501 -59.60 -5.59 -7.16
C PRO K 501 -60.12 -6.49 -8.27
N THR K 502 -60.49 -7.71 -7.90
CA THR K 502 -61.22 -8.60 -8.79
C THR K 502 -62.32 -9.29 -8.00
N ARG K 503 -63.28 -9.84 -8.73
CA ARG K 503 -64.42 -10.53 -8.11
C ARG K 503 -64.09 -12.00 -7.86
N CYS K 504 -63.11 -12.22 -6.99
CA CYS K 504 -62.71 -13.55 -6.56
C CYS K 504 -62.38 -13.52 -5.07
N LYS K 505 -62.55 -14.66 -4.42
CA LYS K 505 -62.28 -14.82 -3.00
C LYS K 505 -61.52 -16.12 -2.78
N ARG K 506 -60.83 -16.18 -1.65
CA ARG K 506 -60.04 -17.37 -1.30
C ARG K 506 -60.96 -18.58 -1.14
N LEU L 9 -43.73 -11.22 -26.68
CA LEU L 9 -43.32 -10.05 -25.93
C LEU L 9 -42.41 -10.46 -24.77
N GLY L 10 -41.19 -9.93 -24.78
CA GLY L 10 -40.18 -10.30 -23.79
C GLY L 10 -40.37 -9.62 -22.45
N PHE L 11 -39.26 -9.28 -21.82
CA PHE L 11 -39.29 -8.69 -20.49
C PHE L 11 -39.95 -7.32 -20.53
N LEU L 12 -40.96 -7.14 -19.68
CA LEU L 12 -41.71 -5.89 -19.58
C LEU L 12 -42.40 -5.50 -20.88
N GLY L 13 -42.62 -6.46 -21.78
CA GLY L 13 -43.19 -6.12 -23.07
C GLY L 13 -44.60 -5.61 -22.99
N ALA L 14 -45.37 -6.08 -22.00
CA ALA L 14 -46.75 -5.67 -21.80
C ALA L 14 -46.88 -4.46 -20.87
N ALA L 15 -45.86 -3.61 -20.82
CA ALA L 15 -45.91 -2.47 -19.92
C ALA L 15 -47.02 -1.50 -20.30
N GLY L 16 -47.18 -1.25 -21.59
CA GLY L 16 -48.26 -0.40 -22.07
C GLY L 16 -49.54 -1.13 -22.42
N SER L 17 -49.51 -2.45 -22.44
CA SER L 17 -50.74 -3.21 -22.65
C SER L 17 -51.66 -3.04 -21.46
N THR L 18 -52.92 -3.41 -21.65
CA THR L 18 -53.91 -3.24 -20.61
C THR L 18 -53.59 -4.16 -19.43
N MET L 19 -54.24 -3.89 -18.30
CA MET L 19 -53.94 -4.63 -17.08
C MET L 19 -54.28 -6.10 -17.21
N GLY L 20 -55.40 -6.41 -17.89
CA GLY L 20 -55.77 -7.80 -18.06
C GLY L 20 -54.81 -8.57 -18.94
N ALA L 21 -54.36 -7.94 -20.04
CA ALA L 21 -53.49 -8.65 -20.98
C ALA L 21 -52.11 -8.91 -20.39
N ALA L 22 -51.62 -8.01 -19.53
CA ALA L 22 -50.33 -8.23 -18.90
C ALA L 22 -50.36 -9.35 -17.87
N SER L 23 -51.55 -9.78 -17.44
CA SER L 23 -51.64 -10.88 -16.48
C SER L 23 -51.34 -12.23 -17.12
N MET L 24 -51.40 -12.34 -18.45
CA MET L 24 -50.97 -13.54 -19.15
C MET L 24 -49.46 -13.59 -19.39
N THR L 25 -48.74 -12.51 -19.06
CA THR L 25 -47.28 -12.45 -19.23
C THR L 25 -46.58 -12.17 -17.91
N LEU L 26 -47.09 -12.70 -16.80
CA LEU L 26 -46.41 -12.53 -15.52
C LEU L 26 -45.15 -13.39 -15.43
N THR L 27 -45.14 -14.54 -16.11
CA THR L 27 -44.01 -15.45 -16.03
C THR L 27 -42.76 -14.85 -16.67
N VAL L 28 -42.91 -14.17 -17.81
CA VAL L 28 -41.74 -13.61 -18.49
C VAL L 28 -41.16 -12.41 -17.74
N GLN L 29 -41.86 -11.91 -16.72
CA GLN L 29 -41.33 -10.90 -15.81
C GLN L 29 -40.75 -11.49 -14.54
N ALA L 30 -41.46 -12.46 -13.94
CA ALA L 30 -40.97 -13.09 -12.73
C ALA L 30 -39.68 -13.86 -12.95
N ARG L 31 -39.36 -14.20 -14.20
CA ARG L 31 -38.18 -15.02 -14.49
C ARG L 31 -36.88 -14.23 -14.35
N ASN L 32 -36.87 -12.97 -14.79
CA ASN L 32 -35.66 -12.18 -14.83
C ASN L 32 -35.38 -11.41 -13.55
N LEU L 33 -36.10 -11.70 -12.47
CA LEU L 33 -35.88 -10.98 -11.21
C LEU L 33 -34.60 -11.46 -10.52
N LEU L 34 -34.09 -12.62 -10.91
CA LEU L 34 -32.85 -13.17 -10.35
C LEU L 34 -31.84 -13.44 -11.46
N GLN L 51 -10.82 -16.28 -13.68
CA GLN L 51 -12.03 -16.53 -14.45
C GLN L 51 -13.26 -16.01 -13.70
N GLN L 52 -14.44 -16.25 -14.27
CA GLN L 52 -15.66 -15.60 -13.77
C GLN L 52 -16.05 -16.06 -12.37
N HIS L 53 -15.64 -17.25 -11.94
CA HIS L 53 -16.07 -17.77 -10.65
C HIS L 53 -15.32 -17.15 -9.47
N LEU L 54 -14.31 -16.32 -9.71
CA LEU L 54 -13.52 -15.69 -8.65
C LEU L 54 -13.92 -14.23 -8.53
N LEU L 55 -13.77 -13.67 -7.32
CA LEU L 55 -14.35 -12.37 -7.01
C LEU L 55 -13.44 -11.22 -7.45
N LYS L 56 -12.13 -11.38 -7.24
CA LYS L 56 -11.06 -10.51 -7.74
C LYS L 56 -10.90 -9.18 -7.01
N LEU L 57 -11.88 -8.78 -6.19
CA LEU L 57 -11.79 -7.59 -5.33
C LEU L 57 -11.32 -6.34 -6.08
N THR L 58 -11.71 -6.20 -7.34
CA THR L 58 -11.32 -5.08 -8.19
C THR L 58 -12.49 -4.11 -8.29
N VAL L 59 -12.33 -3.08 -9.12
CA VAL L 59 -13.38 -2.08 -9.33
C VAL L 59 -14.63 -2.77 -9.87
N TRP L 60 -14.46 -3.71 -10.79
CA TRP L 60 -15.60 -4.40 -11.40
C TRP L 60 -16.07 -5.61 -10.62
N GLY L 61 -15.16 -6.32 -9.94
CA GLY L 61 -15.59 -7.45 -9.13
C GLY L 61 -16.48 -7.03 -7.97
N ILE L 62 -16.14 -5.90 -7.34
CA ILE L 62 -16.97 -5.36 -6.28
C ILE L 62 -18.36 -5.04 -6.80
N LYS L 63 -18.43 -4.41 -7.99
CA LYS L 63 -19.72 -4.05 -8.56
C LYS L 63 -20.53 -5.29 -8.90
N GLN L 64 -19.89 -6.32 -9.44
CA GLN L 64 -20.60 -7.56 -9.76
C GLN L 64 -21.14 -8.22 -8.49
N LEU L 65 -20.34 -8.26 -7.43
CA LEU L 65 -20.81 -8.86 -6.19
C LEU L 65 -21.98 -8.07 -5.59
N GLN L 66 -21.88 -6.74 -5.62
CA GLN L 66 -22.98 -5.92 -5.14
C GLN L 66 -24.24 -6.18 -5.96
N ALA L 67 -24.09 -6.30 -7.28
CA ALA L 67 -25.23 -6.60 -8.14
C ALA L 67 -25.88 -7.93 -7.76
N ARG L 68 -25.07 -8.97 -7.57
CA ARG L 68 -25.61 -10.30 -7.25
C ARG L 68 -26.36 -10.27 -5.93
N VAL L 69 -25.76 -9.66 -4.91
CA VAL L 69 -26.40 -9.65 -3.59
C VAL L 69 -27.67 -8.82 -3.62
N LEU L 70 -27.67 -7.69 -4.35
CA LEU L 70 -28.87 -6.87 -4.43
C LEU L 70 -30.00 -7.62 -5.11
N ALA L 71 -29.69 -8.34 -6.20
CA ALA L 71 -30.71 -9.13 -6.88
C ALA L 71 -31.30 -10.18 -5.95
N VAL L 72 -30.44 -10.88 -5.21
CA VAL L 72 -30.91 -11.90 -4.29
C VAL L 72 -31.81 -11.29 -3.22
N GLU L 73 -31.39 -10.16 -2.64
CA GLU L 73 -32.17 -9.56 -1.56
C GLU L 73 -33.53 -9.08 -2.05
N ARG L 74 -33.58 -8.47 -3.24
CA ARG L 74 -34.87 -7.99 -3.75
C ARG L 74 -35.82 -9.15 -4.04
N TYR L 75 -35.30 -10.21 -4.66
CA TYR L 75 -36.13 -11.37 -4.94
C TYR L 75 -36.66 -11.99 -3.66
N LEU L 76 -35.81 -12.09 -2.63
CA LEU L 76 -36.24 -12.69 -1.38
C LEU L 76 -37.25 -11.81 -0.66
N ARG L 77 -37.12 -10.49 -0.75
CA ARG L 77 -38.10 -9.61 -0.13
C ARG L 77 -39.48 -9.82 -0.75
N ASP L 78 -39.54 -9.84 -2.07
CA ASP L 78 -40.83 -10.04 -2.74
C ASP L 78 -41.41 -11.40 -2.39
N GLN L 79 -40.59 -12.45 -2.43
CA GLN L 79 -41.09 -13.79 -2.14
C GLN L 79 -41.49 -13.93 -0.68
N GLN L 80 -40.82 -13.20 0.22
CA GLN L 80 -41.18 -13.22 1.63
C GLN L 80 -42.56 -12.62 1.84
N LEU L 81 -42.83 -11.48 1.18
CA LEU L 81 -44.15 -10.87 1.30
C LEU L 81 -45.22 -11.83 0.77
N LEU L 82 -44.95 -12.45 -0.39
CA LEU L 82 -45.91 -13.40 -0.93
C LEU L 82 -46.11 -14.59 0.01
N GLY L 83 -45.04 -15.04 0.64
CA GLY L 83 -45.15 -16.17 1.54
C GLY L 83 -45.99 -15.87 2.77
N ILE L 84 -45.77 -14.71 3.38
CA ILE L 84 -46.53 -14.35 4.57
C ILE L 84 -47.97 -13.96 4.25
N TRP L 85 -48.28 -13.60 3.00
CA TRP L 85 -49.67 -13.39 2.61
C TRP L 85 -50.39 -14.68 2.24
N GLY L 86 -49.70 -15.82 2.22
CA GLY L 86 -50.28 -17.05 1.75
C GLY L 86 -50.30 -17.22 0.25
N CYS L 87 -49.81 -16.23 -0.50
CA CYS L 87 -49.73 -16.29 -1.94
C CYS L 87 -48.40 -16.88 -2.43
N SER L 88 -47.76 -17.71 -1.61
CA SER L 88 -46.46 -18.27 -1.99
C SER L 88 -46.60 -19.16 -3.22
N GLY L 89 -45.67 -18.99 -4.16
CA GLY L 89 -45.69 -19.78 -5.38
C GLY L 89 -46.92 -19.57 -6.23
N LYS L 90 -47.59 -18.42 -6.10
CA LYS L 90 -48.79 -18.10 -6.85
C LYS L 90 -48.56 -16.78 -7.59
N LEU L 91 -48.65 -16.84 -8.92
CA LEU L 91 -48.54 -15.62 -9.72
C LEU L 91 -49.80 -14.78 -9.64
N ILE L 92 -50.95 -15.41 -9.39
CA ILE L 92 -52.21 -14.72 -9.12
C ILE L 92 -52.83 -15.42 -7.92
N CYS L 93 -53.21 -14.65 -6.91
CA CYS L 93 -53.64 -15.22 -5.63
C CYS L 93 -54.75 -14.34 -5.04
N CYS L 94 -55.97 -14.87 -5.02
CA CYS L 94 -57.05 -14.19 -4.33
C CYS L 94 -56.84 -14.25 -2.82
N THR L 95 -57.46 -13.31 -2.12
CA THR L 95 -57.30 -13.20 -0.67
C THR L 95 -58.64 -12.83 -0.04
N ASN L 96 -58.76 -13.12 1.25
CA ASN L 96 -59.99 -12.88 1.99
C ASN L 96 -60.18 -11.41 2.38
N VAL L 97 -59.18 -10.56 2.18
CA VAL L 97 -59.30 -9.15 2.54
C VAL L 97 -60.36 -8.50 1.66
N PRO L 98 -61.40 -7.86 2.19
CA PRO L 98 -62.29 -7.10 1.31
C PRO L 98 -61.64 -5.81 0.84
N TRP L 99 -62.10 -5.34 -0.31
CA TRP L 99 -61.61 -4.07 -0.86
C TRP L 99 -62.30 -2.93 -0.16
N ASN L 100 -61.61 -2.28 0.77
CA ASN L 100 -62.14 -1.08 1.39
C ASN L 100 -62.26 0.01 0.32
N SER L 101 -63.45 0.61 0.22
CA SER L 101 -63.73 1.50 -0.89
C SER L 101 -62.88 2.76 -0.89
N SER L 102 -62.45 3.22 0.29
CA SER L 102 -61.69 4.46 0.39
C SER L 102 -60.36 4.41 -0.35
N TRP L 103 -59.82 3.22 -0.63
CA TRP L 103 -58.58 3.13 -1.38
C TRP L 103 -58.75 3.68 -2.80
N SER L 104 -59.81 3.24 -3.49
CA SER L 104 -60.08 3.72 -4.84
C SER L 104 -61.47 3.27 -5.24
N ASN L 105 -62.26 4.19 -5.79
CA ASN L 105 -63.66 3.94 -6.19
C ASN L 105 -63.72 3.97 -7.70
N ARG L 106 -63.42 2.83 -8.33
CA ARG L 106 -63.44 2.69 -9.78
C ARG L 106 -63.89 1.28 -10.11
N ASN L 107 -64.80 1.15 -11.07
CA ASN L 107 -65.32 -0.16 -11.44
C ASN L 107 -64.30 -0.93 -12.27
N LEU L 108 -64.43 -2.25 -12.24
CA LEU L 108 -63.39 -3.13 -12.78
C LEU L 108 -63.21 -3.01 -14.28
N SER L 109 -64.23 -2.52 -15.01
CA SER L 109 -64.17 -2.58 -16.47
C SER L 109 -63.03 -1.74 -17.02
N GLU L 110 -62.94 -0.47 -16.61
CA GLU L 110 -61.86 0.38 -17.10
C GLU L 110 -60.53 -0.01 -16.47
N ILE L 111 -60.55 -0.58 -15.27
CA ILE L 111 -59.30 -1.03 -14.65
C ILE L 111 -58.66 -2.13 -15.49
N TRP L 112 -59.46 -3.09 -15.94
CA TRP L 112 -58.95 -4.30 -16.59
C TRP L 112 -59.05 -4.29 -18.11
N ASP L 113 -59.60 -3.23 -18.71
CA ASP L 113 -59.75 -3.16 -20.16
C ASP L 113 -59.14 -1.92 -20.79
N ASN L 114 -58.88 -0.86 -20.03
CA ASN L 114 -58.36 0.40 -20.55
C ASN L 114 -56.98 0.73 -20.00
N MET L 115 -56.81 0.69 -18.68
CA MET L 115 -55.61 1.18 -18.04
C MET L 115 -54.48 0.16 -18.12
N THR L 116 -53.27 0.63 -17.86
CA THR L 116 -52.06 -0.20 -17.73
C THR L 116 -51.67 -0.29 -16.27
N TRP L 117 -50.78 -1.24 -15.97
CA TRP L 117 -50.40 -1.50 -14.57
C TRP L 117 -49.67 -0.32 -13.96
N LEU L 118 -48.89 0.40 -14.76
CA LEU L 118 -48.13 1.54 -14.23
C LEU L 118 -49.06 2.64 -13.71
N GLN L 119 -50.13 2.94 -14.46
CA GLN L 119 -51.09 3.93 -14.00
C GLN L 119 -51.76 3.48 -12.70
N TRP L 120 -52.10 2.19 -12.62
CA TRP L 120 -52.72 1.68 -11.40
C TRP L 120 -51.78 1.80 -10.21
N ASP L 121 -50.50 1.48 -10.41
CA ASP L 121 -49.54 1.67 -9.32
C ASP L 121 -49.42 3.13 -8.94
N LYS L 122 -49.57 4.03 -9.92
CA LYS L 122 -49.62 5.45 -9.58
C LYS L 122 -50.78 5.76 -8.64
N GLU L 123 -51.98 5.24 -8.93
CA GLU L 123 -53.12 5.60 -8.08
C GLU L 123 -53.06 4.94 -6.70
N ILE L 124 -52.69 3.66 -6.63
CA ILE L 124 -52.75 2.95 -5.35
C ILE L 124 -51.51 3.17 -4.49
N SER L 125 -50.64 4.12 -4.86
CA SER L 125 -49.34 4.32 -4.22
C SER L 125 -49.40 4.44 -2.70
N ASN L 126 -50.17 5.40 -2.19
CA ASN L 126 -50.15 5.72 -0.76
C ASN L 126 -50.73 4.61 0.10
N TYR L 127 -51.79 3.96 -0.40
CA TYR L 127 -52.56 3.04 0.44
C TYR L 127 -51.86 1.70 0.59
N THR L 128 -51.06 1.31 -0.41
CA THR L 128 -50.44 -0.01 -0.54
C THR L 128 -49.96 -0.60 0.77
N GLN L 129 -49.23 0.20 1.55
CA GLN L 129 -48.63 -0.32 2.78
C GLN L 129 -49.67 -0.91 3.71
N ILE L 130 -50.72 -0.16 4.03
CA ILE L 130 -51.68 -0.71 4.98
C ILE L 130 -52.39 -1.89 4.37
N ILE L 131 -52.55 -1.92 3.04
CA ILE L 131 -53.16 -3.09 2.39
C ILE L 131 -52.35 -4.33 2.73
N TYR L 132 -51.02 -4.21 2.64
CA TYR L 132 -50.15 -5.35 2.94
C TYR L 132 -50.41 -5.86 4.34
N GLY L 133 -50.53 -4.93 5.29
CA GLY L 133 -50.77 -5.34 6.66
C GLY L 133 -52.02 -6.18 6.77
N LEU L 134 -53.12 -5.70 6.17
CA LEU L 134 -54.38 -6.43 6.23
C LEU L 134 -54.19 -7.83 5.72
N LEU L 135 -53.52 -7.96 4.56
CA LEU L 135 -53.38 -9.25 3.91
C LEU L 135 -52.71 -10.24 4.84
N GLU L 136 -51.56 -9.85 5.43
CA GLU L 136 -50.82 -10.83 6.18
C GLU L 136 -51.57 -11.22 7.44
N GLU L 137 -52.26 -10.26 8.06
CA GLU L 137 -52.98 -10.58 9.27
C GLU L 137 -54.07 -11.61 8.97
N SER L 138 -54.74 -11.42 7.83
CA SER L 138 -55.80 -12.34 7.43
C SER L 138 -55.23 -13.73 7.26
N GLN L 139 -54.03 -13.82 6.66
CA GLN L 139 -53.44 -15.13 6.42
C GLN L 139 -53.24 -15.84 7.74
N ASN L 140 -52.74 -15.11 8.75
CA ASN L 140 -52.50 -15.73 10.05
C ASN L 140 -53.80 -16.25 10.63
N GLN L 141 -54.87 -15.46 10.51
CA GLN L 141 -56.18 -15.90 11.00
C GLN L 141 -56.54 -17.24 10.40
N GLN L 142 -56.46 -17.35 9.07
CA GLN L 142 -56.91 -18.55 8.42
C GLN L 142 -56.05 -19.73 8.83
N GLU L 143 -54.76 -19.47 9.09
CA GLU L 143 -53.87 -20.55 9.49
C GLU L 143 -54.35 -21.17 10.78
N LYS L 144 -54.66 -20.32 11.78
CA LYS L 144 -55.14 -20.84 13.04
C LYS L 144 -56.43 -21.61 12.83
N ASN L 145 -57.30 -21.11 11.95
CA ASN L 145 -58.58 -21.76 11.74
C ASN L 145 -58.37 -23.17 11.20
N GLU L 146 -57.39 -23.35 10.32
CA GLU L 146 -57.16 -24.67 9.76
C GLU L 146 -56.64 -25.60 10.84
N GLN L 147 -55.80 -25.08 11.74
CA GLN L 147 -55.30 -25.90 12.84
C GLN L 147 -56.42 -26.21 13.83
N ASP L 148 -57.50 -25.43 13.79
CA ASP L 148 -58.66 -25.73 14.62
C ASP L 148 -59.60 -26.69 13.91
N LEU L 149 -59.48 -26.78 12.57
CA LEU L 149 -60.36 -27.67 11.81
C LEU L 149 -59.80 -29.09 11.77
N LEU L 150 -58.50 -29.25 11.99
CA LEU L 150 -57.85 -30.55 11.98
C LEU L 150 -57.64 -31.08 13.39
N GLN M 1 5.55 -7.85 -33.38
CA GLN M 1 5.00 -9.21 -33.66
C GLN M 1 6.02 -10.26 -33.27
N VAL M 2 5.60 -11.53 -33.32
CA VAL M 2 6.46 -12.64 -32.89
C VAL M 2 7.67 -12.69 -33.81
N GLN M 3 8.86 -12.66 -33.21
CA GLN M 3 10.10 -12.55 -33.99
C GLN M 3 11.21 -13.29 -33.24
N LEU M 4 11.95 -14.11 -33.96
CA LEU M 4 13.13 -14.82 -33.44
C LEU M 4 14.32 -14.40 -34.30
N LEU M 5 14.96 -13.30 -33.92
CA LEU M 5 16.09 -12.76 -34.67
C LEU M 5 17.35 -13.53 -34.30
N GLN M 6 17.94 -14.21 -35.28
CA GLN M 6 19.14 -14.99 -35.06
C GLN M 6 20.38 -14.15 -35.34
N SER M 7 21.54 -14.71 -35.02
CA SER M 7 22.83 -14.05 -35.21
C SER M 7 23.40 -14.38 -36.58
N GLY M 8 24.49 -13.69 -36.93
CA GLY M 8 25.10 -13.89 -38.22
C GLY M 8 25.87 -15.21 -38.28
N ALA M 9 26.15 -15.63 -39.52
CA ALA M 9 26.90 -16.86 -39.74
C ALA M 9 28.30 -16.75 -39.15
N ALA M 10 28.72 -17.80 -38.46
CA ALA M 10 30.01 -17.85 -37.78
C ALA M 10 30.84 -18.98 -38.35
N VAL M 11 32.16 -18.79 -38.32
CA VAL M 11 33.13 -19.78 -38.78
C VAL M 11 34.05 -20.13 -37.62
N THR M 12 34.29 -21.42 -37.44
CA THR M 12 35.16 -21.95 -36.40
C THR M 12 35.98 -23.08 -37.00
N LYS M 13 36.78 -23.74 -36.17
CA LYS M 13 37.63 -24.85 -36.56
C LYS M 13 37.33 -26.05 -35.69
N PRO M 14 37.74 -27.26 -36.09
CA PRO M 14 37.49 -28.44 -35.26
C PRO M 14 38.18 -28.32 -33.90
N GLY M 15 37.36 -28.36 -32.84
CA GLY M 15 37.83 -28.23 -31.47
C GLY M 15 37.36 -26.96 -30.80
N ALA M 16 37.26 -25.87 -31.56
CA ALA M 16 36.79 -24.61 -31.02
C ALA M 16 35.29 -24.70 -30.69
N SER M 17 34.75 -23.60 -30.17
CA SER M 17 33.36 -23.52 -29.74
C SER M 17 32.63 -22.46 -30.55
N VAL M 18 31.34 -22.67 -30.76
CA VAL M 18 30.48 -21.74 -31.47
C VAL M 18 29.24 -21.45 -30.63
N ARG M 19 28.78 -20.20 -30.70
CA ARG M 19 27.60 -19.70 -30.00
C ARG M 19 26.62 -19.18 -31.03
N VAL M 20 25.35 -19.56 -30.90
CA VAL M 20 24.28 -19.12 -31.79
C VAL M 20 23.20 -18.46 -30.94
N SER M 21 22.91 -17.20 -31.22
CA SER M 21 21.93 -16.42 -30.46
C SER M 21 20.61 -16.34 -31.21
N CYS M 22 19.52 -16.28 -30.44
CA CYS M 22 18.15 -16.34 -30.97
C CYS M 22 17.26 -15.32 -30.26
N GLU M 23 17.66 -14.05 -30.28
CA GLU M 23 16.94 -12.99 -29.59
C GLU M 23 15.46 -12.99 -29.97
N ALA M 24 14.60 -13.29 -29.00
CA ALA M 24 13.17 -13.46 -29.21
C ALA M 24 12.41 -12.25 -28.67
N SER M 25 11.34 -11.88 -29.36
CA SER M 25 10.56 -10.73 -28.96
C SER M 25 9.17 -10.81 -29.56
N GLY M 26 8.24 -10.06 -28.97
CA GLY M 26 6.91 -9.88 -29.50
C GLY M 26 5.81 -10.71 -28.89
N TYR M 27 6.07 -11.40 -27.79
CA TYR M 27 5.06 -12.25 -27.16
C TYR M 27 5.51 -12.64 -25.77
N ASN M 28 4.64 -13.36 -25.06
CA ASN M 28 4.98 -13.93 -23.76
C ASN M 28 5.92 -15.10 -24.02
N ILE M 29 7.21 -14.89 -23.77
CA ILE M 29 8.20 -15.92 -24.08
C ILE M 29 8.12 -17.07 -23.08
N ARG M 30 7.40 -16.90 -21.98
CA ARG M 30 7.52 -17.85 -20.87
C ARG M 30 6.76 -19.14 -21.15
N ASP M 31 5.63 -19.06 -21.84
CA ASP M 31 4.71 -20.19 -21.92
C ASP M 31 5.04 -21.14 -23.05
N TYR M 32 6.13 -20.92 -23.78
CA TYR M 32 6.40 -21.63 -25.02
C TYR M 32 7.87 -22.04 -25.08
N PHE M 33 8.12 -23.34 -25.10
CA PHE M 33 9.48 -23.85 -25.17
C PHE M 33 10.14 -23.40 -26.46
N ILE M 34 11.48 -23.29 -26.43
CA ILE M 34 12.25 -22.90 -27.62
C ILE M 34 13.10 -24.09 -28.02
N HIS M 35 12.86 -24.59 -29.24
CA HIS M 35 13.54 -25.78 -29.74
C HIS M 35 14.60 -25.37 -30.76
N TRP M 36 15.71 -26.10 -30.73
CA TRP M 36 16.82 -25.89 -31.64
C TRP M 36 16.91 -27.08 -32.56
N TRP M 37 17.00 -26.80 -33.87
CA TRP M 37 17.13 -27.79 -34.92
C TRP M 37 18.35 -27.46 -35.77
N ARG M 38 18.76 -28.44 -36.60
CA ARG M 38 20.01 -28.38 -37.35
C ARG M 38 19.78 -28.97 -38.73
N GLN M 39 19.87 -28.15 -39.77
CA GLN M 39 19.74 -28.57 -41.15
C GLN M 39 21.14 -28.74 -41.73
N ALA M 40 21.52 -29.99 -41.98
CA ALA M 40 22.79 -30.23 -42.65
C ALA M 40 22.67 -29.87 -44.13
N PRO M 41 23.79 -29.64 -44.83
CA PRO M 41 23.71 -29.35 -46.26
C PRO M 41 23.10 -30.51 -47.04
N GLY M 42 21.98 -30.26 -47.69
CA GLY M 42 21.32 -31.27 -48.49
C GLY M 42 20.84 -32.47 -47.71
N GLN M 43 20.23 -32.25 -46.55
CA GLN M 43 19.72 -33.33 -45.72
C GLN M 43 18.43 -32.85 -45.05
N GLY M 44 17.89 -33.67 -44.16
CA GLY M 44 16.73 -33.31 -43.39
C GLY M 44 17.09 -32.54 -42.14
N LEU M 45 16.07 -32.26 -41.33
CA LEU M 45 16.25 -31.56 -40.08
C LEU M 45 16.62 -32.55 -38.97
N GLN M 46 17.41 -32.07 -38.01
CA GLN M 46 17.87 -32.86 -36.88
C GLN M 46 17.57 -32.12 -35.59
N TRP M 47 17.09 -32.85 -34.59
CA TRP M 47 16.64 -32.23 -33.36
C TRP M 47 17.81 -32.04 -32.39
N VAL M 48 18.24 -30.80 -32.22
CA VAL M 48 19.28 -30.47 -31.25
C VAL M 48 18.73 -30.46 -29.83
N GLY M 49 17.61 -29.80 -29.58
CA GLY M 49 16.98 -29.90 -28.27
C GLY M 49 16.21 -28.66 -27.87
N TRP M 50 15.33 -28.81 -26.88
CA TRP M 50 14.52 -27.71 -26.39
C TRP M 50 15.06 -27.14 -25.09
N ILE M 51 14.80 -25.86 -24.88
CA ILE M 51 15.07 -25.16 -23.62
C ILE M 51 13.75 -24.61 -23.12
N ASN M 52 13.50 -24.82 -21.84
CA ASN M 52 12.39 -24.20 -21.14
C ASN M 52 12.73 -22.72 -20.89
N PRO M 53 11.91 -21.77 -21.31
CA PRO M 53 12.23 -20.36 -21.02
C PRO M 53 12.00 -19.96 -19.57
N LYS M 54 11.16 -20.70 -18.84
CA LYS M 54 10.85 -20.33 -17.46
C LYS M 54 11.94 -20.77 -16.50
N THR M 55 12.26 -22.06 -16.49
CA THR M 55 13.26 -22.61 -15.59
C THR M 55 14.65 -22.67 -16.20
N GLY M 56 14.76 -22.67 -17.53
CA GLY M 56 16.05 -22.83 -18.17
C GLY M 56 16.51 -24.27 -18.33
N GLN M 57 15.64 -25.24 -18.05
CA GLN M 57 16.02 -26.64 -18.11
C GLN M 57 16.22 -27.06 -19.56
N PRO M 58 17.41 -27.50 -19.98
CA PRO M 58 17.58 -27.95 -21.36
C PRO M 58 17.24 -29.43 -21.52
N ASN M 59 17.16 -29.85 -22.78
CA ASN M 59 16.80 -31.23 -23.10
C ASN M 59 17.33 -31.53 -24.50
N ASN M 60 18.36 -32.36 -24.58
CA ASN M 60 19.01 -32.71 -25.83
C ASN M 60 19.08 -34.23 -25.98
N PRO M 61 19.18 -34.75 -27.21
CA PRO M 61 19.25 -36.21 -27.37
C PRO M 61 20.61 -36.76 -26.96
N ARG M 62 20.78 -38.08 -27.07
CA ARG M 62 22.01 -38.72 -26.64
C ARG M 62 23.22 -38.26 -27.44
N GLN M 63 23.01 -37.81 -28.68
CA GLN M 63 24.14 -37.40 -29.51
C GLN M 63 24.83 -36.17 -28.93
N PHE M 64 24.05 -35.23 -28.40
CA PHE M 64 24.56 -33.93 -27.97
C PHE M 64 24.71 -33.84 -26.45
N GLN M 65 24.87 -34.97 -25.76
CA GLN M 65 25.03 -34.96 -24.32
C GLN M 65 26.49 -34.69 -23.96
N GLY M 66 26.68 -33.71 -23.09
CA GLY M 66 28.02 -33.21 -22.79
C GLY M 66 28.64 -32.38 -23.89
N ARG M 67 27.91 -32.13 -24.98
CA ARG M 67 28.42 -31.42 -26.14
C ARG M 67 27.71 -30.10 -26.38
N VAL M 68 26.39 -30.12 -26.51
CA VAL M 68 25.61 -28.89 -26.70
C VAL M 68 25.22 -28.35 -25.34
N SER M 69 25.02 -27.03 -25.29
CA SER M 69 24.60 -26.37 -24.06
C SER M 69 23.60 -25.28 -24.46
N LEU M 70 22.34 -25.48 -24.09
CA LEU M 70 21.28 -24.51 -24.32
C LEU M 70 21.15 -23.64 -23.08
N THR M 71 21.24 -22.32 -23.27
CA THR M 71 21.13 -21.35 -22.19
C THR M 71 20.18 -20.25 -22.63
N ARG M 72 19.79 -19.41 -21.68
CA ARG M 72 18.91 -18.28 -21.96
C ARG M 72 19.37 -17.10 -21.13
N HIS M 73 18.80 -15.93 -21.44
CA HIS M 73 19.05 -14.73 -20.65
C HIS M 73 17.87 -13.78 -20.89
N ALA M 74 17.15 -13.47 -19.82
CA ALA M 74 16.05 -12.52 -19.90
C ALA M 74 16.50 -11.15 -19.40
N SER M 75 16.13 -10.11 -20.13
CA SER M 75 16.37 -8.76 -19.68
C SER M 75 15.33 -8.38 -18.61
N TRP M 76 15.30 -7.11 -18.25
CA TRP M 76 14.39 -6.64 -17.22
C TRP M 76 12.94 -6.86 -17.65
N ASP M 77 12.13 -7.40 -16.74
CA ASP M 77 10.70 -7.65 -16.91
C ASP M 77 10.43 -8.72 -17.98
N PHE M 78 11.43 -9.51 -18.36
CA PHE M 78 11.36 -10.63 -19.29
C PHE M 78 10.96 -10.23 -20.70
N ASP M 79 10.99 -8.93 -21.03
CA ASP M 79 10.45 -8.48 -22.32
C ASP M 79 11.27 -9.04 -23.48
N THR M 80 12.59 -9.11 -23.34
CA THR M 80 13.48 -9.70 -24.32
C THR M 80 14.08 -10.96 -23.74
N TYR M 81 14.43 -11.91 -24.61
CA TYR M 81 14.81 -13.27 -24.19
C TYR M 81 15.83 -13.81 -25.19
N SER M 82 17.11 -13.65 -24.87
CA SER M 82 18.17 -14.16 -25.73
C SER M 82 18.45 -15.62 -25.42
N PHE M 83 18.23 -16.50 -26.39
CA PHE M 83 18.48 -17.93 -26.25
C PHE M 83 19.77 -18.28 -26.97
N TYR M 84 20.70 -18.88 -26.23
CA TYR M 84 22.02 -19.23 -26.76
C TYR M 84 22.16 -20.74 -26.89
N MET M 85 22.81 -21.14 -27.98
CA MET M 85 23.18 -22.54 -28.24
C MET M 85 24.69 -22.60 -28.38
N ASP M 86 25.34 -23.34 -27.49
CA ASP M 86 26.80 -23.47 -27.46
C ASP M 86 27.18 -24.88 -27.87
N LEU M 87 28.26 -25.00 -28.65
CA LEU M 87 28.87 -26.28 -28.97
C LEU M 87 30.33 -26.26 -28.56
N LYS M 88 30.84 -27.41 -28.11
CA LYS M 88 32.17 -27.51 -27.52
C LYS M 88 33.12 -28.37 -28.35
N ALA M 89 32.80 -29.64 -28.57
CA ALA M 89 33.67 -30.55 -29.33
C ALA M 89 33.26 -30.55 -30.80
N LEU M 90 33.48 -29.40 -31.43
CA LEU M 90 32.96 -29.17 -32.78
C LEU M 90 33.78 -29.94 -33.81
N ARG M 91 33.09 -30.46 -34.83
CA ARG M 91 33.70 -31.25 -35.89
C ARG M 91 33.24 -30.74 -37.24
N SER M 92 33.84 -31.31 -38.30
CA SER M 92 33.38 -31.02 -39.65
C SER M 92 32.00 -31.59 -39.93
N ASP M 93 31.59 -32.62 -39.19
CA ASP M 93 30.25 -33.16 -39.35
C ASP M 93 29.20 -32.11 -39.01
N ASP M 94 29.50 -31.25 -38.04
CA ASP M 94 28.53 -30.30 -37.49
C ASP M 94 28.47 -28.99 -38.26
N THR M 95 28.84 -28.98 -39.54
CA THR M 95 28.60 -27.84 -40.41
C THR M 95 27.16 -27.90 -40.86
N ALA M 96 26.35 -26.92 -40.44
CA ALA M 96 24.92 -26.95 -40.70
C ALA M 96 24.32 -25.59 -40.38
N VAL M 97 23.02 -25.46 -40.62
CA VAL M 97 22.26 -24.25 -40.31
C VAL M 97 21.42 -24.53 -39.08
N TYR M 98 21.60 -23.72 -38.04
CA TYR M 98 20.97 -23.93 -36.74
C TYR M 98 19.76 -23.00 -36.62
N PHE M 99 18.56 -23.59 -36.64
CA PHE M 99 17.32 -22.85 -36.51
C PHE M 99 16.81 -22.95 -35.07
N CYS M 100 16.14 -21.88 -34.64
CA CYS M 100 15.46 -21.85 -33.35
C CYS M 100 13.98 -21.56 -33.61
N ALA M 101 13.12 -22.40 -33.05
CA ALA M 101 11.69 -22.37 -33.29
C ALA M 101 10.93 -22.36 -31.97
N ARG M 102 9.65 -21.98 -32.05
CA ARG M 102 8.78 -21.85 -30.88
C ARG M 102 7.72 -22.94 -30.96
N GLN M 103 7.89 -23.98 -30.15
CA GLN M 103 6.79 -24.90 -29.88
C GLN M 103 5.64 -24.12 -29.26
N ARG M 104 4.45 -24.21 -29.86
CA ARG M 104 3.31 -23.39 -29.43
C ARG M 104 2.12 -24.18 -28.92
N SER M 105 2.21 -25.51 -28.84
CA SER M 105 1.20 -26.31 -28.14
C SER M 105 1.76 -27.71 -27.92
N ASP M 106 0.91 -28.60 -27.40
CA ASP M 106 1.30 -29.99 -27.19
C ASP M 106 1.55 -30.75 -28.48
N TYR M 107 1.10 -30.23 -29.63
CA TYR M 107 1.26 -30.90 -30.90
C TYR M 107 2.65 -30.71 -31.49
N TRP M 108 3.51 -29.90 -30.86
CA TRP M 108 4.80 -29.48 -31.40
C TRP M 108 4.63 -28.80 -32.75
N ASP M 109 3.81 -27.75 -32.76
CA ASP M 109 3.65 -26.89 -33.92
C ASP M 109 4.65 -25.75 -33.81
N PHE M 110 5.57 -25.70 -34.75
CA PHE M 110 6.61 -24.66 -34.81
C PHE M 110 6.16 -23.61 -35.83
N ASP M 111 5.20 -22.80 -35.42
CA ASP M 111 4.62 -21.82 -36.34
C ASP M 111 5.61 -20.73 -36.71
N VAL M 112 6.64 -20.52 -35.89
CA VAL M 112 7.68 -19.52 -36.15
C VAL M 112 9.04 -20.17 -35.98
N TRP M 113 9.95 -19.85 -36.89
CA TRP M 113 11.35 -20.28 -36.85
C TRP M 113 12.24 -19.06 -36.93
N GLY M 114 13.56 -19.28 -36.80
CA GLY M 114 14.53 -18.23 -36.94
C GLY M 114 15.00 -18.10 -38.38
N SER M 115 15.75 -17.02 -38.63
CA SER M 115 16.30 -16.80 -39.96
C SER M 115 17.28 -17.90 -40.34
N GLY M 116 18.10 -18.34 -39.40
CA GLY M 116 19.12 -19.34 -39.61
C GLY M 116 20.51 -18.77 -39.38
N THR M 117 21.43 -19.66 -39.00
CA THR M 117 22.82 -19.30 -38.72
C THR M 117 23.72 -20.39 -39.28
N GLN M 118 24.47 -20.06 -40.32
CA GLN M 118 25.33 -21.04 -40.98
C GLN M 118 26.64 -21.16 -40.21
N VAL M 119 26.78 -22.24 -39.45
CA VAL M 119 28.03 -22.59 -38.79
C VAL M 119 28.83 -23.45 -39.76
N THR M 120 30.01 -22.96 -40.15
CA THR M 120 30.93 -23.68 -41.02
C THR M 120 32.23 -23.93 -40.27
N VAL M 121 32.68 -25.17 -40.26
CA VAL M 121 33.83 -25.57 -39.45
C VAL M 121 35.04 -25.68 -40.37
N ILE N 2 8.22 -43.85 -31.61
CA ILE N 2 7.47 -43.31 -32.73
C ILE N 2 8.23 -43.55 -34.04
N GLN N 3 7.52 -44.08 -35.02
CA GLN N 3 8.07 -44.45 -36.32
C GLN N 3 7.35 -43.68 -37.42
N MET N 4 8.10 -43.25 -38.42
CA MET N 4 7.57 -42.46 -39.52
C MET N 4 8.12 -42.96 -40.85
N THR N 5 7.37 -42.67 -41.92
CA THR N 5 7.81 -42.90 -43.28
C THR N 5 7.09 -41.92 -44.19
N GLN N 6 7.80 -41.42 -45.20
CA GLN N 6 7.24 -40.48 -46.16
C GLN N 6 7.74 -40.85 -47.54
N SER N 7 6.81 -41.13 -48.46
CA SER N 7 7.10 -41.44 -49.84
C SER N 7 6.20 -40.61 -50.75
N PRO N 8 6.66 -40.24 -51.96
CA PRO N 8 7.98 -40.47 -52.58
C PRO N 8 9.00 -39.41 -52.15
N SER N 9 10.22 -39.49 -52.67
CA SER N 9 11.28 -38.52 -52.37
C SER N 9 11.38 -37.41 -53.39
N SER N 10 11.03 -37.69 -54.65
CA SER N 10 10.97 -36.69 -55.71
C SER N 10 9.63 -36.82 -56.41
N LEU N 11 9.02 -35.68 -56.74
CA LEU N 11 7.67 -35.67 -57.27
C LEU N 11 7.47 -34.40 -58.08
N SER N 12 7.32 -34.57 -59.40
CA SER N 12 7.12 -33.46 -60.33
C SER N 12 5.67 -33.42 -60.78
N ALA N 13 5.08 -32.23 -60.75
CA ALA N 13 3.69 -32.04 -61.13
C ALA N 13 3.56 -30.72 -61.91
N SER N 14 2.40 -30.54 -62.51
CA SER N 14 2.08 -29.38 -63.34
C SER N 14 1.15 -28.43 -62.59
N VAL N 15 0.88 -27.28 -63.22
CA VAL N 15 0.00 -26.29 -62.62
C VAL N 15 -1.44 -26.78 -62.65
N GLY N 16 -2.24 -26.30 -61.70
CA GLY N 16 -3.64 -26.68 -61.64
C GLY N 16 -3.87 -28.17 -61.45
N ASP N 17 -3.13 -28.78 -60.51
CA ASP N 17 -3.17 -30.22 -60.29
C ASP N 17 -3.38 -30.51 -58.82
N THR N 18 -3.99 -31.68 -58.56
CA THR N 18 -4.18 -32.19 -57.20
C THR N 18 -3.07 -33.21 -56.94
N VAL N 19 -2.23 -32.92 -55.96
CA VAL N 19 -1.03 -33.69 -55.67
C VAL N 19 -1.02 -34.03 -54.18
N THR N 20 -0.78 -35.31 -53.87
CA THR N 20 -0.82 -35.80 -52.50
C THR N 20 0.51 -36.42 -52.12
N ILE N 21 1.00 -36.08 -50.94
CA ILE N 21 2.25 -36.59 -50.38
C ILE N 21 1.88 -37.51 -49.22
N THR N 22 1.97 -38.82 -49.45
CA THR N 22 1.67 -39.79 -48.40
C THR N 22 2.72 -39.75 -47.31
N CYS N 23 2.27 -39.87 -46.05
CA CYS N 23 3.17 -39.81 -44.91
C CYS N 23 2.51 -40.49 -43.73
N GLN N 24 2.98 -41.68 -43.36
CA GLN N 24 2.38 -42.49 -42.30
C GLN N 24 3.12 -42.24 -40.99
N ALA N 25 2.36 -42.05 -39.92
CA ALA N 25 2.90 -41.82 -38.59
C ALA N 25 1.88 -42.24 -37.55
N ASN N 26 2.35 -42.36 -36.30
CA ASN N 26 1.51 -42.67 -35.14
C ASN N 26 1.74 -41.69 -34.02
N GLY N 27 1.82 -40.41 -34.37
CA GLY N 27 1.92 -39.33 -33.41
C GLY N 27 1.27 -38.09 -33.98
N TYR N 28 1.25 -37.03 -33.18
CA TYR N 28 0.65 -35.79 -33.66
C TYR N 28 1.53 -35.21 -34.76
N LEU N 29 1.02 -35.21 -35.98
CA LEU N 29 1.83 -34.90 -37.16
C LEU N 29 1.66 -33.44 -37.57
N ASN N 30 2.74 -32.88 -38.10
CA ASN N 30 2.77 -31.54 -38.65
C ASN N 30 3.43 -31.58 -40.01
N TRP N 31 3.06 -30.62 -40.86
CA TRP N 31 3.56 -30.49 -42.23
C TRP N 31 4.26 -29.16 -42.35
N TYR N 32 5.39 -29.14 -43.07
CA TYR N 32 6.18 -27.92 -43.22
C TYR N 32 6.53 -27.68 -44.69
N GLN N 33 7.06 -26.48 -44.94
CA GLN N 33 7.44 -26.01 -46.26
C GLN N 33 8.77 -25.26 -46.15
N GLN N 34 9.86 -25.95 -46.49
CA GLN N 34 11.20 -25.36 -46.47
C GLN N 34 11.55 -24.96 -47.90
N ARG N 35 11.91 -23.69 -48.09
CA ARG N 35 12.18 -23.12 -49.40
C ARG N 35 13.68 -23.01 -49.69
N ARG N 36 14.49 -23.95 -49.20
CA ARG N 36 15.91 -24.04 -49.49
C ARG N 36 16.65 -22.75 -49.11
N GLY N 37 16.71 -22.48 -47.80
CA GLY N 37 17.47 -21.36 -47.28
C GLY N 37 16.65 -20.25 -46.67
N LYS N 38 15.43 -20.53 -46.23
CA LYS N 38 14.55 -19.55 -45.60
C LYS N 38 13.85 -20.06 -44.35
N ALA N 39 14.19 -21.27 -43.87
CA ALA N 39 13.64 -21.89 -42.67
C ALA N 39 12.24 -22.42 -42.97
N PRO N 40 11.79 -23.51 -42.35
CA PRO N 40 10.47 -24.05 -42.67
C PRO N 40 9.34 -23.11 -42.26
N LYS N 41 8.18 -23.35 -42.85
CA LYS N 41 6.95 -22.65 -42.51
C LYS N 41 5.86 -23.66 -42.21
N LEU N 42 5.11 -23.43 -41.14
CA LEU N 42 4.06 -24.35 -40.73
C LEU N 42 2.83 -24.14 -41.59
N LEU N 43 2.35 -25.19 -42.25
CA LEU N 43 1.12 -25.16 -43.04
C LEU N 43 -0.05 -25.83 -42.32
N ILE N 44 0.08 -27.12 -42.02
CA ILE N 44 -0.98 -27.92 -41.42
C ILE N 44 -0.46 -28.42 -40.07
N TYR N 45 -1.10 -27.97 -38.99
CA TYR N 45 -0.77 -28.44 -37.65
C TYR N 45 -1.77 -29.50 -37.23
N ASP N 46 -1.26 -30.55 -36.56
CA ASP N 46 -2.01 -31.76 -36.26
C ASP N 46 -2.32 -32.37 -37.63
N GLY N 47 -3.32 -33.24 -37.76
CA GLY N 47 -3.51 -33.95 -39.00
C GLY N 47 -4.14 -33.08 -40.08
N SER N 48 -5.16 -32.30 -39.71
CA SER N 48 -6.03 -31.61 -40.66
C SER N 48 -6.13 -30.10 -40.44
N LYS N 49 -5.79 -29.60 -39.27
CA LYS N 49 -5.99 -28.18 -39.00
C LYS N 49 -4.97 -27.35 -39.77
N LEU N 50 -5.37 -26.13 -40.13
CA LEU N 50 -4.59 -25.23 -40.96
C LEU N 50 -4.12 -24.02 -40.16
N GLU N 51 -3.13 -23.32 -40.71
CA GLU N 51 -2.50 -22.18 -40.08
C GLU N 51 -2.94 -20.87 -40.75
N ARG N 52 -2.90 -19.79 -39.97
CA ARG N 52 -3.19 -18.47 -40.50
C ARG N 52 -2.15 -18.07 -41.52
N GLY N 53 -2.58 -17.31 -42.53
CA GLY N 53 -1.71 -16.91 -43.61
C GLY N 53 -1.48 -17.97 -44.67
N VAL N 54 -2.09 -19.14 -44.53
CA VAL N 54 -1.97 -20.25 -45.48
C VAL N 54 -3.29 -20.36 -46.22
N PRO N 55 -3.33 -20.16 -47.54
CA PRO N 55 -4.61 -20.30 -48.25
C PRO N 55 -5.16 -21.71 -48.17
N SER N 56 -6.40 -21.86 -48.63
CA SER N 56 -7.07 -23.17 -48.64
C SER N 56 -6.53 -24.11 -49.71
N ARG N 57 -5.52 -23.69 -50.48
CA ARG N 57 -4.88 -24.59 -51.44
C ARG N 57 -4.30 -25.82 -50.73
N PHE N 58 -3.85 -25.64 -49.49
CA PHE N 58 -3.35 -26.74 -48.67
C PHE N 58 -4.45 -27.28 -47.78
N SER N 59 -4.46 -28.60 -47.60
CA SER N 59 -5.42 -29.26 -46.72
C SER N 59 -4.89 -30.64 -46.35
N GLY N 60 -5.37 -31.15 -45.22
CA GLY N 60 -4.90 -32.43 -44.70
C GLY N 60 -6.05 -33.34 -44.37
N ARG N 61 -5.72 -34.65 -44.30
CA ARG N 61 -6.71 -35.67 -44.03
C ARG N 61 -6.04 -36.84 -43.32
N ARG N 62 -6.66 -37.31 -42.24
CA ARG N 62 -6.19 -38.46 -41.48
C ARG N 62 -7.01 -39.68 -41.86
N TRP N 63 -6.34 -40.83 -41.99
CA TRP N 63 -7.04 -42.09 -42.28
C TRP N 63 -6.25 -43.22 -41.59
N GLY N 64 -6.63 -43.51 -40.35
CA GLY N 64 -6.01 -44.58 -39.59
C GLY N 64 -4.65 -44.18 -39.04
N GLN N 65 -3.65 -44.15 -39.91
CA GLN N 65 -2.33 -43.62 -39.59
C GLN N 65 -1.75 -42.73 -40.68
N GLU N 66 -2.37 -42.67 -41.86
CA GLU N 66 -1.78 -42.03 -43.03
C GLU N 66 -2.27 -40.60 -43.16
N TYR N 67 -1.39 -39.72 -43.63
CA TYR N 67 -1.67 -38.31 -43.84
C TYR N 67 -1.33 -37.94 -45.28
N ASN N 68 -2.12 -37.03 -45.85
CA ASN N 68 -2.08 -36.75 -47.28
C ASN N 68 -1.42 -35.43 -47.63
N LEU N 69 -1.83 -34.33 -47.02
CA LEU N 69 -1.48 -32.98 -47.50
C LEU N 69 -1.91 -32.82 -48.96
N THR N 70 -3.22 -32.87 -49.16
CA THR N 70 -3.79 -32.67 -50.49
C THR N 70 -3.64 -31.21 -50.90
N ILE N 71 -2.67 -30.95 -51.77
CA ILE N 71 -2.44 -29.62 -52.33
C ILE N 71 -3.18 -29.59 -53.67
N ASN N 72 -4.45 -29.20 -53.63
CA ASN N 72 -5.17 -28.93 -54.87
C ASN N 72 -4.69 -27.62 -55.47
N ASN N 73 -5.14 -27.36 -56.71
CA ASN N 73 -4.81 -26.17 -57.53
C ASN N 73 -3.36 -25.69 -57.32
N LEU N 74 -2.43 -26.62 -57.58
CA LEU N 74 -1.01 -26.38 -57.38
C LEU N 74 -0.52 -25.17 -58.17
N GLN N 75 -0.04 -24.16 -57.46
CA GLN N 75 0.41 -22.90 -58.03
C GLN N 75 1.92 -22.89 -58.20
N PRO N 76 2.48 -21.94 -58.96
CA PRO N 76 3.94 -21.87 -59.08
C PRO N 76 4.65 -21.57 -57.76
N GLU N 77 3.97 -21.00 -56.77
CA GLU N 77 4.58 -20.65 -55.50
C GLU N 77 4.66 -21.83 -54.53
N ASP N 78 4.43 -23.06 -54.99
CA ASP N 78 4.55 -24.26 -54.17
C ASP N 78 5.82 -25.04 -54.46
N ILE N 79 6.79 -24.44 -55.14
CA ILE N 79 8.06 -25.11 -55.43
C ILE N 79 8.91 -25.04 -54.16
N ALA N 80 8.76 -26.04 -53.30
CA ALA N 80 9.45 -26.07 -52.01
C ALA N 80 9.70 -27.53 -51.65
N THR N 81 10.13 -27.77 -50.42
CA THR N 81 10.31 -29.11 -49.87
C THR N 81 9.35 -29.31 -48.72
N TYR N 82 8.66 -30.44 -48.71
CA TYR N 82 7.54 -30.70 -47.82
C TYR N 82 7.88 -31.90 -46.95
N PHE N 83 7.94 -31.70 -45.63
CA PHE N 83 8.30 -32.77 -44.71
C PHE N 83 7.35 -32.83 -43.53
N CYS N 84 7.27 -34.02 -42.94
CA CYS N 84 6.44 -34.31 -41.79
C CYS N 84 7.21 -34.06 -40.50
N GLN N 85 6.49 -34.10 -39.38
CA GLN N 85 7.13 -33.98 -38.07
C GLN N 85 6.18 -34.53 -37.01
N VAL N 86 6.62 -35.54 -36.26
CA VAL N 86 5.93 -36.00 -35.06
C VAL N 86 6.89 -35.80 -33.90
N TYR N 87 6.61 -34.80 -33.07
CA TYR N 87 7.52 -34.40 -32.00
C TYR N 87 8.91 -34.09 -32.56
N GLU N 88 9.92 -34.89 -32.21
CA GLU N 88 11.30 -34.57 -32.50
C GLU N 88 11.81 -35.22 -33.78
N PHE N 89 11.01 -36.05 -34.44
CA PHE N 89 11.42 -36.82 -35.60
C PHE N 89 10.93 -36.13 -36.86
N VAL N 90 11.86 -35.72 -37.71
CA VAL N 90 11.56 -35.08 -38.99
C VAL N 90 12.23 -35.91 -40.08
N VAL N 91 11.46 -36.22 -41.13
CA VAL N 91 11.96 -37.01 -42.25
C VAL N 91 12.38 -36.05 -43.35
N PRO N 92 13.28 -36.45 -44.27
CA PRO N 92 13.59 -35.57 -45.41
C PRO N 92 12.34 -35.32 -46.24
N GLY N 93 12.18 -34.07 -46.69
CA GLY N 93 11.01 -33.70 -47.44
C GLY N 93 11.13 -34.00 -48.92
N THR N 94 9.98 -34.21 -49.54
CA THR N 94 9.91 -34.43 -50.98
C THR N 94 10.07 -33.08 -51.68
N ARG N 95 10.87 -33.07 -52.74
CA ARG N 95 11.21 -31.83 -53.44
C ARG N 95 10.24 -31.65 -54.60
N LEU N 96 9.22 -30.82 -54.39
CA LEU N 96 8.24 -30.56 -55.44
C LEU N 96 8.89 -29.80 -56.59
N ASP N 97 8.82 -30.38 -57.79
CA ASP N 97 9.39 -29.80 -58.99
C ASP N 97 8.26 -29.35 -59.91
N LEU N 98 8.35 -28.12 -60.39
CA LEU N 98 7.29 -27.56 -61.22
C LEU N 98 7.84 -26.38 -62.01
N GLN O 1 62.42 -48.54 22.47
CA GLN O 1 63.30 -47.40 22.90
C GLN O 1 63.95 -46.74 21.70
N VAL O 2 63.49 -45.54 21.36
CA VAL O 2 64.03 -44.76 20.26
C VAL O 2 64.93 -43.68 20.83
N HIS O 3 66.18 -43.66 20.39
CA HIS O 3 67.18 -42.69 20.85
C HIS O 3 67.50 -41.74 19.71
N LEU O 4 67.47 -40.44 20.02
CA LEU O 4 67.77 -39.38 19.07
C LEU O 4 68.94 -38.57 19.61
N GLN O 5 69.93 -38.32 18.76
CA GLN O 5 71.11 -37.51 19.14
C GLN O 5 71.36 -36.54 18.01
N GLU O 6 71.09 -35.26 18.25
CA GLU O 6 71.28 -34.23 17.23
C GLU O 6 72.69 -33.65 17.35
N SER O 7 73.35 -33.51 16.21
CA SER O 7 74.70 -32.98 16.13
C SER O 7 74.73 -31.74 15.25
N GLY O 8 75.41 -30.71 15.72
CA GLY O 8 75.57 -29.48 14.99
C GLY O 8 76.89 -28.80 15.32
N PRO O 9 77.28 -27.80 14.53
CA PRO O 9 78.55 -27.12 14.78
C PRO O 9 78.61 -26.38 16.10
N GLY O 10 77.47 -25.92 16.61
CA GLY O 10 77.41 -25.12 17.82
C GLY O 10 77.53 -23.63 17.59
N LEU O 11 78.20 -23.22 16.51
CA LEU O 11 78.29 -21.82 16.12
C LEU O 11 78.44 -21.74 14.61
N VAL O 12 77.77 -20.76 14.01
CA VAL O 12 77.75 -20.59 12.56
C VAL O 12 77.90 -19.11 12.23
N LYS O 13 78.62 -18.83 11.15
CA LYS O 13 78.77 -17.46 10.69
C LYS O 13 77.42 -16.92 10.22
N PRO O 14 77.10 -15.65 10.48
CA PRO O 14 75.89 -15.08 9.87
C PRO O 14 75.99 -15.07 8.36
N SER O 15 74.83 -15.19 7.71
CA SER O 15 74.71 -15.24 6.25
C SER O 15 75.36 -16.50 5.66
N GLU O 16 75.54 -17.54 6.47
CA GLU O 16 76.12 -18.80 6.05
C GLU O 16 75.15 -19.93 6.41
N THR O 17 75.17 -20.99 5.59
CA THR O 17 74.19 -22.06 5.73
C THR O 17 74.49 -22.88 6.98
N LEU O 18 73.65 -22.73 8.00
CA LEU O 18 73.70 -23.61 9.16
C LEU O 18 73.22 -24.99 8.75
N SER O 19 73.84 -26.02 9.32
CA SER O 19 73.48 -27.40 9.05
C SER O 19 73.41 -28.18 10.36
N LEU O 20 72.47 -29.11 10.43
CA LEU O 20 72.27 -29.98 11.58
C LEU O 20 72.06 -31.40 11.09
N THR O 21 72.23 -32.37 11.99
CA THR O 21 71.89 -33.75 11.70
C THR O 21 71.26 -34.38 12.95
N CYS O 22 70.50 -35.45 12.74
CA CYS O 22 69.78 -36.14 13.81
C CYS O 22 70.06 -37.64 13.70
N ASN O 23 71.08 -38.12 14.41
CA ASN O 23 71.33 -39.55 14.47
C ASN O 23 70.18 -40.26 15.16
N VAL O 24 69.68 -41.31 14.54
CA VAL O 24 68.51 -42.06 14.98
C VAL O 24 68.95 -43.46 15.34
N SER O 25 68.40 -43.99 16.44
CA SER O 25 68.61 -45.38 16.82
C SER O 25 67.30 -45.93 17.38
N GLY O 26 67.08 -47.23 17.17
CA GLY O 26 65.86 -47.88 17.59
C GLY O 26 64.72 -47.78 16.61
N THR O 27 64.83 -46.93 15.59
CA THR O 27 63.81 -46.84 14.54
C THR O 27 64.51 -46.42 13.25
N LEU O 28 63.82 -46.68 12.13
CA LEU O 28 64.33 -46.36 10.80
C LEU O 28 63.75 -45.03 10.36
N VAL O 29 64.56 -44.26 9.63
CA VAL O 29 64.13 -42.94 9.17
C VAL O 29 62.96 -43.07 8.20
N ARG O 30 62.90 -44.18 7.46
CA ARG O 30 61.86 -44.31 6.44
C ARG O 30 60.49 -44.57 7.05
N ASP O 31 60.44 -45.03 8.29
CA ASP O 31 59.18 -45.50 8.86
C ASP O 31 58.23 -44.35 9.15
N ASN O 32 58.64 -43.43 10.02
CA ASN O 32 57.75 -42.42 10.60
C ASN O 32 58.15 -41.03 10.16
N TYR O 33 57.30 -40.05 10.50
CA TYR O 33 57.58 -38.65 10.21
C TYR O 33 58.74 -38.16 11.07
N TRP O 34 59.35 -37.06 10.64
CA TRP O 34 60.45 -36.45 11.40
C TRP O 34 60.32 -34.94 11.35
N SER O 35 60.23 -34.31 12.52
CA SER O 35 60.14 -32.85 12.61
C SER O 35 61.34 -32.28 13.35
N TRP O 36 61.63 -31.02 13.05
CA TRP O 36 62.62 -30.25 13.79
C TRP O 36 61.91 -29.11 14.52
N ILE O 37 62.44 -28.75 15.68
CA ILE O 37 61.83 -27.76 16.56
C ILE O 37 62.91 -26.80 17.05
N ARG O 38 62.75 -25.53 16.70
CA ARG O 38 63.70 -24.48 17.08
C ARG O 38 63.11 -23.67 18.22
N GLN O 39 63.73 -23.75 19.39
CA GLN O 39 63.32 -22.99 20.57
C GLN O 39 64.30 -21.85 20.81
N PRO O 40 63.95 -20.59 20.54
CA PRO O 40 64.81 -19.50 21.00
C PRO O 40 64.83 -19.43 22.52
N LEU O 41 65.95 -18.95 23.06
CA LEU O 41 66.12 -18.89 24.50
C LEU O 41 65.13 -17.89 25.11
N GLY O 42 64.42 -18.33 26.14
CA GLY O 42 63.45 -17.49 26.80
C GLY O 42 62.15 -17.30 26.06
N LYS O 43 61.92 -18.02 24.97
CA LYS O 43 60.73 -17.91 24.15
C LYS O 43 60.14 -19.30 23.94
N GLN O 44 58.92 -19.34 23.44
CA GLN O 44 58.23 -20.61 23.25
C GLN O 44 58.90 -21.39 22.12
N PRO O 45 58.76 -22.73 22.12
CA PRO O 45 59.28 -23.50 20.98
C PRO O 45 58.55 -23.13 19.69
N GLU O 46 59.22 -23.36 18.57
CA GLU O 46 58.67 -23.08 17.25
C GLU O 46 58.82 -24.35 16.41
N TRP O 47 57.76 -24.68 15.67
CA TRP O 47 57.74 -25.85 14.79
C TRP O 47 58.27 -25.43 13.43
N ILE O 48 59.52 -25.78 13.14
CA ILE O 48 60.17 -25.26 11.94
C ILE O 48 59.85 -26.12 10.71
N GLY O 49 59.47 -27.38 10.89
CA GLY O 49 59.00 -28.16 9.77
C GLY O 49 59.05 -29.65 10.06
N TYR O 50 58.42 -30.40 9.17
CA TYR O 50 58.44 -31.85 9.21
C TYR O 50 58.58 -32.42 7.81
N VAL O 51 59.16 -33.63 7.77
CA VAL O 51 59.58 -34.30 6.55
C VAL O 51 59.20 -35.77 6.66
N HIS O 52 58.80 -36.34 5.52
CA HIS O 52 58.51 -37.76 5.38
C HIS O 52 59.01 -38.22 4.01
N ASP O 53 59.06 -39.55 3.82
CA ASP O 53 59.55 -40.12 2.57
C ASP O 53 58.46 -40.27 1.51
N SER O 54 57.21 -40.46 1.92
CA SER O 54 56.13 -40.62 0.96
C SER O 54 55.85 -39.36 0.16
N GLY O 55 56.34 -38.20 0.60
CA GLY O 55 56.09 -36.93 -0.05
C GLY O 55 55.54 -35.86 0.88
N ASP O 56 55.15 -36.20 2.10
CA ASP O 56 54.64 -35.22 3.05
C ASP O 56 55.82 -34.42 3.59
N THR O 57 55.98 -33.19 3.08
CA THR O 57 57.01 -32.26 3.54
C THR O 57 56.35 -30.91 3.70
N ASN O 58 56.45 -30.32 4.88
CA ASN O 58 55.90 -28.98 5.09
C ASN O 58 56.71 -28.24 6.14
N TYR O 59 57.08 -27.01 5.81
CA TYR O 59 57.89 -26.15 6.67
C TYR O 59 57.09 -24.92 7.04
N ASN O 60 57.52 -24.28 8.13
CA ASN O 60 56.92 -23.05 8.66
C ASN O 60 56.92 -22.01 7.54
N PRO O 61 55.80 -21.32 7.25
CA PRO O 61 55.84 -20.32 6.16
C PRO O 61 56.83 -19.20 6.38
N SER O 62 57.08 -18.80 7.63
CA SER O 62 58.06 -17.75 7.88
C SER O 62 59.48 -18.24 7.56
N LEU O 63 59.81 -19.46 7.96
CA LEU O 63 61.11 -20.06 7.66
C LEU O 63 61.18 -20.62 6.24
N LYS O 64 60.09 -20.60 5.49
CA LYS O 64 60.08 -21.11 4.13
C LYS O 64 60.97 -20.23 3.25
N SER O 65 61.43 -20.81 2.14
CA SER O 65 62.34 -20.17 1.19
C SER O 65 63.76 -20.06 1.73
N ARG O 66 64.02 -20.59 2.94
CA ARG O 66 65.35 -20.64 3.51
C ARG O 66 65.66 -21.94 4.24
N VAL O 67 64.76 -22.93 4.20
CA VAL O 67 64.91 -24.17 4.95
C VAL O 67 64.70 -25.35 4.01
N HIS O 68 65.31 -26.47 4.36
CA HIS O 68 65.20 -27.69 3.57
C HIS O 68 65.51 -28.87 4.48
N LEU O 69 64.62 -29.86 4.48
CA LEU O 69 64.75 -31.05 5.31
C LEU O 69 64.94 -32.27 4.41
N SER O 70 65.90 -33.13 4.78
CA SER O 70 66.20 -34.33 4.02
C SER O 70 66.30 -35.52 4.95
N LEU O 71 65.92 -36.68 4.43
CA LEU O 71 65.88 -37.95 5.15
C LEU O 71 66.89 -38.90 4.51
N ASP O 72 67.96 -39.22 5.24
CA ASP O 72 69.02 -40.10 4.75
C ASP O 72 68.90 -41.45 5.46
N LYS O 73 68.53 -42.49 4.70
CA LYS O 73 68.39 -43.83 5.27
C LYS O 73 69.74 -44.47 5.52
N SER O 74 70.74 -44.18 4.67
CA SER O 74 71.99 -44.93 4.69
C SER O 74 72.71 -44.79 6.03
N LYS O 75 72.63 -43.62 6.64
CA LYS O 75 73.19 -43.37 7.96
C LYS O 75 72.13 -43.06 9.02
N ASN O 76 70.84 -43.14 8.66
CA ASN O 76 69.74 -42.86 9.59
C ASN O 76 69.88 -41.44 10.16
N LEU O 77 69.76 -40.46 9.27
CA LEU O 77 69.96 -39.06 9.60
C LEU O 77 68.81 -38.23 9.06
N VAL O 78 68.54 -37.12 9.76
CA VAL O 78 67.62 -36.09 9.30
C VAL O 78 68.41 -34.79 9.25
N SER O 79 68.58 -34.26 8.04
CA SER O 79 69.42 -33.09 7.81
C SER O 79 68.55 -31.86 7.63
N LEU O 80 68.85 -30.82 8.41
CA LEU O 80 68.17 -29.52 8.36
C LEU O 80 69.22 -28.47 8.02
N ARG O 81 69.09 -27.86 6.85
CA ARG O 81 70.08 -26.91 6.31
C ARG O 81 69.40 -25.57 6.11
N LEU O 82 69.44 -24.74 7.16
CA LEU O 82 68.76 -23.45 7.18
C LEU O 82 69.67 -22.36 6.62
N THR O 83 69.55 -22.08 5.33
CA THR O 83 70.31 -21.02 4.68
C THR O 83 69.86 -19.67 5.24
N GLY O 84 70.57 -18.61 4.86
CA GLY O 84 70.19 -17.25 5.21
C GLY O 84 70.12 -17.01 6.70
N VAL O 85 71.09 -17.54 7.45
CA VAL O 85 71.09 -17.43 8.90
C VAL O 85 71.17 -15.96 9.29
N THR O 86 70.46 -15.61 10.36
CA THR O 86 70.41 -14.23 10.85
C THR O 86 70.53 -14.29 12.38
N ALA O 87 70.45 -13.12 13.02
CA ALA O 87 70.65 -13.04 14.46
C ALA O 87 69.58 -13.83 15.20
N ALA O 88 68.33 -13.77 14.74
CA ALA O 88 67.23 -14.40 15.47
C ALA O 88 67.29 -15.92 15.46
N ASP O 89 68.08 -16.52 14.57
CA ASP O 89 68.13 -17.98 14.49
C ASP O 89 68.90 -18.62 15.64
N SER O 90 69.56 -17.84 16.50
CA SER O 90 70.19 -18.40 17.68
C SER O 90 69.15 -19.08 18.56
N ALA O 91 69.32 -20.37 18.81
CA ALA O 91 68.26 -21.15 19.45
C ALA O 91 68.76 -22.57 19.71
N ILE O 92 67.95 -23.32 20.47
CA ILE O 92 68.17 -24.74 20.71
C ILE O 92 67.32 -25.53 19.73
N TYR O 93 67.96 -26.41 18.96
CA TYR O 93 67.31 -27.17 17.91
C TYR O 93 67.14 -28.61 18.38
N TYR O 94 65.90 -29.11 18.32
CA TYR O 94 65.54 -30.47 18.69
C TYR O 94 65.01 -31.21 17.48
N CYS O 95 65.07 -32.54 17.56
CA CYS O 95 64.61 -33.45 16.51
C CYS O 95 63.60 -34.39 17.15
N ALA O 96 62.49 -34.67 16.45
CA ALA O 96 61.36 -35.35 17.05
C ALA O 96 60.69 -36.28 16.05
N THR O 97 60.14 -37.37 16.58
CA THR O 97 59.38 -38.36 15.81
C THR O 97 57.91 -37.93 15.81
N THR O 98 57.52 -37.16 14.80
CA THR O 98 56.14 -36.69 14.70
C THR O 98 55.22 -37.88 14.46
N LYS O 99 54.05 -37.84 15.10
CA LYS O 99 52.98 -38.80 14.87
C LYS O 99 51.71 -38.03 14.56
N HIS O 100 50.97 -38.48 13.55
CA HIS O 100 49.82 -37.75 13.05
C HIS O 100 48.52 -38.39 13.55
N GLY O 101 47.46 -37.60 13.58
CA GLY O 101 46.14 -38.10 13.88
C GLY O 101 45.08 -37.27 13.19
N ARG O 102 43.93 -37.85 12.89
CA ARG O 102 42.86 -37.16 12.18
C ARG O 102 41.77 -36.75 13.17
N ARG O 103 41.55 -35.44 13.30
CA ARG O 103 40.42 -34.89 14.03
C ARG O 103 39.29 -34.71 13.03
N ILE O 104 38.19 -35.44 13.24
CA ILE O 104 37.04 -35.42 12.36
C ILE O 104 35.89 -34.76 13.11
N TYR O 105 35.34 -33.69 12.53
CA TYR O 105 34.24 -32.95 13.12
C TYR O 105 33.00 -32.90 12.23
N GLY O 106 33.01 -33.56 11.09
CA GLY O 106 31.87 -33.56 10.19
C GLY O 106 31.93 -34.73 9.25
N VAL O 107 31.42 -34.52 8.03
CA VAL O 107 31.37 -35.57 7.03
C VAL O 107 32.74 -35.70 6.38
N VAL O 108 33.32 -36.90 6.44
CA VAL O 108 34.64 -37.13 5.88
C VAL O 108 34.62 -37.01 4.36
N ALA O 109 33.47 -37.30 3.74
CA ALA O 109 33.34 -37.12 2.30
C ALA O 109 33.50 -35.66 1.90
N PHE O 110 33.09 -34.74 2.77
CA PHE O 110 33.19 -33.31 2.51
C PHE O 110 34.52 -32.71 2.97
N LYS O 111 35.51 -33.55 3.32
CA LYS O 111 36.79 -33.08 3.87
C LYS O 111 36.58 -32.20 5.09
N GLU O 112 35.69 -32.63 6.00
CA GLU O 112 35.49 -31.94 7.26
C GLU O 112 36.29 -32.66 8.36
N TRP O 113 37.61 -32.55 8.22
CA TRP O 113 38.56 -33.09 9.18
C TRP O 113 39.89 -32.38 8.98
N PHE O 114 40.84 -32.67 9.86
CA PHE O 114 42.20 -32.18 9.65
C PHE O 114 43.18 -33.07 10.38
N THR O 115 44.42 -33.05 9.90
CA THR O 115 45.50 -33.84 10.48
C THR O 115 46.27 -32.99 11.48
N TYR O 116 46.24 -33.40 12.74
CA TYR O 116 47.04 -32.77 13.79
C TYR O 116 48.28 -33.61 14.03
N PHE O 117 49.42 -32.92 14.12
CA PHE O 117 50.73 -33.54 14.27
C PHE O 117 51.18 -33.31 15.71
N TYR O 118 51.34 -34.39 16.47
CA TYR O 118 51.86 -34.33 17.83
C TYR O 118 53.22 -35.01 17.87
N MET O 119 54.17 -34.37 18.53
CA MET O 119 55.55 -34.83 18.53
C MET O 119 55.77 -35.82 19.67
N ASP O 120 56.11 -37.05 19.31
CA ASP O 120 56.47 -38.08 20.27
C ASP O 120 57.92 -37.82 20.70
N VAL O 121 58.57 -38.81 21.36
CA VAL O 121 59.86 -38.67 22.04
C VAL O 121 60.86 -37.83 21.25
N TRP O 122 61.43 -36.84 21.91
CA TRP O 122 62.31 -35.85 21.30
C TRP O 122 63.75 -36.33 21.42
N GLY O 123 64.70 -35.46 21.08
CA GLY O 123 66.11 -35.67 21.33
C GLY O 123 66.56 -34.95 22.58
N LYS O 124 67.74 -34.34 22.50
CA LYS O 124 68.33 -33.59 23.62
C LYS O 124 68.41 -32.11 23.34
N GLY O 125 69.05 -31.70 22.25
CA GLY O 125 69.04 -30.33 21.75
C GLY O 125 70.44 -29.81 21.52
N THR O 126 70.62 -29.07 20.42
CA THR O 126 71.87 -28.40 20.11
C THR O 126 71.64 -26.90 20.14
N SER O 127 72.42 -26.19 20.96
CA SER O 127 72.25 -24.75 21.17
C SER O 127 73.14 -24.00 20.19
N VAL O 128 72.62 -23.78 18.99
CA VAL O 128 73.38 -23.07 17.97
C VAL O 128 73.24 -21.56 18.17
N THR O 129 74.36 -20.87 18.10
CA THR O 129 74.42 -19.42 18.30
C THR O 129 75.11 -18.78 17.11
N VAL O 130 74.83 -17.50 16.91
CA VAL O 130 75.32 -16.75 15.75
C VAL O 130 76.04 -15.50 16.26
N SER O 131 77.30 -15.35 15.87
CA SER O 131 78.09 -14.20 16.28
C SER O 131 79.30 -14.06 15.36
N SER O 132 79.89 -12.89 15.37
CA SER O 132 81.06 -12.60 14.56
C SER O 132 82.33 -13.08 15.26
N THR P 1 52.84 -15.64 32.91
CA THR P 1 51.98 -16.41 33.85
C THR P 1 52.84 -17.38 34.66
N PHE P 2 52.69 -17.33 35.98
CA PHE P 2 53.51 -18.08 36.93
C PHE P 2 52.62 -18.72 38.00
N VAL P 3 51.60 -19.46 37.55
CA VAL P 3 50.63 -20.09 38.45
C VAL P 3 51.36 -21.03 39.40
N SER P 4 51.31 -20.73 40.70
CA SER P 4 51.98 -21.49 41.73
C SER P 4 50.94 -22.23 42.57
N VAL P 5 51.15 -23.53 42.76
CA VAL P 5 50.24 -24.39 43.51
C VAL P 5 51.08 -25.26 44.44
N ALA P 6 50.65 -25.34 45.70
CA ALA P 6 51.33 -26.19 46.66
C ALA P 6 51.12 -27.66 46.29
N PRO P 7 52.04 -28.55 46.68
CA PRO P 7 51.84 -29.97 46.34
C PRO P 7 50.62 -30.55 47.03
N GLY P 8 49.99 -31.51 46.35
CA GLY P 8 48.76 -32.11 46.82
C GLY P 8 47.49 -31.40 46.40
N GLN P 9 47.61 -30.21 45.81
CA GLN P 9 46.47 -29.45 45.32
C GLN P 9 46.27 -29.74 43.84
N THR P 10 45.29 -29.09 43.21
CA THR P 10 45.02 -29.20 41.79
C THR P 10 45.42 -27.90 41.11
N ALA P 11 46.25 -28.00 40.07
CA ALA P 11 46.72 -26.86 39.30
C ALA P 11 45.99 -26.78 37.97
N ARG P 12 45.72 -25.55 37.54
CA ARG P 12 45.00 -25.26 36.30
C ARG P 12 45.90 -24.36 35.45
N ILE P 13 46.35 -24.86 34.31
CA ILE P 13 47.23 -24.13 33.40
C ILE P 13 46.48 -23.91 32.10
N THR P 14 46.10 -22.67 31.83
CA THR P 14 45.43 -22.30 30.59
C THR P 14 46.44 -21.80 29.57
N CYS P 15 46.10 -21.94 28.30
CA CYS P 15 47.01 -21.56 27.23
C CYS P 15 46.21 -21.24 25.97
N GLY P 16 46.74 -20.32 25.19
CA GLY P 16 46.20 -20.03 23.87
C GLY P 16 45.05 -19.05 23.89
N GLU P 17 44.34 -19.03 22.77
CA GLU P 17 43.28 -18.07 22.51
C GLU P 17 41.91 -18.74 22.65
N GLU P 18 40.86 -17.96 22.43
CA GLU P 18 39.51 -18.46 22.57
C GLU P 18 39.17 -19.38 21.40
N SER P 19 38.55 -20.52 21.71
CA SER P 19 38.27 -21.52 20.69
C SER P 19 37.26 -21.00 19.68
N LEU P 20 37.48 -21.35 18.40
CA LEU P 20 36.60 -20.99 17.30
C LEU P 20 35.83 -22.19 16.76
N GLY P 21 36.53 -23.29 16.47
CA GLY P 21 35.93 -24.49 15.93
C GLY P 21 36.40 -25.74 16.65
N SER P 22 36.29 -26.89 15.99
CA SER P 22 36.73 -28.14 16.60
C SER P 22 38.25 -28.17 16.66
N ARG P 23 38.76 -28.36 17.87
CA ARG P 23 40.17 -28.12 18.18
C ARG P 23 40.78 -29.39 18.75
N SER P 24 42.07 -29.60 18.47
CA SER P 24 42.85 -30.70 19.01
C SER P 24 44.15 -30.12 19.55
N VAL P 25 44.09 -29.65 20.80
CA VAL P 25 45.25 -29.03 21.44
C VAL P 25 46.15 -30.11 22.01
N ILE P 26 47.46 -29.94 21.82
CA ILE P 26 48.47 -30.89 22.26
C ILE P 26 49.32 -30.22 23.32
N TRP P 27 49.42 -30.84 24.49
CA TRP P 27 50.10 -30.26 25.63
C TRP P 27 51.51 -30.81 25.75
N TYR P 28 52.46 -29.93 26.10
CA TYR P 28 53.85 -30.28 26.27
C TYR P 28 54.36 -29.74 27.60
N GLN P 29 55.23 -30.53 28.23
CA GLN P 29 55.90 -30.16 29.47
C GLN P 29 57.39 -30.06 29.21
N GLN P 30 57.98 -28.93 29.60
CA GLN P 30 59.43 -28.71 29.52
C GLN P 30 59.96 -28.48 30.92
N ARG P 31 60.57 -29.50 31.50
CA ARG P 31 61.27 -29.32 32.76
C ARG P 31 62.47 -28.43 32.52
N PRO P 32 62.85 -27.56 33.46
CA PRO P 32 64.02 -26.69 33.22
C PRO P 32 65.30 -27.51 33.04
N GLY P 33 65.95 -27.31 31.90
CA GLY P 33 67.22 -27.95 31.62
C GLY P 33 67.15 -29.20 30.78
N GLN P 34 66.02 -29.49 30.14
CA GLN P 34 65.90 -30.63 29.24
C GLN P 34 65.00 -30.27 28.07
N ALA P 35 64.78 -31.24 27.18
CA ALA P 35 63.94 -31.03 26.03
C ALA P 35 62.46 -31.14 26.42
N PRO P 36 61.54 -30.63 25.60
CA PRO P 36 60.12 -30.84 25.89
C PRO P 36 59.74 -32.31 25.79
N SER P 37 58.52 -32.60 26.25
CA SER P 37 57.95 -33.94 26.23
C SER P 37 56.44 -33.83 26.04
N LEU P 38 55.82 -34.92 25.60
CA LEU P 38 54.39 -34.92 25.32
C LEU P 38 53.60 -35.39 26.55
N ILE P 39 52.42 -34.80 26.73
CA ILE P 39 51.50 -35.17 27.81
C ILE P 39 50.15 -35.62 27.24
N ILE P 40 49.50 -34.75 26.46
CA ILE P 40 48.15 -34.97 25.97
C ILE P 40 48.12 -34.62 24.49
N TYR P 41 47.43 -35.45 23.71
CA TYR P 41 47.10 -35.16 22.32
C TYR P 41 45.61 -35.46 22.12
N ASN P 42 44.98 -34.71 21.22
CA ASN P 42 43.54 -34.82 21.00
C ASN P 42 42.74 -34.46 22.25
N ASN P 43 43.29 -33.53 23.04
CA ASN P 43 42.64 -32.89 24.18
C ASN P 43 42.50 -33.73 25.44
N ASN P 44 42.63 -35.06 25.36
CA ASN P 44 42.59 -35.85 26.59
C ASN P 44 43.36 -37.17 26.54
N ASP P 45 44.04 -37.52 25.45
CA ASP P 45 44.59 -38.85 25.28
C ASP P 45 46.08 -38.85 25.58
N ARG P 46 46.46 -39.51 26.68
CA ARG P 46 47.84 -39.51 27.13
C ARG P 46 48.57 -40.74 26.59
N PRO P 47 49.85 -40.65 26.22
CA PRO P 47 50.59 -41.87 25.87
C PRO P 47 50.95 -42.66 27.11
N SER P 48 51.48 -43.86 26.89
CA SER P 48 51.88 -44.72 27.99
C SER P 48 53.01 -44.07 28.79
N GLY P 49 52.91 -44.15 30.12
CA GLY P 49 53.87 -43.57 31.03
C GLY P 49 53.42 -42.28 31.66
N ILE P 50 52.52 -41.55 31.01
CA ILE P 50 52.00 -40.30 31.58
C ILE P 50 50.93 -40.65 32.62
N PRO P 51 50.96 -40.08 33.83
CA PRO P 51 49.94 -40.44 34.81
C PRO P 51 48.57 -39.91 34.42
N ASP P 52 47.54 -40.44 35.10
CA ASP P 52 46.17 -40.07 34.82
C ASP P 52 45.78 -38.73 35.45
N ARG P 53 46.66 -38.12 36.25
CA ARG P 53 46.35 -36.83 36.85
C ARG P 53 46.23 -35.72 35.81
N PHE P 54 46.96 -35.83 34.70
CA PHE P 54 46.89 -34.84 33.63
C PHE P 54 45.58 -35.04 32.88
N SER P 55 44.77 -33.98 32.80
CA SER P 55 43.55 -34.00 31.99
C SER P 55 43.40 -32.68 31.26
N GLY P 56 42.82 -32.73 30.06
CA GLY P 56 42.66 -31.56 29.23
C GLY P 56 41.21 -31.20 28.95
N SER P 57 40.96 -29.93 28.69
CA SER P 57 39.60 -29.50 28.41
C SER P 57 39.18 -30.03 27.04
N PRO P 58 37.92 -30.42 26.86
CA PRO P 58 37.52 -30.95 25.55
C PRO P 58 37.59 -29.89 24.46
N GLY P 59 38.04 -30.32 23.28
CA GLY P 59 38.05 -29.48 22.11
C GLY P 59 36.71 -29.38 21.41
N SER P 60 35.69 -30.08 21.90
CA SER P 60 34.35 -30.02 21.34
C SER P 60 33.58 -28.79 21.76
N THR P 61 34.10 -27.99 22.69
CA THR P 61 33.47 -26.78 23.17
C THR P 61 34.07 -25.57 22.46
N PHE P 62 33.20 -24.67 22.01
CA PHE P 62 33.59 -23.47 21.29
C PHE P 62 33.37 -22.26 22.18
N GLY P 63 34.38 -21.40 22.26
CA GLY P 63 34.37 -20.29 23.18
C GLY P 63 34.98 -20.58 24.53
N THR P 64 35.87 -21.56 24.62
CA THR P 64 36.58 -21.88 25.85
C THR P 64 38.06 -22.07 25.53
N THR P 65 38.92 -21.47 26.35
CA THR P 65 40.35 -21.61 26.16
C THR P 65 40.81 -23.01 26.58
N ALA P 66 41.91 -23.45 26.00
CA ALA P 66 42.48 -24.74 26.36
C ALA P 66 43.06 -24.69 27.75
N THR P 67 42.72 -25.68 28.58
CA THR P 67 43.18 -25.76 29.96
C THR P 67 43.71 -27.17 30.23
N LEU P 68 44.71 -27.24 31.10
CA LEU P 68 45.30 -28.50 31.56
C LEU P 68 45.17 -28.53 33.07
N THR P 69 44.41 -29.50 33.59
CA THR P 69 44.28 -29.70 35.02
C THR P 69 45.19 -30.83 35.47
N ILE P 70 45.93 -30.56 36.54
CA ILE P 70 46.93 -31.48 37.09
C ILE P 70 46.52 -31.69 38.55
N THR P 71 45.98 -32.86 38.85
CA THR P 71 45.64 -33.20 40.22
C THR P 71 46.87 -33.72 40.96
N SER P 72 46.93 -33.42 42.25
CA SER P 72 48.03 -33.85 43.14
C SER P 72 49.39 -33.48 42.54
N VAL P 73 49.61 -32.17 42.46
CA VAL P 73 50.83 -31.66 41.85
C VAL P 73 52.04 -32.12 42.66
N GLU P 74 53.11 -32.48 41.95
CA GLU P 74 54.35 -32.97 42.54
C GLU P 74 55.51 -32.18 41.98
N ALA P 75 56.68 -32.37 42.59
CA ALA P 75 57.89 -31.71 42.10
C ALA P 75 58.25 -32.17 40.69
N GLY P 76 57.81 -33.35 40.29
CA GLY P 76 57.96 -33.75 38.90
C GLY P 76 57.18 -32.88 37.96
N ASP P 77 55.97 -32.49 38.37
CA ASP P 77 55.13 -31.62 37.55
C ASP P 77 55.63 -30.19 37.49
N GLU P 78 56.63 -29.83 38.31
CA GLU P 78 57.28 -28.53 38.20
C GLU P 78 57.94 -28.39 36.83
N ALA P 79 57.36 -27.59 35.95
CA ALA P 79 57.87 -27.44 34.60
C ALA P 79 57.06 -26.38 33.86
N ASP P 80 57.61 -25.92 32.73
CA ASP P 80 56.85 -25.07 31.81
C ASP P 80 55.85 -25.92 31.03
N TYR P 81 54.75 -25.28 30.63
CA TYR P 81 53.64 -25.99 29.99
C TYR P 81 53.22 -25.22 28.74
N TYR P 82 53.47 -25.81 27.58
CA TYR P 82 53.11 -25.25 26.28
C TYR P 82 51.91 -25.99 25.68
N CYS P 83 51.22 -25.30 24.77
CA CYS P 83 50.06 -25.84 24.08
C CYS P 83 50.17 -25.59 22.58
N HIS P 84 49.89 -26.63 21.80
CA HIS P 84 49.94 -26.61 20.35
C HIS P 84 48.51 -26.79 19.88
N ILE P 85 47.84 -25.67 19.59
CA ILE P 85 46.43 -25.69 19.25
C ILE P 85 46.28 -25.96 17.76
N TRP P 86 45.37 -26.88 17.43
CA TRP P 86 45.04 -27.23 16.06
C TRP P 86 43.56 -26.96 15.84
N ASP P 87 43.23 -25.71 15.50
CA ASP P 87 41.85 -25.29 15.32
C ASP P 87 41.42 -25.52 13.87
N SER P 88 40.16 -25.94 13.70
CA SER P 88 39.65 -26.20 12.36
C SER P 88 39.43 -24.90 11.59
N ARG P 89 39.12 -23.81 12.28
CA ARG P 89 38.79 -22.54 11.66
C ARG P 89 39.94 -21.54 11.69
N ARG P 90 41.17 -22.01 11.95
CA ARG P 90 42.36 -21.19 11.90
C ARG P 90 43.43 -21.92 11.10
N PRO P 91 44.38 -21.20 10.48
CA PRO P 91 45.48 -21.90 9.82
C PRO P 91 46.36 -22.62 10.83
N THR P 92 47.24 -23.48 10.33
CA THR P 92 48.12 -24.24 11.19
C THR P 92 49.00 -23.30 12.01
N ASN P 93 49.02 -23.51 13.32
CA ASN P 93 49.85 -22.72 14.22
C ASN P 93 51.25 -23.33 14.23
N TRP P 94 52.23 -22.59 13.71
CA TRP P 94 53.60 -23.06 13.61
C TRP P 94 54.47 -22.56 14.75
N VAL P 95 53.87 -22.03 15.82
CA VAL P 95 54.58 -21.67 17.04
C VAL P 95 53.71 -22.07 18.23
N PHE P 96 54.34 -22.68 19.22
CA PHE P 96 53.60 -23.10 20.41
C PHE P 96 53.08 -21.87 21.16
N GLY P 97 52.28 -22.13 22.18
CA GLY P 97 51.69 -21.07 22.95
C GLY P 97 52.63 -20.54 24.01
N GLU P 98 52.27 -19.39 24.58
CA GLU P 98 53.08 -18.81 25.64
C GLU P 98 53.02 -19.71 26.88
N GLY P 99 54.18 -20.24 27.25
CA GLY P 99 54.21 -21.23 28.32
C GLY P 99 53.89 -20.61 29.67
N THR P 100 53.39 -21.46 30.56
CA THR P 100 53.08 -21.10 31.95
C THR P 100 53.97 -21.94 32.84
N THR P 101 54.79 -21.28 33.66
CA THR P 101 55.73 -21.96 34.54
C THR P 101 55.02 -22.34 35.83
N LEU P 102 54.67 -23.61 35.97
CA LEU P 102 54.04 -24.11 37.19
C LEU P 102 55.10 -24.21 38.27
N ILE P 103 54.86 -23.56 39.40
CA ILE P 103 55.81 -23.50 40.52
C ILE P 103 55.20 -24.26 41.68
N VAL P 104 55.90 -25.28 42.16
CA VAL P 104 55.45 -26.13 43.26
C VAL P 104 56.08 -25.60 44.55
N LEU P 105 55.23 -25.31 45.54
CA LEU P 105 55.71 -24.78 46.81
C LEU P 105 56.09 -25.94 47.74
N SER P 106 57.26 -26.50 47.47
CA SER P 106 57.82 -27.61 48.23
C SER P 106 59.25 -27.30 48.65
N TRP Q 40 -47.86 -35.43 -18.34
CA TRP Q 40 -47.02 -36.61 -18.30
C TRP Q 40 -45.59 -36.26 -17.87
N VAL Q 41 -45.20 -34.99 -17.99
CA VAL Q 41 -43.91 -34.56 -17.47
C VAL Q 41 -44.00 -34.49 -15.95
N THR Q 42 -42.92 -34.89 -15.27
CA THR Q 42 -42.83 -34.88 -13.82
C THR Q 42 -41.47 -34.32 -13.41
N VAL Q 43 -41.51 -33.33 -12.52
CA VAL Q 43 -40.33 -32.60 -12.07
C VAL Q 43 -39.87 -33.21 -10.75
N TYR Q 44 -38.56 -33.47 -10.65
CA TYR Q 44 -37.93 -34.01 -9.46
C TYR Q 44 -36.84 -33.07 -8.99
N TYR Q 45 -36.85 -32.74 -7.71
CA TYR Q 45 -35.84 -31.90 -7.06
C TYR Q 45 -35.09 -32.73 -6.04
N GLY Q 46 -33.77 -32.72 -6.14
CA GLY Q 46 -32.92 -33.61 -5.36
C GLY Q 46 -32.37 -34.78 -6.12
N VAL Q 47 -32.47 -34.78 -7.45
CA VAL Q 47 -32.02 -35.90 -8.26
C VAL Q 47 -30.50 -36.05 -8.14
N PRO Q 48 -29.93 -37.27 -8.12
CA PRO Q 48 -28.48 -37.39 -8.22
C PRO Q 48 -27.97 -37.24 -9.65
N VAL Q 49 -27.77 -36.00 -10.07
CA VAL Q 49 -27.16 -35.69 -11.36
C VAL Q 49 -26.13 -34.61 -11.13
N TRP Q 50 -25.01 -34.68 -11.86
CA TRP Q 50 -23.98 -33.67 -11.77
C TRP Q 50 -23.38 -33.42 -13.15
N LYS Q 51 -22.79 -32.23 -13.30
CA LYS Q 51 -22.13 -31.81 -14.53
C LYS Q 51 -20.75 -31.27 -14.17
N ASP Q 52 -19.79 -31.46 -15.09
CA ASP Q 52 -18.44 -30.96 -14.84
C ASP Q 52 -18.47 -29.43 -14.79
N ALA Q 53 -17.84 -28.87 -13.76
CA ALA Q 53 -17.88 -27.44 -13.54
C ALA Q 53 -16.66 -27.00 -12.74
N GLU Q 54 -16.53 -25.69 -12.61
CA GLU Q 54 -15.44 -25.06 -11.88
C GLU Q 54 -16.01 -23.99 -10.97
N THR Q 55 -15.57 -23.97 -9.71
CA THR Q 55 -16.08 -23.06 -8.70
C THR Q 55 -14.91 -22.60 -7.83
N THR Q 56 -15.19 -21.69 -6.91
CA THR Q 56 -14.21 -21.21 -5.94
C THR Q 56 -14.24 -22.14 -4.73
N LEU Q 57 -13.31 -23.09 -4.68
CA LEU Q 57 -13.14 -23.92 -3.49
C LEU Q 57 -12.51 -23.09 -2.39
N PHE Q 58 -13.04 -23.23 -1.17
CA PHE Q 58 -12.46 -22.59 0.00
C PHE Q 58 -11.67 -23.63 0.80
N CYS Q 59 -11.05 -23.18 1.89
CA CYS Q 59 -10.16 -24.02 2.69
C CYS Q 59 -10.80 -24.41 4.01
N ALA Q 60 -10.30 -25.50 4.57
CA ALA Q 60 -10.69 -25.97 5.89
C ALA Q 60 -9.46 -26.63 6.51
N SER Q 61 -9.28 -26.43 7.81
CA SER Q 61 -8.09 -26.89 8.51
C SER Q 61 -8.44 -27.21 9.96
N ASP Q 62 -7.60 -28.03 10.58
CA ASP Q 62 -7.82 -28.46 11.95
C ASP Q 62 -7.29 -27.41 12.93
N HIS Q 71 0.38 -17.77 13.14
CA HIS Q 71 1.62 -17.33 12.52
C HIS Q 71 2.09 -18.35 11.48
N ASN Q 72 1.47 -18.31 10.31
CA ASN Q 72 1.79 -19.20 9.22
C ASN Q 72 1.64 -18.45 7.91
N VAL Q 73 2.43 -18.85 6.91
CA VAL Q 73 2.40 -18.15 5.63
C VAL Q 73 1.07 -18.32 4.93
N TRP Q 74 0.47 -19.51 5.04
CA TRP Q 74 -0.73 -19.84 4.27
C TRP Q 74 -2.01 -19.58 5.04
N ALA Q 75 -1.95 -18.68 6.03
CA ALA Q 75 -3.13 -18.12 6.70
C ALA Q 75 -4.11 -19.17 7.16
N THR Q 76 -3.60 -20.27 7.71
CA THR Q 76 -4.45 -21.39 8.11
C THR Q 76 -5.37 -21.05 9.27
N HIS Q 77 -5.06 -20.01 10.05
CA HIS Q 77 -5.97 -19.57 11.10
C HIS Q 77 -7.29 -19.09 10.52
N ALA Q 78 -7.26 -18.46 9.35
CA ALA Q 78 -8.47 -17.95 8.71
C ALA Q 78 -9.35 -19.04 8.13
N CYS Q 79 -8.88 -20.29 8.09
CA CYS Q 79 -9.66 -21.34 7.46
C CYS Q 79 -10.83 -21.76 8.33
N VAL Q 80 -11.86 -22.30 7.69
CA VAL Q 80 -13.04 -22.82 8.41
C VAL Q 80 -12.61 -24.04 9.21
N PRO Q 81 -13.13 -24.27 10.42
CA PRO Q 81 -12.80 -25.52 11.11
C PRO Q 81 -13.30 -26.73 10.34
N THR Q 82 -12.38 -27.61 9.98
CA THR Q 82 -12.71 -28.80 9.22
C THR Q 82 -13.49 -29.79 10.09
N ASP Q 83 -14.21 -30.69 9.41
CA ASP Q 83 -14.96 -31.73 10.12
C ASP Q 83 -13.99 -32.65 10.85
N PRO Q 84 -14.17 -32.92 12.15
CA PRO Q 84 -13.25 -33.86 12.83
C PRO Q 84 -13.28 -35.25 12.20
N ASN Q 85 -14.44 -35.69 11.73
CA ASN Q 85 -14.60 -36.97 11.03
C ASN Q 85 -15.19 -36.68 9.66
N PRO Q 86 -14.38 -36.59 8.60
CA PRO Q 86 -14.96 -36.32 7.27
C PRO Q 86 -15.91 -37.42 6.85
N GLN Q 87 -17.01 -37.01 6.21
CA GLN Q 87 -18.04 -37.93 5.74
C GLN Q 87 -17.77 -38.26 4.28
N GLU Q 88 -17.42 -39.51 4.03
CA GLU Q 88 -17.13 -40.01 2.68
C GLU Q 88 -18.21 -41.03 2.31
N ILE Q 89 -18.90 -40.78 1.21
CA ILE Q 89 -20.03 -41.58 0.76
C ILE Q 89 -19.58 -42.35 -0.47
N HIS Q 90 -19.34 -43.65 -0.33
CA HIS Q 90 -18.95 -44.47 -1.47
C HIS Q 90 -20.11 -44.58 -2.43
N LEU Q 91 -19.96 -44.00 -3.62
CA LEU Q 91 -20.97 -44.11 -4.66
C LEU Q 91 -20.79 -45.43 -5.39
N GLU Q 92 -21.88 -46.18 -5.52
CA GLU Q 92 -21.86 -47.51 -6.13
C GLU Q 92 -22.29 -47.42 -7.59
N ASN Q 93 -21.73 -48.32 -8.40
CA ASN Q 93 -22.10 -48.55 -9.80
C ASN Q 93 -21.68 -47.43 -10.73
N VAL Q 94 -21.11 -46.33 -10.22
CA VAL Q 94 -20.91 -45.10 -10.99
C VAL Q 94 -19.47 -45.05 -11.49
N THR Q 95 -19.32 -44.72 -12.76
CA THR Q 95 -18.02 -44.53 -13.41
C THR Q 95 -17.93 -43.09 -13.89
N GLU Q 96 -16.82 -42.44 -13.60
CA GLU Q 96 -16.59 -41.03 -13.92
C GLU Q 96 -15.25 -40.87 -14.63
N GLU Q 97 -15.21 -39.96 -15.60
CA GLU Q 97 -14.03 -39.73 -16.42
C GLU Q 97 -13.25 -38.56 -15.83
N PHE Q 98 -12.06 -38.85 -15.29
CA PHE Q 98 -11.19 -37.87 -14.67
C PHE Q 98 -10.12 -37.43 -15.65
N ASN Q 99 -9.48 -36.30 -15.32
CA ASN Q 99 -8.31 -35.82 -16.07
C ASN Q 99 -7.49 -34.94 -15.14
N MET Q 100 -6.40 -35.49 -14.61
CA MET Q 100 -5.58 -34.76 -13.64
C MET Q 100 -4.81 -33.61 -14.29
N TRP Q 101 -4.59 -33.66 -15.60
CA TRP Q 101 -3.78 -32.66 -16.29
C TRP Q 101 -4.58 -31.45 -16.77
N LYS Q 102 -5.91 -31.54 -16.77
CA LYS Q 102 -6.79 -30.39 -17.01
C LYS Q 102 -7.58 -30.04 -15.76
N ASN Q 103 -7.13 -30.47 -14.58
CA ASN Q 103 -7.83 -30.17 -13.34
C ASN Q 103 -7.75 -28.68 -13.05
N ASN Q 104 -8.91 -28.05 -12.83
CA ASN Q 104 -8.94 -26.65 -12.42
C ASN Q 104 -8.52 -26.46 -10.97
N MET Q 105 -8.68 -27.50 -10.14
CA MET Q 105 -8.26 -27.41 -8.75
C MET Q 105 -6.77 -27.12 -8.64
N VAL Q 106 -5.97 -27.66 -9.57
CA VAL Q 106 -4.53 -27.43 -9.53
C VAL Q 106 -4.19 -25.98 -9.80
N GLU Q 107 -4.80 -25.41 -10.85
CA GLU Q 107 -4.52 -24.01 -11.18
C GLU Q 107 -5.01 -23.09 -10.07
N GLN Q 108 -6.18 -23.41 -9.51
CA GLN Q 108 -6.71 -22.62 -8.40
C GLN Q 108 -5.81 -22.69 -7.18
N MET Q 109 -5.28 -23.87 -6.87
CA MET Q 109 -4.36 -24.00 -5.75
C MET Q 109 -3.08 -23.23 -6.02
N HIS Q 110 -2.58 -23.25 -7.25
CA HIS Q 110 -1.39 -22.48 -7.58
C HIS Q 110 -1.63 -21.00 -7.32
N THR Q 111 -2.78 -20.50 -7.77
CA THR Q 111 -3.13 -19.10 -7.52
C THR Q 111 -3.25 -18.80 -6.04
N ASP Q 112 -3.88 -19.72 -5.28
CA ASP Q 112 -4.05 -19.51 -3.84
C ASP Q 112 -2.70 -19.46 -3.13
N ILE Q 113 -1.80 -20.39 -3.46
CA ILE Q 113 -0.50 -20.41 -2.81
C ILE Q 113 0.28 -19.14 -3.13
N ILE Q 114 0.25 -18.69 -4.39
CA ILE Q 114 0.95 -17.46 -4.74
C ILE Q 114 0.34 -16.28 -4.00
N SER Q 115 -0.98 -16.21 -3.92
CA SER Q 115 -1.63 -15.09 -3.24
C SER Q 115 -1.32 -15.08 -1.75
N LEU Q 116 -1.28 -16.25 -1.12
CA LEU Q 116 -0.94 -16.32 0.29
C LEU Q 116 0.50 -15.90 0.53
N TRP Q 117 1.41 -16.33 -0.35
CA TRP Q 117 2.79 -15.91 -0.24
C TRP Q 117 2.91 -14.40 -0.37
N ASP Q 118 2.15 -13.80 -1.29
CA ASP Q 118 2.17 -12.35 -1.45
C ASP Q 118 1.63 -11.64 -0.21
N GLN Q 119 0.51 -12.12 0.32
CA GLN Q 119 -0.10 -11.42 1.47
C GLN Q 119 0.73 -11.58 2.73
N SER Q 120 1.43 -12.70 2.91
CA SER Q 120 2.29 -12.85 4.06
C SER Q 120 3.49 -11.91 3.98
N LEU Q 121 3.95 -11.58 2.78
CA LEU Q 121 5.07 -10.66 2.59
C LEU Q 121 4.65 -9.19 2.58
N LYS Q 122 3.34 -8.90 2.54
CA LYS Q 122 2.90 -7.51 2.43
C LYS Q 122 3.32 -6.65 3.61
N PRO Q 123 3.11 -7.03 4.87
CA PRO Q 123 3.41 -6.11 5.98
C PRO Q 123 4.85 -6.14 6.48
N CYS Q 124 5.74 -6.89 5.85
CA CYS Q 124 7.08 -7.11 6.38
C CYS Q 124 8.05 -6.04 5.89
N VAL Q 125 9.28 -6.10 6.40
CA VAL Q 125 10.26 -5.05 6.15
C VAL Q 125 10.70 -5.09 4.70
N LYS Q 126 10.96 -3.92 4.13
CA LYS Q 126 11.52 -3.78 2.80
C LYS Q 126 13.01 -3.47 2.92
N LEU Q 127 13.83 -4.38 2.40
CA LEU Q 127 15.29 -4.22 2.48
C LEU Q 127 15.84 -3.50 1.24
N THR Q 128 15.23 -2.37 0.91
CA THR Q 128 15.72 -1.50 -0.16
C THR Q 128 17.08 -0.91 0.22
N PRO Q 129 17.28 -0.43 1.46
CA PRO Q 129 18.62 0.04 1.84
C PRO Q 129 19.71 -1.02 1.71
N LEU Q 130 19.40 -2.30 1.86
CA LEU Q 130 20.44 -3.32 1.89
C LEU Q 130 21.16 -3.48 0.56
N CYS Q 131 20.65 -2.90 -0.52
CA CYS Q 131 21.32 -2.95 -1.82
C CYS Q 131 22.36 -1.84 -1.89
N VAL Q 132 23.59 -2.18 -1.52
CA VAL Q 132 24.72 -1.27 -1.57
C VAL Q 132 25.99 -2.08 -1.80
N THR Q 133 27.09 -1.37 -2.08
CA THR Q 133 28.39 -2.00 -2.19
C THR Q 133 28.81 -2.57 -0.84
N LEU Q 134 29.28 -3.81 -0.84
CA LEU Q 134 29.63 -4.54 0.37
C LEU Q 134 31.11 -4.90 0.30
N GLN Q 135 31.88 -4.53 1.32
CA GLN Q 135 33.27 -4.95 1.42
C GLN Q 135 33.28 -6.34 2.06
N CYS Q 136 33.51 -7.36 1.26
CA CYS Q 136 33.41 -8.75 1.69
C CYS Q 136 34.78 -9.39 1.74
N THR Q 137 35.12 -9.97 2.89
CA THR Q 137 36.24 -10.87 3.08
C THR Q 137 35.70 -12.28 3.25
N ASN Q 138 36.59 -13.25 3.31
CA ASN Q 138 36.19 -14.60 3.66
C ASN Q 138 35.93 -14.70 5.15
N VAL Q 139 34.96 -15.54 5.50
CA VAL Q 139 34.75 -15.85 6.91
C VAL Q 139 36.00 -16.52 7.46
N THR Q 140 36.26 -16.32 8.75
CA THR Q 140 37.45 -16.87 9.38
C THR Q 140 37.42 -18.40 9.29
N ASN Q 141 38.27 -18.95 8.43
CA ASN Q 141 38.31 -20.38 8.17
C ASN Q 141 39.69 -20.71 7.61
N ASN Q 142 40.09 -21.98 7.81
CA ASN Q 142 41.37 -22.42 7.27
C ASN Q 142 41.25 -22.78 5.80
N ILE Q 143 40.43 -23.80 5.51
CA ILE Q 143 40.28 -24.48 4.21
C ILE Q 143 41.33 -24.16 3.14
N MET Q 147 37.09 -25.70 -1.67
CA MET Q 147 36.70 -24.34 -2.03
C MET Q 147 36.28 -23.59 -0.76
N ARG Q 148 35.02 -23.74 -0.37
CA ARG Q 148 34.46 -23.10 0.81
C ARG Q 148 34.70 -21.60 0.82
N GLY Q 149 34.24 -20.93 -0.24
CA GLY Q 149 33.95 -19.52 -0.21
C GLY Q 149 32.46 -19.32 0.01
N GLU Q 150 31.82 -20.33 0.62
CA GLU Q 150 30.37 -20.38 0.64
C GLU Q 150 29.76 -19.33 1.56
N LEU Q 151 30.56 -18.75 2.45
CA LEU Q 151 30.14 -17.67 3.33
C LEU Q 151 31.12 -16.52 3.20
N LYS Q 152 30.59 -15.30 3.10
CA LYS Q 152 31.37 -14.09 2.96
C LYS Q 152 31.02 -13.12 4.07
N ASN Q 153 32.03 -12.65 4.78
CA ASN Q 153 31.86 -11.66 5.84
C ASN Q 153 31.88 -10.28 5.19
N CYS Q 154 30.69 -9.68 5.08
CA CYS Q 154 30.48 -8.47 4.28
C CYS Q 154 30.12 -7.31 5.19
N SER Q 155 30.85 -6.21 5.06
CA SER Q 155 30.62 -4.99 5.83
C SER Q 155 30.06 -3.90 4.93
N PHE Q 156 29.14 -3.10 5.48
CA PHE Q 156 28.47 -2.06 4.72
C PHE Q 156 28.05 -0.93 5.65
N ASN Q 157 27.79 0.24 5.04
CA ASN Q 157 27.28 1.42 5.73
C ASN Q 157 25.76 1.39 5.64
N MET Q 158 25.11 1.02 6.72
CA MET Q 158 23.65 0.97 6.75
C MET Q 158 23.07 2.27 7.33
N THR Q 159 21.88 2.60 6.88
CA THR Q 159 21.13 3.71 7.44
C THR Q 159 20.69 3.37 8.86
N THR Q 160 20.72 4.37 9.73
CA THR Q 160 20.35 4.24 11.13
C THR Q 160 18.92 4.73 11.32
N GLU Q 161 18.49 4.83 12.58
CA GLU Q 161 17.15 5.36 12.85
C GLU Q 161 17.07 6.83 12.41
N LEU Q 162 18.18 7.56 12.54
CA LEU Q 162 18.26 8.94 12.10
C LEU Q 162 18.69 8.99 10.65
N ARG Q 163 17.98 9.76 9.83
CA ARG Q 163 18.27 9.85 8.41
C ARG Q 163 19.61 10.51 8.11
N ASP Q 164 20.17 11.27 9.03
CA ASP Q 164 21.42 12.00 8.80
C ASP Q 164 22.64 11.28 9.36
N LYS Q 165 22.50 10.02 9.76
CA LYS Q 165 23.59 9.22 10.34
C LYS Q 165 23.68 7.90 9.62
N LYS Q 166 24.85 7.26 9.73
CA LYS Q 166 25.11 5.96 9.13
C LYS Q 166 25.94 5.12 10.09
N GLN Q 167 25.79 3.81 9.98
CA GLN Q 167 26.45 2.85 10.87
C GLN Q 167 27.22 1.83 10.05
N LYS Q 168 28.44 1.52 10.48
CA LYS Q 168 29.26 0.49 9.85
C LYS Q 168 28.89 -0.83 10.50
N VAL Q 169 28.20 -1.69 9.75
CA VAL Q 169 27.74 -2.98 10.24
C VAL Q 169 28.27 -4.06 9.33
N TYR Q 170 28.10 -5.31 9.74
CA TYR Q 170 28.56 -6.45 8.96
C TYR Q 170 27.56 -7.59 9.06
N SER Q 171 27.73 -8.58 8.18
CA SER Q 171 26.81 -9.69 8.06
C SER Q 171 27.48 -10.79 7.25
N LEU Q 172 27.16 -12.04 7.58
CA LEU Q 172 27.62 -13.18 6.80
C LEU Q 172 26.58 -13.49 5.72
N PHE Q 173 27.00 -13.39 4.46
CA PHE Q 173 26.13 -13.63 3.32
C PHE Q 173 26.64 -14.84 2.57
N TYR Q 174 25.74 -15.71 2.14
CA TYR Q 174 26.15 -16.83 1.32
C TYR Q 174 26.65 -16.32 -0.02
N ARG Q 175 27.55 -17.09 -0.64
CA ARG Q 175 28.13 -16.69 -1.91
C ARG Q 175 27.10 -16.65 -3.03
N LEU Q 176 26.06 -17.50 -2.95
CA LEU Q 176 25.00 -17.45 -3.94
C LEU Q 176 24.16 -16.18 -3.85
N ASP Q 177 24.19 -15.49 -2.71
CA ASP Q 177 23.42 -14.28 -2.50
C ASP Q 177 24.18 -13.00 -2.81
N VAL Q 178 25.45 -13.08 -3.20
CA VAL Q 178 26.27 -11.90 -3.51
C VAL Q 178 27.00 -12.14 -4.82
N VAL Q 179 26.97 -11.14 -5.70
CA VAL Q 179 27.76 -11.13 -6.93
C VAL Q 179 28.83 -10.05 -6.79
N GLN Q 180 29.95 -10.26 -7.48
CA GLN Q 180 31.08 -9.35 -7.41
C GLN Q 180 30.93 -8.26 -8.45
N ILE Q 181 31.13 -7.01 -8.02
CA ILE Q 181 31.13 -5.85 -8.92
C ILE Q 181 32.55 -5.35 -9.05
N ASN Q 182 32.93 -4.96 -10.28
CA ASN Q 182 34.28 -4.54 -10.60
C ASN Q 182 35.27 -5.67 -10.31
N SER Q 192 39.02 -3.11 -5.07
CA SER Q 192 37.79 -3.21 -5.84
C SER Q 192 37.39 -4.67 -6.05
N ASN Q 193 38.35 -5.58 -6.00
CA ASN Q 193 38.03 -7.00 -6.08
C ASN Q 193 37.27 -7.51 -4.87
N LYS Q 194 37.25 -6.77 -3.77
CA LYS Q 194 36.49 -7.12 -2.58
C LYS Q 194 35.07 -6.55 -2.58
N GLU Q 195 34.71 -5.74 -3.58
CA GLU Q 195 33.39 -5.10 -3.60
C GLU Q 195 32.36 -6.04 -4.21
N TYR Q 196 31.21 -6.15 -3.55
CA TYR Q 196 30.14 -7.07 -3.89
C TYR Q 196 28.80 -6.32 -3.87
N ARG Q 197 27.74 -7.04 -4.23
CA ARG Q 197 26.38 -6.54 -4.06
C ARG Q 197 25.44 -7.74 -4.01
N LEU Q 198 24.26 -7.53 -3.44
CA LEU Q 198 23.29 -8.62 -3.39
C LEU Q 198 22.86 -8.98 -4.80
N ILE Q 199 22.53 -10.26 -5.00
CA ILE Q 199 22.26 -10.80 -6.33
C ILE Q 199 21.07 -10.12 -6.99
N ASN Q 200 20.13 -9.61 -6.20
CA ASN Q 200 18.86 -9.12 -6.70
C ASN Q 200 18.82 -7.62 -6.96
N CYS Q 201 19.92 -6.90 -6.73
CA CYS Q 201 19.85 -5.45 -6.81
C CYS Q 201 19.58 -4.96 -8.22
N ASN Q 202 20.08 -5.65 -9.23
CA ASN Q 202 19.95 -5.21 -10.62
C ASN Q 202 18.76 -5.83 -11.33
N THR Q 203 17.90 -6.56 -10.62
CA THR Q 203 16.71 -7.16 -11.23
C THR Q 203 15.43 -7.04 -10.41
N SER Q 204 15.48 -6.72 -9.12
CA SER Q 204 14.30 -6.85 -8.27
C SER Q 204 14.47 -6.07 -6.98
N ALA Q 205 13.35 -5.89 -6.28
CA ALA Q 205 13.32 -5.32 -4.94
C ALA Q 205 13.04 -6.43 -3.94
N ILE Q 206 13.77 -6.40 -2.82
CA ILE Q 206 13.82 -7.50 -1.88
C ILE Q 206 13.06 -7.12 -0.62
N THR Q 207 12.25 -8.05 -0.12
CA THR Q 207 11.40 -7.84 1.04
C THR Q 207 11.67 -8.94 2.06
N GLN Q 208 12.18 -8.56 3.22
CA GLN Q 208 12.51 -9.52 4.27
C GLN Q 208 11.25 -10.23 4.72
N ALA Q 209 11.27 -11.56 4.71
CA ALA Q 209 10.20 -12.33 5.30
C ALA Q 209 10.14 -12.07 6.79
N CYS Q 210 8.92 -11.95 7.32
CA CYS Q 210 8.76 -11.67 8.74
C CYS Q 210 9.32 -12.83 9.55
N PRO Q 211 10.11 -12.57 10.61
CA PRO Q 211 10.74 -13.68 11.32
C PRO Q 211 9.75 -14.59 12.04
N LYS Q 212 8.53 -14.13 12.31
CA LYS Q 212 7.58 -14.87 13.13
C LYS Q 212 6.63 -15.74 12.33
N VAL Q 213 6.41 -15.45 11.05
CA VAL Q 213 5.57 -16.29 10.21
C VAL Q 213 6.39 -17.50 9.76
N SER Q 214 5.81 -18.68 9.90
CA SER Q 214 6.49 -19.93 9.62
C SER Q 214 6.22 -20.37 8.18
N PHE Q 215 7.21 -21.03 7.58
CA PHE Q 215 7.08 -21.62 6.25
C PHE Q 215 6.65 -23.09 6.31
N GLU Q 216 6.32 -23.60 7.49
CA GLU Q 216 6.00 -25.02 7.62
C GLU Q 216 4.72 -25.33 6.86
N PRO Q 217 4.69 -26.35 5.99
CA PRO Q 217 3.44 -26.68 5.31
C PRO Q 217 2.43 -27.31 6.27
N ILE Q 218 1.34 -26.59 6.51
CA ILE Q 218 0.22 -27.08 7.30
C ILE Q 218 -0.81 -27.66 6.33
N PRO Q 219 -1.36 -28.85 6.57
CA PRO Q 219 -2.31 -29.42 5.61
C PRO Q 219 -3.54 -28.54 5.42
N ILE Q 220 -4.01 -28.47 4.17
CA ILE Q 220 -5.14 -27.65 3.78
C ILE Q 220 -6.14 -28.55 3.05
N HIS Q 221 -7.39 -28.49 3.49
CA HIS Q 221 -8.48 -29.28 2.90
C HIS Q 221 -9.31 -28.37 2.02
N TYR Q 222 -9.37 -28.68 0.73
CA TYR Q 222 -10.08 -27.85 -0.25
C TYR Q 222 -11.52 -28.33 -0.34
N CYS Q 223 -12.44 -27.54 0.23
CA CYS Q 223 -13.86 -27.86 0.25
C CYS Q 223 -14.60 -27.03 -0.79
N ALA Q 224 -15.50 -27.67 -1.52
CA ALA Q 224 -16.32 -26.97 -2.50
C ALA Q 224 -17.55 -26.36 -1.81
N PRO Q 225 -18.14 -25.30 -2.38
CA PRO Q 225 -19.34 -24.72 -1.77
C PRO Q 225 -20.52 -25.69 -1.82
N ALA Q 226 -21.57 -25.32 -1.11
CA ALA Q 226 -22.82 -26.06 -1.17
C ALA Q 226 -23.40 -25.97 -2.57
N GLY Q 227 -24.04 -27.06 -3.00
CA GLY Q 227 -24.48 -27.18 -4.38
C GLY Q 227 -23.42 -27.72 -5.33
N PHE Q 228 -22.19 -27.92 -4.86
CA PHE Q 228 -21.13 -28.57 -5.59
C PHE Q 228 -20.64 -29.76 -4.78
N ALA Q 229 -19.80 -30.58 -5.40
CA ALA Q 229 -19.23 -31.74 -4.74
C ALA Q 229 -17.86 -32.05 -5.33
N ILE Q 230 -17.10 -32.86 -4.62
CA ILE Q 230 -15.79 -33.32 -5.04
C ILE Q 230 -15.84 -34.84 -5.15
N LEU Q 231 -15.33 -35.38 -6.25
CA LEU Q 231 -15.37 -36.80 -6.54
C LEU Q 231 -13.97 -37.37 -6.41
N LYS Q 232 -13.74 -38.15 -5.36
CA LYS Q 232 -12.46 -38.82 -5.13
C LYS Q 232 -12.50 -40.17 -5.84
N CYS Q 233 -11.51 -40.42 -6.68
CA CYS Q 233 -11.39 -41.73 -7.33
C CYS Q 233 -10.56 -42.65 -6.45
N LYS Q 234 -11.19 -43.70 -5.92
CA LYS Q 234 -10.54 -44.60 -4.98
C LYS Q 234 -9.77 -45.73 -5.66
N ASP Q 235 -9.76 -45.79 -6.99
CA ASP Q 235 -9.07 -46.85 -7.69
C ASP Q 235 -7.57 -46.75 -7.45
N LYS Q 236 -6.99 -47.82 -6.88
CA LYS Q 236 -5.58 -47.79 -6.53
C LYS Q 236 -4.69 -47.62 -7.76
N LYS Q 237 -4.89 -48.48 -8.76
CA LYS Q 237 -4.19 -48.31 -10.03
C LYS Q 237 -4.93 -47.24 -10.82
N PHE Q 238 -4.53 -45.98 -10.62
CA PHE Q 238 -5.04 -44.85 -11.37
C PHE Q 238 -3.94 -44.33 -12.29
N ASN Q 239 -4.10 -44.53 -13.60
CA ASN Q 239 -3.17 -43.94 -14.55
C ASN Q 239 -3.22 -42.42 -14.56
N GLY Q 240 -4.26 -41.82 -14.00
CA GLY Q 240 -4.35 -40.37 -13.85
C GLY Q 240 -5.53 -39.76 -14.58
N THR Q 241 -5.83 -40.29 -15.76
CA THR Q 241 -6.93 -39.79 -16.59
C THR Q 241 -7.84 -40.94 -16.98
N GLY Q 242 -8.91 -40.63 -17.71
CA GLY Q 242 -9.80 -41.64 -18.21
C GLY Q 242 -10.85 -42.05 -17.21
N PRO Q 243 -11.61 -43.11 -17.51
CA PRO Q 243 -12.65 -43.55 -16.58
C PRO Q 243 -12.05 -44.25 -15.36
N CYS Q 244 -12.58 -43.92 -14.18
CA CYS Q 244 -12.18 -44.55 -12.93
C CYS Q 244 -13.40 -45.15 -12.25
N PRO Q 245 -13.58 -46.49 -12.21
CA PRO Q 245 -14.65 -47.05 -11.39
C PRO Q 245 -14.42 -46.83 -9.90
N SER Q 246 -15.38 -47.22 -9.06
CA SER Q 246 -15.32 -47.05 -7.60
C SER Q 246 -15.05 -45.59 -7.23
N VAL Q 247 -15.93 -44.71 -7.69
CA VAL Q 247 -15.86 -43.30 -7.33
C VAL Q 247 -16.50 -43.10 -5.95
N SER Q 248 -16.14 -41.99 -5.30
CA SER Q 248 -16.71 -41.62 -4.01
C SER Q 248 -16.90 -40.11 -4.00
N THR Q 249 -17.83 -39.65 -3.15
CA THR Q 249 -18.07 -38.23 -2.93
C THR Q 249 -17.43 -37.84 -1.61
N VAL Q 250 -16.75 -36.69 -1.61
CA VAL Q 250 -16.17 -36.12 -0.40
C VAL Q 250 -16.58 -34.66 -0.32
N GLN Q 251 -16.61 -34.14 0.91
CA GLN Q 251 -16.93 -32.74 1.12
C GLN Q 251 -15.68 -31.87 1.06
N CYS Q 252 -14.53 -32.42 1.44
CA CYS Q 252 -13.25 -31.74 1.34
C CYS Q 252 -12.19 -32.75 0.93
N THR Q 253 -11.14 -32.26 0.28
CA THR Q 253 -10.01 -33.11 -0.05
C THR Q 253 -9.21 -33.41 1.23
N HIS Q 254 -8.33 -34.39 1.12
CA HIS Q 254 -7.49 -34.74 2.25
C HIS Q 254 -6.52 -33.59 2.54
N GLY Q 255 -5.85 -33.68 3.69
CA GLY Q 255 -4.87 -32.67 4.04
C GLY Q 255 -3.71 -32.66 3.06
N ILE Q 256 -3.68 -31.65 2.18
CA ILE Q 256 -2.63 -31.52 1.17
C ILE Q 256 -1.64 -30.50 1.68
N LYS Q 257 -0.48 -30.96 2.11
CA LYS Q 257 0.55 -30.06 2.61
C LYS Q 257 1.11 -29.24 1.45
N PRO Q 258 1.13 -27.89 1.52
CA PRO Q 258 1.77 -27.13 0.42
C PRO Q 258 3.29 -27.17 0.51
N VAL Q 259 3.88 -28.24 -0.03
CA VAL Q 259 5.31 -28.46 0.01
C VAL Q 259 5.88 -28.05 -1.35
N VAL Q 260 6.64 -26.97 -1.37
CA VAL Q 260 7.31 -26.52 -2.58
C VAL Q 260 8.66 -27.21 -2.69
N SER Q 261 8.94 -27.79 -3.84
CA SER Q 261 10.20 -28.48 -4.06
C SER Q 261 10.34 -28.84 -5.53
N THR Q 262 11.55 -29.24 -5.92
CA THR Q 262 11.86 -29.67 -7.27
C THR Q 262 12.64 -30.97 -7.22
N GLN Q 263 12.42 -31.81 -8.24
CA GLN Q 263 13.11 -33.09 -8.43
C GLN Q 263 12.69 -34.18 -7.45
N LEU Q 264 11.89 -33.85 -6.44
CA LEU Q 264 11.46 -34.80 -5.43
C LEU Q 264 10.25 -34.21 -4.73
N LEU Q 265 9.18 -35.01 -4.64
CA LEU Q 265 7.99 -34.64 -3.89
C LEU Q 265 8.20 -35.09 -2.46
N LEU Q 266 8.11 -34.17 -1.51
CA LEU Q 266 8.37 -34.43 -0.10
C LEU Q 266 7.08 -34.29 0.70
N ASN Q 267 6.96 -35.13 1.73
CA ASN Q 267 5.81 -35.12 2.64
C ASN Q 267 4.49 -35.26 1.87
N GLY Q 268 4.50 -36.14 0.87
CA GLY Q 268 3.36 -36.35 0.01
C GLY Q 268 2.57 -37.61 0.37
N SER Q 269 1.46 -37.77 -0.33
CA SER Q 269 0.64 -38.97 -0.20
C SER Q 269 1.18 -40.07 -1.12
N LEU Q 270 1.21 -41.29 -0.59
CA LEU Q 270 1.80 -42.42 -1.27
C LEU Q 270 0.74 -43.28 -1.96
N ALA Q 271 1.15 -43.93 -3.04
CA ALA Q 271 0.30 -44.93 -3.67
C ALA Q 271 0.12 -46.11 -2.73
N GLU Q 272 -0.99 -46.82 -2.91
CA GLU Q 272 -1.34 -47.95 -2.05
C GLU Q 272 -0.92 -49.29 -2.60
N GLU Q 273 -0.99 -49.49 -3.93
CA GLU Q 273 -0.74 -50.78 -4.55
C GLU Q 273 0.65 -50.88 -5.14
N GLU Q 274 0.99 -50.00 -6.07
CA GLU Q 274 2.25 -50.05 -6.80
C GLU Q 274 2.81 -48.64 -6.92
N VAL Q 275 4.09 -48.56 -7.32
CA VAL Q 275 4.62 -47.31 -7.82
C VAL Q 275 3.78 -46.91 -9.02
N MET Q 276 3.54 -45.60 -9.17
CA MET Q 276 2.64 -45.09 -10.20
C MET Q 276 3.36 -44.07 -11.06
N ILE Q 277 3.31 -44.25 -12.37
CA ILE Q 277 3.90 -43.34 -13.35
C ILE Q 277 2.75 -42.59 -14.01
N ARG Q 278 2.81 -41.27 -13.99
CA ARG Q 278 1.72 -40.43 -14.50
C ARG Q 278 2.35 -39.32 -15.34
N SER Q 279 2.09 -39.33 -16.64
CA SER Q 279 2.49 -38.27 -17.54
C SER Q 279 1.34 -37.95 -18.48
N GLU Q 280 1.22 -36.67 -18.85
CA GLU Q 280 0.15 -36.23 -19.74
C GLU Q 280 0.28 -36.95 -21.07
N ASN Q 281 1.49 -36.99 -21.61
CA ASN Q 281 1.85 -37.84 -22.73
C ASN Q 281 3.22 -38.43 -22.46
N ILE Q 282 3.32 -39.76 -22.52
CA ILE Q 282 4.59 -40.43 -22.27
C ILE Q 282 5.46 -40.41 -23.53
N THR Q 283 4.94 -39.82 -24.63
CA THR Q 283 5.71 -39.60 -25.85
C THR Q 283 6.26 -38.18 -25.95
N ASN Q 284 5.70 -37.24 -25.21
CA ASN Q 284 6.15 -35.85 -25.26
C ASN Q 284 7.21 -35.62 -24.18
N ASN Q 285 8.42 -35.21 -24.59
CA ASN Q 285 9.46 -34.97 -23.60
C ASN Q 285 9.16 -33.76 -22.73
N ALA Q 286 8.54 -32.74 -23.31
CA ALA Q 286 8.23 -31.51 -22.59
C ALA Q 286 7.33 -31.75 -21.39
N LYS Q 287 6.59 -32.87 -21.40
CA LYS Q 287 5.74 -33.25 -20.29
C LYS Q 287 6.57 -34.00 -19.24
N ASN Q 288 6.53 -33.52 -18.01
CA ASN Q 288 7.25 -34.18 -16.92
C ASN Q 288 6.53 -35.48 -16.55
N ILE Q 289 7.30 -36.41 -16.00
CA ILE Q 289 6.79 -37.72 -15.57
C ILE Q 289 6.71 -37.70 -14.06
N LEU Q 290 5.49 -37.64 -13.51
CA LEU Q 290 5.29 -37.66 -12.07
C LEU Q 290 5.32 -39.12 -11.61
N VAL Q 291 6.30 -39.44 -10.77
CA VAL Q 291 6.44 -40.77 -10.19
C VAL Q 291 5.97 -40.71 -8.74
N GLN Q 292 5.15 -41.68 -8.35
CA GLN Q 292 4.62 -41.78 -6.99
C GLN Q 292 5.06 -43.09 -6.39
N PHE Q 293 5.59 -43.03 -5.17
CA PHE Q 293 6.16 -44.18 -4.48
C PHE Q 293 5.13 -44.82 -3.57
N ASN Q 294 5.06 -46.15 -3.61
CA ASN Q 294 4.19 -46.87 -2.68
C ASN Q 294 4.75 -46.91 -1.27
N THR Q 295 6.08 -46.76 -1.11
CA THR Q 295 6.74 -46.67 0.17
C THR Q 295 7.66 -45.46 0.17
N PRO Q 296 7.73 -44.70 1.26
CA PRO Q 296 8.56 -43.49 1.23
C PRO Q 296 10.03 -43.81 1.40
N VAL Q 297 10.87 -42.91 0.90
CA VAL Q 297 12.31 -42.95 1.15
C VAL Q 297 12.65 -41.80 2.08
N GLN Q 298 13.05 -42.11 3.31
CA GLN Q 298 13.30 -41.05 4.28
C GLN Q 298 14.56 -40.28 3.91
N ILE Q 299 14.50 -38.96 4.02
CA ILE Q 299 15.62 -38.07 3.74
C ILE Q 299 15.85 -37.17 4.97
N ASN Q 300 17.08 -37.20 5.48
CA ASN Q 300 17.44 -36.48 6.70
C ASN Q 300 18.39 -35.33 6.36
N CYS Q 301 18.01 -34.09 6.67
CA CYS Q 301 18.92 -32.97 6.46
C CYS Q 301 19.53 -32.53 7.76
N THR Q 302 20.68 -31.88 7.63
CA THR Q 302 21.22 -31.04 8.67
C THR Q 302 21.92 -29.84 8.05
N ARG Q 303 21.67 -28.67 8.63
CA ARG Q 303 22.48 -27.48 8.44
C ARG Q 303 23.36 -27.36 9.69
N PRO Q 304 24.56 -27.95 9.70
CA PRO Q 304 25.32 -28.05 10.96
C PRO Q 304 25.83 -26.72 11.49
N ASN Q 305 25.70 -25.62 10.76
CA ASN Q 305 26.17 -24.32 11.25
C ASN Q 305 25.22 -23.79 12.30
N ASN Q 306 25.80 -23.18 13.34
CA ASN Q 306 24.99 -22.62 14.42
C ASN Q 306 24.28 -21.34 14.00
N ASN Q 307 24.98 -20.43 13.32
CA ASN Q 307 24.38 -19.28 12.64
C ASN Q 307 23.50 -18.43 13.55
N THR Q 308 24.10 -17.76 14.53
CA THR Q 308 23.34 -16.81 15.33
C THR Q 308 22.84 -15.67 14.44
N ARG Q 309 21.74 -15.04 14.85
CA ARG Q 309 21.23 -13.86 14.16
C ARG Q 309 21.55 -12.60 14.97
N LYS Q 310 21.32 -11.46 14.33
CA LYS Q 310 21.65 -10.17 14.91
C LYS Q 310 20.79 -9.11 14.23
N SER Q 311 20.08 -8.33 15.03
CA SER Q 311 19.20 -7.30 14.49
C SER Q 311 19.96 -6.01 14.26
N ILE Q 312 19.89 -5.49 13.03
CA ILE Q 312 20.43 -4.19 12.66
C ILE Q 312 19.24 -3.30 12.34
N ARG Q 313 19.09 -2.21 13.08
CA ARG Q 313 17.98 -1.30 12.86
C ARG Q 313 18.30 -0.46 11.62
N ILE Q 314 17.61 -0.74 10.52
CA ILE Q 314 17.87 -0.05 9.26
C ILE Q 314 17.06 1.23 9.11
N GLY Q 315 16.05 1.45 9.94
CA GLY Q 315 15.26 2.65 9.90
C GLY Q 315 14.39 2.77 11.14
N PRO Q 316 13.52 3.78 11.17
CA PRO Q 316 12.61 3.91 12.32
C PRO Q 316 11.63 2.75 12.36
N GLY Q 317 11.78 1.90 13.37
CA GLY Q 317 10.89 0.77 13.52
C GLY Q 317 11.05 -0.31 12.48
N GLN Q 318 12.24 -0.43 11.88
CA GLN Q 318 12.51 -1.43 10.85
C GLN Q 318 13.83 -2.12 11.16
N ALA Q 319 13.79 -3.44 11.32
CA ALA Q 319 14.94 -4.24 11.67
C ALA Q 319 15.31 -5.16 10.51
N PHE Q 320 16.58 -5.52 10.46
CA PHE Q 320 17.14 -6.42 9.44
C PHE Q 320 17.94 -7.48 10.20
N TYR Q 321 17.49 -8.73 10.11
CA TYR Q 321 18.11 -9.82 10.86
C TYR Q 321 19.20 -10.44 9.99
N ALA Q 322 20.44 -10.27 10.43
CA ALA Q 322 21.63 -10.66 9.68
C ALA Q 322 22.40 -11.71 10.47
N THR Q 323 23.04 -12.62 9.74
CA THR Q 323 23.88 -13.61 10.39
C THR Q 323 25.10 -12.94 10.99
N GLY Q 324 25.44 -13.33 12.21
CA GLY Q 324 26.65 -12.92 12.90
C GLY Q 324 27.69 -14.02 12.91
N ASP Q 325 28.44 -14.08 14.01
CA ASP Q 325 29.46 -15.11 14.13
C ASP Q 325 28.83 -16.50 14.18
N ILE Q 326 29.53 -17.47 13.61
CA ILE Q 326 29.13 -18.87 13.66
C ILE Q 326 29.75 -19.50 14.91
N ILE Q 327 28.91 -20.15 15.71
CA ILE Q 327 29.36 -20.79 16.95
C ILE Q 327 29.63 -22.26 16.61
N GLY Q 328 30.86 -22.54 16.20
CA GLY Q 328 31.31 -23.89 15.93
C GLY Q 328 32.14 -23.96 14.68
N ASP Q 329 32.04 -25.08 13.99
CA ASP Q 329 32.81 -25.31 12.78
C ASP Q 329 31.95 -24.96 11.57
N ILE Q 330 32.61 -24.44 10.54
CA ILE Q 330 31.94 -24.13 9.28
C ILE Q 330 31.89 -25.41 8.46
N ARG Q 331 30.71 -25.99 8.40
CA ARG Q 331 30.46 -27.30 7.80
C ARG Q 331 29.43 -27.17 6.70
N GLN Q 332 29.63 -27.93 5.62
CA GLN Q 332 28.67 -27.94 4.52
C GLN Q 332 27.38 -28.60 4.97
N ALA Q 333 26.25 -28.00 4.59
CA ALA Q 333 24.95 -28.58 4.85
C ALA Q 333 24.70 -29.75 3.91
N HIS Q 334 23.80 -30.64 4.33
CA HIS Q 334 23.54 -31.79 3.47
C HIS Q 334 22.21 -32.42 3.84
N CYS Q 335 21.74 -33.33 2.97
CA CYS Q 335 20.70 -34.27 3.35
C CYS Q 335 21.09 -35.67 2.89
N ASN Q 336 20.81 -36.65 3.73
CA ASN Q 336 21.15 -38.06 3.54
C ASN Q 336 19.92 -38.84 3.09
N VAL Q 337 20.13 -39.80 2.21
CA VAL Q 337 19.09 -40.74 1.77
C VAL Q 337 19.68 -42.14 1.87
N SER Q 338 18.95 -43.06 2.50
CA SER Q 338 19.44 -44.43 2.64
C SER Q 338 19.72 -45.04 1.26
N LYS Q 339 20.87 -45.68 1.13
CA LYS Q 339 21.26 -46.24 -0.16
C LYS Q 339 20.45 -47.50 -0.48
N ALA Q 340 20.27 -48.38 0.50
CA ALA Q 340 19.59 -49.65 0.26
C ALA Q 340 18.10 -49.48 0.01
N THR Q 341 17.51 -48.35 0.42
CA THR Q 341 16.11 -48.06 0.15
C THR Q 341 15.93 -47.35 -1.19
N TRP Q 342 16.74 -46.30 -1.42
CA TRP Q 342 16.65 -45.56 -2.67
C TRP Q 342 16.96 -46.47 -3.85
N ASN Q 343 17.97 -47.33 -3.71
CA ASN Q 343 18.03 -48.49 -4.57
C ASN Q 343 16.94 -49.46 -4.13
N GLU Q 344 16.31 -50.09 -5.13
CA GLU Q 344 15.06 -50.85 -5.06
C GLU Q 344 13.83 -49.94 -5.01
N THR Q 345 13.97 -48.67 -4.60
CA THR Q 345 12.93 -47.72 -4.95
C THR Q 345 13.05 -47.36 -6.41
N LEU Q 346 14.28 -47.04 -6.85
CA LEU Q 346 14.54 -46.91 -8.27
C LEU Q 346 14.31 -48.23 -8.99
N GLY Q 347 14.44 -49.36 -8.29
CA GLY Q 347 14.09 -50.64 -8.90
C GLY Q 347 12.62 -50.72 -9.26
N LYS Q 348 11.75 -50.37 -8.31
CA LYS Q 348 10.31 -50.34 -8.62
C LYS Q 348 10.01 -49.33 -9.72
N VAL Q 349 10.68 -48.17 -9.68
CA VAL Q 349 10.45 -47.15 -10.69
C VAL Q 349 10.86 -47.66 -12.07
N VAL Q 350 11.99 -48.37 -12.18
CA VAL Q 350 12.41 -48.83 -13.49
C VAL Q 350 11.50 -49.95 -13.99
N LYS Q 351 11.00 -50.79 -13.09
CA LYS Q 351 10.00 -51.78 -13.51
C LYS Q 351 8.78 -51.08 -14.11
N GLN Q 352 8.25 -50.09 -13.41
CA GLN Q 352 7.05 -49.43 -13.88
C GLN Q 352 7.31 -48.57 -15.12
N LEU Q 353 8.55 -48.13 -15.33
CA LEU Q 353 8.89 -47.39 -16.54
C LEU Q 353 9.09 -48.34 -17.72
N ARG Q 354 9.67 -49.51 -17.47
CA ARG Q 354 9.80 -50.52 -18.52
C ARG Q 354 8.44 -51.03 -18.96
N LYS Q 355 7.43 -50.94 -18.09
CA LYS Q 355 6.07 -51.25 -18.52
C LYS Q 355 5.65 -50.37 -19.69
N HIS Q 356 5.92 -49.06 -19.62
CA HIS Q 356 5.59 -48.15 -20.72
C HIS Q 356 6.57 -48.23 -21.88
N PHE Q 357 7.86 -48.47 -21.61
CA PHE Q 357 8.91 -48.36 -22.61
C PHE Q 357 9.40 -49.71 -23.13
N GLY Q 358 8.66 -50.78 -22.87
CA GLY Q 358 9.08 -52.11 -23.28
C GLY Q 358 10.11 -52.69 -22.33
N ASN Q 359 10.25 -54.02 -22.40
CA ASN Q 359 11.11 -54.76 -21.48
C ASN Q 359 12.58 -54.74 -21.87
N ASN Q 360 12.91 -54.45 -23.13
CA ASN Q 360 14.28 -54.52 -23.62
C ASN Q 360 15.02 -53.20 -23.53
N THR Q 361 14.38 -52.11 -23.11
CA THR Q 361 15.06 -50.83 -23.00
C THR Q 361 16.00 -50.82 -21.81
N ILE Q 362 16.96 -49.90 -21.87
CA ILE Q 362 17.92 -49.67 -20.79
C ILE Q 362 17.54 -48.33 -20.17
N ILE Q 363 17.00 -48.38 -18.96
CA ILE Q 363 16.44 -47.19 -18.32
C ILE Q 363 17.52 -46.53 -17.47
N ARG Q 364 18.27 -45.61 -18.08
CA ARG Q 364 19.32 -44.88 -17.40
C ARG Q 364 18.73 -43.72 -16.61
N PHE Q 365 19.39 -43.37 -15.50
CA PHE Q 365 19.06 -42.21 -14.69
C PHE Q 365 20.29 -41.31 -14.62
N ALA Q 366 20.23 -40.17 -15.28
CA ALA Q 366 21.27 -39.16 -15.23
C ALA Q 366 20.82 -38.02 -14.33
N ASN Q 367 21.75 -37.13 -14.00
CA ASN Q 367 21.47 -35.96 -13.18
C ASN Q 367 21.03 -34.80 -14.06
N SER Q 368 20.69 -33.68 -13.42
CA SER Q 368 20.04 -32.58 -14.11
C SER Q 368 20.93 -32.01 -15.22
N SER Q 369 20.30 -31.78 -16.38
CA SER Q 369 21.05 -31.31 -17.54
C SER Q 369 21.54 -29.87 -17.36
N GLY Q 370 20.72 -29.01 -16.76
CA GLY Q 370 21.11 -27.64 -16.54
C GLY Q 370 19.92 -26.77 -16.20
N GLY Q 371 20.17 -25.46 -16.24
CA GLY Q 371 19.15 -24.46 -15.99
C GLY Q 371 19.44 -23.62 -14.76
N ASP Q 372 18.39 -23.13 -14.11
CA ASP Q 372 18.53 -22.34 -12.90
C ASP Q 372 18.92 -23.25 -11.73
N LEU Q 373 19.32 -22.63 -10.62
CA LEU Q 373 19.61 -23.41 -9.42
C LEU Q 373 18.36 -24.08 -8.88
N GLU Q 374 17.19 -23.48 -9.10
CA GLU Q 374 15.96 -24.04 -8.54
C GLU Q 374 15.59 -25.38 -9.16
N VAL Q 375 16.12 -25.72 -10.33
CA VAL Q 375 15.76 -26.94 -11.05
C VAL Q 375 16.94 -27.83 -11.37
N THR Q 376 18.18 -27.37 -11.19
CA THR Q 376 19.33 -28.25 -11.26
C THR Q 376 19.55 -29.01 -9.95
N THR Q 377 18.88 -28.60 -8.88
CA THR Q 377 19.07 -29.15 -7.56
C THR Q 377 17.71 -29.39 -6.92
N HIS Q 378 17.67 -30.33 -5.99
CA HIS Q 378 16.50 -30.56 -5.17
C HIS Q 378 16.34 -29.36 -4.24
N SER Q 379 15.53 -28.40 -4.65
CA SER Q 379 15.29 -27.20 -3.86
C SER Q 379 14.14 -27.46 -2.90
N PHE Q 380 14.20 -26.83 -1.73
CA PHE Q 380 13.13 -26.98 -0.73
C PHE Q 380 13.38 -26.03 0.43
N ASN Q 381 12.41 -26.00 1.34
CA ASN Q 381 12.48 -25.22 2.56
C ASN Q 381 12.46 -26.17 3.75
N CYS Q 382 13.54 -26.15 4.54
CA CYS Q 382 13.72 -27.04 5.67
C CYS Q 382 14.08 -26.19 6.88
N GLY Q 383 13.26 -26.28 7.93
CA GLY Q 383 13.48 -25.54 9.15
C GLY Q 383 13.46 -24.03 8.96
N GLY Q 384 12.87 -23.56 7.86
CA GLY Q 384 12.84 -22.15 7.54
C GLY Q 384 13.98 -21.67 6.65
N GLU Q 385 14.98 -22.51 6.38
CA GLU Q 385 16.09 -22.16 5.50
C GLU Q 385 15.90 -22.85 4.16
N PHE Q 386 16.31 -22.18 3.08
CA PHE Q 386 16.06 -22.65 1.72
C PHE Q 386 17.28 -23.40 1.20
N PHE Q 387 17.14 -24.72 1.13
CA PHE Q 387 18.18 -25.66 0.72
C PHE Q 387 18.09 -25.94 -0.76
N TYR Q 388 19.25 -26.24 -1.35
CA TYR Q 388 19.39 -26.67 -2.75
C TYR Q 388 20.38 -27.83 -2.75
N CYS Q 389 19.87 -29.06 -2.78
CA CYS Q 389 20.69 -30.25 -2.67
C CYS Q 389 21.08 -30.79 -4.04
N ASN Q 390 22.31 -31.26 -4.16
CA ASN Q 390 22.87 -31.59 -5.47
C ASN Q 390 22.11 -32.75 -6.13
N THR Q 391 21.92 -33.85 -5.41
CA THR Q 391 21.21 -35.03 -5.91
C THR Q 391 21.83 -35.58 -7.19
N SER Q 392 23.14 -35.44 -7.33
CA SER Q 392 23.85 -36.08 -8.43
C SER Q 392 24.13 -37.55 -8.15
N GLY Q 393 24.22 -37.93 -6.88
CA GLY Q 393 24.43 -39.32 -6.51
C GLY Q 393 23.15 -40.13 -6.50
N LEU Q 394 22.02 -39.46 -6.26
CA LEU Q 394 20.74 -40.17 -6.31
C LEU Q 394 20.47 -40.68 -7.72
N PHE Q 395 20.55 -39.80 -8.71
CA PHE Q 395 20.18 -40.12 -10.08
C PHE Q 395 21.41 -40.61 -10.85
N ASN Q 396 21.89 -41.76 -10.41
CA ASN Q 396 23.10 -42.40 -10.91
C ASN Q 396 22.94 -43.92 -10.97
N SER Q 397 22.63 -44.42 -12.17
CA SER Q 397 22.59 -45.85 -12.45
C SER Q 397 22.26 -46.12 -13.91
N THR Q 398 22.57 -47.32 -14.40
CA THR Q 398 22.17 -47.71 -15.74
C THR Q 398 20.86 -48.49 -15.72
N TRP Q 399 20.70 -49.42 -14.76
CA TRP Q 399 19.48 -50.22 -14.61
C TRP Q 399 19.16 -50.98 -15.89
N ILE Q 400 20.04 -51.90 -16.26
CA ILE Q 400 19.80 -52.75 -17.43
C ILE Q 400 18.60 -53.64 -17.14
N ASP Q 415 23.78 -47.42 3.73
CA ASP Q 415 25.06 -46.74 3.92
C ASP Q 415 25.00 -45.23 3.63
N SER Q 416 23.79 -44.71 3.41
CA SER Q 416 23.54 -43.29 3.21
C SER Q 416 24.17 -42.76 1.93
N ILE Q 417 23.55 -41.73 1.36
CA ILE Q 417 24.05 -41.03 0.19
C ILE Q 417 24.03 -39.55 0.56
N THR Q 418 25.14 -39.05 1.09
CA THR Q 418 25.20 -37.67 1.52
C THR Q 418 25.13 -36.75 0.32
N LEU Q 419 24.04 -36.00 0.20
CA LEU Q 419 23.87 -35.03 -0.87
C LEU Q 419 24.26 -33.67 -0.34
N PRO Q 420 25.34 -33.03 -0.82
CA PRO Q 420 25.70 -31.70 -0.31
C PRO Q 420 24.72 -30.65 -0.81
N CYS Q 421 24.26 -29.80 0.10
CA CYS Q 421 23.26 -28.78 -0.21
C CYS Q 421 23.82 -27.40 0.11
N ARG Q 422 23.36 -26.43 -0.67
CA ARG Q 422 23.73 -25.03 -0.50
C ARG Q 422 22.50 -24.24 -0.14
N ILE Q 423 22.65 -23.36 0.84
CA ILE Q 423 21.55 -22.55 1.35
C ILE Q 423 21.55 -21.22 0.63
N LYS Q 424 20.36 -20.67 0.37
CA LYS Q 424 20.22 -19.31 -0.11
C LYS Q 424 19.27 -18.55 0.80
N GLN Q 425 19.46 -17.23 0.84
CA GLN Q 425 18.58 -16.33 1.56
C GLN Q 425 17.78 -15.40 0.66
N ILE Q 426 18.28 -15.09 -0.53
CA ILE Q 426 17.53 -14.32 -1.52
C ILE Q 426 16.82 -15.31 -2.41
N ILE Q 427 15.50 -15.41 -2.27
CA ILE Q 427 14.67 -16.42 -2.91
C ILE Q 427 13.67 -15.71 -3.79
N ASN Q 428 13.61 -16.12 -5.06
CA ASN Q 428 12.62 -15.63 -6.02
C ASN Q 428 11.70 -16.81 -6.34
N MET Q 429 10.65 -16.94 -5.54
CA MET Q 429 9.70 -18.03 -5.71
C MET Q 429 8.78 -17.76 -6.90
N TRP Q 430 8.14 -18.83 -7.37
CA TRP Q 430 7.14 -18.78 -8.43
C TRP Q 430 7.70 -18.20 -9.72
N GLN Q 431 9.01 -18.30 -9.94
CA GLN Q 431 9.65 -17.94 -11.20
C GLN Q 431 9.45 -16.47 -11.56
N ARG Q 432 9.24 -15.62 -10.56
CA ARG Q 432 8.92 -14.22 -10.78
C ARG Q 432 10.19 -13.37 -10.71
N ILE Q 433 10.05 -12.10 -11.10
CA ILE Q 433 11.04 -11.07 -10.82
C ILE Q 433 10.29 -9.85 -10.29
N GLY Q 434 10.97 -9.12 -9.41
CA GLY Q 434 10.39 -7.98 -8.72
C GLY Q 434 9.82 -8.29 -7.36
N GLN Q 435 9.78 -9.56 -6.96
CA GLN Q 435 9.21 -9.99 -5.69
C GLN Q 435 10.15 -10.96 -4.99
N ALA Q 436 11.45 -10.66 -5.02
CA ALA Q 436 12.41 -11.42 -4.24
C ALA Q 436 12.18 -11.16 -2.76
N MET Q 437 12.66 -12.08 -1.92
CA MET Q 437 12.50 -11.98 -0.48
C MET Q 437 13.78 -12.44 0.22
N TYR Q 438 13.99 -11.91 1.42
CA TYR Q 438 15.15 -12.26 2.25
C TYR Q 438 14.67 -13.09 3.43
N ALA Q 439 14.83 -14.41 3.33
CA ALA Q 439 14.56 -15.28 4.46
C ALA Q 439 15.53 -14.94 5.58
N PRO Q 440 15.09 -14.56 6.78
CA PRO Q 440 16.03 -14.24 7.83
C PRO Q 440 16.81 -15.47 8.25
N PRO Q 441 18.02 -15.30 8.77
CA PRO Q 441 18.79 -16.47 9.22
C PRO Q 441 18.14 -17.10 10.44
N ILE Q 442 18.11 -18.44 10.43
CA ILE Q 442 17.54 -19.22 11.53
C ILE Q 442 18.66 -19.52 12.51
N GLN Q 443 18.39 -19.33 13.80
CA GLN Q 443 19.36 -19.66 14.83
C GLN Q 443 19.33 -21.16 15.13
N GLY Q 444 20.46 -21.67 15.62
CA GLY Q 444 20.54 -23.06 16.03
C GLY Q 444 21.06 -23.97 14.93
N VAL Q 445 20.56 -25.21 14.92
CA VAL Q 445 20.93 -26.20 13.92
C VAL Q 445 19.64 -26.78 13.34
N ILE Q 446 19.47 -26.64 12.03
CA ILE Q 446 18.26 -27.11 11.36
C ILE Q 446 18.45 -28.58 10.99
N ARG Q 447 17.35 -29.35 11.06
CA ARG Q 447 17.32 -30.72 10.58
C ARG Q 447 16.03 -31.00 9.83
N CYS Q 448 16.13 -31.73 8.72
CA CYS Q 448 14.97 -32.29 8.04
C CYS Q 448 14.82 -33.74 8.47
N VAL Q 449 13.58 -34.18 8.66
CA VAL Q 449 13.24 -35.58 8.47
C VAL Q 449 12.01 -35.63 7.58
N SER Q 450 12.24 -35.68 6.25
CA SER Q 450 11.15 -35.72 5.29
C SER Q 450 11.07 -37.10 4.67
N ASN Q 451 10.01 -37.33 3.90
CA ASN Q 451 9.75 -38.60 3.25
C ASN Q 451 9.53 -38.36 1.76
N ILE Q 452 10.50 -38.78 0.95
CA ILE Q 452 10.38 -38.72 -0.51
C ILE Q 452 9.29 -39.71 -0.91
N THR Q 453 8.16 -39.18 -1.38
CA THR Q 453 7.05 -39.96 -1.89
C THR Q 453 6.87 -39.81 -3.39
N GLY Q 454 7.87 -39.33 -4.11
CA GLY Q 454 7.74 -39.23 -5.56
C GLY Q 454 8.88 -38.46 -6.18
N LEU Q 455 8.82 -38.40 -7.52
CA LEU Q 455 9.80 -37.70 -8.35
C LEU Q 455 9.07 -36.95 -9.46
N ILE Q 456 9.79 -36.01 -10.06
CA ILE Q 456 9.33 -35.31 -11.26
C ILE Q 456 10.44 -35.48 -12.30
N LEU Q 457 10.35 -36.53 -13.12
CA LEU Q 457 11.38 -36.87 -14.06
C LEU Q 457 11.14 -36.21 -15.42
N THR Q 458 12.11 -36.32 -16.30
CA THR Q 458 12.04 -35.77 -17.65
C THR Q 458 12.86 -36.68 -18.55
N ARG Q 459 12.23 -37.21 -19.60
CA ARG Q 459 12.89 -38.13 -20.50
C ARG Q 459 13.70 -37.38 -21.55
N ASP Q 460 14.75 -38.04 -22.04
CA ASP Q 460 15.62 -37.44 -23.05
C ASP Q 460 15.12 -37.83 -24.44
N GLY Q 461 14.94 -36.84 -25.30
CA GLY Q 461 14.46 -37.09 -26.65
C GLY Q 461 15.57 -37.48 -27.60
N THR Q 467 17.23 -48.04 -27.89
CA THR Q 467 17.84 -49.06 -27.04
C THR Q 467 17.92 -48.63 -25.58
N THR Q 468 18.01 -47.32 -25.35
CA THR Q 468 18.13 -46.75 -24.02
C THR Q 468 17.24 -45.52 -23.88
N GLU Q 469 16.87 -45.23 -22.63
CA GLU Q 469 16.08 -44.06 -22.29
C GLU Q 469 16.62 -43.46 -21.01
N THR Q 470 16.99 -42.19 -21.07
CA THR Q 470 17.59 -41.48 -19.94
C THR Q 470 16.53 -40.60 -19.28
N PHE Q 471 16.49 -40.62 -17.95
CA PHE Q 471 15.46 -39.95 -17.15
C PHE Q 471 16.16 -39.00 -16.19
N ARG Q 472 16.31 -37.74 -16.60
CA ARG Q 472 16.91 -36.75 -15.73
C ARG Q 472 15.85 -36.17 -14.80
N PRO Q 473 16.24 -35.48 -13.73
CA PRO Q 473 15.24 -34.82 -12.90
C PRO Q 473 14.67 -33.59 -13.57
N GLY Q 474 13.63 -33.03 -12.95
CA GLY Q 474 12.98 -31.85 -13.44
C GLY Q 474 12.27 -31.10 -12.33
N GLY Q 475 11.30 -30.26 -12.69
CA GLY Q 475 10.51 -29.50 -11.75
C GLY Q 475 10.53 -28.03 -12.09
N GLY Q 476 10.45 -27.20 -11.05
CA GLY Q 476 10.39 -25.76 -11.21
C GLY Q 476 8.98 -25.25 -11.29
N ASP Q 477 8.13 -25.94 -12.05
CA ASP Q 477 6.71 -25.64 -12.11
C ASP Q 477 6.03 -26.35 -10.96
N MET Q 478 5.52 -25.57 -10.00
CA MET Q 478 4.93 -26.16 -8.80
C MET Q 478 3.53 -26.71 -9.03
N ARG Q 479 2.93 -26.46 -10.20
CA ARG Q 479 1.65 -27.09 -10.51
C ARG Q 479 1.80 -28.59 -10.67
N ASP Q 480 2.97 -29.05 -11.12
CA ASP Q 480 3.24 -30.49 -11.13
C ASP Q 480 3.42 -31.04 -9.73
N ASN Q 481 3.82 -30.20 -8.77
CA ASN Q 481 3.96 -30.68 -7.39
C ASN Q 481 2.61 -30.89 -6.72
N TRP Q 482 1.57 -30.19 -7.19
CA TRP Q 482 0.22 -30.33 -6.66
C TRP Q 482 -0.72 -31.06 -7.61
N ARG Q 483 -0.25 -31.48 -8.79
CA ARG Q 483 -0.97 -32.47 -9.56
C ARG Q 483 -0.85 -33.85 -8.93
N SER Q 484 0.28 -34.13 -8.29
CA SER Q 484 0.47 -35.41 -7.61
C SER Q 484 -0.43 -35.57 -6.39
N GLU Q 485 -1.05 -34.50 -5.91
CA GLU Q 485 -1.99 -34.54 -4.78
C GLU Q 485 -3.43 -34.46 -5.24
N LEU Q 486 -3.76 -33.49 -6.08
CA LEU Q 486 -5.12 -33.30 -6.60
C LEU Q 486 -5.32 -34.03 -7.92
N TYR Q 487 -5.00 -35.32 -7.97
CA TYR Q 487 -5.28 -36.17 -9.12
C TYR Q 487 -6.51 -37.02 -8.93
N LYS Q 488 -6.79 -37.45 -7.69
CA LYS Q 488 -8.01 -38.20 -7.41
C LYS Q 488 -9.24 -37.33 -7.56
N TYR Q 489 -9.15 -36.06 -7.17
CA TYR Q 489 -10.32 -35.23 -6.96
C TYR Q 489 -10.78 -34.57 -8.25
N LYS Q 490 -12.07 -34.20 -8.28
CA LYS Q 490 -12.71 -33.68 -9.47
C LYS Q 490 -13.98 -32.96 -9.07
N VAL Q 491 -13.97 -31.64 -9.18
CA VAL Q 491 -15.11 -30.82 -8.79
C VAL Q 491 -16.24 -31.05 -9.78
N VAL Q 492 -17.47 -31.18 -9.27
CA VAL Q 492 -18.67 -31.31 -10.07
C VAL Q 492 -19.75 -30.43 -9.47
N LYS Q 493 -20.70 -30.04 -10.32
CA LYS Q 493 -21.82 -29.18 -9.95
C LYS Q 493 -23.08 -30.05 -9.91
N ILE Q 494 -23.75 -30.08 -8.77
CA ILE Q 494 -24.94 -30.89 -8.60
C ILE Q 494 -26.12 -30.17 -9.24
N GLU Q 495 -26.69 -30.77 -10.27
CA GLU Q 495 -27.89 -30.27 -10.94
C GLU Q 495 -29.11 -31.00 -10.39
N PRO Q 496 -29.85 -30.44 -9.42
CA PRO Q 496 -30.89 -31.24 -8.76
C PRO Q 496 -32.18 -31.39 -9.57
N LEU Q 497 -32.43 -30.54 -10.56
CA LEU Q 497 -33.68 -30.62 -11.30
C LEU Q 497 -33.63 -31.76 -12.31
N GLY Q 498 -34.75 -32.45 -12.45
CA GLY Q 498 -34.91 -33.47 -13.48
C GLY Q 498 -36.34 -33.54 -13.97
N VAL Q 499 -36.55 -33.88 -15.23
CA VAL Q 499 -37.88 -33.97 -15.84
C VAL Q 499 -38.01 -35.34 -16.50
N ALA Q 500 -38.92 -36.16 -15.97
CA ALA Q 500 -39.07 -37.55 -16.39
C ALA Q 500 -40.51 -37.82 -16.81
N PRO Q 501 -40.75 -38.82 -17.68
CA PRO Q 501 -42.15 -39.19 -17.99
C PRO Q 501 -42.68 -40.19 -16.98
N THR Q 502 -43.83 -39.88 -16.40
CA THR Q 502 -44.58 -40.84 -15.59
C THR Q 502 -46.06 -40.72 -15.95
N ARG Q 503 -46.82 -41.74 -15.59
CA ARG Q 503 -48.26 -41.78 -15.88
C ARG Q 503 -49.04 -41.11 -14.74
N CYS Q 504 -48.81 -39.81 -14.60
CA CYS Q 504 -49.53 -38.98 -13.64
C CYS Q 504 -49.81 -37.62 -14.27
N LYS Q 505 -50.88 -36.98 -13.80
CA LYS Q 505 -51.30 -35.67 -14.28
C LYS Q 505 -51.67 -34.81 -13.09
N ARG Q 506 -51.63 -33.50 -13.30
CA ARG Q 506 -51.96 -32.55 -12.24
C ARG Q 506 -53.41 -32.71 -11.82
N LEU R 9 -27.85 -44.35 2.85
CA LEU R 9 -27.09 -43.74 1.77
C LEU R 9 -27.13 -42.21 1.89
N GLY R 10 -25.95 -41.61 2.02
CA GLY R 10 -25.83 -40.18 2.24
C GLY R 10 -26.01 -39.36 0.99
N PHE R 11 -25.25 -38.28 0.90
CA PHE R 11 -25.37 -37.35 -0.22
C PHE R 11 -24.95 -38.03 -1.51
N LEU R 12 -25.83 -37.98 -2.52
CA LEU R 12 -25.60 -38.57 -3.84
C LEU R 12 -25.37 -40.08 -3.77
N GLY R 13 -25.81 -40.73 -2.71
CA GLY R 13 -25.53 -42.15 -2.54
C GLY R 13 -26.21 -43.00 -3.60
N ALA R 14 -27.39 -42.58 -4.07
CA ALA R 14 -28.15 -43.30 -5.07
C ALA R 14 -27.81 -42.87 -6.49
N ALA R 15 -26.58 -42.40 -6.72
CA ALA R 15 -26.21 -41.93 -8.05
C ALA R 15 -26.23 -43.06 -9.06
N GLY R 16 -25.73 -44.23 -8.68
CA GLY R 16 -25.77 -45.40 -9.53
C GLY R 16 -26.99 -46.27 -9.37
N SER R 17 -27.80 -46.03 -8.35
CA SER R 17 -29.05 -46.76 -8.20
C SER R 17 -30.00 -46.39 -9.33
N THR R 18 -31.04 -47.20 -9.50
CA THR R 18 -31.98 -46.98 -10.58
C THR R 18 -32.76 -45.68 -10.33
N MET R 19 -33.44 -45.21 -11.38
CA MET R 19 -34.13 -43.93 -11.31
C MET R 19 -35.25 -43.96 -10.28
N GLY R 20 -35.97 -45.08 -10.20
CA GLY R 20 -37.04 -45.17 -9.22
C GLY R 20 -36.56 -45.16 -7.80
N ALA R 21 -35.46 -45.89 -7.53
CA ALA R 21 -34.97 -46.00 -6.15
C ALA R 21 -34.40 -44.67 -5.65
N ALA R 22 -33.79 -43.88 -6.54
CA ALA R 22 -33.26 -42.59 -6.14
C ALA R 22 -34.36 -41.58 -5.82
N SER R 23 -35.60 -41.84 -6.22
CA SER R 23 -36.69 -40.94 -5.91
C SER R 23 -37.11 -41.00 -4.45
N MET R 24 -36.76 -42.07 -3.74
CA MET R 24 -36.97 -42.14 -2.30
C MET R 24 -35.88 -41.44 -1.49
N THR R 25 -34.81 -40.98 -2.15
CA THR R 25 -33.71 -40.28 -1.49
C THR R 25 -33.51 -38.87 -2.06
N LEU R 26 -34.59 -38.18 -2.42
CA LEU R 26 -34.47 -36.82 -2.90
C LEU R 26 -34.17 -35.85 -1.75
N THR R 27 -34.65 -36.16 -0.55
CA THR R 27 -34.48 -35.26 0.59
C THR R 27 -33.00 -35.16 0.99
N VAL R 28 -32.28 -36.28 0.99
CA VAL R 28 -30.88 -36.25 1.41
C VAL R 28 -29.99 -35.55 0.39
N GLN R 29 -30.52 -35.23 -0.79
CA GLN R 29 -29.82 -34.41 -1.78
C GLN R 29 -30.25 -32.96 -1.73
N ALA R 30 -31.56 -32.71 -1.59
CA ALA R 30 -32.05 -31.34 -1.52
C ALA R 30 -31.57 -30.62 -0.26
N ARG R 31 -31.12 -31.36 0.75
CA ARG R 31 -30.72 -30.75 2.02
C ARG R 31 -29.38 -30.04 1.91
N ASN R 32 -28.42 -30.61 1.19
CA ASN R 32 -27.06 -30.10 1.14
C ASN R 32 -26.84 -29.07 0.04
N LEU R 33 -27.91 -28.57 -0.59
CA LEU R 33 -27.74 -27.60 -1.65
C LEU R 33 -27.41 -26.21 -1.09
N LEU R 34 -27.65 -26.00 0.20
CA LEU R 34 -27.34 -24.73 0.87
C LEU R 34 -26.41 -24.97 2.05
N GLN R 51 -12.92 -13.98 14.39
CA GLN R 51 -13.64 -15.25 14.43
C GLN R 51 -14.42 -15.47 13.14
N GLN R 52 -15.19 -16.56 13.08
CA GLN R 52 -15.80 -17.00 11.83
C GLN R 52 -16.85 -16.02 11.29
N HIS R 53 -17.47 -15.22 12.16
CA HIS R 53 -18.55 -14.34 11.72
C HIS R 53 -18.06 -13.10 10.99
N LEU R 54 -16.75 -12.86 10.92
CA LEU R 54 -16.18 -11.68 10.26
C LEU R 54 -15.58 -12.11 8.93
N LEU R 55 -15.55 -11.17 7.97
CA LEU R 55 -15.24 -11.51 6.59
C LEU R 55 -13.73 -11.56 6.34
N LYS R 56 -13.00 -10.59 6.92
CA LYS R 56 -11.53 -10.53 6.98
C LYS R 56 -10.84 -10.13 5.68
N LEU R 57 -11.56 -10.12 4.55
CA LEU R 57 -11.05 -9.61 3.27
C LEU R 57 -9.67 -10.16 2.91
N THR R 58 -9.41 -11.42 3.27
CA THR R 58 -8.13 -12.08 3.01
C THR R 58 -8.29 -13.02 1.82
N VAL R 59 -7.24 -13.79 1.54
CA VAL R 59 -7.26 -14.75 0.44
C VAL R 59 -8.36 -15.77 0.67
N TRP R 60 -8.52 -16.21 1.92
CA TRP R 60 -9.51 -17.23 2.24
C TRP R 60 -10.89 -16.65 2.57
N GLY R 61 -10.95 -15.45 3.16
CA GLY R 61 -12.24 -14.85 3.42
C GLY R 61 -13.00 -14.53 2.14
N ILE R 62 -12.27 -14.05 1.12
CA ILE R 62 -12.88 -13.79 -0.18
C ILE R 62 -13.45 -15.08 -0.75
N LYS R 63 -12.69 -16.17 -0.67
CA LYS R 63 -13.15 -17.43 -1.21
C LYS R 63 -14.37 -17.95 -0.46
N GLN R 64 -14.38 -17.81 0.87
CA GLN R 64 -15.54 -18.23 1.65
C GLN R 64 -16.78 -17.42 1.28
N LEU R 65 -16.63 -16.10 1.12
CA LEU R 65 -17.78 -15.27 0.75
C LEU R 65 -18.29 -15.63 -0.63
N GLN R 66 -17.38 -15.85 -1.58
CA GLN R 66 -17.79 -16.27 -2.91
C GLN R 66 -18.53 -17.60 -2.87
N ALA R 67 -18.04 -18.54 -2.05
CA ALA R 67 -18.71 -19.82 -1.88
C ALA R 67 -20.13 -19.64 -1.35
N ARG R 68 -20.29 -18.82 -0.31
CA ARG R 68 -21.62 -18.62 0.29
C ARG R 68 -22.59 -18.02 -0.72
N VAL R 69 -22.15 -16.98 -1.42
CA VAL R 69 -23.05 -16.32 -2.36
C VAL R 69 -23.39 -17.23 -3.53
N LEU R 70 -22.42 -18.03 -4.00
CA LEU R 70 -22.70 -18.95 -5.10
C LEU R 70 -23.72 -20.00 -4.68
N ALA R 71 -23.57 -20.54 -3.46
CA ALA R 71 -24.54 -21.52 -2.97
C ALA R 71 -25.93 -20.92 -2.91
N VAL R 72 -26.04 -19.70 -2.38
CA VAL R 72 -27.34 -19.05 -2.27
C VAL R 72 -27.95 -18.85 -3.65
N GLU R 73 -27.16 -18.36 -4.61
CA GLU R 73 -27.69 -18.08 -5.94
C GLU R 73 -28.16 -19.35 -6.63
N ARG R 74 -27.39 -20.43 -6.54
CA ARG R 74 -27.79 -21.68 -7.19
C ARG R 74 -29.08 -22.22 -6.59
N TYR R 75 -29.17 -22.22 -5.25
CA TYR R 75 -30.38 -22.70 -4.61
C TYR R 75 -31.59 -21.87 -5.01
N LEU R 76 -31.42 -20.55 -5.08
CA LEU R 76 -32.54 -19.70 -5.43
C LEU R 76 -32.94 -19.87 -6.90
N ARG R 77 -31.98 -20.12 -7.78
CA ARG R 77 -32.32 -20.37 -9.17
C ARG R 77 -33.19 -21.62 -9.31
N ASP R 78 -32.77 -22.71 -8.66
CA ASP R 78 -33.56 -23.94 -8.73
C ASP R 78 -34.95 -23.74 -8.13
N GLN R 79 -35.02 -23.09 -6.96
CA GLN R 79 -36.32 -22.90 -6.32
C GLN R 79 -37.19 -21.95 -7.12
N GLN R 80 -36.59 -20.98 -7.82
CA GLN R 80 -37.35 -20.08 -8.67
C GLN R 80 -38.00 -20.83 -9.82
N LEU R 81 -37.23 -21.71 -10.47
CA LEU R 81 -37.80 -22.51 -11.55
C LEU R 81 -38.95 -23.37 -11.04
N LEU R 82 -38.75 -24.02 -9.88
CA LEU R 82 -39.83 -24.81 -9.30
C LEU R 82 -41.04 -23.97 -8.97
N GLY R 83 -40.82 -22.74 -8.48
CA GLY R 83 -41.93 -21.88 -8.12
C GLY R 83 -42.75 -21.46 -9.31
N ILE R 84 -42.07 -21.07 -10.41
CA ILE R 84 -42.79 -20.64 -11.60
C ILE R 84 -43.42 -21.80 -12.36
N TRP R 85 -42.97 -23.04 -12.14
CA TRP R 85 -43.66 -24.20 -12.70
C TRP R 85 -44.85 -24.66 -11.86
N GLY R 86 -45.08 -24.05 -10.70
CA GLY R 86 -46.10 -24.52 -9.79
C GLY R 86 -45.69 -25.70 -8.92
N CYS R 87 -44.45 -26.19 -9.08
CA CYS R 87 -43.93 -27.27 -8.27
C CYS R 87 -43.21 -26.78 -7.02
N SER R 88 -43.58 -25.60 -6.52
CA SER R 88 -42.91 -25.03 -5.35
C SER R 88 -43.13 -25.91 -4.13
N GLY R 89 -42.05 -26.16 -3.40
CA GLY R 89 -42.13 -26.98 -2.20
C GLY R 89 -42.54 -28.41 -2.46
N LYS R 90 -42.33 -28.91 -3.68
CA LYS R 90 -42.69 -30.27 -4.06
C LYS R 90 -41.44 -30.97 -4.58
N LEU R 91 -41.06 -32.07 -3.92
CA LEU R 91 -39.94 -32.87 -4.39
C LEU R 91 -40.31 -33.70 -5.60
N ILE R 92 -41.58 -34.05 -5.75
CA ILE R 92 -42.12 -34.69 -6.94
C ILE R 92 -43.41 -33.98 -7.29
N CYS R 93 -43.55 -33.54 -8.54
CA CYS R 93 -44.65 -32.67 -8.93
C CYS R 93 -45.07 -33.01 -10.36
N CYS R 94 -46.26 -33.60 -10.51
CA CYS R 94 -46.81 -33.82 -11.83
C CYS R 94 -47.24 -32.49 -12.44
N THR R 95 -47.32 -32.47 -13.77
CA THR R 95 -47.65 -31.26 -14.50
C THR R 95 -48.56 -31.61 -15.67
N ASN R 96 -49.29 -30.59 -16.15
CA ASN R 96 -50.25 -30.77 -17.23
C ASN R 96 -49.59 -30.84 -18.61
N VAL R 97 -48.29 -30.60 -18.71
CA VAL R 97 -47.62 -30.64 -20.02
C VAL R 97 -47.62 -32.09 -20.51
N PRO R 98 -48.12 -32.39 -21.71
CA PRO R 98 -47.95 -33.75 -22.23
C PRO R 98 -46.52 -33.99 -22.68
N TRP R 99 -46.13 -35.26 -22.67
CA TRP R 99 -44.80 -35.65 -23.13
C TRP R 99 -44.80 -35.73 -24.64
N ASN R 100 -44.25 -34.70 -25.29
CA ASN R 100 -44.07 -34.76 -26.73
C ASN R 100 -43.09 -35.87 -27.06
N SER R 101 -43.50 -36.76 -27.98
CA SER R 101 -42.74 -37.98 -28.22
C SER R 101 -41.36 -37.72 -28.80
N SER R 102 -41.18 -36.63 -29.54
CA SER R 102 -39.91 -36.34 -30.20
C SER R 102 -38.76 -36.16 -29.21
N TRP R 103 -39.04 -35.83 -27.95
CA TRP R 103 -37.98 -35.70 -26.97
C TRP R 103 -37.25 -37.01 -26.75
N SER R 104 -38.01 -38.09 -26.54
CA SER R 104 -37.42 -39.40 -26.34
C SER R 104 -38.52 -40.45 -26.40
N ASN R 105 -38.29 -41.52 -27.17
CA ASN R 105 -39.27 -42.59 -27.38
C ASN R 105 -38.76 -43.85 -26.68
N ARG R 106 -39.05 -43.94 -25.38
CA ARG R 106 -38.64 -45.07 -24.54
C ARG R 106 -39.72 -45.33 -23.52
N ASN R 107 -40.10 -46.58 -23.35
CA ASN R 107 -41.16 -46.93 -22.40
C ASN R 107 -40.64 -46.85 -20.97
N LEU R 108 -41.57 -46.64 -20.04
CA LEU R 108 -41.22 -46.29 -18.66
C LEU R 108 -40.49 -47.41 -17.92
N SER R 109 -40.63 -48.67 -18.37
CA SER R 109 -40.11 -49.78 -17.57
C SER R 109 -38.60 -49.72 -17.44
N GLU R 110 -37.88 -49.58 -18.56
CA GLU R 110 -36.43 -49.51 -18.49
C GLU R 110 -35.97 -48.17 -17.93
N ILE R 111 -36.77 -47.12 -18.10
CA ILE R 111 -36.41 -45.82 -17.54
C ILE R 111 -36.37 -45.89 -16.02
N TRP R 112 -37.37 -46.53 -15.41
CA TRP R 112 -37.55 -46.52 -13.97
C TRP R 112 -37.07 -47.78 -13.26
N ASP R 113 -36.57 -48.78 -13.99
CA ASP R 113 -36.12 -50.02 -13.38
C ASP R 113 -34.69 -50.41 -13.74
N ASN R 114 -34.11 -49.87 -14.80
CA ASN R 114 -32.77 -50.21 -15.26
C ASN R 114 -31.80 -49.04 -15.19
N MET R 115 -32.18 -47.89 -15.74
CA MET R 115 -31.27 -46.77 -15.91
C MET R 115 -31.11 -45.99 -14.61
N THR R 116 -30.07 -45.16 -14.58
CA THR R 116 -29.80 -44.21 -13.50
C THR R 116 -30.11 -42.81 -14.00
N TRP R 117 -30.20 -41.87 -13.04
CA TRP R 117 -30.59 -40.50 -13.38
C TRP R 117 -29.56 -39.81 -14.26
N LEU R 118 -28.28 -40.13 -14.07
CA LEU R 118 -27.22 -39.49 -14.86
C LEU R 118 -27.36 -39.83 -16.34
N GLN R 119 -27.65 -41.10 -16.65
CA GLN R 119 -27.84 -41.48 -18.05
C GLN R 119 -29.04 -40.76 -18.65
N TRP R 120 -30.12 -40.65 -17.87
CA TRP R 120 -31.31 -39.95 -18.35
C TRP R 120 -31.00 -38.48 -18.63
N ASP R 121 -30.25 -37.83 -17.75
CA ASP R 121 -29.86 -36.44 -18.00
C ASP R 121 -28.99 -36.36 -19.25
N LYS R 122 -28.17 -37.39 -19.51
CA LYS R 122 -27.43 -37.42 -20.76
C LYS R 122 -28.37 -37.41 -21.96
N GLU R 123 -29.42 -38.24 -21.95
CA GLU R 123 -30.28 -38.30 -23.13
C GLU R 123 -31.14 -37.04 -23.29
N ILE R 124 -31.72 -36.53 -22.21
CA ILE R 124 -32.66 -35.42 -22.34
C ILE R 124 -31.97 -34.06 -22.39
N SER R 125 -30.65 -34.03 -22.55
CA SER R 125 -29.85 -32.80 -22.47
C SER R 125 -30.35 -31.65 -23.34
N ASN R 126 -30.46 -31.87 -24.64
CA ASN R 126 -30.74 -30.80 -25.58
C ASN R 126 -32.15 -30.24 -25.43
N TYR R 127 -33.11 -31.13 -25.16
CA TYR R 127 -34.52 -30.74 -25.21
C TYR R 127 -34.94 -29.96 -23.98
N THR R 128 -34.27 -30.22 -22.84
CA THR R 128 -34.63 -29.70 -21.52
C THR R 128 -35.13 -28.27 -21.52
N GLN R 129 -34.41 -27.38 -22.20
CA GLN R 129 -34.75 -25.96 -22.15
C GLN R 129 -36.18 -25.71 -22.63
N ILE R 130 -36.53 -26.22 -23.81
CA ILE R 130 -37.88 -25.91 -24.29
C ILE R 130 -38.91 -26.58 -23.39
N ILE R 131 -38.56 -27.73 -22.78
CA ILE R 131 -39.49 -28.36 -21.84
C ILE R 131 -39.83 -27.38 -20.73
N TYR R 132 -38.81 -26.71 -20.18
CA TYR R 132 -39.03 -25.76 -19.11
C TYR R 132 -40.03 -24.70 -19.54
N GLY R 133 -39.87 -24.19 -20.76
CA GLY R 133 -40.78 -23.16 -21.25
C GLY R 133 -42.20 -23.64 -21.20
N LEU R 134 -42.45 -24.85 -21.74
CA LEU R 134 -43.80 -25.39 -21.77
C LEU R 134 -44.37 -25.42 -20.37
N LEU R 135 -43.58 -25.92 -19.41
CA LEU R 135 -44.08 -26.11 -18.06
C LEU R 135 -44.56 -24.79 -17.49
N GLU R 136 -43.73 -23.74 -17.58
CA GLU R 136 -44.11 -22.51 -16.89
C GLU R 136 -45.32 -21.89 -17.56
N GLU R 137 -45.40 -21.99 -18.89
CA GLU R 137 -46.53 -21.38 -19.57
C GLU R 137 -47.82 -22.06 -19.11
N SER R 138 -47.76 -23.39 -18.97
CA SER R 138 -48.93 -24.14 -18.53
C SER R 138 -49.36 -23.68 -17.16
N GLN R 139 -48.38 -23.44 -16.28
CA GLN R 139 -48.71 -23.03 -14.92
C GLN R 139 -49.49 -21.73 -14.96
N ASN R 140 -49.04 -20.78 -15.80
CA ASN R 140 -49.72 -19.50 -15.87
C ASN R 140 -51.16 -19.69 -16.34
N GLN R 141 -51.35 -20.56 -17.34
CA GLN R 141 -52.71 -20.85 -17.82
C GLN R 141 -53.59 -21.27 -16.66
N GLN R 142 -53.13 -22.26 -15.88
CA GLN R 142 -53.98 -22.81 -14.84
C GLN R 142 -54.26 -21.76 -13.79
N GLU R 143 -53.31 -20.85 -13.56
CA GLU R 143 -53.51 -19.81 -12.56
C GLU R 143 -54.70 -18.95 -12.95
N LYS R 144 -54.73 -18.51 -14.21
CA LYS R 144 -55.83 -17.68 -14.67
C LYS R 144 -57.14 -18.44 -14.54
N ASN R 145 -57.11 -19.74 -14.85
CA ASN R 145 -58.32 -20.54 -14.80
C ASN R 145 -58.88 -20.57 -13.39
N GLU R 146 -58.00 -20.66 -12.40
CA GLU R 146 -58.48 -20.72 -11.03
C GLU R 146 -59.09 -19.38 -10.64
N GLN R 147 -58.50 -18.28 -11.12
CA GLN R 147 -59.06 -16.97 -10.84
C GLN R 147 -60.38 -16.77 -11.58
N ASP R 148 -60.62 -17.57 -12.61
CA ASP R 148 -61.91 -17.54 -13.30
C ASP R 148 -62.90 -18.47 -12.63
N LEU R 149 -62.42 -19.43 -11.85
CA LEU R 149 -63.32 -20.37 -11.18
C LEU R 149 -63.80 -19.82 -9.85
N LEU R 150 -63.09 -18.85 -9.27
CA LEU R 150 -63.46 -18.24 -8.00
C LEU R 150 -64.15 -16.89 -8.23
C1 NAG S . 12.67 29.65 17.26
C2 NAG S . 11.99 31.01 17.48
C3 NAG S . 12.11 31.85 16.23
C4 NAG S . 13.54 31.91 15.72
C5 NAG S . 14.09 30.49 15.58
C6 NAG S . 15.53 30.41 15.13
C7 NAG S . 9.96 30.88 19.00
C8 NAG S . 10.75 31.22 20.24
N2 NAG S . 10.60 30.81 17.81
O3 NAG S . 11.63 33.15 16.54
O4 NAG S . 13.51 32.56 14.48
O5 NAG S . 13.99 29.85 16.84
O6 NAG S . 15.91 29.05 15.01
O7 NAG S . 8.76 30.69 19.10
C1 NAG S . 14.39 33.70 14.52
C2 NAG S . 14.61 34.15 13.07
C3 NAG S . 15.48 35.40 13.05
C4 NAG S . 14.88 36.46 13.96
C5 NAG S . 14.69 35.87 15.36
C6 NAG S . 14.11 36.85 16.36
C7 NAG S . 14.67 32.21 11.44
C8 NAG S . 13.18 32.26 11.19
N2 NAG S . 15.23 33.10 12.30
O3 NAG S . 15.57 35.85 11.72
O4 NAG S . 15.77 37.56 13.96
O5 NAG S . 13.85 34.75 15.28
O6 NAG S . 12.85 37.29 15.90
O7 NAG S . 15.35 31.37 10.87
C1 NAG T . 11.88 36.82 35.12
C2 NAG T . 10.97 37.79 35.86
C3 NAG T . 11.61 38.18 37.20
C4 NAG T . 12.16 36.99 37.97
C5 NAG T . 12.99 36.09 37.05
C6 NAG T . 13.49 34.82 37.69
C7 NAG T . 9.78 39.30 34.19
C8 NAG T . 8.67 38.33 33.87
N2 NAG T . 10.74 38.98 35.09
O3 NAG T . 10.63 38.86 37.94
O4 NAG T . 12.98 37.53 38.98
O5 NAG T . 12.20 35.74 35.94
O6 NAG T . 14.31 34.13 36.79
O7 NAG T . 9.77 40.39 33.63
C1 NAG T . 12.58 36.99 40.26
C2 NAG T . 13.80 37.01 41.19
C3 NAG T . 13.39 36.43 42.53
C4 NAG T . 12.18 37.15 43.09
C5 NAG T . 11.07 37.23 42.03
C6 NAG T . 9.88 38.06 42.47
C7 NAG T . 15.96 36.78 40.01
C8 NAG T . 16.97 35.78 39.52
N2 NAG T . 14.90 36.26 40.64
O3 NAG T . 14.49 36.53 43.40
O4 NAG T . 11.77 36.41 44.22
O5 NAG T . 11.57 37.77 40.85
O6 NAG T . 10.29 39.37 42.74
O7 NAG T . 16.12 37.99 39.84
C1 BMA T . 11.84 37.24 45.39
C2 BMA T . 10.58 36.91 46.17
C3 BMA T . 10.63 37.57 47.56
C4 BMA T . 11.91 37.22 48.36
C5 BMA T . 13.19 36.98 47.52
C6 BMA T . 14.03 35.75 47.89
O2 BMA T . 10.42 35.52 46.23
O3 BMA T . 9.44 37.25 48.24
O4 BMA T . 12.12 38.32 49.20
O5 BMA T . 13.04 36.95 46.11
O6 BMA T . 15.41 36.08 47.98
C1 MAN T . 8.42 38.21 47.83
C2 MAN T . 8.43 39.41 48.80
C3 MAN T . 7.83 39.05 50.15
C4 MAN T . 6.44 38.43 49.96
C5 MAN T . 6.59 37.22 49.06
C6 MAN T . 5.25 36.57 48.77
O2 MAN T . 7.70 40.43 48.17
O3 MAN T . 7.77 40.25 50.91
O4 MAN T . 5.95 38.11 51.24
O5 MAN T . 7.15 37.59 47.81
O6 MAN T . 4.84 35.84 49.89
C1 MAN T . 16.00 36.61 46.76
C2 MAN T . 16.30 35.47 45.78
C3 MAN T . 17.30 34.51 46.41
C4 MAN T . 18.58 35.27 46.77
C5 MAN T . 18.23 36.47 47.65
C6 MAN T . 19.43 37.36 47.86
O2 MAN T . 16.84 36.08 44.64
O3 MAN T . 17.54 33.48 45.47
O4 MAN T . 19.42 34.36 47.45
O5 MAN T . 17.20 37.27 47.05
O6 MAN T . 19.87 37.86 46.62
C1 NAG U . -16.98 15.86 25.13
C2 NAG U . -15.65 16.01 24.38
C3 NAG U . -15.35 17.48 24.14
C4 NAG U . -16.52 18.16 23.42
C5 NAG U . -17.81 17.89 24.19
C6 NAG U . -19.03 18.40 23.46
C7 NAG U . -13.85 14.34 24.71
C8 NAG U . -12.78 13.89 25.66
N2 NAG U . -14.57 15.39 25.12
O3 NAG U . -14.16 17.57 23.39
O4 NAG U . -16.24 19.54 23.35
O5 NAG U . -17.98 16.50 24.38
O6 NAG U . -20.20 17.87 24.06
O7 NAG U . -14.04 13.75 23.65
C1 NAG U . -16.37 19.99 21.99
C2 NAG U . -16.72 21.47 21.99
C3 NAG U . -16.85 21.95 20.55
C4 NAG U . -15.58 21.63 19.77
C5 NAG U . -15.26 20.13 19.91
C6 NAG U . -14.00 19.69 19.22
C7 NAG U . -18.24 22.65 23.64
C8 NAG U . -17.17 23.63 24.05
N2 NAG U . -17.95 21.72 22.70
O3 NAG U . -17.10 23.33 20.56
O4 NAG U . -15.82 21.99 18.43
O5 NAG U . -15.17 19.81 21.28
O6 NAG U . -14.22 19.56 17.84
O7 NAG U . -19.35 22.72 24.16
C1 BMA U . -14.79 22.91 17.99
C2 BMA U . -14.86 22.94 16.48
C3 BMA U . -13.77 23.87 15.95
C4 BMA U . -13.68 25.23 16.66
C5 BMA U . -14.30 25.33 18.06
C6 BMA U . -15.19 26.58 18.24
O2 BMA U . -16.15 23.31 16.09
O3 BMA U . -13.96 23.95 14.55
O4 BMA U . -12.28 25.49 16.76
O5 BMA U . -15.02 24.20 18.53
O6 BMA U . -16.28 26.47 17.35
C1 MAN U . -12.70 23.84 13.83
C2 MAN U . -13.00 23.96 12.34
C3 MAN U . -13.79 22.75 11.85
C4 MAN U . -13.06 21.46 12.20
C5 MAN U . -12.76 21.45 13.70
C6 MAN U . -11.92 20.26 14.10
O2 MAN U . -11.75 24.05 11.69
O3 MAN U . -13.99 22.88 10.47
O4 MAN U . -13.89 20.39 11.81
O5 MAN U . -12.05 22.61 14.06
O6 MAN U . -11.81 20.22 15.51
C1 NAG V . -15.59 -13.15 42.95
C2 NAG V . -16.63 -13.89 42.10
C3 NAG V . -17.32 -14.96 42.95
C4 NAG V . -16.30 -15.86 43.66
C5 NAG V . -15.24 -14.97 44.34
C6 NAG V . -14.13 -15.74 45.02
C7 NAG V . -17.97 -12.69 40.29
C8 NAG V . -17.28 -13.42 39.16
N2 NAG V . -17.61 -12.97 41.57
O3 NAG V . -18.15 -15.64 42.05
O4 NAG V . -16.90 -16.63 44.68
O5 NAG V . -14.66 -14.10 43.38
O6 NAG V . -13.43 -16.48 44.05
O7 NAG V . -18.83 -11.87 40.03
C1 NAG V . -17.94 -17.52 44.23
C2 NAG V . -17.69 -18.93 44.80
C3 NAG V . -18.87 -19.84 44.48
C4 NAG V . -20.17 -19.21 44.95
C5 NAG V . -20.29 -17.82 44.32
C6 NAG V . -21.55 -17.08 44.73
C7 NAG V . -15.45 -19.95 45.03
C8 NAG V . -14.30 -20.54 44.24
N2 NAG V . -16.49 -19.52 44.29
O3 NAG V . -18.64 -21.08 45.09
O4 NAG V . -21.22 -20.06 44.57
O5 NAG V . -19.18 -17.04 44.68
O6 NAG V . -21.55 -16.92 46.13
O7 NAG V . -15.41 -19.90 46.24
C1 NAG W . -9.56 27.20 36.01
C2 NAG W . -9.48 28.12 34.79
C3 NAG W . -8.32 29.08 35.01
C4 NAG W . -8.48 29.80 36.33
C5 NAG W . -8.61 28.81 37.48
C6 NAG W . -8.87 29.46 38.82
C7 NAG W . -10.28 27.17 32.66
C8 NAG W . -11.48 28.07 32.78
N2 NAG W . -9.33 27.33 33.59
O3 NAG W . -8.27 29.97 33.90
O4 NAG W . -7.35 30.63 36.63
O5 NAG W . -9.71 27.90 37.24
O6 NAG W . -8.96 28.48 39.85
O7 NAG W . -10.18 26.33 31.77
C1 NAG W . -7.40 31.92 36.12
C2 NAG W . -6.93 32.97 37.11
C3 NAG W . -7.19 34.36 36.53
C4 NAG W . -6.58 34.47 35.14
C5 NAG W . -7.07 33.34 34.23
C6 NAG W . -6.38 33.33 32.89
C7 NAG W . -7.11 32.46 39.52
C8 NAG W . -5.75 31.83 39.43
N2 NAG W . -7.65 32.86 38.37
O3 NAG W . -6.65 35.32 37.42
O4 NAG W . -7.02 35.68 34.52
O5 NAG W . -6.83 32.05 34.83
O6 NAG W . -6.90 32.30 32.06
O7 NAG W . -7.70 32.59 40.59
C1 BMA W . -6.35 36.89 34.70
C2 BMA W . -6.61 37.82 33.55
C3 BMA W . -5.91 39.20 33.71
C4 BMA W . -5.84 39.76 35.15
C5 BMA W . -5.78 38.70 36.24
C6 BMA W . -6.14 39.20 37.63
O2 BMA W . -8.00 37.96 33.41
O3 BMA W . -6.56 40.05 32.81
O4 BMA W . -4.65 40.53 35.15
O5 BMA W . -6.51 37.52 35.95
O6 BMA W . -7.51 39.54 37.67
C1 MAN W . -5.63 40.96 32.17
C2 MAN W . -6.44 41.85 31.24
C3 MAN W . -7.06 41.01 30.12
C4 MAN W . -5.99 40.22 29.40
C5 MAN W . -5.18 39.41 30.41
C6 MAN W . -4.00 38.68 29.81
O2 MAN W . -5.52 42.79 30.72
O3 MAN W . -7.73 41.89 29.25
O4 MAN W . -6.65 39.39 28.46
O5 MAN W . -4.67 40.28 31.40
O6 MAN W . -3.39 39.46 28.80
C1 MAN W . -6.00 44.13 30.99
C2 MAN W . -5.11 45.09 30.21
C3 MAN W . -3.68 44.99 30.74
C4 MAN W . -3.67 45.32 32.22
C5 MAN W . -4.62 44.37 32.95
C6 MAN W . -4.77 44.76 34.41
O2 MAN W . -5.59 46.39 30.41
O3 MAN W . -2.89 45.89 30.00
O4 MAN W . -2.34 45.17 32.67
O5 MAN W . -5.91 44.43 32.36
O6 MAN W . -3.64 44.34 35.11
C1 MAN W . -6.94 46.53 29.92
C2 MAN W . -7.04 47.90 29.26
C3 MAN W . -6.74 48.98 30.29
C4 MAN W . -7.64 48.83 31.50
C5 MAN W . -7.63 47.39 32.02
C6 MAN W . -8.71 47.14 33.06
O2 MAN W . -8.35 48.01 28.75
O3 MAN W . -6.90 50.22 29.65
O4 MAN W . -7.16 49.73 32.47
O5 MAN W . -7.86 46.47 30.97
O6 MAN W . -8.18 47.40 34.33
C1 MAN W . -7.88 39.69 39.06
C2 MAN W . -9.36 40.04 39.13
C3 MAN W . -9.60 41.35 38.40
C4 MAN W . -8.73 42.45 38.99
C5 MAN W . -7.26 42.00 39.04
C6 MAN W . -6.42 42.97 39.84
O2 MAN W . -9.69 40.12 40.49
O3 MAN W . -10.97 41.66 38.52
O4 MAN W . -8.89 43.59 38.16
O5 MAN W . -7.15 40.73 39.66
O6 MAN W . -5.09 42.50 39.87
C1 NAG X . 0.97 15.91 40.01
C2 NAG X . 2.46 15.75 39.66
C3 NAG X . 3.29 15.56 40.93
C4 NAG X . 2.97 16.64 41.95
C5 NAG X . 1.46 16.64 42.20
C6 NAG X . 0.99 17.68 43.19
C7 NAG X . 3.67 14.56 37.87
C8 NAG X . 3.70 13.28 37.06
N2 NAG X . 2.67 14.63 38.77
O3 NAG X . 4.64 15.57 40.57
O4 NAG X . 3.68 16.37 43.13
O5 NAG X . 0.82 16.91 40.98
O6 NAG X . -0.42 17.78 43.11
O7 NAG X . 4.50 15.44 37.70
C1 NAG X . 4.49 17.52 43.44
C2 NAG X . 4.66 17.60 44.96
C3 NAG X . 5.57 18.78 45.30
C4 NAG X . 6.88 18.68 44.52
C5 NAG X . 6.57 18.55 43.04
C6 NAG X . 7.80 18.42 42.16
C7 NAG X . 2.83 16.85 46.46
C8 NAG X . 1.49 17.26 47.03
N2 NAG X . 3.39 17.76 45.62
O3 NAG X . 5.78 18.77 46.69
O4 NAG X . 7.61 19.85 44.79
O5 NAG X . 5.75 17.40 42.84
O6 NAG X . 7.41 18.21 40.82
O7 NAG X . 3.35 15.79 46.76
C1 NAG Y . 1.26 10.96 43.04
C2 NAG Y . 2.19 11.36 41.90
C3 NAG Y . 3.62 11.42 42.42
C4 NAG Y . 3.73 12.33 43.63
C5 NAG Y . 2.68 11.93 44.67
C6 NAG Y . 2.61 12.84 45.86
C7 NAG Y . 1.47 10.68 39.65
C8 NAG Y . 1.51 9.55 38.65
N2 NAG Y . 2.10 10.44 40.80
O3 NAG Y . 4.44 11.86 41.36
O4 NAG Y . 5.03 12.18 44.17
O5 NAG Y . 1.40 11.89 44.07
O6 NAG Y . 1.62 12.39 46.76
O7 NAG Y . 0.89 11.72 39.38
C1 NAG Y . 5.86 13.31 43.82
C2 NAG Y . 6.93 13.46 44.91
C3 NAG Y . 7.92 14.56 44.54
C4 NAG Y . 8.51 14.25 43.17
C5 NAG Y . 7.35 14.18 42.18
C6 NAG Y . 7.77 13.93 40.74
C7 NAG Y . 6.27 12.91 47.23
C8 NAG Y . 5.56 13.44 48.45
N2 NAG Y . 6.31 13.75 46.19
O3 NAG Y . 8.91 14.61 45.54
O4 NAG Y . 9.44 15.26 42.84
O5 NAG Y . 6.49 13.12 42.58
O6 NAG Y . 8.32 12.65 40.62
O7 NAG Y . 6.76 11.79 47.22
C1 NAG Y . 10.74 14.66 42.70
C2 NAG Y . 11.66 15.61 41.91
C3 NAG Y . 13.05 14.99 41.80
C4 NAG Y . 13.58 14.61 43.16
C5 NAG Y . 12.55 13.73 43.89
C6 NAG Y . 12.97 13.32 45.28
C7 NAG Y . 11.30 17.07 39.97
C8 NAG Y . 10.67 17.14 38.59
N2 NAG Y . 11.13 15.90 40.60
O3 NAG Y . 13.88 15.93 41.16
O4 NAG Y . 14.80 13.92 42.95
O5 NAG Y . 11.32 14.42 43.96
O6 NAG Y . 13.24 14.46 46.05
O7 NAG Y . 11.91 18.02 40.43
C1 NAG Z . 21.37 15.33 -25.41
C2 NAG Z . 21.68 14.86 -26.83
C3 NAG Z . 22.74 13.76 -26.79
C4 NAG Z . 23.95 14.19 -25.96
C5 NAG Z . 23.48 14.67 -24.59
C6 NAG Z . 24.57 15.17 -23.68
C7 NAG Z . 19.67 14.90 -28.38
C8 NAG Z . 19.98 16.28 -28.90
N2 NAG Z . 20.48 14.35 -27.46
O3 NAG Z . 23.12 13.48 -28.12
O4 NAG Z . 24.77 13.07 -25.85
O5 NAG Z . 22.56 15.73 -24.78
O6 NAG Z . 24.02 15.55 -22.45
O7 NAG Z . 18.68 14.31 -28.79
C1 NAG Z . 26.08 13.39 -26.34
C2 NAG Z . 27.04 12.28 -25.87
C3 NAG Z . 28.43 12.52 -26.43
C4 NAG Z . 28.36 12.70 -27.94
C5 NAG Z . 27.37 13.81 -28.27
C6 NAG Z . 27.22 14.08 -29.75
C7 NAG Z . 26.42 11.40 -23.57
C8 NAG Z . 25.51 10.32 -24.13
N2 NAG Z . 27.07 12.23 -24.43
O3 NAG Z . 29.24 11.44 -26.05
O4 NAG Z . 29.67 13.01 -28.38
O5 NAG Z . 26.11 13.47 -27.74
O6 NAG Z . 26.80 12.90 -30.40
O7 NAG Z . 26.56 11.50 -22.36
C1 NAG AA . 19.04 27.63 -40.05
C2 NAG AA . 18.76 27.51 -41.55
C3 NAG AA . 18.98 28.86 -42.23
C4 NAG AA . 18.34 30.02 -41.47
C5 NAG AA . 18.67 29.94 -39.98
C6 NAG AA . 17.98 30.99 -39.14
C7 NAG AA . 19.49 25.20 -42.37
C8 NAG AA . 18.22 24.49 -41.95
N2 NAG AA . 19.64 26.53 -42.15
O3 NAG AA . 18.47 28.75 -43.54
O4 NAG AA . 18.89 31.19 -42.04
O5 NAG AA . 18.28 28.68 -39.51
O6 NAG AA . 18.43 30.89 -37.81
O7 NAG AA . 20.36 24.55 -42.90
C1 NAG AA . 17.82 32.08 -42.44
C2 NAG AA . 18.34 33.52 -42.39
C3 NAG AA . 17.22 34.46 -42.80
C4 NAG AA . 16.64 34.06 -44.14
C5 NAG AA . 16.30 32.56 -44.16
C6 NAG AA . 15.85 32.05 -45.50
C7 NAG AA . 20.11 33.89 -40.69
C8 NAG AA . 20.35 34.28 -39.26
N2 NAG AA . 18.82 33.86 -41.08
O3 NAG AA . 17.73 35.76 -42.83
O4 NAG AA . 15.49 34.86 -44.32
O5 NAG AA . 17.41 31.81 -43.75
O6 NAG AA . 16.86 32.26 -46.45
O7 NAG AA . 21.04 33.61 -41.44
C1 BMA AA . 15.65 35.67 -45.50
C2 BMA AA . 14.30 35.61 -46.19
C3 BMA AA . 14.26 36.62 -47.36
C4 BMA AA . 14.64 38.05 -46.92
C5 BMA AA . 15.67 38.18 -45.79
C6 BMA AA . 15.34 39.19 -44.68
O2 BMA AA . 13.29 35.82 -45.24
O3 BMA AA . 12.99 36.52 -47.97
O4 BMA AA . 15.18 38.63 -48.10
O5 BMA AA . 16.04 36.98 -45.13
O6 BMA AA . 16.47 40.00 -44.38
C1 MAN AA . 13.04 35.43 -48.93
C2 MAN AA . 13.46 35.97 -50.31
C3 MAN AA . 12.34 36.76 -50.98
C4 MAN AA . 11.07 35.92 -51.01
C5 MAN AA . 10.71 35.52 -49.58
C6 MAN AA . 9.49 34.63 -49.54
O2 MAN AA . 13.83 34.84 -51.07
O3 MAN AA . 12.79 37.09 -52.27
O4 MAN AA . 10.06 36.71 -51.62
O5 MAN AA . 11.78 34.79 -49.00
O6 MAN AA . 8.34 35.43 -49.71
C1 MAN AA . 17.64 39.28 -43.91
C2 MAN AA . 17.48 38.91 -42.44
C3 MAN AA . 17.34 40.16 -41.60
C4 MAN AA . 18.57 41.04 -41.80
C5 MAN AA . 18.78 41.30 -43.30
C6 MAN AA . 20.09 42.00 -43.55
O2 MAN AA . 18.64 38.19 -42.09
O3 MAN AA . 17.19 39.76 -40.26
O4 MAN AA . 18.34 42.23 -41.09
O5 MAN AA . 18.78 40.08 -44.04
O6 MAN AA . 21.15 41.18 -43.12
C1 NAG BA . -10.58 6.99 -31.78
C2 NAG BA . -9.31 7.15 -30.95
C3 NAG BA . -8.08 6.84 -31.81
C4 NAG BA . -8.21 5.47 -32.46
C5 NAG BA . -9.54 5.38 -33.19
C6 NAG BA . -9.81 4.00 -33.75
C7 NAG BA . -9.24 8.77 -29.07
C8 NAG BA . -9.12 10.23 -28.75
N2 NAG BA . -9.22 8.48 -30.39
O3 NAG BA . -6.95 6.92 -30.98
O4 NAG BA . -7.13 5.32 -33.34
O5 NAG BA . -10.61 5.70 -32.33
O6 NAG BA . -11.16 3.90 -34.14
O7 NAG BA . -9.36 7.93 -28.19
C1 NAG BA . -6.45 4.08 -33.05
C2 NAG BA . -5.75 3.58 -34.32
C3 NAG BA . -5.03 2.27 -34.02
C4 NAG BA . -4.08 2.46 -32.84
C5 NAG BA . -4.86 3.04 -31.65
C6 NAG BA . -4.02 3.32 -30.43
C7 NAG BA . -6.64 3.79 -36.69
C8 NAG BA . -5.43 4.54 -37.17
N2 NAG BA . -6.70 3.39 -35.40
O3 NAG BA . -4.34 1.88 -35.17
O4 NAG BA . -3.55 1.19 -32.56
O5 NAG BA . -5.48 4.25 -32.05
O6 NAG BA . -3.77 2.12 -29.73
O7 NAG BA . -7.55 3.54 -37.47
C1 BMA BA . -2.10 1.26 -32.58
C2 BMA BA . -1.60 0.03 -31.87
C3 BMA BA . -0.07 0.06 -31.83
C4 BMA BA . 0.60 0.42 -33.18
C5 BMA BA . -0.26 1.14 -34.22
C6 BMA BA . -0.15 0.53 -35.62
O2 BMA BA . -2.11 -1.11 -32.52
O3 BMA BA . 0.34 -1.18 -31.28
O4 BMA BA . 1.69 1.25 -32.81
O5 BMA BA . -1.63 1.30 -33.91
O6 BMA BA . -0.66 -0.78 -35.58
C1 MAN BA . 1.39 -0.99 -30.30
C2 MAN BA . 1.80 -2.37 -29.77
C3 MAN BA . 0.65 -2.98 -28.96
C4 MAN BA . 0.22 -2.03 -27.85
C5 MAN BA . -0.11 -0.67 -28.46
C6 MAN BA . -0.42 0.37 -27.40
O2 MAN BA . 2.94 -2.17 -28.98
O3 MAN BA . 1.09 -4.22 -28.46
O4 MAN BA . -0.89 -2.62 -27.21
O5 MAN BA . 0.99 -0.20 -29.21
O6 MAN BA . -0.87 1.54 -28.02
C1 NAG CA . -34.24 27.47 -18.27
C2 NAG CA . -35.12 26.33 -17.75
C3 NAG CA . -36.57 26.81 -17.66
C4 NAG CA . -36.69 28.14 -16.90
C5 NAG CA . -35.64 29.11 -17.44
C6 NAG CA . -35.60 30.45 -16.73
C7 NAG CA . -34.65 23.90 -18.31
C8 NAG CA . -34.23 23.54 -16.90
N2 NAG CA . -35.03 25.17 -18.60
O3 NAG CA . -37.26 25.75 -17.06
O4 NAG CA . -37.95 28.74 -17.09
O5 NAG CA . -34.35 28.54 -17.37
O6 NAG CA . -35.24 30.24 -15.39
O7 NAG CA . -34.64 23.03 -19.17
C1 NAG CA . -39.08 27.96 -16.64
C2 NAG CA . -39.99 28.82 -15.76
C3 NAG CA . -41.27 28.06 -15.42
C4 NAG CA . -41.93 27.56 -16.70
C5 NAG CA . -40.92 26.72 -17.48
C6 NAG CA . -41.46 26.17 -18.79
C7 NAG CA . -39.17 30.50 -14.14
C8 NAG CA . -38.47 30.65 -12.80
N2 NAG CA . -39.35 29.23 -14.54
O3 NAG CA . -42.11 28.91 -14.70
O4 NAG CA . -43.06 26.81 -16.33
O5 NAG CA . -39.78 27.50 -17.77
O6 NAG CA . -41.86 27.25 -19.61
O7 NAG CA . -39.53 31.48 -14.77
C1 NAG DA . -2.15 17.74 -42.53
C2 NAG DA . -1.09 16.65 -42.57
C3 NAG DA . 0.26 17.30 -42.90
C4 NAG DA . 0.13 18.12 -44.18
C5 NAG DA . -0.99 19.15 -44.05
C6 NAG DA . -1.24 19.93 -45.33
C7 NAG DA . -1.48 14.68 -41.15
C8 NAG DA . -1.79 13.91 -42.40
N2 NAG DA . -1.05 15.94 -41.32
O3 NAG DA . 1.24 16.28 -43.01
O4 NAG DA . 1.32 18.86 -44.46
O5 NAG DA . -2.24 18.50 -43.72
O6 NAG DA . -2.28 20.89 -45.14
O7 NAG DA . -1.63 14.20 -40.03
C1 NAG DA . 2.29 18.18 -45.19
C2 NAG DA . 2.92 19.03 -46.29
C3 NAG DA . 3.82 18.15 -47.13
C4 NAG DA . 4.82 17.38 -46.27
C5 NAG DA . 4.07 16.61 -45.18
C6 NAG DA . 5.02 15.94 -44.21
C7 NAG DA . 1.63 20.93 -47.18
C8 NAG DA . 2.19 21.77 -46.07
N2 NAG DA . 1.91 19.64 -47.13
O3 NAG DA . 4.48 18.99 -48.07
O4 NAG DA . 5.48 16.41 -47.05
O5 NAG DA . 3.22 17.47 -44.40
O6 NAG DA . 4.30 15.19 -43.25
O7 NAG DA . 0.92 21.42 -48.06
C1 BMA DA . 6.64 16.71 -47.78
C2 BMA DA . 7.47 15.46 -48.01
C3 BMA DA . 8.76 15.74 -48.82
C4 BMA DA . 8.65 16.81 -49.93
C5 BMA DA . 7.64 17.92 -49.65
C6 BMA DA . 7.21 18.71 -50.88
O2 BMA DA . 6.64 14.52 -48.64
O3 BMA DA . 9.17 14.48 -49.30
O4 BMA DA . 9.96 17.36 -49.99
O5 BMA DA . 6.49 17.49 -48.94
O6 BMA DA . 6.47 17.89 -51.74
C1 MAN DA . 10.60 14.35 -49.25
C2 MAN DA . 10.95 12.96 -49.81
C3 MAN DA . 10.37 11.88 -48.89
C4 MAN DA . 10.87 12.09 -47.46
C5 MAN DA . 10.56 13.51 -47.01
C6 MAN DA . 11.14 13.86 -45.66
O2 MAN DA . 12.36 12.90 -49.87
O3 MAN DA . 10.77 10.64 -49.41
O4 MAN DA . 10.23 11.12 -46.67
O5 MAN DA . 11.11 14.43 -47.94
O6 MAN DA . 12.40 13.26 -45.48
C1 MAN DA . 12.77 12.60 -51.21
C2 MAN DA . 14.27 12.31 -51.15
C3 MAN DA . 15.01 13.57 -50.72
C4 MAN DA . 14.70 14.69 -51.70
C5 MAN DA . 13.18 14.89 -51.77
C6 MAN DA . 12.81 15.88 -52.85
O2 MAN DA . 14.69 11.93 -52.44
O3 MAN DA . 16.38 13.28 -50.69
O4 MAN DA . 15.36 15.84 -51.25
O5 MAN DA . 12.53 13.67 -52.08
O6 MAN DA . 13.08 17.18 -52.40
C1 MAN DA . 14.02 10.74 -52.88
C2 MAN DA . 15.05 9.89 -53.63
C3 MAN DA . 15.58 10.67 -54.82
C4 MAN DA . 14.42 11.14 -55.71
C5 MAN DA . 13.34 11.84 -54.88
C6 MAN DA . 12.07 12.08 -55.67
O2 MAN DA . 14.39 8.72 -54.02
O3 MAN DA . 16.47 9.84 -55.51
O4 MAN DA . 14.98 12.02 -56.66
O5 MAN DA . 12.97 11.04 -53.76
O6 MAN DA . 12.15 13.34 -56.27
C1 MAN DA . 5.82 18.74 -52.71
C2 MAN DA . 4.99 17.87 -53.64
C3 MAN DA . 5.92 16.90 -54.37
C4 MAN DA . 7.00 17.65 -55.11
C5 MAN DA . 7.72 18.64 -54.17
C6 MAN DA . 8.62 19.57 -54.93
O2 MAN DA . 4.33 18.74 -54.52
O3 MAN DA . 5.12 16.13 -55.25
O4 MAN DA . 7.90 16.69 -55.62
O5 MAN DA . 6.77 19.44 -53.47
O6 MAN DA . 9.23 20.46 -54.02
C1 NAG EA . -3.42 29.19 -31.48
C2 NAG EA . -2.37 29.79 -30.55
C3 NAG EA . -2.36 31.32 -30.68
C4 NAG EA . -2.26 31.74 -32.14
C5 NAG EA . -3.40 31.06 -32.93
C6 NAG EA . -3.42 31.37 -34.40
C7 NAG EA . -1.65 29.31 -28.24
C8 NAG EA . -2.15 28.93 -26.86
N2 NAG EA . -2.62 29.44 -29.18
O3 NAG EA . -1.30 31.82 -29.92
O4 NAG EA . -2.37 33.14 -32.21
O5 NAG EA . -3.23 29.67 -32.79
O6 NAG EA . -4.30 30.48 -35.04
O7 NAG EA . -0.47 29.50 -28.46
C1 NAG EA . -1.19 33.63 -32.89
C2 NAG EA . -1.55 34.92 -33.64
C3 NAG EA . -0.31 35.49 -34.30
C4 NAG EA . 0.81 35.65 -33.28
C5 NAG EA . 1.04 34.32 -32.55
C6 NAG EA . 2.12 34.37 -31.50
C7 NAG EA . -3.82 35.19 -34.62
C8 NAG EA . -4.69 34.78 -35.78
N2 NAG EA . -2.56 34.68 -34.63
O3 NAG EA . -0.65 36.71 -34.89
O4 NAG EA . 1.96 36.06 -33.97
O5 NAG EA . -0.18 33.92 -31.96
O6 NAG EA . 2.19 33.12 -30.84
O7 NAG EA . -4.24 35.92 -33.73
C1 NAG FA . -7.42 32.70 -29.15
C2 NAG FA . -6.12 32.26 -28.48
C3 NAG FA . -5.27 33.49 -28.17
C4 NAG FA . -5.05 34.34 -29.41
C5 NAG FA . -6.40 34.62 -30.08
C6 NAG FA . -6.29 35.35 -31.39
C7 NAG FA . -6.25 30.18 -27.17
C8 NAG FA . -6.59 29.65 -25.80
N2 NAG FA . -6.37 31.52 -27.29
O3 NAG FA . -4.06 33.04 -27.62
O4 NAG FA . -4.43 35.54 -29.01
O5 NAG FA . -7.10 33.42 -30.31
O6 NAG FA . -7.58 35.57 -31.93
O7 NAG FA . -5.90 29.45 -28.06
C1 NAG FA . -3.03 35.53 -29.33
C2 NAG FA . -2.58 36.99 -29.52
C3 NAG FA . -1.08 37.06 -29.72
C4 NAG FA . -0.38 36.37 -28.56
C5 NAG FA . -0.88 34.94 -28.51
C6 NAG FA . -0.23 34.08 -27.44
C7 NAG FA . -4.21 38.55 -30.55
C8 NAG FA . -4.79 39.00 -31.86
N2 NAG FA . -3.28 37.58 -30.63
O3 NAG FA . -0.71 38.41 -29.84
O4 NAG FA . 1.02 36.46 -28.76
O5 NAG FA . -2.27 34.95 -28.29
O6 NAG FA . -0.63 34.56 -26.17
O7 NAG FA . -4.57 39.04 -29.49
C1 NAG FA . 1.58 37.22 -27.67
C2 NAG FA . 3.10 36.95 -27.60
C3 NAG FA . 3.71 37.78 -26.47
C4 NAG FA . 3.35 39.24 -26.64
C5 NAG FA . 1.83 39.39 -26.77
C6 NAG FA . 1.37 40.82 -26.98
C7 NAG FA . 4.46 34.91 -27.87
C8 NAG FA . 4.55 33.45 -27.52
N2 NAG FA . 3.37 35.55 -27.39
O3 NAG FA . 5.10 37.58 -26.50
O4 NAG FA . 3.83 39.92 -25.50
O5 NAG FA . 1.39 38.61 -27.86
O6 NAG FA . 2.00 41.36 -28.11
O7 NAG FA . 5.32 35.45 -28.55
C1 NAG GA . 33.41 -10.65 10.38
C2 NAG GA . 33.83 -11.51 11.59
C3 NAG GA . 33.86 -10.66 12.84
C4 NAG GA . 34.66 -9.38 12.63
C5 NAG GA . 34.16 -8.66 11.38
C6 NAG GA . 34.91 -7.40 11.03
C7 NAG GA . 33.01 -13.91 11.45
C8 NAG GA . 34.28 -14.40 10.81
N2 NAG GA . 32.89 -12.59 11.77
O3 NAG GA . 34.41 -11.43 13.88
O4 NAG GA . 34.48 -8.59 13.78
O5 NAG GA . 34.26 -9.54 10.30
O6 NAG GA . 34.33 -6.81 9.89
O7 NAG GA . 32.11 -14.70 11.68
C1 NAG GA . 35.76 -8.28 14.34
C2 NAG GA . 35.56 -7.14 15.36
C3 NAG GA . 36.87 -6.82 16.04
C4 NAG GA . 37.46 -8.08 16.65
C5 NAG GA . 37.60 -9.14 15.54
C6 NAG GA . 38.20 -10.45 16.02
C7 NAG GA . 33.76 -5.51 14.61
C8 NAG GA . 32.66 -6.27 15.30
N2 NAG GA . 35.04 -5.97 14.69
O3 NAG GA . 36.61 -5.84 17.03
O4 NAG GA . 38.72 -7.74 17.20
O5 NAG GA . 36.33 -9.39 15.00
O6 NAG GA . 37.38 -10.98 17.04
O7 NAG GA . 33.50 -4.49 13.99
C1 NAG HA . 44.74 -25.94 7.44
C2 NAG HA . 44.99 -27.27 8.15
C3 NAG HA . 46.25 -27.95 7.57
C4 NAG HA . 46.27 -27.94 6.04
C5 NAG HA . 45.92 -26.56 5.50
C6 NAG HA . 45.81 -26.48 4.00
C7 NAG HA . 44.33 -27.05 10.60
C8 NAG HA . 42.86 -27.32 10.39
N2 NAG HA . 45.20 -27.06 9.57
O3 NAG HA . 46.29 -29.25 8.08
O4 NAG HA . 47.58 -28.29 5.68
O5 NAG HA . 44.69 -26.16 6.05
O6 NAG HA . 45.58 -25.14 3.61
O7 NAG HA . 44.71 -26.84 11.74
C1 NAG HA . 47.55 -29.40 4.76
C2 NAG HA . 48.80 -29.33 3.88
C3 NAG HA . 48.76 -30.48 2.89
C4 NAG HA . 48.59 -31.81 3.62
C5 NAG HA . 47.41 -31.73 4.59
C6 NAG HA . 47.25 -32.96 5.46
C7 NAG HA . 49.65 -27.04 3.52
C8 NAG HA . 49.56 -25.84 2.61
N2 NAG HA . 48.88 -28.08 3.17
O3 NAG HA . 49.95 -30.46 2.15
O4 NAG HA . 48.36 -32.77 2.61
O5 NAG HA . 47.55 -30.62 5.44
O6 NAG HA . 48.42 -33.17 6.21
O7 NAG HA . 50.39 -27.04 4.50
C1 BMA HA . 49.40 -33.77 2.65
C2 BMA HA . 48.67 -35.09 2.46
C3 BMA HA . 49.69 -36.22 2.25
C4 BMA HA . 50.71 -35.95 1.13
C5 BMA HA . 51.10 -34.46 0.91
C6 BMA HA . 51.12 -33.97 -0.54
O2 BMA HA . 47.78 -34.96 1.38
O3 BMA HA . 48.98 -37.44 2.09
O4 BMA HA . 51.86 -36.66 1.52
O5 BMA HA . 50.37 -33.50 1.65
O6 BMA HA . 52.30 -33.24 -0.81
C1 MAN HA . 48.65 -37.94 3.42
C2 MAN HA . 49.77 -38.90 3.88
C3 MAN HA . 49.74 -40.23 3.14
C4 MAN HA . 48.34 -40.84 3.23
C5 MAN HA . 47.34 -39.84 2.66
C6 MAN HA . 45.92 -40.33 2.78
O2 MAN HA . 49.59 -39.08 5.26
O3 MAN HA . 50.71 -41.06 3.72
O4 MAN HA . 48.36 -42.04 2.51
O5 MAN HA . 47.41 -38.61 3.38
O6 MAN HA . 45.69 -41.29 1.78
C1 MAN HA . 52.49 -32.05 0.01
C2 MAN HA . 51.62 -30.90 -0.52
C3 MAN HA . 52.02 -30.56 -1.94
C4 MAN HA . 53.50 -30.18 -1.97
C5 MAN HA . 54.34 -31.29 -1.33
C6 MAN HA . 55.77 -30.86 -1.15
O2 MAN HA . 51.85 -29.81 0.35
O3 MAN HA . 51.19 -29.51 -2.37
O4 MAN HA . 53.85 -29.98 -3.32
O5 MAN HA . 53.83 -31.63 -0.04
O6 MAN HA . 55.83 -29.74 -0.30
C1 NAG IA . 8.34 -32.64 6.03
C2 NAG IA . 9.02 -31.27 6.04
C3 NAG IA . 9.98 -31.18 7.23
C4 NAG IA . 9.25 -31.51 8.53
C5 NAG IA . 8.54 -32.85 8.39
C6 NAG IA . 7.67 -33.17 9.58
C7 NAG IA . 9.43 -30.06 3.92
C8 NAG IA . 10.32 -30.01 2.70
N2 NAG IA . 9.73 -31.03 4.81
O3 NAG IA . 10.52 -29.88 7.24
O4 NAG IA . 10.22 -31.55 9.56
O5 NAG IA . 7.69 -32.84 7.26
O6 NAG IA . 6.82 -34.26 9.28
O7 NAG IA . 8.51 -29.27 4.06
C1 NAG IA . 9.80 -30.68 10.63
C2 NAG IA . 10.42 -31.19 11.94
C3 NAG IA . 9.99 -30.29 13.08
C4 NAG IA . 10.33 -28.84 12.76
C5 NAG IA . 9.75 -28.46 11.40
C6 NAG IA . 10.07 -27.06 10.95
C7 NAG IA . 10.76 -33.62 12.59
C8 NAG IA . 12.25 -33.45 12.78
N2 NAG IA . 10.02 -32.55 12.21
O3 NAG IA . 10.62 -30.72 14.26
O4 NAG IA . 9.80 -28.06 13.81
O5 NAG IA . 10.22 -29.36 10.43
O6 NAG IA . 9.24 -26.13 11.61
O7 NAG IA . 10.26 -34.72 12.77
C1 BMA IA . 10.85 -27.25 14.39
C2 BMA IA . 10.17 -26.15 15.19
C3 BMA IA . 11.23 -25.24 15.81
C4 BMA IA . 12.40 -25.99 16.49
C5 BMA IA . 12.63 -27.46 16.10
C6 BMA IA . 12.82 -28.39 17.30
O2 BMA IA . 9.33 -26.75 16.14
O3 BMA IA . 10.54 -24.34 16.63
O4 BMA IA . 13.55 -25.23 16.16
O5 BMA IA . 11.68 -28.04 15.22
O6 BMA IA . 11.62 -28.40 18.04
C1 MAN IA . 11.04 -22.98 16.46
C2 MAN IA . 10.26 -22.06 17.40
C3 MAN IA . 8.80 -21.98 16.97
C4 MAN IA . 8.71 -21.53 15.51
C5 MAN IA . 9.56 -22.46 14.65
C6 MAN IA . 9.62 -22.00 13.20
O2 MAN IA . 10.89 -20.81 17.36
O3 MAN IA . 8.14 -21.08 17.84
O4 MAN IA . 7.35 -21.56 15.15
O5 MAN IA . 10.87 -22.51 15.15
O6 MAN IA . 10.28 -22.99 12.44
C1 NAG JA . 0.17 -39.60 -26.33
C2 NAG JA . -1.35 -39.48 -26.11
C3 NAG JA . -2.08 -40.34 -27.14
C4 NAG JA . -1.59 -40.06 -28.57
C5 NAG JA . -0.06 -40.07 -28.58
C6 NAG JA . 0.56 -39.74 -29.91
C7 NAG JA . -2.36 -39.19 -23.80
C8 NAG JA . -2.80 -37.75 -24.05
N2 NAG JA . -1.72 -39.87 -24.77
O3 NAG JA . -3.44 -40.06 -26.94
O4 NAG JA . -2.01 -41.06 -29.48
O5 NAG JA . 0.44 -39.15 -27.62
O6 NAG JA . 0.19 -38.42 -30.28
O7 NAG JA . -2.60 -39.70 -22.71
C1 NAG JA . -3.44 -41.20 -29.59
C2 NAG JA . -3.84 -41.21 -31.07
C3 NAG JA . -5.32 -41.54 -31.22
C4 NAG JA . -5.65 -42.84 -30.49
C5 NAG JA . -5.20 -42.70 -29.04
C6 NAG JA . -5.46 -43.95 -28.22
C7 NAG JA . -2.79 -39.76 -32.79
C8 NAG JA . -2.68 -38.34 -33.27
N2 NAG JA . -3.58 -39.94 -31.71
O3 NAG JA . -5.62 -41.62 -32.59
O4 NAG JA . -7.03 -43.04 -30.61
O5 NAG JA . -3.82 -42.42 -28.99
O6 NAG JA . -4.77 -45.03 -28.78
O7 NAG JA . -2.20 -40.66 -33.36
C1 NAG KA . 24.75 -38.31 6.95
C2 NAG KA . 24.81 -37.52 8.25
C3 NAG KA . 26.26 -37.13 8.50
C4 NAG KA . 27.14 -38.37 8.47
C5 NAG KA . 26.97 -39.11 7.15
C6 NAG KA . 27.74 -40.41 7.09
C7 NAG KA . 22.79 -36.24 8.86
C8 NAG KA . 22.53 -37.26 9.92
N2 NAG KA . 23.93 -36.37 8.18
O3 NAG KA . 26.33 -36.44 9.74
O4 NAG KA . 28.53 -38.04 8.57
O5 NAG KA . 25.58 -39.46 6.94
O6 NAG KA . 27.56 -41.06 5.83
O7 NAG KA . 21.98 -35.35 8.59
C1 NAG KA . 29.02 -37.93 9.87
C2 NAG KA . 30.38 -38.58 10.05
C3 NAG KA . 30.75 -38.57 11.52
C4 NAG KA . 30.65 -37.16 12.09
C5 NAG KA . 29.26 -36.58 11.82
C6 NAG KA . 29.15 -35.13 12.24
C7 NAG KA . 31.01 -40.41 8.49
C8 NAG KA . 31.53 -39.36 7.57
N2 NAG KA . 30.37 -39.96 9.58
O3 NAG KA . 32.07 -39.08 11.64
O4 NAG KA . 30.77 -37.21 13.50
O5 NAG KA . 28.94 -36.63 10.41
O6 NAG KA . 27.83 -34.64 12.01
O7 NAG KA . 31.14 -41.61 8.27
C1 BMA KA . 32.02 -37.16 14.13
C2 BMA KA . 31.88 -36.63 15.55
C3 BMA KA . 33.23 -36.58 16.30
C4 BMA KA . 34.23 -37.72 16.01
C5 BMA KA . 34.13 -38.30 14.60
C6 BMA KA . 34.77 -39.67 14.43
O2 BMA KA . 30.94 -37.43 16.21
O3 BMA KA . 32.89 -36.48 17.67
O4 BMA KA . 35.50 -37.12 16.19
O5 BMA KA . 32.81 -38.32 14.07
O6 BMA KA . 34.04 -40.63 15.16
C1 MAN KA . 33.78 -35.58 18.36
C2 MAN KA . 33.34 -35.56 19.82
C3 MAN KA . 31.94 -34.96 19.94
C4 MAN KA . 31.91 -33.57 19.29
C5 MAN KA . 32.43 -33.68 17.85
C6 MAN KA . 32.57 -32.33 17.16
O2 MAN KA . 34.30 -34.78 20.50
O3 MAN KA . 31.62 -34.90 21.30
O4 MAN KA . 30.57 -33.13 19.33
O5 MAN KA . 33.72 -34.27 17.87
O6 MAN KA . 33.00 -31.34 18.07
C1 MAN KA . 34.86 -35.53 21.59
C2 MAN KA . 35.70 -34.56 22.43
C3 MAN KA . 36.85 -34.04 21.58
C4 MAN KA . 37.69 -35.21 21.10
C5 MAN KA . 36.79 -36.18 20.32
C6 MAN KA . 37.55 -37.44 19.96
O2 MAN KA . 36.20 -35.27 23.54
O3 MAN KA . 37.60 -33.16 22.38
O4 MAN KA . 38.71 -34.68 20.28
O5 MAN KA . 35.68 -36.56 21.11
O6 MAN KA . 38.39 -37.18 18.88
C1 MAN KA . 35.14 -35.77 24.36
C2 MAN KA . 35.58 -35.61 25.82
C3 MAN KA . 36.86 -36.39 26.05
C4 MAN KA . 36.67 -37.86 25.64
C5 MAN KA . 36.06 -37.96 24.23
C6 MAN KA . 35.63 -39.38 23.90
O2 MAN KA . 34.52 -36.08 26.61
O3 MAN KA . 37.19 -36.26 27.41
O4 MAN KA . 37.95 -38.46 25.70
O5 MAN KA . 34.92 -37.14 24.11
O6 MAN KA . 36.70 -40.05 23.29
C1 MAN KA . 34.47 -41.94 14.72
C2 MAN KA . 33.68 -42.99 15.48
C3 MAN KA . 33.96 -42.84 16.97
C4 MAN KA . 35.45 -42.95 17.24
C5 MAN KA . 36.23 -41.97 16.34
C6 MAN KA . 37.72 -42.22 16.41
O2 MAN KA . 34.08 -44.23 14.98
O3 MAN KA . 33.24 -43.85 17.64
O4 MAN KA . 35.64 -42.64 18.61
O5 MAN KA . 35.84 -42.13 14.99
O6 MAN KA . 38.37 -41.32 15.55
C1 NAG LA . 27.19 -32.50 -7.71
C2 NAG LA . 27.97 -31.27 -8.19
C3 NAG LA . 28.98 -31.66 -9.26
C4 NAG LA . 29.83 -32.83 -8.79
C5 NAG LA . 28.90 -33.98 -8.38
C6 NAG LA . 29.60 -35.22 -7.89
C7 NAG LA . 27.34 -28.92 -8.66
C8 NAG LA . 26.27 -28.05 -9.28
N2 NAG LA . 27.09 -30.25 -8.70
O3 NAG LA . 29.76 -30.53 -9.54
O4 NAG LA . 30.67 -33.22 -9.86
O5 NAG LA . 28.09 -33.51 -7.34
O6 NAG LA . 28.66 -36.07 -7.28
O7 NAG LA . 28.35 -28.44 -8.17
C1 NAG LA . 32.03 -33.16 -9.38
C2 NAG LA . 32.86 -34.22 -10.14
C3 NAG LA . 34.31 -34.13 -9.70
C4 NAG LA . 34.82 -32.69 -9.84
C5 NAG LA . 33.89 -31.74 -9.10
C6 NAG LA . 34.28 -30.29 -9.20
C7 NAG LA . 31.81 -36.36 -10.83
C8 NAG LA . 31.36 -37.71 -10.32
N2 NAG LA . 32.36 -35.55 -9.89
O3 NAG LA . 35.06 -35.03 -10.47
O4 NAG LA . 36.13 -32.66 -9.31
O5 NAG LA . 32.58 -31.90 -9.63
O6 NAG LA . 33.32 -29.49 -8.56
O7 NAG LA . 31.68 -36.05 -12.00
C1 NAG MA . 25.82 -33.64 -13.24
C2 NAG MA . 26.21 -32.28 -12.68
C3 NAG MA . 27.46 -31.77 -13.39
C4 NAG MA . 28.58 -32.80 -13.32
C5 NAG MA . 28.07 -34.16 -13.79
C6 NAG MA . 29.07 -35.28 -13.63
C7 NAG MA . 24.34 -30.91 -11.83
C8 NAG MA . 23.28 -29.92 -12.25
N2 NAG MA . 25.14 -31.34 -12.83
O3 NAG MA . 27.81 -30.55 -12.81
O4 NAG MA . 29.62 -32.34 -14.16
O5 NAG MA . 26.91 -34.51 -13.06
O6 NAG MA . 28.51 -36.49 -14.08
O7 NAG MA . 24.43 -31.28 -10.68
C1 NAG MA . 30.70 -31.78 -13.38
C2 NAG MA . 32.00 -31.95 -14.19
C3 NAG MA . 33.16 -31.26 -13.49
C4 NAG MA . 32.79 -29.79 -13.26
C5 NAG MA . 31.52 -29.76 -12.41
C6 NAG MA . 31.05 -28.38 -12.03
C7 NAG MA . 32.23 -34.01 -15.55
C8 NAG MA . 32.57 -35.47 -15.49
N2 NAG MA . 32.29 -33.36 -14.38
O3 NAG MA . 34.31 -31.39 -14.29
O4 NAG MA . 33.88 -29.16 -12.61
O5 NAG MA . 30.49 -30.41 -13.13
O6 NAG MA . 30.63 -27.70 -13.18
O7 NAG MA . 31.91 -33.48 -16.61
C1 NAG MA . 34.36 -28.11 -13.48
C2 NAG MA . 35.22 -27.13 -12.66
C3 NAG MA . 35.77 -26.03 -13.58
C4 NAG MA . 36.50 -26.66 -14.76
C5 NAG MA . 35.59 -27.68 -15.46
C6 NAG MA . 36.24 -28.38 -16.62
C7 NAG MA . 34.97 -26.16 -10.41
C8 NAG MA . 33.98 -25.55 -9.45
N2 NAG MA . 34.45 -26.53 -11.61
O3 NAG MA . 36.60 -25.21 -12.82
O4 NAG MA . 36.85 -25.60 -15.63
O5 NAG MA . 35.18 -28.65 -14.51
O6 NAG MA . 37.43 -29.01 -16.19
O7 NAG MA . 36.15 -26.32 -10.11
C1 NAG NA . -47.22 -11.86 30.46
C2 NAG NA . -48.04 -11.63 31.74
C3 NAG NA . -49.42 -11.08 31.37
C4 NAG NA . -49.30 -9.88 30.43
C5 NAG NA . -48.45 -10.29 29.23
C6 NAG NA . -48.27 -9.21 28.19
C7 NAG NA . -48.20 -12.95 33.82
C8 NAG NA . -48.38 -14.35 34.36
N2 NAG NA . -48.19 -12.86 32.47
O3 NAG NA . -50.06 -10.73 32.57
O4 NAG NA . -50.60 -9.52 30.05
O5 NAG NA . -47.18 -10.67 29.71
O6 NAG NA . -47.39 -9.67 27.18
O7 NAG NA . -48.08 -12.01 34.57
C1 NAG OA . 17.22 25.62 28.60
C2 NAG OA . 17.91 26.51 29.64
C3 NAG OA . 18.57 25.70 30.75
C4 NAG OA . 17.57 24.70 31.31
C5 NAG OA . 17.06 23.84 30.15
C6 NAG OA . 16.11 22.73 30.56
C7 NAG OA . 18.71 28.68 28.74
C8 NAG OA . 19.88 29.35 28.05
N2 NAG OA . 18.88 27.37 29.00
O3 NAG OA . 19.02 26.59 31.72
O4 NAG OA . 18.22 23.93 32.30
O5 NAG OA . 16.40 24.68 29.25
O6 NAG OA . 15.87 21.88 29.46
O7 NAG OA . 17.71 29.31 29.03
C1 NAG PA . 22.36 21.08 8.69
C2 NAG PA . 22.96 20.64 10.03
C3 NAG PA . 24.13 21.55 10.38
C4 NAG PA . 25.14 21.50 9.24
C5 NAG PA . 24.45 21.88 7.93
C6 NAG PA . 25.35 21.80 6.71
C7 NAG PA . 21.45 19.50 11.62
C8 NAG PA . 20.36 19.73 12.63
N2 NAG PA . 21.93 20.62 11.03
O3 NAG PA . 24.69 21.10 11.59
O4 NAG PA . 26.17 22.41 9.56
O5 NAG PA . 23.35 21.01 7.70
O6 NAG PA . 26.35 22.79 6.80
O7 NAG PA . 21.83 18.36 11.36
C1 NAG QA . 14.38 3.65 22.59
C2 NAG QA . 14.88 2.42 23.36
C3 NAG QA . 14.68 2.57 24.86
C4 NAG QA . 15.24 3.91 25.34
C5 NAG QA . 14.55 5.02 24.56
C6 NAG QA . 15.01 6.41 24.94
C7 NAG QA . 12.90 1.01 22.88
C8 NAG QA . 12.46 -0.33 22.34
N2 NAG QA . 14.23 1.22 22.89
O3 NAG QA . 15.33 1.50 25.49
O4 NAG QA . 14.99 4.01 26.72
O5 NAG QA . 14.81 4.85 23.18
O6 NAG QA . 16.38 6.52 24.70
O7 NAG QA . 12.09 1.84 23.25
C1 NAG RA . -17.22 24.94 32.80
C2 NAG RA . -17.51 25.55 34.17
C3 NAG RA . -18.81 26.34 34.15
C4 NAG RA . -18.73 27.38 33.05
C5 NAG RA . -18.48 26.67 31.72
C6 NAG RA . -18.30 27.60 30.53
C7 NAG RA . -16.45 24.24 35.97
C8 NAG RA . -16.64 23.08 36.92
N2 NAG RA . -17.48 24.50 35.16
O3 NAG RA . -18.98 26.93 35.42
O4 NAG RA . -19.96 28.08 33.04
O5 NAG RA . -17.28 25.93 31.81
O6 NAG RA . -19.40 28.47 30.42
O7 NAG RA . -15.40 24.87 35.98
C1 NAG SA . -4.24 33.84 18.27
C2 NAG SA . -5.32 34.76 18.86
C3 NAG SA . -6.04 35.51 17.73
C4 NAG SA . -5.03 36.21 16.82
C5 NAG SA . -4.05 35.15 16.30
C6 NAG SA . -2.99 35.69 15.37
C7 NAG SA . -6.76 34.20 20.87
C8 NAG SA . -6.27 35.36 21.69
N2 NAG SA . -6.28 34.00 19.61
O3 NAG SA . -6.92 36.44 18.33
O4 NAG SA . -5.77 36.80 15.76
O5 NAG SA . -3.41 34.57 17.40
O6 NAG SA . -2.10 34.66 15.03
O7 NAG SA . -7.59 33.44 21.34
C1 NAG TA . -15.72 16.28 51.24
C2 NAG TA . -14.73 17.13 52.05
C3 NAG TA . -14.47 16.49 53.42
C4 NAG TA . -15.78 16.17 54.13
C5 NAG TA . -16.66 15.34 53.20
C6 NAG TA . -18.00 14.95 53.78
C7 NAG TA . -12.70 16.30 50.90
C8 NAG TA . -11.43 16.74 50.21
N2 NAG TA . -13.48 17.30 51.36
O3 NAG TA . -13.67 17.37 54.17
O4 NAG TA . -15.47 15.47 55.31
O5 NAG TA . -16.89 16.06 52.01
O6 NAG TA . -18.71 16.11 54.15
O7 NAG TA . -12.96 15.12 51.03
C1 NAG UA . -3.18 15.79 48.69
C2 NAG UA . -3.03 17.29 48.43
C3 NAG UA . -2.14 17.96 49.46
C4 NAG UA . -2.70 17.67 50.84
C5 NAG UA . -2.70 16.16 51.02
C6 NAG UA . -3.20 15.72 52.39
C7 NAG UA . -3.14 18.04 45.99
C8 NAG UA . -4.56 18.55 46.10
N2 NAG UA . -2.53 17.49 47.09
O3 NAG UA . -2.11 19.34 49.17
O4 NAG UA . -1.89 18.33 51.78
O5 NAG UA . -3.51 15.57 50.04
O6 NAG UA . -3.24 14.32 52.45
O7 NAG UA . -2.56 18.12 44.92
C1 NAG VA . -22.73 16.68 29.87
C2 NAG VA . -24.26 16.89 29.89
C3 NAG VA . -24.84 16.94 28.48
C4 NAG VA . -24.11 17.99 27.68
C5 NAG VA . -22.65 17.57 27.59
C6 NAG VA . -21.80 18.57 26.83
C7 NAG VA . -25.91 16.09 31.54
C8 NAG VA . -26.49 14.85 32.18
N2 NAG VA . -24.94 15.86 30.63
O3 NAG VA . -26.22 17.20 28.60
O4 NAG VA . -24.72 18.07 26.41
O5 NAG VA . -22.09 17.47 28.88
O6 NAG VA . -20.45 18.15 26.86
O7 NAG VA . -26.31 17.19 31.85
C1 NAG WA . -24.48 -8.67 41.18
C2 NAG WA . -25.25 -9.47 42.25
C3 NAG WA . -24.33 -10.19 43.23
C4 NAG WA . -23.16 -10.85 42.51
C5 NAG WA . -22.43 -9.75 41.74
C6 NAG WA . -21.15 -10.19 41.06
C7 NAG WA . -27.44 -8.40 42.73
C8 NAG WA . -28.11 -7.42 43.66
N2 NAG WA . -26.13 -8.59 42.98
O3 NAG WA . -25.10 -11.11 43.95
O4 NAG WA . -22.36 -11.48 43.48
O5 NAG WA . -23.30 -9.30 40.75
O6 NAG WA . -20.22 -10.63 42.01
O7 NAG WA . -28.04 -8.96 41.83
C1 NAG XA . -50.84 -1.02 -26.68
C2 NAG XA . -51.72 -0.53 -27.84
C3 NAG XA . -52.19 -1.72 -28.68
C4 NAG XA . -51.02 -2.63 -29.05
C5 NAG XA . -50.27 -3.01 -27.77
C6 NAG XA . -49.09 -3.94 -27.99
C7 NAG XA . -53.40 1.28 -27.95
C8 NAG XA . -54.59 1.86 -27.25
N2 NAG XA . -52.86 0.20 -27.35
O3 NAG XA . -52.84 -1.21 -29.81
O4 NAG XA . -51.56 -3.76 -29.69
O5 NAG XA . -49.80 -1.83 -27.18
O6 NAG XA . -48.43 -4.13 -26.77
O7 NAG XA . -52.98 1.76 -28.99
C1 NAG YA . 17.96 27.72 -26.08
C2 NAG YA . 18.63 28.77 -26.97
C3 NAG YA . 18.18 30.18 -26.62
C4 NAG YA . 16.66 30.25 -26.58
C5 NAG YA . 16.18 29.20 -25.57
C6 NAG YA . 14.68 29.18 -25.36
C7 NAG YA . 20.87 28.11 -27.80
C8 NAG YA . 22.34 28.12 -27.46
N2 NAG YA . 20.06 28.66 -26.87
O3 NAG YA . 18.72 31.05 -27.58
O4 NAG YA . 16.28 31.55 -26.22
O5 NAG YA . 16.57 27.93 -26.05
O6 NAG YA . 14.36 28.34 -24.28
O7 NAG YA . 20.48 27.63 -28.85
C1 NAG ZA . 25.68 15.82 -10.51
C2 NAG ZA . 25.34 17.31 -10.58
C3 NAG ZA . 26.59 18.09 -10.94
C4 NAG ZA . 27.67 17.78 -9.91
C5 NAG ZA . 27.89 16.28 -9.83
C6 NAG ZA . 28.90 15.85 -8.78
C7 NAG ZA . 23.01 17.90 -11.18
C8 NAG ZA . 22.06 18.03 -12.33
N2 NAG ZA . 24.26 17.50 -11.52
O3 NAG ZA . 26.27 19.46 -10.97
O4 NAG ZA . 28.84 18.46 -10.30
O5 NAG ZA . 26.67 15.63 -9.54
O6 NAG ZA . 30.18 16.31 -9.13
O7 NAG ZA . 22.65 18.14 -10.04
C1 NAG AB . 4.25 25.52 -7.79
C2 NAG AB . 3.55 26.66 -7.04
C3 NAG AB . 2.97 27.71 -7.99
C4 NAG AB . 4.04 28.15 -8.99
C5 NAG AB . 4.54 26.92 -9.73
C6 NAG AB . 5.59 27.22 -10.77
C7 NAG AB . 1.47 25.40 -6.60
C8 NAG AB . 0.50 24.98 -5.51
N2 NAG AB . 2.51 26.15 -6.19
O3 NAG AB . 2.53 28.78 -7.22
O4 NAG AB . 3.44 29.08 -9.86
O5 NAG AB . 5.10 26.02 -8.80
O6 NAG AB . 6.70 27.81 -10.14
O7 NAG AB . 1.29 25.07 -7.76
C1 NAG BB . -7.72 11.19 -42.54
C2 NAG BB . -8.02 11.99 -43.80
C3 NAG BB . -8.41 11.07 -44.95
C4 NAG BB . -7.32 10.04 -45.15
C5 NAG BB . -7.12 9.26 -43.84
C6 NAG BB . -5.99 8.25 -43.87
C7 NAG BB . -8.76 14.28 -43.26
C8 NAG BB . -9.96 15.14 -42.94
N2 NAG BB . -9.02 12.99 -43.49
O3 NAG BB . -8.61 11.86 -46.10
O4 NAG BB . -7.72 9.19 -46.20
O5 NAG BB . -6.79 10.17 -42.81
O6 NAG BB . -6.16 7.37 -44.95
O7 NAG BB . -7.64 14.77 -43.29
C1 NAG CB . 11.98 5.53 -36.38
C2 NAG CB . 11.62 5.17 -37.83
C3 NAG CB . 11.99 3.73 -38.14
C4 NAG CB . 13.44 3.46 -37.76
C5 NAG CB . 13.64 3.81 -36.29
C6 NAG CB . 15.04 3.59 -35.78
C7 NAG CB . 9.55 6.04 -39.02
C8 NAG CB . 10.34 6.75 -40.09
N2 NAG CB . 10.21 5.36 -38.05
O3 NAG CB . 11.76 3.50 -39.50
O4 NAG CB . 13.68 2.08 -38.01
O5 NAG CB . 13.32 5.17 -36.12
O6 NAG CB . 15.12 4.04 -34.45
O7 NAG CB . 8.33 6.08 -39.06
C1 NAG DB . -18.68 28.32 -44.58
C2 NAG DB . -17.75 29.38 -45.19
C3 NAG DB . -18.45 30.72 -45.29
C4 NAG DB . -19.81 30.58 -45.96
C5 NAG DB . -20.61 29.50 -45.25
C6 NAG DB . -21.99 29.26 -45.83
C7 NAG DB . -16.46 29.79 -43.12
C8 NAG DB . -15.06 29.90 -42.56
N2 NAG DB . -16.53 29.51 -44.43
O3 NAG DB . -17.61 31.61 -45.97
O4 NAG DB . -20.45 31.84 -45.90
O5 NAG DB . -19.90 28.29 -45.29
O6 NAG DB . -21.88 28.91 -47.19
O7 NAG DB . -17.44 29.97 -42.41
C1 NAG EB . -9.43 33.66 -37.51
C2 NAG EB . -8.28 33.26 -38.46
C3 NAG EB . -7.61 34.47 -39.08
C4 NAG EB . -8.67 35.29 -39.80
C5 NAG EB . -9.68 35.72 -38.75
C6 NAG EB . -10.79 36.59 -39.33
C7 NAG EB . -7.03 31.13 -37.84
C8 NAG EB . -7.72 30.29 -38.89
N2 NAG EB . -7.33 32.44 -37.72
O3 NAG EB . -6.62 34.00 -39.96
O4 NAG EB . -8.02 36.38 -40.42
O5 NAG EB . -10.27 34.58 -38.16
O6 NAG EB . -11.73 36.89 -38.32
O7 NAG EB . -6.20 30.60 -37.12
C1 NAG FB . -15.71 7.26 -37.26
C2 NAG FB . -16.64 6.34 -38.08
C3 NAG FB . -16.52 4.88 -37.66
C4 NAG FB . -15.06 4.47 -37.74
C5 NAG FB . -14.30 5.33 -36.75
C6 NAG FB . -12.81 5.03 -36.75
C7 NAG FB . -18.87 6.85 -39.01
C8 NAG FB . -20.27 7.25 -38.65
N2 NAG FB . -18.02 6.73 -37.96
O3 NAG FB . -17.34 4.12 -38.52
O4 NAG FB . -14.99 3.10 -37.43
O5 NAG FB . -14.43 6.70 -37.07
O6 NAG FB . -12.15 5.91 -35.87
O7 NAG FB . -18.56 6.65 -40.18
C1 NAG GB . -36.92 20.05 -24.59
C2 NAG GB . -38.34 20.60 -24.86
C3 NAG GB . -38.50 22.04 -24.42
C4 NAG GB . -37.86 22.29 -23.05
C5 NAG GB . -36.39 21.89 -23.18
C6 NAG GB . -35.54 22.18 -21.96
C7 NAG GB . -39.34 19.50 -26.85
C8 NAG GB . -39.52 19.67 -28.34
N2 NAG GB . -38.64 20.50 -26.27
O3 NAG GB . -39.87 22.35 -24.40
O4 NAG GB . -38.04 23.64 -22.72
O5 NAG GB . -36.35 20.51 -23.40
O6 NAG GB . -35.51 23.55 -21.69
O7 NAG GB . -39.79 18.55 -26.25
C1 NAG HB . -26.32 -50.43 -7.90
C2 NAG HB . -26.20 -51.95 -8.06
C3 NAG HB . -26.99 -52.66 -6.95
C4 NAG HB . -26.62 -52.10 -5.58
C5 NAG HB . -26.79 -50.58 -5.61
C6 NAG HB . -26.49 -49.89 -4.29
C7 NAG HB . -26.18 -53.36 -10.09
C8 NAG HB . -26.89 -53.60 -11.41
N2 NAG HB . -26.70 -52.37 -9.34
O3 NAG HB . -26.71 -54.03 -7.05
O4 NAG HB . -27.48 -52.71 -4.64
O5 NAG HB . -25.93 -50.06 -6.60
O6 NAG HB . -26.59 -48.49 -4.47
O7 NAG HB . -25.22 -54.03 -9.75
C1 NAG IB . 39.11 -15.53 -0.06
C2 NAG IB . 40.56 -16.05 -0.12
C3 NAG IB . 41.02 -16.31 -1.55
C4 NAG IB . 39.99 -17.17 -2.27
C5 NAG IB . 38.64 -16.45 -2.20
C6 NAG IB . 37.52 -17.15 -2.93
C7 NAG IB . 41.98 -15.28 1.76
C8 NAG IB . 42.87 -14.15 2.22
N2 NAG IB . 41.44 -15.12 0.53
O3 NAG IB . 42.27 -16.92 -1.50
O4 NAG IB . 40.42 -17.35 -3.60
O5 NAG IB . 38.28 -16.36 -0.84
O6 NAG IB . 36.39 -16.31 -2.98
O7 NAG IB . 41.77 -16.25 2.48
C1 NAG JB . 31.43 3.55 4.45
C2 NAG JB . 32.16 3.01 3.22
C3 NAG JB . 33.64 3.31 3.35
C4 NAG JB . 33.83 4.81 3.53
C5 NAG JB . 33.00 5.29 4.73
C6 NAG JB . 33.05 6.79 4.95
C7 NAG JB . 31.14 1.08 2.07
C8 NAG JB . 30.97 -0.42 2.13
N2 NAG JB . 31.87 1.61 3.07
O3 NAG JB . 34.29 2.84 2.20
O4 NAG JB . 35.21 5.04 3.73
O5 NAG JB . 31.65 4.93 4.54
O6 NAG JB . 34.35 7.17 5.33
O7 NAG JB . 30.64 1.72 1.16
C1 NAG KB . 21.80 -8.60 -13.46
C2 NAG KB . 21.77 -8.63 -14.99
C3 NAG KB . 22.37 -9.91 -15.55
C4 NAG KB . 23.74 -10.16 -14.93
C5 NAG KB . 23.56 -10.23 -13.41
C6 NAG KB . 24.85 -10.49 -12.66
C7 NAG KB . 19.38 -9.23 -15.17
C8 NAG KB . 18.06 -8.86 -15.81
N2 NAG KB . 20.42 -8.45 -15.49
O3 NAG KB . 22.47 -9.76 -16.94
O4 NAG KB . 24.22 -11.38 -15.46
O5 NAG KB . 23.05 -8.99 -12.96
O6 NAG KB . 25.77 -9.47 -12.94
O7 NAG KB . 19.46 -10.20 -14.41
C1 NAG LB . 16.76 -40.30 9.47
C2 NAG LB . 17.51 -41.63 9.36
C3 NAG LB . 17.06 -42.58 10.46
C4 NAG LB . 17.23 -41.91 11.81
C5 NAG LB . 16.42 -40.61 11.83
C6 NAG LB . 16.57 -39.78 13.08
C7 NAG LB . 18.25 -42.06 7.05
C8 NAG LB . 17.86 -42.67 5.74
N2 NAG LB . 17.34 -42.16 8.03
O3 NAG LB . 17.83 -43.76 10.35
O4 NAG LB . 16.80 -42.81 12.79
O5 NAG LB . 16.86 -39.78 10.77
O6 NAG LB . 16.28 -40.56 14.22
O7 NAG LB . 19.35 -41.53 7.18
C1 NAG MB . 24.61 -22.90 19.17
C2 NAG MB . 24.65 -24.19 19.99
C3 NAG MB . 24.11 -23.95 21.40
C4 NAG MB . 24.80 -22.76 22.05
C5 NAG MB . 24.65 -21.55 21.13
C6 NAG MB . 25.29 -20.28 21.64
C7 NAG MB . 24.20 -26.50 19.05
C8 NAG MB . 25.57 -27.03 19.39
N2 NAG MB . 23.87 -25.23 19.36
O3 NAG MB . 24.28 -25.11 22.15
O4 NAG MB . 24.18 -22.55 23.30
O5 NAG MB . 25.23 -21.85 19.89
O6 NAG MB . 25.16 -19.26 20.68
O7 NAG MB . 23.39 -27.25 18.51
C1 NAG NB . 20.74 -51.55 -7.12
C2 NAG NB . 22.26 -51.69 -7.21
C3 NAG NB . 22.66 -52.44 -8.47
C4 NAG NB . 21.88 -53.74 -8.62
C5 NAG NB . 20.38 -53.43 -8.51
C6 NAG NB . 19.49 -54.64 -8.63
C7 NAG NB . 22.68 -49.39 -8.00
C8 NAG NB . 23.52 -48.16 -7.74
N2 NAG NB . 22.92 -50.42 -7.16
O3 NAG NB . 24.04 -52.67 -8.44
O4 NAG NB . 22.20 -54.29 -9.87
O5 NAG NB . 20.13 -52.82 -7.26
O6 NAG NB . 19.82 -55.59 -7.65
O7 NAG NB . 21.87 -49.43 -8.90
C1 NAG OB . 28.00 -41.62 -10.65
C2 NAG OB . 28.86 -41.61 -9.39
C3 NAG OB . 30.32 -41.96 -9.69
C4 NAG OB . 30.36 -43.29 -10.41
C5 NAG OB . 29.56 -43.14 -11.70
C6 NAG OB . 29.55 -44.40 -12.54
C7 NAG OB . 28.17 -40.00 -7.55
C8 NAG OB . 27.54 -41.08 -6.70
N2 NAG OB . 28.75 -40.33 -8.74
O3 NAG OB . 31.01 -41.99 -8.47
O4 NAG OB . 31.71 -43.62 -10.65
O5 NAG OB . 28.23 -42.80 -11.39
O6 NAG OB . 28.73 -44.21 -13.68
O7 NAG OB . 28.16 -38.85 -7.16
C1 NAG PB . 6.90 -39.99 6.34
C2 NAG PB . 5.97 -41.01 7.03
C3 NAG PB . 4.98 -40.33 7.98
C4 NAG PB . 5.76 -39.48 8.95
C5 NAG PB . 6.48 -38.41 8.15
C6 NAG PB . 7.32 -37.49 9.01
C7 NAG PB . 5.08 -43.14 6.16
C8 NAG PB . 4.24 -43.74 5.06
N2 NAG PB . 5.22 -41.80 6.09
O3 NAG PB . 4.24 -41.33 8.62
O4 NAG PB . 4.83 -38.92 9.87
O5 NAG PB . 7.36 -39.00 7.23
O6 NAG PB . 8.02 -36.58 8.19
O7 NAG PB . 5.58 -43.84 7.02
C1 NAG QB . -4.14 -44.74 -18.76
C2 NAG QB . -4.67 -45.87 -19.64
C3 NAG QB . -4.03 -45.89 -21.02
C4 NAG QB . -3.92 -44.49 -21.60
C5 NAG QB . -3.11 -43.66 -20.62
C6 NAG QB . -2.77 -42.26 -21.07
C7 NAG QB . -5.36 -47.82 -18.26
C8 NAG QB . -4.85 -49.14 -17.71
N2 NAG QB . -4.45 -47.14 -19.01
O3 NAG QB . -4.79 -46.74 -21.84
O4 NAG QB . -3.31 -44.59 -22.86
O5 NAG QB . -3.88 -43.54 -19.45
O6 NAG QB . -1.98 -42.29 -22.23
O7 NAG QB . -6.48 -47.43 -18.04
#